data_8A8U
#
_entry.id   8A8U
#
_cell.length_a   1.00
_cell.length_b   1.00
_cell.length_c   1.00
_cell.angle_alpha   90.00
_cell.angle_beta   90.00
_cell.angle_gamma   90.00
#
_symmetry.space_group_name_H-M   'P 1'
#
loop_
_entity.id
_entity.type
_entity.pdbx_description
1 polymer 'ATP-dependent Clp protease ATP-binding subunit ClpC1'
2 polymer 'Bound polypeptide'
3 non-polymer "ADENOSINE-5'-DIPHOSPHATE"
#
loop_
_entity_poly.entity_id
_entity_poly.type
_entity_poly.pdbx_seq_one_letter_code
_entity_poly.pdbx_strand_id
1 'polypeptide(L)'
;MFERFTDRARRVVVLAQEEARMLNHNYIGTEHILLGLIHEGEGVAAKSLESLGISLEGVRSQVEEIIGQGQQAPSGHIPF
TPRAKKVLELSLREALQLGHNYIGTEHILLGLIREGEGVAAQVLVKLGAELTRVRQQVIQLLSGYQGKEAAEAGTGGRGG
ESGSPSTSLVLDQFGRNLTAAAMEGKLDPVIGREKEIERVMQVLSRRTKNNPVLIGEPGVGKTAVVEGLAQAIVHGEVPE
TLKDKQLYTLDLGSLVAGSRYRGDFEERLKKVLKEINTRGDIILFIDELHTLVGAGAAEGAIDAASILKPKLARGELQTI
GATTLDEYRKYIEKDAALERRFQPVQVGEPTVEHTIEILKGLRDRYEAHHRVSITDAAMVAAATLADRYINDRFLPDKAI
DLIDEAGARMRIRRMTAPPDLREFDEKIAEARREKESAIDAQDFEKAASLRDREKTLVAQRAEREKQWRSGDLDVVAEVD
DEQIAEVLGNWTGIPVFKLTEAETTRLLRMEEELHKRIIGQEDAVKAVSKAIRRTRAGLKDPKRPSGSFIFAGPSGVGKT
ELSKALANFLFGDDDALIQIDMGEFHDRFTASRLFGAPPGYVGYEEGGQLTEKVRRKPFSVVLFDEIEKAHQEIYNSLLQ
VLEDGRLTDGQGRTVDFKNTVLIFTSNLGTSDISKPVGLGFSKGGGENDYERMKQKVNDELKKHFRPEFLNRIDDIIVFH
QLTREEIIRMVDLMISRVAGQLKSKDMALVLTDAAKALLAKRGFDPVLGARPLRRTIQREIEDQLSEKILFEEVGPGQVV
TVDVDNWDGEGPGEDAVFTFTGTRKPPAEPDLAKAGAHSAGGPEPAARLEHHHHHH
;
A,B,C,D,E,F
2 'polypeptide(L)'
;(UNK)(UNK)(UNK)(UNK)(UNK)(UNK)(UNK)(UNK)(UNK)(UNK)(UNK)(UNK)(UNK)(UNK)(UNK)(UNK)
(UNK)(UNK)(UNK)(UNK)(UNK)(UNK)(UNK)
;
G
#
# COMPACT_ATOMS: atom_id res chain seq x y z
N SER A 168 -19.58 34.16 17.74
CA SER A 168 -19.84 35.60 17.81
C SER A 168 -18.58 36.38 17.49
N LEU A 169 -17.75 36.62 18.50
CA LEU A 169 -16.50 37.33 18.33
C LEU A 169 -15.38 36.44 17.82
N VAL A 170 -15.59 35.12 17.73
CA VAL A 170 -14.57 34.21 17.24
C VAL A 170 -15.11 33.46 16.03
N LEU A 171 -16.44 33.35 15.93
CA LEU A 171 -17.04 32.65 14.80
C LEU A 171 -16.92 33.45 13.52
N ASP A 172 -16.87 34.77 13.61
CA ASP A 172 -16.74 35.60 12.42
C ASP A 172 -15.38 35.44 11.76
N GLN A 173 -14.36 35.04 12.53
CA GLN A 173 -13.03 34.79 11.99
C GLN A 173 -12.94 33.47 11.25
N PHE A 174 -14.00 32.67 11.22
CA PHE A 174 -14.00 31.42 10.47
C PHE A 174 -15.20 31.26 9.56
N GLY A 175 -16.12 32.22 9.52
CA GLY A 175 -17.28 32.05 8.66
C GLY A 175 -18.11 33.30 8.58
N ARG A 176 -19.20 33.19 7.82
CA ARG A 176 -20.08 34.31 7.52
C ARG A 176 -21.47 34.04 8.09
N ASN A 177 -22.04 35.05 8.74
CA ASN A 177 -23.40 34.95 9.28
C ASN A 177 -24.39 34.98 8.14
N LEU A 178 -24.96 33.81 7.81
CA LEU A 178 -26.00 33.77 6.79
C LEU A 178 -27.25 34.51 7.24
N THR A 179 -27.56 34.45 8.55
CA THR A 179 -28.77 35.10 9.05
C THR A 179 -28.65 36.62 8.98
N ALA A 180 -27.51 37.18 9.35
CA ALA A 180 -27.33 38.63 9.30
C ALA A 180 -27.42 39.15 7.88
N ALA A 181 -26.81 38.45 6.93
CA ALA A 181 -26.95 38.83 5.53
C ALA A 181 -28.38 38.61 5.04
N ALA A 182 -29.10 37.66 5.64
CA ALA A 182 -30.50 37.45 5.27
C ALA A 182 -31.37 38.61 5.71
N MET A 183 -31.14 39.14 6.93
CA MET A 183 -31.79 40.40 7.29
C MET A 183 -31.35 41.53 6.38
N GLU A 184 -30.05 41.60 6.06
CA GLU A 184 -29.57 42.65 5.17
C GLU A 184 -30.10 42.45 3.76
N GLY A 185 -30.15 41.22 3.28
CA GLY A 185 -30.75 40.94 2.00
C GLY A 185 -29.75 40.74 0.87
N LYS A 186 -28.67 40.02 1.14
CA LYS A 186 -27.67 39.71 0.13
C LYS A 186 -27.72 38.26 -0.33
N LEU A 187 -28.86 37.60 -0.17
CA LEU A 187 -29.01 36.19 -0.51
C LEU A 187 -29.88 36.04 -1.75
N ASP A 188 -29.42 35.25 -2.70
CA ASP A 188 -30.23 34.95 -3.87
C ASP A 188 -31.37 34.02 -3.48
N PRO A 189 -32.59 34.29 -3.97
CA PRO A 189 -33.73 33.46 -3.57
C PRO A 189 -33.77 32.14 -4.31
N VAL A 190 -34.42 31.17 -3.67
CA VAL A 190 -34.56 29.82 -4.19
C VAL A 190 -36.03 29.57 -4.48
N ILE A 191 -36.32 28.92 -5.61
CA ILE A 191 -37.68 28.62 -6.03
C ILE A 191 -37.79 27.15 -6.37
N GLY A 192 -38.82 26.50 -5.82
CA GLY A 192 -39.12 25.14 -6.18
C GLY A 192 -38.35 24.07 -5.45
N ARG A 193 -37.57 24.44 -4.44
CA ARG A 193 -36.86 23.46 -3.62
C ARG A 193 -37.50 23.33 -2.24
N GLU A 194 -38.81 23.52 -2.16
CA GLU A 194 -39.48 23.57 -0.87
C GLU A 194 -39.50 22.21 -0.18
N LYS A 195 -39.48 21.13 -0.95
CA LYS A 195 -39.49 19.80 -0.35
C LYS A 195 -38.21 19.53 0.44
N GLU A 196 -37.05 19.88 -0.12
CA GLU A 196 -35.80 19.64 0.58
C GLU A 196 -35.65 20.55 1.78
N ILE A 197 -36.08 21.81 1.67
CA ILE A 197 -36.05 22.73 2.80
C ILE A 197 -36.96 22.22 3.91
N GLU A 198 -38.14 21.71 3.55
CA GLU A 198 -39.05 21.17 4.55
C GLU A 198 -38.48 19.92 5.21
N ARG A 199 -37.81 19.07 4.43
CA ARG A 199 -37.18 17.88 5.01
C ARG A 199 -36.06 18.25 5.99
N VAL A 200 -35.22 19.22 5.62
CA VAL A 200 -34.15 19.64 6.53
C VAL A 200 -34.72 20.30 7.77
N MET A 201 -35.81 21.05 7.61
CA MET A 201 -36.49 21.62 8.78
C MET A 201 -37.08 20.53 9.66
N GLN A 202 -37.55 19.44 9.05
CA GLN A 202 -38.03 18.29 9.81
C GLN A 202 -36.90 17.68 10.64
N VAL A 203 -35.72 17.54 10.03
CA VAL A 203 -34.60 16.93 10.73
C VAL A 203 -34.10 17.84 11.84
N LEU A 204 -34.08 19.16 11.60
CA LEU A 204 -33.67 20.10 12.64
C LEU A 204 -34.65 20.18 13.80
N SER A 205 -35.87 19.65 13.63
CA SER A 205 -36.85 19.70 14.72
C SER A 205 -36.74 18.49 15.65
N ARG A 206 -35.83 17.56 15.38
CA ARG A 206 -35.70 16.38 16.22
C ARG A 206 -35.06 16.74 17.56
N ARG A 207 -35.32 15.90 18.56
CA ARG A 207 -34.73 16.12 19.89
C ARG A 207 -33.27 15.73 19.90
N THR A 208 -32.96 14.49 19.54
CA THR A 208 -31.59 14.00 19.45
C THR A 208 -31.30 13.58 18.02
N LYS A 209 -30.01 13.68 17.64
CA LYS A 209 -29.53 13.36 16.30
C LYS A 209 -30.24 14.20 15.25
N ASN A 210 -30.13 15.52 15.40
CA ASN A 210 -30.78 16.49 14.53
C ASN A 210 -29.81 17.07 13.52
N ASN A 211 -28.93 16.25 12.98
CA ASN A 211 -27.90 16.70 12.06
C ASN A 211 -28.13 16.13 10.66
N PRO A 212 -28.70 16.89 9.73
CA PRO A 212 -28.87 16.39 8.37
C PRO A 212 -27.67 16.66 7.50
N VAL A 213 -27.36 15.72 6.61
CA VAL A 213 -26.30 15.88 5.64
C VAL A 213 -26.94 15.86 4.25
N LEU A 214 -26.61 16.87 3.44
CA LEU A 214 -27.20 17.01 2.12
C LEU A 214 -26.39 16.20 1.12
N ILE A 215 -27.01 15.17 0.55
CA ILE A 215 -26.32 14.24 -0.32
C ILE A 215 -26.68 14.53 -1.76
N GLY A 216 -25.67 14.87 -2.56
CA GLY A 216 -25.88 15.13 -3.97
C GLY A 216 -24.62 15.55 -4.71
N GLU A 217 -24.70 15.57 -6.04
CA GLU A 217 -23.56 15.95 -6.86
C GLU A 217 -23.24 17.43 -6.65
N PRO A 218 -21.98 17.83 -6.80
CA PRO A 218 -21.63 19.25 -6.65
C PRO A 218 -22.28 20.08 -7.75
N GLY A 219 -22.72 21.28 -7.40
CA GLY A 219 -23.31 22.18 -8.37
C GLY A 219 -24.80 22.04 -8.57
N VAL A 220 -25.51 21.46 -7.61
CA VAL A 220 -26.94 21.27 -7.70
C VAL A 220 -27.69 22.24 -6.78
N GLY A 221 -27.03 22.75 -5.75
CA GLY A 221 -27.67 23.74 -4.91
C GLY A 221 -27.82 23.39 -3.44
N LYS A 222 -26.91 22.58 -2.89
CA LYS A 222 -26.98 22.24 -1.46
C LYS A 222 -26.80 23.49 -0.59
N THR A 223 -25.75 24.27 -0.88
CA THR A 223 -25.60 25.56 -0.20
C THR A 223 -26.76 26.48 -0.53
N ALA A 224 -27.32 26.37 -1.74
CA ALA A 224 -28.53 27.12 -2.06
C ALA A 224 -29.72 26.67 -1.22
N VAL A 225 -29.82 25.37 -0.94
CA VAL A 225 -30.87 24.87 -0.05
C VAL A 225 -30.69 25.44 1.36
N VAL A 226 -29.44 25.49 1.83
CA VAL A 226 -29.18 26.03 3.16
C VAL A 226 -29.47 27.53 3.21
N GLU A 227 -29.15 28.24 2.13
CA GLU A 227 -29.50 29.66 2.05
C GLU A 227 -31.01 29.87 2.02
N GLY A 228 -31.74 28.98 1.36
CA GLY A 228 -33.19 29.04 1.43
C GLY A 228 -33.71 28.77 2.83
N LEU A 229 -33.02 27.88 3.57
CA LEU A 229 -33.36 27.66 4.97
C LEU A 229 -33.13 28.94 5.78
N ALA A 230 -32.04 29.64 5.50
CA ALA A 230 -31.78 30.91 6.17
C ALA A 230 -32.85 31.94 5.83
N GLN A 231 -33.29 31.95 4.57
CA GLN A 231 -34.39 32.84 4.17
C GLN A 231 -35.69 32.47 4.88
N ALA A 232 -35.89 31.17 5.15
CA ALA A 232 -37.03 30.77 5.96
C ALA A 232 -36.87 31.22 7.41
N ILE A 233 -35.66 31.18 7.94
CA ILE A 233 -35.40 31.63 9.30
C ILE A 233 -35.71 33.11 9.46
N VAL A 234 -35.22 33.94 8.52
CA VAL A 234 -35.35 35.38 8.69
C VAL A 234 -36.80 35.82 8.51
N HIS A 235 -37.52 35.24 7.55
CA HIS A 235 -38.88 35.68 7.27
C HIS A 235 -39.85 35.23 8.35
N GLY A 236 -39.73 33.98 8.79
CA GLY A 236 -40.50 33.52 9.93
C GLY A 236 -41.52 32.43 9.67
N GLU A 237 -41.25 31.56 8.70
CA GLU A 237 -42.10 30.41 8.43
C GLU A 237 -41.50 29.11 8.98
N VAL A 238 -40.83 29.19 10.11
CA VAL A 238 -40.17 28.03 10.73
C VAL A 238 -40.84 27.79 12.07
N PRO A 239 -40.76 26.57 12.60
CA PRO A 239 -41.35 26.28 13.92
C PRO A 239 -40.63 27.02 15.03
N GLU A 240 -41.11 26.78 16.26
CA GLU A 240 -40.59 27.47 17.44
C GLU A 240 -39.13 27.12 17.72
N THR A 241 -38.73 25.86 17.49
CA THR A 241 -37.37 25.46 17.82
C THR A 241 -36.34 25.95 16.82
N LEU A 242 -36.77 26.50 15.68
CA LEU A 242 -35.85 27.13 14.74
C LEU A 242 -35.98 28.65 14.73
N LYS A 243 -36.79 29.21 15.63
CA LYS A 243 -36.99 30.65 15.64
C LYS A 243 -35.80 31.35 16.29
N ASP A 244 -35.37 32.45 15.67
CA ASP A 244 -34.27 33.28 16.14
C ASP A 244 -32.98 32.48 16.30
N LYS A 245 -32.71 31.57 15.37
CA LYS A 245 -31.48 30.79 15.37
C LYS A 245 -30.55 31.35 14.30
N GLN A 246 -29.43 31.93 14.74
CA GLN A 246 -28.46 32.51 13.83
C GLN A 246 -27.68 31.39 13.15
N LEU A 247 -27.78 31.30 11.83
CA LEU A 247 -27.06 30.29 11.08
C LEU A 247 -25.65 30.75 10.79
N TYR A 248 -24.67 29.88 11.04
CA TYR A 248 -23.27 30.15 10.76
C TYR A 248 -22.70 29.11 9.82
N THR A 249 -21.81 29.55 8.95
CA THR A 249 -21.05 28.64 8.10
C THR A 249 -19.62 28.53 8.58
N LEU A 250 -19.05 27.33 8.45
CA LEU A 250 -17.64 27.11 8.76
C LEU A 250 -16.99 26.27 7.67
N ASP A 251 -15.73 26.56 7.40
CA ASP A 251 -14.90 25.74 6.52
C ASP A 251 -13.81 25.07 7.36
N LEU A 252 -13.60 23.78 7.13
CA LEU A 252 -12.60 23.05 7.91
C LEU A 252 -11.20 23.37 7.44
N GLY A 253 -11.06 23.92 6.23
CA GLY A 253 -9.77 24.31 5.73
C GLY A 253 -9.16 25.49 6.46
N SER A 254 -9.99 26.33 7.07
CA SER A 254 -9.50 27.44 7.86
C SER A 254 -9.14 27.04 9.29
N LEU A 255 -9.48 25.81 9.70
CA LEU A 255 -9.10 25.28 11.00
C LEU A 255 -7.93 24.31 10.91
N VAL A 256 -7.89 23.48 9.86
CA VAL A 256 -6.77 22.56 9.69
C VAL A 256 -5.49 23.32 9.43
N ALA A 257 -5.54 24.34 8.57
CA ALA A 257 -4.36 25.14 8.26
C ALA A 257 -3.92 25.92 9.48
N GLY A 258 -2.61 26.06 9.64
CA GLY A 258 -2.04 26.68 10.82
C GLY A 258 -1.71 25.73 11.94
N SER A 259 -1.97 24.44 11.77
CA SER A 259 -1.68 23.43 12.79
C SER A 259 -0.29 22.84 12.61
N ARG A 260 0.72 23.70 12.61
CA ARG A 260 2.11 23.26 12.57
C ARG A 260 2.64 22.91 13.96
N TYR A 261 1.81 23.01 14.97
CA TYR A 261 2.14 22.70 16.36
C TYR A 261 1.31 21.50 16.81
N ARG A 262 1.37 21.20 18.11
CA ARG A 262 0.71 20.01 18.63
C ARG A 262 -0.81 20.10 18.53
N GLY A 263 -1.40 21.20 19.02
CA GLY A 263 -2.84 21.24 19.13
C GLY A 263 -3.52 22.56 18.81
N ASP A 264 -2.98 23.35 17.89
CA ASP A 264 -3.60 24.63 17.57
C ASP A 264 -4.99 24.44 16.95
N PHE A 265 -5.13 23.46 16.06
CA PHE A 265 -6.43 23.18 15.45
C PHE A 265 -7.47 22.81 16.50
N GLU A 266 -7.09 21.94 17.43
CA GLU A 266 -8.02 21.54 18.49
C GLU A 266 -8.34 22.71 19.41
N GLU A 267 -7.38 23.61 19.61
CA GLU A 267 -7.64 24.80 20.42
C GLU A 267 -8.66 25.70 19.75
N ARG A 268 -8.51 25.94 18.45
CA ARG A 268 -9.47 26.78 17.73
C ARG A 268 -10.85 26.14 17.70
N LEU A 269 -10.91 24.83 17.45
CA LEU A 269 -12.20 24.14 17.40
C LEU A 269 -12.87 24.16 18.77
N LYS A 270 -12.10 23.97 19.85
CA LYS A 270 -12.68 24.01 21.18
C LYS A 270 -13.16 25.42 21.54
N LYS A 271 -12.44 26.45 21.09
CA LYS A 271 -12.92 27.82 21.29
C LYS A 271 -14.22 28.05 20.55
N VAL A 272 -14.33 27.53 19.33
CA VAL A 272 -15.58 27.64 18.56
C VAL A 272 -16.72 26.95 19.28
N LEU A 273 -16.49 25.73 19.76
CA LEU A 273 -17.55 24.98 20.44
C LEU A 273 -17.92 25.64 21.76
N LYS A 274 -16.95 26.21 22.48
CA LYS A 274 -17.28 26.91 23.71
C LYS A 274 -18.11 28.16 23.44
N GLU A 275 -17.81 28.87 22.35
CA GLU A 275 -18.63 30.01 21.99
C GLU A 275 -20.05 29.58 21.60
N ILE A 276 -20.18 28.46 20.89
CA ILE A 276 -21.51 27.94 20.55
C ILE A 276 -22.28 27.56 21.81
N ASN A 277 -21.58 26.93 22.77
CA ASN A 277 -22.21 26.55 24.02
C ASN A 277 -22.67 27.77 24.81
N THR A 278 -21.86 28.83 24.84
CA THR A 278 -22.27 30.05 25.54
C THR A 278 -23.45 30.73 24.84
N ARG A 279 -23.41 30.82 23.50
CA ARG A 279 -24.52 31.41 22.78
C ARG A 279 -25.76 30.52 22.84
N GLY A 280 -25.58 29.24 22.53
CA GLY A 280 -26.65 28.26 22.67
C GLY A 280 -27.74 28.33 21.63
N ASP A 281 -27.63 29.20 20.63
CA ASP A 281 -28.68 29.37 19.64
C ASP A 281 -28.08 29.50 18.24
N ILE A 282 -27.11 28.65 17.93
CA ILE A 282 -26.42 28.68 16.64
C ILE A 282 -26.57 27.32 16.00
N ILE A 283 -26.94 27.31 14.72
CA ILE A 283 -26.90 26.12 13.88
C ILE A 283 -25.72 26.27 12.94
N LEU A 284 -24.85 25.28 12.95
CA LEU A 284 -23.59 25.33 12.23
C LEU A 284 -23.75 24.72 10.85
N PHE A 285 -23.22 25.39 9.83
CA PHE A 285 -23.04 24.82 8.51
C PHE A 285 -21.56 24.56 8.29
N ILE A 286 -21.18 23.29 8.26
CA ILE A 286 -19.80 22.91 8.04
C ILE A 286 -19.74 22.11 6.73
N ASP A 287 -19.49 22.83 5.65
CA ASP A 287 -19.30 22.19 4.35
C ASP A 287 -17.97 21.46 4.33
N GLU A 288 -17.78 20.65 3.29
CA GLU A 288 -16.66 19.71 3.20
C GLU A 288 -16.66 18.79 4.42
N LEU A 289 -17.83 18.19 4.68
CA LEU A 289 -18.01 17.33 5.84
C LEU A 289 -17.15 16.08 5.79
N HIS A 290 -16.62 15.74 4.61
CA HIS A 290 -15.81 14.53 4.47
C HIS A 290 -14.49 14.66 5.20
N THR A 291 -13.98 15.88 5.37
CA THR A 291 -12.73 16.10 6.10
C THR A 291 -12.92 16.14 7.60
N LEU A 292 -14.14 15.96 8.09
CA LEU A 292 -14.37 15.93 9.53
C LEU A 292 -13.70 14.72 10.18
N VAL A 293 -13.65 13.59 9.46
CA VAL A 293 -12.98 12.41 10.00
C VAL A 293 -11.46 12.58 9.96
N GLY A 294 -10.93 13.31 8.98
CA GLY A 294 -9.51 13.42 8.78
C GLY A 294 -8.84 14.69 9.24
N ALA A 295 -9.60 15.63 9.80
CA ALA A 295 -9.03 16.91 10.21
C ALA A 295 -8.09 16.72 11.41
N GLY A 296 -7.13 17.62 11.52
CA GLY A 296 -6.16 17.54 12.61
C GLY A 296 -5.26 16.31 12.53
N ALA A 297 -5.48 15.37 13.44
CA ALA A 297 -4.67 14.16 13.49
C ALA A 297 -5.24 13.12 12.54
N ALA A 298 -4.76 11.88 12.66
CA ALA A 298 -5.21 10.80 11.79
C ALA A 298 -6.60 10.32 12.20
N GLU A 299 -7.08 9.28 11.52
CA GLU A 299 -8.43 8.78 11.75
C GLU A 299 -8.56 8.01 13.06
N GLY A 300 -7.46 7.64 13.71
CA GLY A 300 -7.53 6.94 14.97
C GLY A 300 -7.34 7.85 16.17
N ALA A 301 -6.49 8.86 16.03
CA ALA A 301 -6.18 9.78 17.11
C ALA A 301 -7.28 10.82 17.24
N ILE A 302 -7.02 11.88 18.01
CA ILE A 302 -8.02 12.91 18.26
C ILE A 302 -8.16 13.78 17.01
N ASP A 303 -9.29 13.68 16.35
CA ASP A 303 -9.58 14.46 15.16
C ASP A 303 -10.86 15.28 15.38
N ALA A 304 -11.32 15.96 14.33
CA ALA A 304 -12.57 16.71 14.42
C ALA A 304 -13.75 15.79 14.66
N ALA A 305 -13.78 14.63 14.01
CA ALA A 305 -14.85 13.67 14.24
C ALA A 305 -14.82 13.16 15.68
N SER A 306 -13.61 12.87 16.21
CA SER A 306 -13.51 12.28 17.53
C SER A 306 -13.92 13.27 18.62
N ILE A 307 -13.88 14.57 18.33
CA ILE A 307 -14.30 15.55 19.33
C ILE A 307 -15.75 15.97 19.11
N LEU A 308 -16.26 15.88 17.88
CA LEU A 308 -17.64 16.24 17.64
C LEU A 308 -18.62 15.10 17.93
N LYS A 309 -18.17 13.86 17.86
CA LYS A 309 -19.06 12.71 18.08
C LYS A 309 -19.74 12.69 19.45
N PRO A 310 -19.06 12.87 20.59
CA PRO A 310 -19.80 12.80 21.87
C PRO A 310 -20.67 14.01 22.14
N LYS A 311 -20.65 15.02 21.28
CA LYS A 311 -21.55 16.16 21.41
C LYS A 311 -22.69 16.13 20.40
N LEU A 312 -22.48 15.52 19.23
CA LEU A 312 -23.54 15.44 18.21
C LEU A 312 -24.63 14.46 18.62
N ALA A 313 -24.27 13.36 19.27
CA ALA A 313 -25.23 12.29 19.55
C ALA A 313 -26.21 12.66 20.65
N ARG A 314 -25.93 13.68 21.46
CA ARG A 314 -26.82 14.10 22.51
C ARG A 314 -27.72 15.26 22.08
N GLY A 315 -27.67 15.66 20.81
CA GLY A 315 -28.53 16.70 20.29
C GLY A 315 -28.29 18.07 20.87
N GLU A 316 -27.05 18.39 21.23
CA GLU A 316 -26.69 19.71 21.72
C GLU A 316 -26.10 20.59 20.63
N LEU A 317 -25.45 20.01 19.64
CA LEU A 317 -24.82 20.74 18.55
C LEU A 317 -25.58 20.42 17.27
N GLN A 318 -26.31 21.39 16.75
CA GLN A 318 -27.07 21.22 15.51
C GLN A 318 -26.18 21.60 14.33
N THR A 319 -25.79 20.63 13.53
CA THR A 319 -24.90 20.87 12.40
C THR A 319 -25.54 20.35 11.12
N ILE A 320 -25.16 20.94 10.00
CA ILE A 320 -25.69 20.58 8.68
C ILE A 320 -24.50 20.30 7.78
N GLY A 321 -24.51 19.13 7.14
CA GLY A 321 -23.43 18.76 6.26
C GLY A 321 -23.78 18.86 4.78
N ALA A 322 -22.78 18.72 3.92
CA ALA A 322 -22.99 18.73 2.48
C ALA A 322 -21.88 17.95 1.81
N THR A 323 -22.24 16.81 1.21
CA THR A 323 -21.26 15.91 0.61
C THR A 323 -21.81 15.40 -0.71
N THR A 324 -21.12 14.40 -1.28
CA THR A 324 -21.45 13.80 -2.56
C THR A 324 -21.68 12.30 -2.34
N LEU A 325 -22.42 11.68 -3.27
CA LEU A 325 -22.78 10.27 -3.17
C LEU A 325 -21.58 9.37 -2.89
N ASP A 326 -20.59 9.36 -3.81
CA ASP A 326 -19.42 8.53 -3.61
C ASP A 326 -18.61 9.00 -2.41
N GLU A 327 -18.50 10.32 -2.25
CA GLU A 327 -17.79 10.91 -1.12
C GLU A 327 -18.37 10.47 0.21
N TYR A 328 -19.69 10.64 0.38
CA TYR A 328 -20.38 10.19 1.59
C TYR A 328 -20.24 8.68 1.77
N ARG A 329 -20.38 7.93 0.68
CA ARG A 329 -20.39 6.47 0.77
C ARG A 329 -19.04 5.90 1.21
N LYS A 330 -17.93 6.44 0.71
CA LYS A 330 -16.67 5.80 1.05
C LYS A 330 -15.84 6.62 2.04
N TYR A 331 -16.37 7.73 2.55
CA TYR A 331 -15.82 8.34 3.77
C TYR A 331 -16.70 8.14 5.00
N ILE A 332 -17.96 8.58 4.95
CA ILE A 332 -18.77 8.58 6.17
C ILE A 332 -19.34 7.20 6.45
N GLU A 333 -19.85 6.51 5.43
CA GLU A 333 -20.44 5.18 5.63
C GLU A 333 -19.44 4.17 6.17
N LYS A 334 -18.13 4.42 6.03
CA LYS A 334 -17.14 3.60 6.70
C LYS A 334 -17.23 3.76 8.22
N ASP A 335 -17.47 4.99 8.68
CA ASP A 335 -17.59 5.28 10.11
C ASP A 335 -19.06 5.14 10.49
N ALA A 336 -19.41 4.01 11.09
CA ALA A 336 -20.80 3.79 11.52
C ALA A 336 -21.20 4.76 12.62
N ALA A 337 -20.25 5.15 13.48
CA ALA A 337 -20.56 6.10 14.54
C ALA A 337 -20.93 7.46 13.99
N LEU A 338 -20.27 7.89 12.90
CA LEU A 338 -20.67 9.12 12.24
C LEU A 338 -21.95 8.92 11.42
N GLU A 339 -22.14 7.72 10.86
CA GLU A 339 -23.31 7.47 10.03
C GLU A 339 -24.58 7.55 10.87
N ARG A 340 -24.52 7.02 12.10
CA ARG A 340 -25.70 7.07 12.95
C ARG A 340 -25.93 8.45 13.57
N ARG A 341 -25.07 9.43 13.27
CA ARG A 341 -25.24 10.78 13.77
C ARG A 341 -25.72 11.76 12.70
N PHE A 342 -25.65 11.39 11.43
CA PHE A 342 -26.04 12.25 10.33
C PHE A 342 -27.16 11.61 9.54
N GLN A 343 -28.22 12.37 9.28
CA GLN A 343 -29.36 11.87 8.52
C GLN A 343 -29.26 12.33 7.08
N PRO A 344 -29.17 11.42 6.11
CA PRO A 344 -29.02 11.85 4.71
C PRO A 344 -30.30 12.47 4.18
N VAL A 345 -30.16 13.66 3.60
CA VAL A 345 -31.25 14.35 2.92
C VAL A 345 -30.81 14.53 1.48
N GLN A 346 -31.38 13.73 0.58
CA GLN A 346 -30.96 13.74 -0.81
C GLN A 346 -31.47 15.01 -1.49
N VAL A 347 -30.60 15.64 -2.27
CA VAL A 347 -30.91 16.85 -3.01
C VAL A 347 -31.04 16.46 -4.47
N GLY A 348 -32.09 16.94 -5.12
CA GLY A 348 -32.36 16.54 -6.48
C GLY A 348 -31.68 17.40 -7.51
N GLU A 349 -31.23 16.74 -8.57
CA GLU A 349 -30.70 17.46 -9.72
C GLU A 349 -31.86 18.12 -10.45
N PRO A 350 -31.87 19.45 -10.60
CA PRO A 350 -33.02 20.14 -11.17
C PRO A 350 -33.18 19.84 -12.65
N THR A 351 -34.43 19.91 -13.11
CA THR A 351 -34.75 19.68 -14.50
C THR A 351 -34.56 20.97 -15.30
N VAL A 352 -34.92 20.91 -16.59
CA VAL A 352 -34.78 22.08 -17.45
C VAL A 352 -35.71 23.20 -17.00
N GLU A 353 -36.96 22.85 -16.68
CA GLU A 353 -37.93 23.85 -16.23
C GLU A 353 -37.51 24.47 -14.90
N HIS A 354 -36.91 23.67 -14.02
CA HIS A 354 -36.41 24.20 -12.76
C HIS A 354 -35.30 25.23 -13.00
N THR A 355 -34.38 24.93 -13.93
CA THR A 355 -33.34 25.89 -14.26
C THR A 355 -33.92 27.15 -14.88
N ILE A 356 -34.94 27.00 -15.72
CA ILE A 356 -35.59 28.17 -16.32
C ILE A 356 -36.22 29.04 -15.23
N GLU A 357 -36.87 28.40 -14.27
CA GLU A 357 -37.53 29.15 -13.19
C GLU A 357 -36.51 29.85 -12.32
N ILE A 358 -35.39 29.19 -12.00
CA ILE A 358 -34.34 29.82 -11.21
C ILE A 358 -33.71 30.99 -11.96
N LEU A 359 -33.46 30.83 -13.27
CA LEU A 359 -32.90 31.93 -14.05
C LEU A 359 -33.88 33.10 -14.13
N LYS A 360 -35.18 32.80 -14.24
CA LYS A 360 -36.18 33.86 -14.21
C LYS A 360 -36.20 34.58 -12.87
N GLY A 361 -36.02 33.83 -11.77
CA GLY A 361 -35.96 34.46 -10.46
C GLY A 361 -34.73 35.34 -10.28
N LEU A 362 -33.59 34.89 -10.81
CA LEU A 362 -32.34 35.64 -10.67
C LEU A 362 -32.14 36.67 -11.79
N ARG A 363 -33.10 36.77 -12.71
CA ARG A 363 -33.09 37.80 -13.74
C ARG A 363 -32.94 39.19 -13.13
N ASP A 364 -33.70 39.48 -12.08
CA ASP A 364 -33.66 40.81 -11.47
C ASP A 364 -32.29 41.10 -10.86
N ARG A 365 -31.73 40.11 -10.15
CA ARG A 365 -30.42 40.32 -9.51
C ARG A 365 -29.33 40.52 -10.55
N TYR A 366 -29.32 39.71 -11.61
CA TYR A 366 -28.26 39.88 -12.61
C TYR A 366 -28.51 41.08 -13.51
N GLU A 367 -29.76 41.53 -13.65
CA GLU A 367 -30.02 42.79 -14.32
C GLU A 367 -29.46 43.95 -13.51
N ALA A 368 -29.63 43.89 -12.19
CA ALA A 368 -29.07 44.92 -11.32
C ALA A 368 -27.54 44.90 -11.36
N HIS A 369 -26.95 43.70 -11.33
CA HIS A 369 -25.49 43.61 -11.27
C HIS A 369 -24.83 43.94 -12.60
N HIS A 370 -25.34 43.41 -13.71
CA HIS A 370 -24.68 43.52 -15.01
C HIS A 370 -25.14 44.73 -15.83
N ARG A 371 -26.34 45.25 -15.55
CA ARG A 371 -26.97 46.32 -16.33
C ARG A 371 -27.08 45.91 -17.81
N VAL A 372 -27.72 44.75 -18.00
CA VAL A 372 -28.07 44.25 -19.32
C VAL A 372 -29.48 43.69 -19.26
N SER A 373 -30.20 43.76 -20.38
CA SER A 373 -31.53 43.16 -20.45
C SER A 373 -31.40 41.71 -20.88
N ILE A 374 -32.14 40.83 -20.21
CA ILE A 374 -32.07 39.39 -20.45
C ILE A 374 -33.44 38.93 -20.93
N THR A 375 -33.47 38.18 -22.03
CA THR A 375 -34.71 37.69 -22.60
C THR A 375 -34.97 36.25 -22.18
N ASP A 376 -36.25 35.84 -22.27
CA ASP A 376 -36.64 34.50 -21.88
C ASP A 376 -36.08 33.46 -22.85
N ALA A 377 -36.04 33.79 -24.15
CA ALA A 377 -35.46 32.88 -25.12
C ALA A 377 -33.98 32.67 -24.87
N ALA A 378 -33.29 33.70 -24.37
CA ALA A 378 -31.89 33.53 -23.97
C ALA A 378 -31.76 32.53 -22.83
N MET A 379 -32.67 32.59 -21.85
CA MET A 379 -32.68 31.62 -20.78
C MET A 379 -32.93 30.20 -21.30
N VAL A 380 -33.88 30.06 -22.22
CA VAL A 380 -34.22 28.74 -22.75
C VAL A 380 -33.04 28.16 -23.52
N ALA A 381 -32.40 28.97 -24.37
CA ALA A 381 -31.24 28.52 -25.11
C ALA A 381 -30.07 28.19 -24.20
N ALA A 382 -29.85 29.03 -23.17
CA ALA A 382 -28.77 28.77 -22.24
C ALA A 382 -28.96 27.44 -21.53
N ALA A 383 -30.17 27.17 -21.06
CA ALA A 383 -30.44 25.91 -20.39
C ALA A 383 -30.29 24.73 -21.34
N THR A 384 -30.89 24.83 -22.54
CA THR A 384 -30.93 23.69 -23.44
C THR A 384 -29.60 23.44 -24.15
N LEU A 385 -28.65 24.38 -24.08
CA LEU A 385 -27.29 24.10 -24.51
C LEU A 385 -26.37 23.72 -23.34
N ALA A 386 -26.61 24.25 -22.14
CA ALA A 386 -25.83 23.85 -20.98
C ALA A 386 -26.03 22.38 -20.65
N ASP A 387 -27.27 21.90 -20.71
CA ASP A 387 -27.47 20.50 -20.37
C ASP A 387 -27.08 19.55 -21.50
N ARG A 388 -26.85 20.04 -22.72
CA ARG A 388 -26.76 19.17 -23.88
C ARG A 388 -25.44 19.32 -24.64
N TYR A 389 -24.60 20.30 -24.29
CA TYR A 389 -23.16 20.23 -24.56
C TYR A 389 -22.29 19.97 -23.33
N ILE A 390 -22.56 20.62 -22.20
CA ILE A 390 -21.69 20.51 -21.03
C ILE A 390 -22.10 19.29 -20.21
N ASN A 391 -21.15 18.39 -19.97
CA ASN A 391 -21.38 17.20 -19.17
C ASN A 391 -20.32 16.98 -18.09
N ASP A 392 -19.36 17.90 -17.94
CA ASP A 392 -18.37 17.79 -16.88
C ASP A 392 -18.99 17.96 -15.50
N ARG A 393 -20.12 18.67 -15.40
CA ARG A 393 -20.83 18.88 -14.16
C ARG A 393 -22.33 18.79 -14.42
N PHE A 394 -23.12 19.24 -13.45
CA PHE A 394 -24.56 19.08 -13.49
C PHE A 394 -25.26 20.42 -13.26
N LEU A 395 -26.54 20.46 -13.61
CA LEU A 395 -27.32 21.68 -13.49
C LEU A 395 -27.48 22.07 -12.01
N PRO A 396 -27.66 23.36 -11.71
CA PRO A 396 -27.70 24.51 -12.61
C PRO A 396 -26.54 25.50 -12.46
N ASP A 397 -25.35 25.08 -12.03
CA ASP A 397 -24.24 26.03 -11.96
C ASP A 397 -23.72 26.39 -13.34
N LYS A 398 -23.81 25.45 -14.28
CA LYS A 398 -23.33 25.70 -15.64
C LYS A 398 -24.14 26.78 -16.33
N ALA A 399 -25.48 26.73 -16.21
CA ALA A 399 -26.32 27.71 -16.88
C ALA A 399 -26.15 29.10 -16.30
N ILE A 400 -26.07 29.19 -14.97
CA ILE A 400 -25.91 30.48 -14.32
C ILE A 400 -24.53 31.07 -14.62
N ASP A 401 -23.51 30.22 -14.68
CA ASP A 401 -22.19 30.68 -15.08
C ASP A 401 -22.19 31.18 -16.52
N LEU A 402 -22.92 30.47 -17.40
CA LEU A 402 -23.01 30.87 -18.81
C LEU A 402 -23.65 32.24 -18.96
N ILE A 403 -24.81 32.43 -18.32
CA ILE A 403 -25.52 33.70 -18.48
C ILE A 403 -24.74 34.84 -17.82
N ASP A 404 -24.09 34.56 -16.69
CA ASP A 404 -23.31 35.60 -16.03
C ASP A 404 -22.09 35.99 -16.86
N GLU A 405 -21.44 35.01 -17.49
CA GLU A 405 -20.28 35.33 -18.33
C GLU A 405 -20.70 36.05 -19.60
N ALA A 406 -21.88 35.73 -20.14
CA ALA A 406 -22.40 36.49 -21.28
C ALA A 406 -22.68 37.94 -20.89
N GLY A 407 -23.25 38.14 -19.69
CA GLY A 407 -23.46 39.50 -19.20
C GLY A 407 -22.15 40.26 -19.02
N ALA A 408 -21.13 39.58 -18.50
CA ALA A 408 -19.82 40.20 -18.38
C ALA A 408 -19.23 40.52 -19.75
N ARG A 409 -19.47 39.66 -20.74
CA ARG A 409 -19.00 39.91 -22.09
C ARG A 409 -19.62 41.17 -22.67
N MET A 410 -20.95 41.33 -22.50
CA MET A 410 -21.58 42.58 -22.92
C MET A 410 -21.06 43.77 -22.13
N ARG A 411 -20.78 43.57 -20.84
CA ARG A 411 -20.36 44.70 -20.02
C ARG A 411 -18.97 45.19 -20.41
N ILE A 412 -18.10 44.29 -20.87
CA ILE A 412 -16.80 44.75 -21.35
C ILE A 412 -16.84 45.18 -22.81
N ARG A 413 -17.80 44.69 -23.60
CA ARG A 413 -17.85 45.07 -25.01
C ARG A 413 -18.58 46.39 -25.21
N ARG A 414 -19.45 46.75 -24.26
CA ARG A 414 -20.20 47.99 -24.36
C ARG A 414 -19.31 49.22 -24.20
N MET A 415 -18.26 49.11 -23.39
CA MET A 415 -17.35 50.22 -23.19
C MET A 415 -16.17 50.17 -24.16
N ALA A 477 -26.90 45.87 -23.08
CA ALA A 477 -28.00 45.86 -24.04
C ALA A 477 -28.98 44.73 -23.72
N GLU A 478 -29.41 44.01 -24.76
CA GLU A 478 -30.37 42.93 -24.62
C GLU A 478 -29.71 41.61 -24.97
N VAL A 479 -29.82 40.64 -24.06
CA VAL A 479 -29.20 39.33 -24.21
C VAL A 479 -30.09 38.46 -25.08
N ASP A 480 -29.51 37.89 -26.13
CA ASP A 480 -30.23 37.00 -27.03
C ASP A 480 -29.42 35.72 -27.19
N ASP A 481 -29.84 34.88 -28.13
CA ASP A 481 -29.22 33.56 -28.27
C ASP A 481 -27.83 33.65 -28.88
N GLU A 482 -27.54 34.75 -29.59
CA GLU A 482 -26.23 34.90 -30.22
C GLU A 482 -25.12 34.99 -29.18
N GLN A 483 -25.36 35.74 -28.11
CA GLN A 483 -24.32 35.95 -27.10
C GLN A 483 -24.07 34.69 -26.29
N ILE A 484 -25.13 33.99 -25.89
CA ILE A 484 -24.94 32.73 -25.17
C ILE A 484 -24.29 31.69 -26.08
N ALA A 485 -24.63 31.72 -27.37
CA ALA A 485 -24.01 30.81 -28.33
C ALA A 485 -22.52 31.09 -28.47
N GLU A 486 -22.13 32.36 -28.57
CA GLU A 486 -20.71 32.67 -28.72
C GLU A 486 -19.92 32.42 -27.44
N VAL A 487 -20.51 32.66 -26.27
CA VAL A 487 -19.77 32.40 -25.04
C VAL A 487 -19.62 30.89 -24.82
N LEU A 488 -20.64 30.09 -25.18
CA LEU A 488 -20.49 28.65 -25.00
C LEU A 488 -19.55 28.07 -26.06
N GLY A 489 -19.53 28.66 -27.26
CA GLY A 489 -18.55 28.26 -28.25
C GLY A 489 -17.14 28.60 -27.83
N ASN A 490 -16.97 29.72 -27.14
CA ASN A 490 -15.67 30.03 -26.52
C ASN A 490 -15.33 28.98 -25.46
N TRP A 491 -16.32 28.54 -24.70
CA TRP A 491 -16.10 27.51 -23.69
C TRP A 491 -15.65 26.20 -24.32
N THR A 492 -16.29 25.79 -25.41
CA THR A 492 -16.11 24.45 -25.94
C THR A 492 -15.25 24.39 -27.21
N GLY A 493 -15.08 25.50 -27.92
CA GLY A 493 -14.36 25.48 -29.18
C GLY A 493 -15.21 25.14 -30.39
N ILE A 494 -16.48 24.78 -30.19
CA ILE A 494 -17.42 24.53 -31.27
C ILE A 494 -17.76 25.88 -31.92
N PRO A 495 -17.75 25.98 -33.25
CA PRO A 495 -18.05 27.28 -33.89
C PRO A 495 -19.47 27.75 -33.59
N VAL A 496 -19.62 29.07 -33.49
CA VAL A 496 -20.82 29.69 -32.96
C VAL A 496 -22.07 29.42 -33.79
N PHE A 497 -21.96 29.43 -35.12
CA PHE A 497 -23.14 29.28 -35.98
C PHE A 497 -23.78 27.91 -35.83
N LYS A 498 -23.04 26.91 -35.34
CA LYS A 498 -23.62 25.58 -35.13
C LYS A 498 -24.41 25.50 -33.83
N LEU A 499 -24.10 26.37 -32.86
CA LEU A 499 -24.75 26.30 -31.56
C LEU A 499 -26.20 26.77 -31.58
N THR A 500 -26.52 27.78 -32.38
CA THR A 500 -27.89 28.27 -32.43
C THR A 500 -28.82 27.21 -33.01
N GLU A 501 -30.06 27.20 -32.54
CA GLU A 501 -30.98 26.08 -32.77
C GLU A 501 -31.69 26.20 -34.12
N ALA A 502 -30.89 26.38 -35.16
CA ALA A 502 -31.37 26.31 -36.54
C ALA A 502 -31.08 24.94 -37.14
N GLU A 503 -31.57 23.90 -36.45
CA GLU A 503 -31.21 22.53 -36.81
C GLU A 503 -31.80 22.12 -38.16
N THR A 504 -32.98 22.66 -38.49
CA THR A 504 -33.55 22.39 -39.81
C THR A 504 -32.67 22.95 -40.92
N THR A 505 -32.04 24.11 -40.68
CA THR A 505 -31.11 24.65 -41.66
C THR A 505 -29.86 23.79 -41.77
N ARG A 506 -29.45 23.16 -40.66
CA ARG A 506 -28.33 22.22 -40.72
C ARG A 506 -28.67 21.01 -41.58
N LEU A 507 -29.85 20.44 -41.38
CA LEU A 507 -30.20 19.24 -42.13
C LEU A 507 -30.53 19.53 -43.59
N LEU A 508 -30.93 20.76 -43.93
CA LEU A 508 -31.14 21.08 -45.34
C LEU A 508 -29.83 21.10 -46.12
N ARG A 509 -28.77 21.65 -45.53
CA ARG A 509 -27.50 21.80 -46.24
C ARG A 509 -26.45 20.77 -45.82
N MET A 510 -26.85 19.72 -45.10
CA MET A 510 -25.91 18.73 -44.60
C MET A 510 -25.28 17.88 -45.71
N GLU A 511 -25.95 17.76 -46.87
CA GLU A 511 -25.41 16.93 -47.94
C GLU A 511 -24.14 17.53 -48.53
N GLU A 512 -24.17 18.82 -48.86
CA GLU A 512 -22.96 19.47 -49.38
C GLU A 512 -21.97 19.77 -48.26
N GLU A 513 -22.43 19.88 -47.02
CA GLU A 513 -21.52 19.98 -45.89
C GLU A 513 -20.70 18.71 -45.73
N LEU A 514 -21.34 17.55 -45.91
CA LEU A 514 -20.61 16.28 -45.86
C LEU A 514 -19.82 16.04 -47.13
N HIS A 515 -20.29 16.52 -48.27
CA HIS A 515 -19.66 16.25 -49.55
C HIS A 515 -18.41 17.10 -49.80
N LYS A 516 -18.23 18.18 -49.05
CA LYS A 516 -17.04 19.00 -49.23
C LYS A 516 -15.80 18.35 -48.63
N ARG A 517 -15.98 17.34 -47.77
CA ARG A 517 -14.87 16.60 -47.19
C ARG A 517 -14.85 15.13 -47.58
N ILE A 518 -15.90 14.62 -48.21
CA ILE A 518 -15.92 13.26 -48.73
C ILE A 518 -15.81 13.33 -50.25
N ILE A 519 -15.39 12.21 -50.84
CA ILE A 519 -15.15 12.13 -52.28
C ILE A 519 -16.00 10.98 -52.84
N GLY A 520 -16.78 11.29 -53.87
CA GLY A 520 -17.60 10.30 -54.54
C GLY A 520 -18.68 9.72 -53.63
N GLN A 521 -19.10 8.50 -53.97
CA GLN A 521 -20.07 7.72 -53.22
C GLN A 521 -21.38 8.50 -53.02
N GLU A 522 -21.89 9.01 -54.14
CA GLU A 522 -23.08 9.87 -54.09
C GLU A 522 -24.29 9.12 -53.56
N ASP A 523 -24.47 7.86 -53.97
CA ASP A 523 -25.56 7.05 -53.43
C ASP A 523 -25.37 6.80 -51.94
N ALA A 524 -24.12 6.55 -51.52
CA ALA A 524 -23.84 6.36 -50.10
C ALA A 524 -24.11 7.62 -49.30
N VAL A 525 -23.71 8.78 -49.83
CA VAL A 525 -23.95 10.05 -49.14
C VAL A 525 -25.45 10.32 -49.03
N LYS A 526 -26.19 10.06 -50.11
CA LYS A 526 -27.65 10.25 -50.06
C LYS A 526 -28.29 9.32 -49.05
N ALA A 527 -27.89 8.05 -49.05
CA ALA A 527 -28.48 7.08 -48.12
C ALA A 527 -28.19 7.46 -46.68
N VAL A 528 -26.94 7.84 -46.37
CA VAL A 528 -26.61 8.20 -45.00
C VAL A 528 -27.27 9.52 -44.61
N SER A 529 -27.45 10.45 -45.55
CA SER A 529 -28.10 11.71 -45.21
C SER A 529 -29.58 11.51 -44.91
N LYS A 530 -30.29 10.74 -45.74
CA LYS A 530 -31.68 10.41 -45.42
C LYS A 530 -31.80 9.61 -44.12
N ALA A 531 -30.88 8.68 -43.87
CA ALA A 531 -30.94 7.90 -42.63
C ALA A 531 -30.76 8.79 -41.41
N ILE A 532 -29.78 9.71 -41.46
CA ILE A 532 -29.56 10.62 -40.35
C ILE A 532 -30.74 11.57 -40.19
N ARG A 533 -31.35 11.98 -41.31
CA ARG A 533 -32.51 12.84 -41.24
C ARG A 533 -33.69 12.15 -40.57
N ARG A 534 -33.95 10.89 -40.89
CA ARG A 534 -35.10 10.22 -40.27
C ARG A 534 -34.79 9.82 -38.82
N THR A 535 -33.52 9.58 -38.49
CA THR A 535 -33.21 9.24 -37.11
C THR A 535 -33.21 10.46 -36.20
N ARG A 536 -32.83 11.63 -36.72
CA ARG A 536 -32.88 12.84 -35.91
C ARG A 536 -34.30 13.36 -35.72
N ALA A 537 -35.25 12.83 -36.51
CA ALA A 537 -36.62 13.33 -36.46
C ALA A 537 -37.29 13.06 -35.11
N GLY A 538 -36.89 12.00 -34.42
CA GLY A 538 -37.45 11.71 -33.12
C GLY A 538 -38.83 11.09 -33.12
N LEU A 539 -39.40 10.83 -34.30
CA LEU A 539 -40.71 10.21 -34.38
C LEU A 539 -40.69 8.74 -34.00
N LYS A 540 -39.50 8.12 -33.94
CA LYS A 540 -39.37 6.75 -33.48
C LYS A 540 -39.50 6.70 -31.95
N ASP A 541 -39.52 5.49 -31.41
CA ASP A 541 -39.61 5.33 -29.96
C ASP A 541 -38.32 5.80 -29.30
N PRO A 542 -38.40 6.53 -28.19
CA PRO A 542 -37.17 7.01 -27.54
C PRO A 542 -36.51 5.96 -26.66
N LYS A 543 -36.41 4.73 -27.18
CA LYS A 543 -35.71 3.64 -26.53
C LYS A 543 -34.61 3.05 -27.40
N ARG A 544 -34.17 3.80 -28.42
CA ARG A 544 -33.28 3.29 -29.45
C ARG A 544 -32.07 4.20 -29.57
N PRO A 545 -30.90 3.64 -29.91
CA PRO A 545 -29.75 4.48 -30.27
C PRO A 545 -30.05 5.30 -31.51
N SER A 546 -29.45 6.49 -31.56
CA SER A 546 -29.73 7.42 -32.65
C SER A 546 -29.23 6.88 -33.98
N GLY A 547 -28.04 6.28 -33.99
CA GLY A 547 -27.48 5.79 -35.24
C GLY A 547 -26.92 4.40 -35.10
N SER A 548 -27.22 3.58 -36.11
CA SER A 548 -26.69 2.22 -36.20
C SER A 548 -26.68 1.83 -37.66
N PHE A 549 -25.52 1.93 -38.31
CA PHE A 549 -25.41 1.69 -39.74
C PHE A 549 -24.24 0.76 -40.03
N ILE A 550 -24.39 -0.06 -41.06
CA ILE A 550 -23.32 -0.94 -41.53
C ILE A 550 -22.63 -0.28 -42.71
N PHE A 551 -21.30 -0.16 -42.63
CA PHE A 551 -20.48 0.31 -43.74
C PHE A 551 -19.68 -0.86 -44.27
N ALA A 552 -19.88 -1.19 -45.54
CA ALA A 552 -19.21 -2.32 -46.16
C ALA A 552 -18.59 -1.91 -47.49
N GLY A 553 -17.63 -2.72 -47.93
CA GLY A 553 -16.93 -2.47 -49.17
C GLY A 553 -15.44 -2.66 -49.06
N PRO A 554 -14.66 -2.41 -50.15
CA PRO A 554 -13.21 -2.51 -50.10
C PRO A 554 -12.65 -1.46 -49.15
N SER A 555 -11.45 -1.69 -48.67
CA SER A 555 -10.77 -0.81 -47.72
C SER A 555 -10.17 0.40 -48.43
N GLY A 556 -10.28 1.56 -47.78
CA GLY A 556 -9.72 2.78 -48.30
C GLY A 556 -10.62 3.61 -49.18
N VAL A 557 -11.88 3.22 -49.35
CA VAL A 557 -12.78 3.99 -50.21
C VAL A 557 -13.17 5.32 -49.59
N GLY A 558 -13.03 5.46 -48.27
CA GLY A 558 -13.33 6.72 -47.63
C GLY A 558 -14.28 6.64 -46.45
N LYS A 559 -14.45 5.43 -45.90
CA LYS A 559 -15.36 5.26 -44.77
C LYS A 559 -14.85 5.95 -43.51
N THR A 560 -13.52 5.97 -43.32
CA THR A 560 -12.95 6.60 -42.13
C THR A 560 -13.19 8.11 -42.15
N GLU A 561 -12.85 8.76 -43.27
CA GLU A 561 -13.12 10.19 -43.36
C GLU A 561 -14.61 10.49 -43.47
N LEU A 562 -15.42 9.52 -43.92
CA LEU A 562 -16.86 9.67 -43.82
C LEU A 562 -17.31 9.76 -42.37
N SER A 563 -16.79 8.89 -41.52
CA SER A 563 -17.10 8.95 -40.09
C SER A 563 -16.55 10.24 -39.48
N LYS A 564 -15.38 10.69 -39.93
CA LYS A 564 -14.83 11.95 -39.46
C LYS A 564 -15.74 13.12 -39.82
N ALA A 565 -16.27 13.13 -41.04
CA ALA A 565 -17.22 14.18 -41.44
C ALA A 565 -18.51 14.11 -40.63
N LEU A 566 -18.95 12.89 -40.31
CA LEU A 566 -20.12 12.73 -39.44
C LEU A 566 -19.87 13.33 -38.07
N ALA A 567 -18.70 13.06 -37.50
CA ALA A 567 -18.35 13.63 -36.20
C ALA A 567 -18.25 15.15 -36.27
N ASN A 568 -17.74 15.67 -37.40
CA ASN A 568 -17.63 17.11 -37.57
C ASN A 568 -19.01 17.77 -37.65
N PHE A 569 -19.95 17.17 -38.39
CA PHE A 569 -21.23 17.84 -38.60
C PHE A 569 -22.15 17.67 -37.39
N LEU A 570 -22.22 16.47 -36.83
CA LEU A 570 -23.19 16.21 -35.76
C LEU A 570 -22.83 16.93 -34.47
N PHE A 571 -21.54 17.00 -34.13
CA PHE A 571 -21.13 17.51 -32.83
C PHE A 571 -20.13 18.67 -32.88
N GLY A 572 -19.65 19.05 -34.05
CA GLY A 572 -18.76 20.19 -34.16
C GLY A 572 -17.30 19.92 -33.85
N ASP A 573 -16.95 18.69 -33.50
CA ASP A 573 -15.58 18.33 -33.18
C ASP A 573 -15.17 17.13 -34.02
N ASP A 574 -13.96 17.18 -34.58
CA ASP A 574 -13.44 16.03 -35.29
C ASP A 574 -12.95 14.96 -34.33
N ASP A 575 -12.50 15.36 -33.14
CA ASP A 575 -12.02 14.43 -32.13
C ASP A 575 -13.11 13.94 -31.19
N ALA A 576 -14.36 14.37 -31.39
CA ALA A 576 -15.46 13.83 -30.61
C ALA A 576 -15.74 12.37 -30.93
N LEU A 577 -15.33 11.91 -32.10
CA LEU A 577 -15.47 10.50 -32.48
C LEU A 577 -14.50 9.66 -31.67
N ILE A 578 -14.94 8.47 -31.28
CA ILE A 578 -14.10 7.49 -30.61
C ILE A 578 -13.79 6.37 -31.61
N GLN A 579 -12.50 6.11 -31.80
CA GLN A 579 -12.02 5.14 -32.77
C GLN A 579 -11.39 3.97 -32.03
N ILE A 580 -12.07 2.83 -32.03
CA ILE A 580 -11.53 1.60 -31.47
C ILE A 580 -11.63 0.51 -32.53
N ASP A 581 -10.59 -0.31 -32.63
CA ASP A 581 -10.59 -1.47 -33.53
C ASP A 581 -10.73 -2.72 -32.68
N MET A 582 -11.78 -3.49 -32.94
CA MET A 582 -12.21 -4.58 -32.09
C MET A 582 -11.53 -5.91 -32.43
N GLY A 583 -10.86 -5.99 -33.59
CA GLY A 583 -10.23 -7.25 -33.98
C GLY A 583 -9.02 -7.61 -33.13
N GLU A 584 -8.36 -6.61 -32.53
CA GLU A 584 -7.19 -6.90 -31.71
C GLU A 584 -7.58 -7.43 -30.33
N PHE A 585 -8.76 -7.03 -29.84
CA PHE A 585 -9.24 -7.46 -28.53
C PHE A 585 -10.05 -8.74 -28.74
N HIS A 586 -9.49 -9.86 -28.28
CA HIS A 586 -10.09 -11.17 -28.52
C HIS A 586 -10.81 -11.72 -27.28
N ASP A 587 -10.08 -11.88 -26.18
CA ASP A 587 -10.60 -12.63 -25.04
C ASP A 587 -11.37 -11.73 -24.08
N ARG A 588 -11.78 -12.32 -22.97
CA ARG A 588 -12.58 -11.62 -21.96
C ARG A 588 -11.73 -10.64 -21.15
N PHE A 589 -10.42 -10.89 -21.06
CA PHE A 589 -9.54 -9.95 -20.35
C PHE A 589 -9.50 -8.61 -21.06
N THR A 590 -9.44 -8.61 -22.39
CA THR A 590 -9.52 -7.37 -23.15
C THR A 590 -10.95 -6.86 -23.24
N ALA A 591 -11.94 -7.74 -23.08
CA ALA A 591 -13.33 -7.28 -22.97
C ALA A 591 -13.53 -6.46 -21.70
N SER A 592 -12.78 -6.78 -20.65
CA SER A 592 -12.78 -5.94 -19.45
C SER A 592 -12.22 -4.55 -19.77
N ARG A 593 -11.20 -4.47 -20.63
CA ARG A 593 -10.71 -3.18 -21.08
C ARG A 593 -11.75 -2.45 -21.93
N LEU A 594 -12.52 -3.18 -22.73
CA LEU A 594 -13.54 -2.55 -23.56
C LEU A 594 -14.63 -1.90 -22.71
N PHE A 595 -15.35 -2.72 -21.94
CA PHE A 595 -16.43 -2.23 -21.10
C PHE A 595 -16.21 -2.51 -19.61
N GLY A 596 -15.80 -3.71 -19.25
CA GLY A 596 -15.59 -4.06 -17.86
C GLY A 596 -16.12 -5.43 -17.49
N GLY A 608 -13.71 1.02 -18.62
CA GLY A 608 -13.57 1.01 -20.06
C GLY A 608 -13.33 2.38 -20.66
N GLN A 609 -12.50 2.43 -21.71
CA GLN A 609 -12.23 3.71 -22.38
C GLN A 609 -13.48 4.23 -23.09
N LEU A 610 -14.27 3.34 -23.69
CA LEU A 610 -15.53 3.74 -24.29
C LEU A 610 -16.49 4.25 -23.23
N THR A 611 -16.56 3.54 -22.09
CA THR A 611 -17.40 3.96 -20.99
C THR A 611 -16.94 5.31 -20.43
N GLU A 612 -15.63 5.50 -20.31
CA GLU A 612 -15.10 6.77 -19.81
C GLU A 612 -15.44 7.92 -20.77
N LYS A 613 -15.33 7.69 -22.08
CA LYS A 613 -15.62 8.77 -23.02
C LYS A 613 -17.11 9.06 -23.11
N VAL A 614 -17.98 8.05 -23.01
CA VAL A 614 -19.41 8.32 -23.04
C VAL A 614 -19.94 8.83 -21.71
N ARG A 615 -19.17 8.69 -20.62
CA ARG A 615 -19.48 9.39 -19.39
C ARG A 615 -18.96 10.81 -19.40
N ARG A 616 -17.84 11.07 -20.10
CA ARG A 616 -17.40 12.44 -20.30
C ARG A 616 -18.33 13.20 -21.23
N LYS A 617 -18.71 12.56 -22.34
CA LYS A 617 -19.64 13.16 -23.30
C LYS A 617 -20.42 12.06 -24.02
N PRO A 618 -21.69 11.84 -23.66
CA PRO A 618 -22.46 10.76 -24.29
C PRO A 618 -22.81 11.03 -25.74
N PHE A 619 -22.72 12.27 -26.20
CA PHE A 619 -23.16 12.63 -27.55
C PHE A 619 -21.96 12.51 -28.49
N SER A 620 -21.55 11.26 -28.73
CA SER A 620 -20.37 10.96 -29.54
C SER A 620 -20.68 9.80 -30.45
N VAL A 621 -20.20 9.88 -31.70
CA VAL A 621 -20.31 8.77 -32.63
C VAL A 621 -19.24 7.74 -32.29
N VAL A 622 -19.64 6.47 -32.26
CA VAL A 622 -18.73 5.38 -31.93
C VAL A 622 -18.45 4.56 -33.18
N LEU A 623 -17.19 4.15 -33.33
CA LEU A 623 -16.75 3.32 -34.44
C LEU A 623 -16.33 1.95 -33.91
N PHE A 624 -16.89 0.90 -34.49
CA PHE A 624 -16.56 -0.47 -34.14
C PHE A 624 -16.14 -1.19 -35.42
N ASP A 625 -14.85 -1.21 -35.68
CA ASP A 625 -14.30 -1.82 -36.89
C ASP A 625 -14.00 -3.29 -36.64
N GLU A 626 -13.95 -4.05 -37.75
CA GLU A 626 -13.57 -5.47 -37.74
C GLU A 626 -14.52 -6.30 -36.86
N ILE A 627 -15.77 -6.38 -37.31
CA ILE A 627 -16.78 -7.16 -36.59
C ILE A 627 -16.68 -8.66 -36.88
N GLU A 628 -15.82 -9.06 -37.80
CA GLU A 628 -15.72 -10.47 -38.18
C GLU A 628 -14.98 -11.30 -37.12
N LYS A 629 -13.93 -10.75 -36.53
CA LYS A 629 -12.96 -11.50 -35.75
C LYS A 629 -13.31 -11.55 -34.26
N ALA A 630 -14.41 -10.92 -33.86
CA ALA A 630 -14.80 -10.92 -32.46
C ALA A 630 -15.22 -12.31 -31.99
N HIS A 631 -15.26 -12.49 -30.68
CA HIS A 631 -15.70 -13.75 -30.11
C HIS A 631 -17.09 -13.55 -29.48
N GLN A 632 -17.71 -14.68 -29.08
CA GLN A 632 -19.16 -14.73 -28.86
C GLN A 632 -19.62 -13.77 -27.77
N GLU A 633 -18.83 -13.60 -26.71
CA GLU A 633 -19.21 -12.68 -25.64
C GLU A 633 -19.29 -11.25 -26.14
N ILE A 634 -18.43 -10.89 -27.11
CA ILE A 634 -18.44 -9.54 -27.65
C ILE A 634 -19.71 -9.31 -28.46
N TYR A 635 -20.13 -10.32 -29.24
CA TYR A 635 -21.40 -10.21 -29.96
C TYR A 635 -22.57 -10.12 -28.99
N ASN A 636 -22.50 -10.87 -27.89
CA ASN A 636 -23.57 -10.81 -26.90
C ASN A 636 -23.69 -9.40 -26.32
N SER A 637 -22.54 -8.79 -25.97
CA SER A 637 -22.57 -7.43 -25.44
C SER A 637 -23.05 -6.43 -26.49
N LEU A 638 -22.59 -6.57 -27.73
CA LEU A 638 -22.99 -5.63 -28.78
C LEU A 638 -24.49 -5.72 -29.06
N LEU A 639 -25.02 -6.93 -29.15
CA LEU A 639 -26.45 -7.09 -29.42
C LEU A 639 -27.31 -6.68 -28.23
N GLN A 640 -26.83 -6.87 -27.00
CA GLN A 640 -27.63 -6.38 -25.88
C GLN A 640 -27.62 -4.85 -25.79
N VAL A 641 -26.49 -4.22 -26.16
CA VAL A 641 -26.47 -2.76 -26.28
C VAL A 641 -27.44 -2.32 -27.37
N LEU A 642 -27.45 -3.03 -28.51
CA LEU A 642 -28.37 -2.67 -29.59
C LEU A 642 -29.83 -2.80 -29.17
N GLU A 643 -30.21 -3.92 -28.56
CA GLU A 643 -31.61 -4.17 -28.28
C GLU A 643 -32.09 -3.35 -27.08
N ASP A 644 -31.19 -3.01 -26.17
CA ASP A 644 -31.56 -2.28 -24.97
C ASP A 644 -31.24 -0.80 -25.02
N GLY A 645 -30.14 -0.42 -25.67
CA GLY A 645 -29.68 0.95 -25.57
C GLY A 645 -28.85 1.22 -24.34
N ARG A 646 -28.68 0.23 -23.47
CA ARG A 646 -27.91 0.37 -22.25
C ARG A 646 -26.71 -0.55 -22.33
N LEU A 647 -25.65 -0.18 -21.61
CA LEU A 647 -24.46 -1.01 -21.48
C LEU A 647 -24.20 -1.25 -20.00
N THR A 648 -23.97 -2.51 -19.64
CA THR A 648 -23.68 -2.89 -18.25
C THR A 648 -22.17 -3.17 -18.14
N ASP A 649 -21.46 -2.20 -17.60
CA ASP A 649 -20.00 -2.27 -17.51
C ASP A 649 -19.59 -3.02 -16.24
N GLY A 650 -18.28 -3.16 -16.04
CA GLY A 650 -17.74 -3.70 -14.81
C GLY A 650 -17.57 -2.69 -13.70
N GLN A 651 -17.85 -1.42 -13.97
CA GLN A 651 -17.79 -0.36 -12.96
C GLN A 651 -19.15 -0.08 -12.34
N GLY A 652 -20.18 -0.84 -12.70
CA GLY A 652 -21.51 -0.67 -12.14
C GLY A 652 -22.22 0.61 -12.52
N ARG A 653 -22.09 1.05 -13.78
CA ARG A 653 -22.86 2.17 -14.29
C ARG A 653 -23.48 1.80 -15.63
N THR A 654 -24.79 2.02 -15.75
CA THR A 654 -25.51 1.78 -17.00
C THR A 654 -25.47 3.07 -17.80
N VAL A 655 -24.47 3.18 -18.66
CA VAL A 655 -24.25 4.40 -19.45
C VAL A 655 -25.34 4.56 -20.48
N ASP A 656 -25.58 5.81 -20.89
CA ASP A 656 -26.67 6.15 -21.79
C ASP A 656 -26.18 6.24 -23.23
N PHE A 657 -26.80 5.44 -24.10
CA PHE A 657 -26.49 5.39 -25.53
C PHE A 657 -27.69 5.77 -26.38
N LYS A 658 -28.57 6.63 -25.87
CA LYS A 658 -29.79 6.95 -26.59
C LYS A 658 -29.56 7.93 -27.73
N ASN A 659 -28.44 8.64 -27.72
CA ASN A 659 -28.18 9.67 -28.72
C ASN A 659 -26.88 9.39 -29.49
N THR A 660 -26.09 8.42 -29.07
CA THR A 660 -24.87 8.10 -29.78
C THR A 660 -25.18 7.44 -31.12
N VAL A 661 -24.19 7.47 -32.01
CA VAL A 661 -24.31 6.91 -33.35
C VAL A 661 -23.33 5.75 -33.46
N LEU A 662 -23.84 4.57 -33.79
CA LEU A 662 -23.00 3.38 -33.92
C LEU A 662 -22.65 3.17 -35.38
N ILE A 663 -21.35 3.11 -35.68
CA ILE A 663 -20.87 2.93 -37.04
C ILE A 663 -19.98 1.70 -37.06
N PHE A 664 -20.34 0.72 -37.88
CA PHE A 664 -19.61 -0.55 -38.01
C PHE A 664 -19.02 -0.62 -39.40
N THR A 665 -17.78 -0.16 -39.55
CA THR A 665 -17.06 -0.19 -40.83
C THR A 665 -16.38 -1.55 -40.96
N SER A 666 -17.11 -2.51 -41.51
CA SER A 666 -16.62 -3.88 -41.67
C SER A 666 -16.37 -4.18 -43.14
N ASN A 667 -15.22 -4.77 -43.45
CA ASN A 667 -14.83 -5.08 -44.81
C ASN A 667 -15.30 -6.47 -45.26
N LEU A 668 -16.30 -7.04 -44.59
CA LEU A 668 -16.84 -8.32 -45.01
C LEU A 668 -17.58 -8.19 -46.33
N GLY A 669 -17.47 -9.22 -47.17
CA GLY A 669 -18.12 -9.23 -48.46
C GLY A 669 -17.28 -8.59 -49.55
N ASP A 689 -26.01 -4.31 -59.73
CA ASP A 689 -24.78 -4.63 -59.00
C ASP A 689 -24.94 -4.31 -57.52
N TYR A 690 -25.62 -3.19 -57.22
CA TYR A 690 -25.81 -2.79 -55.83
C TYR A 690 -26.76 -3.76 -55.12
N GLU A 691 -27.82 -4.20 -55.79
CA GLU A 691 -28.73 -5.17 -55.19
C GLU A 691 -28.07 -6.52 -55.02
N ARG A 692 -27.22 -6.92 -55.97
CA ARG A 692 -26.46 -8.15 -55.83
C ARG A 692 -25.54 -8.08 -54.62
N MET A 693 -24.87 -6.94 -54.43
CA MET A 693 -24.01 -6.77 -53.27
C MET A 693 -24.80 -6.77 -51.97
N LYS A 694 -26.00 -6.15 -51.97
CA LYS A 694 -26.85 -6.18 -50.79
C LYS A 694 -27.26 -7.60 -50.44
N GLN A 695 -27.65 -8.39 -51.45
CA GLN A 695 -27.99 -9.79 -51.21
C GLN A 695 -26.80 -10.59 -50.72
N LYS A 696 -25.62 -10.34 -51.27
CA LYS A 696 -24.42 -11.08 -50.85
C LYS A 696 -24.06 -10.76 -49.41
N VAL A 697 -24.05 -9.47 -49.04
CA VAL A 697 -23.72 -9.13 -47.65
C VAL A 697 -24.81 -9.62 -46.71
N ASN A 698 -26.07 -9.61 -47.17
CA ASN A 698 -27.17 -10.03 -46.30
C ASN A 698 -27.10 -11.52 -46.01
N ASP A 699 -26.95 -12.37 -47.04
CA ASP A 699 -26.94 -13.80 -46.75
C ASP A 699 -25.60 -14.25 -46.15
N GLU A 700 -24.51 -13.52 -46.42
CA GLU A 700 -23.27 -13.77 -45.70
C GLU A 700 -23.41 -13.46 -44.21
N LEU A 701 -24.04 -12.33 -43.87
CA LEU A 701 -24.28 -12.02 -42.47
C LEU A 701 -25.25 -12.99 -41.83
N LYS A 702 -26.24 -13.47 -42.58
CA LYS A 702 -27.15 -14.49 -42.08
C LYS A 702 -26.46 -15.82 -41.81
N LYS A 703 -25.52 -16.23 -42.66
CA LYS A 703 -24.81 -17.48 -42.42
C LYS A 703 -23.66 -17.33 -41.44
N HIS A 704 -23.26 -16.09 -41.11
CA HIS A 704 -22.22 -15.88 -40.09
C HIS A 704 -22.79 -15.37 -38.78
N PHE A 705 -23.53 -14.26 -38.82
CA PHE A 705 -24.13 -13.67 -37.64
C PHE A 705 -25.52 -14.28 -37.40
N ARG A 706 -26.17 -13.83 -36.34
CA ARG A 706 -27.56 -14.15 -36.09
C ARG A 706 -28.46 -13.23 -36.89
N PRO A 707 -29.65 -13.71 -37.28
CA PRO A 707 -30.58 -12.84 -38.03
C PRO A 707 -31.05 -11.62 -37.25
N GLU A 708 -31.03 -11.68 -35.92
CA GLU A 708 -31.47 -10.54 -35.12
C GLU A 708 -30.51 -9.36 -35.28
N PHE A 709 -29.22 -9.64 -35.52
CA PHE A 709 -28.28 -8.57 -35.78
C PHE A 709 -28.61 -7.85 -37.09
N LEU A 710 -29.00 -8.61 -38.12
CA LEU A 710 -29.38 -7.99 -39.38
C LEU A 710 -30.68 -7.21 -39.26
N ASN A 711 -31.66 -7.77 -38.55
CA ASN A 711 -32.94 -7.10 -38.41
C ASN A 711 -32.86 -5.88 -37.51
N ARG A 712 -31.94 -5.87 -36.55
CA ARG A 712 -31.81 -4.76 -35.62
C ARG A 712 -31.18 -3.52 -36.26
N ILE A 713 -30.30 -3.70 -37.24
CA ILE A 713 -29.60 -2.56 -37.83
C ILE A 713 -30.60 -1.69 -38.60
N ASP A 714 -30.25 -0.40 -38.72
CA ASP A 714 -31.14 0.56 -39.35
C ASP A 714 -30.98 0.56 -40.87
N ASP A 715 -29.78 0.85 -41.35
CA ASP A 715 -29.49 0.93 -42.77
C ASP A 715 -28.14 0.31 -43.06
N ILE A 716 -28.04 -0.41 -44.18
CA ILE A 716 -26.77 -0.95 -44.66
C ILE A 716 -26.39 -0.11 -45.88
N ILE A 717 -25.16 0.37 -45.88
CA ILE A 717 -24.65 1.25 -46.95
C ILE A 717 -23.43 0.59 -47.56
N VAL A 718 -23.43 0.47 -48.89
CA VAL A 718 -22.36 -0.19 -49.63
C VAL A 718 -21.60 0.86 -50.42
N PHE A 719 -20.27 0.85 -50.27
CA PHE A 719 -19.39 1.75 -51.01
C PHE A 719 -18.83 1.05 -52.23
N HIS A 720 -18.97 1.70 -53.38
CA HIS A 720 -18.47 1.15 -54.64
C HIS A 720 -16.99 1.48 -54.81
N GLN A 721 -16.44 1.09 -55.96
CA GLN A 721 -15.05 1.38 -56.27
C GLN A 721 -14.90 2.84 -56.68
N LEU A 722 -13.72 3.39 -56.41
CA LEU A 722 -13.47 4.79 -56.69
C LEU A 722 -13.06 4.98 -58.15
N THR A 723 -13.67 5.96 -58.81
CA THR A 723 -13.37 6.28 -60.19
C THR A 723 -11.96 6.87 -60.29
N ARG A 724 -11.30 6.61 -61.42
CA ARG A 724 -9.96 7.14 -61.65
C ARG A 724 -9.94 8.65 -61.59
N GLU A 725 -10.97 9.30 -62.14
CA GLU A 725 -11.09 10.75 -62.01
C GLU A 725 -11.26 11.17 -60.56
N GLU A 726 -11.97 10.35 -59.77
CA GLU A 726 -12.08 10.65 -58.34
C GLU A 726 -10.75 10.43 -57.63
N ILE A 727 -9.93 9.50 -58.12
CA ILE A 727 -8.58 9.35 -57.58
C ILE A 727 -7.74 10.60 -57.87
N ILE A 728 -7.87 11.12 -59.09
CA ILE A 728 -7.20 12.38 -59.43
C ILE A 728 -7.72 13.52 -58.56
N ARG A 729 -9.02 13.50 -58.26
CA ARG A 729 -9.61 14.52 -57.39
C ARG A 729 -9.05 14.43 -55.97
N MET A 730 -8.89 13.22 -55.44
CA MET A 730 -8.28 13.08 -54.13
C MET A 730 -6.81 13.49 -54.14
N VAL A 731 -6.12 13.25 -55.25
CA VAL A 731 -4.73 13.69 -55.38
C VAL A 731 -4.67 15.22 -55.36
N ASP A 732 -5.62 15.87 -56.04
CA ASP A 732 -5.71 17.33 -56.00
C ASP A 732 -6.05 17.82 -54.59
N LEU A 733 -6.93 17.11 -53.89
CA LEU A 733 -7.26 17.47 -52.51
C LEU A 733 -6.03 17.38 -51.62
N MET A 734 -5.21 16.34 -51.80
CA MET A 734 -4.04 16.20 -50.93
C MET A 734 -2.93 17.19 -51.32
N ILE A 735 -2.76 17.48 -52.61
CA ILE A 735 -1.77 18.51 -52.96
C ILE A 735 -2.22 19.88 -52.47
N SER A 736 -3.53 20.09 -52.28
CA SER A 736 -3.99 21.34 -51.68
C SER A 736 -3.42 21.52 -50.27
N ARG A 737 -3.54 20.49 -49.42
CA ARG A 737 -2.96 20.58 -48.08
C ARG A 737 -1.44 20.57 -48.10
N VAL A 738 -0.83 19.87 -49.07
CA VAL A 738 0.63 19.87 -49.18
C VAL A 738 1.14 21.27 -49.49
N ALA A 739 0.48 21.95 -50.43
CA ALA A 739 0.83 23.34 -50.73
C ALA A 739 0.51 24.25 -49.55
N GLY A 740 -0.58 23.98 -48.83
CA GLY A 740 -0.90 24.79 -47.65
C GLY A 740 0.17 24.70 -46.57
N GLN A 741 0.70 23.50 -46.34
CA GLN A 741 1.77 23.34 -45.37
C GLN A 741 3.13 23.78 -45.91
N LEU A 742 3.30 23.85 -47.23
CA LEU A 742 4.55 24.28 -47.83
C LEU A 742 4.59 25.76 -48.17
N LYS A 743 3.48 26.49 -48.00
CA LYS A 743 3.46 27.91 -48.31
C LYS A 743 4.34 28.75 -47.38
N SER A 744 4.82 28.17 -46.27
CA SER A 744 5.73 28.90 -45.40
C SER A 744 7.05 29.22 -46.09
N LYS A 745 7.48 28.37 -47.02
CA LYS A 745 8.69 28.58 -47.79
C LYS A 745 8.41 29.03 -49.22
N ASP A 746 7.18 29.47 -49.50
CA ASP A 746 6.75 29.94 -50.82
C ASP A 746 6.90 28.84 -51.88
N MET A 747 6.32 27.69 -51.59
CA MET A 747 6.25 26.58 -52.54
C MET A 747 4.87 26.58 -53.21
N ALA A 748 4.84 27.02 -54.45
CA ALA A 748 3.63 26.99 -55.27
C ALA A 748 3.78 25.85 -56.26
N LEU A 749 3.29 24.67 -55.88
CA LEU A 749 3.47 23.46 -56.67
C LEU A 749 2.40 23.37 -57.74
N VAL A 750 2.81 22.96 -58.94
CA VAL A 750 1.90 22.73 -60.06
C VAL A 750 2.05 21.28 -60.50
N LEU A 751 0.93 20.58 -60.55
CA LEU A 751 0.91 19.14 -60.85
C LEU A 751 0.35 18.94 -62.25
N THR A 752 1.21 18.53 -63.17
CA THR A 752 0.79 18.26 -64.54
C THR A 752 -0.07 17.00 -64.60
N ASP A 753 -0.84 16.88 -65.69
CA ASP A 753 -1.79 15.78 -65.82
C ASP A 753 -1.09 14.43 -65.87
N ALA A 754 0.05 14.37 -66.56
CA ALA A 754 0.86 13.14 -66.55
C ALA A 754 1.37 12.84 -65.16
N ALA A 755 1.78 13.86 -64.41
CA ALA A 755 2.19 13.67 -63.03
C ALA A 755 1.02 13.16 -62.18
N LYS A 756 -0.18 13.69 -62.39
CA LYS A 756 -1.35 13.18 -61.68
C LYS A 756 -1.61 11.71 -62.01
N ALA A 757 -1.48 11.34 -63.29
CA ALA A 757 -1.70 9.96 -63.69
C ALA A 757 -0.68 9.03 -63.04
N LEU A 758 0.60 9.44 -63.02
CA LEU A 758 1.62 8.60 -62.40
C LEU A 758 1.44 8.50 -60.89
N LEU A 759 1.06 9.60 -60.23
CA LEU A 759 0.80 9.55 -58.80
C LEU A 759 -0.39 8.64 -58.49
N ALA A 760 -1.43 8.70 -59.32
CA ALA A 760 -2.58 7.81 -59.15
C ALA A 760 -2.20 6.36 -59.36
N LYS A 761 -1.32 6.10 -60.34
CA LYS A 761 -0.90 4.73 -60.61
C LYS A 761 -0.06 4.17 -59.47
N ARG A 762 0.90 4.96 -58.97
CA ARG A 762 1.77 4.48 -57.90
C ARG A 762 1.09 4.44 -56.54
N GLY A 763 0.13 5.32 -56.28
CA GLY A 763 -0.46 5.42 -54.96
C GLY A 763 -1.66 4.52 -54.73
N PHE A 764 -2.23 3.96 -55.79
CA PHE A 764 -3.41 3.12 -55.70
C PHE A 764 -3.06 1.69 -56.05
N ASP A 765 -3.32 0.77 -55.12
CA ASP A 765 -3.16 -0.67 -55.36
C ASP A 765 -4.55 -1.31 -55.28
N PRO A 766 -5.06 -1.89 -56.37
CA PRO A 766 -6.41 -2.47 -56.34
C PRO A 766 -6.60 -3.57 -55.32
N VAL A 767 -5.58 -4.38 -55.05
CA VAL A 767 -5.71 -5.43 -54.03
C VAL A 767 -5.75 -4.82 -52.64
N LEU A 768 -4.97 -3.77 -52.40
CA LEU A 768 -4.89 -3.14 -51.09
C LEU A 768 -5.78 -1.91 -50.95
N GLY A 769 -6.54 -1.57 -51.98
CA GLY A 769 -7.37 -0.39 -51.89
C GLY A 769 -6.54 0.89 -51.90
N ALA A 770 -7.14 1.96 -51.39
CA ALA A 770 -6.47 3.25 -51.37
C ALA A 770 -5.70 3.50 -50.08
N ARG A 771 -5.75 2.59 -49.11
CA ARG A 771 -5.12 2.75 -47.80
C ARG A 771 -3.61 3.06 -47.83
N PRO A 772 -2.78 2.46 -48.73
CA PRO A 772 -1.36 2.82 -48.74
C PRO A 772 -1.06 4.20 -49.32
N LEU A 773 -2.07 5.06 -49.50
CA LEU A 773 -1.84 6.36 -50.12
C LEU A 773 -0.87 7.20 -49.31
N ARG A 774 -1.01 7.19 -47.98
CA ARG A 774 -0.17 8.05 -47.15
C ARG A 774 1.28 7.57 -47.17
N ARG A 775 1.50 6.25 -47.24
CA ARG A 775 2.85 5.73 -47.37
C ARG A 775 3.44 6.10 -48.73
N THR A 776 2.63 6.02 -49.80
CA THR A 776 3.16 6.26 -51.14
C THR A 776 3.48 7.75 -51.36
N ILE A 777 2.57 8.64 -50.93
CA ILE A 777 2.65 10.04 -51.32
C ILE A 777 3.88 10.76 -50.77
N GLN A 778 4.26 10.49 -49.52
CA GLN A 778 5.45 11.16 -49.00
C GLN A 778 6.72 10.59 -49.59
N ARG A 779 6.81 9.26 -49.74
CA ARG A 779 7.99 8.62 -50.31
C ARG A 779 8.23 9.03 -51.77
N GLU A 780 7.16 9.26 -52.53
CA GLU A 780 7.34 9.56 -53.95
C GLU A 780 7.42 11.05 -54.26
N ILE A 781 7.05 11.92 -53.33
CA ILE A 781 7.01 13.35 -53.62
C ILE A 781 7.79 14.15 -52.59
N GLU A 782 7.46 13.96 -51.30
CA GLU A 782 7.95 14.88 -50.28
C GLU A 782 9.42 14.66 -49.99
N ASP A 783 9.87 13.40 -49.97
CA ASP A 783 11.28 13.12 -49.79
C ASP A 783 12.12 13.69 -50.92
N GLN A 784 11.63 13.56 -52.17
CA GLN A 784 12.36 14.08 -53.32
C GLN A 784 12.44 15.61 -53.27
N LEU A 785 11.32 16.28 -52.98
CA LEU A 785 11.37 17.74 -52.91
C LEU A 785 12.21 18.20 -51.73
N SER A 786 12.22 17.44 -50.63
CA SER A 786 13.02 17.80 -49.47
C SER A 786 14.51 17.69 -49.78
N GLU A 787 14.93 16.60 -50.43
CA GLU A 787 16.35 16.46 -50.75
C GLU A 787 16.77 17.43 -51.86
N LYS A 788 15.84 17.82 -52.73
CA LYS A 788 16.16 18.85 -53.72
C LYS A 788 16.28 20.23 -53.06
N ILE A 789 15.48 20.49 -52.03
CA ILE A 789 15.61 21.73 -51.28
C ILE A 789 16.93 21.76 -50.53
N LEU A 790 17.30 20.65 -49.88
CA LEU A 790 18.54 20.60 -49.12
C LEU A 790 19.76 20.73 -50.02
N PHE A 791 19.73 20.13 -51.20
CA PHE A 791 20.84 20.20 -52.14
C PHE A 791 20.73 21.38 -53.10
N GLU A 792 19.79 22.30 -52.85
CA GLU A 792 19.68 23.59 -53.53
C GLU A 792 19.42 23.48 -55.03
N GLU A 793 18.65 22.49 -55.46
CA GLU A 793 18.19 22.49 -56.85
C GLU A 793 17.11 23.53 -57.09
N VAL A 794 16.22 23.73 -56.11
CA VAL A 794 15.20 24.77 -56.18
C VAL A 794 15.15 25.47 -54.82
N GLY A 795 14.71 26.73 -54.85
CA GLY A 795 14.65 27.54 -53.65
C GLY A 795 13.30 28.19 -53.45
N PRO A 796 13.21 29.06 -52.44
CA PRO A 796 11.95 29.76 -52.18
C PRO A 796 11.64 30.82 -53.23
N GLY A 797 10.35 31.07 -53.42
CA GLY A 797 9.90 32.08 -54.34
C GLY A 797 9.78 31.64 -55.78
N GLN A 798 9.96 30.35 -56.07
CA GLN A 798 9.84 29.83 -57.43
C GLN A 798 8.81 28.70 -57.44
N VAL A 799 8.05 28.64 -58.54
CA VAL A 799 7.04 27.60 -58.69
C VAL A 799 7.73 26.29 -59.08
N VAL A 800 7.27 25.19 -58.50
CA VAL A 800 7.82 23.87 -58.80
C VAL A 800 6.77 23.13 -59.63
N THR A 801 7.04 23.03 -60.94
CA THR A 801 6.19 22.30 -61.87
C THR A 801 6.81 20.94 -62.10
N VAL A 802 6.23 19.91 -61.49
CA VAL A 802 6.75 18.56 -61.58
C VAL A 802 6.20 17.88 -62.84
N ASP A 803 7.08 17.22 -63.58
CA ASP A 803 6.71 16.50 -64.79
C ASP A 803 7.39 15.14 -64.76
N VAL A 804 6.77 14.18 -65.44
CA VAL A 804 7.24 12.80 -65.44
C VAL A 804 7.37 12.32 -66.87
N ASP A 805 8.44 11.57 -67.15
CA ASP A 805 8.72 11.06 -68.48
C ASP A 805 8.60 9.53 -68.50
N ASN A 806 8.90 8.95 -69.67
CA ASN A 806 8.94 7.52 -69.96
C ASN A 806 7.59 6.83 -69.90
N TRP A 807 6.52 7.55 -69.56
CA TRP A 807 5.18 6.95 -69.50
C TRP A 807 4.16 8.06 -69.63
N ASP A 808 3.44 8.09 -70.75
CA ASP A 808 2.41 9.09 -70.98
C ASP A 808 1.02 8.46 -71.16
N GLY A 809 0.88 7.17 -70.86
CA GLY A 809 -0.38 6.49 -71.02
C GLY A 809 -0.22 5.01 -71.35
N ASP A 815 9.60 2.58 -63.19
CA ASP A 815 10.79 2.87 -63.97
C ASP A 815 10.75 4.27 -64.56
N ALA A 816 9.58 4.90 -64.49
CA ALA A 816 9.42 6.26 -65.00
C ALA A 816 10.19 7.24 -64.12
N VAL A 817 10.79 8.24 -64.76
CA VAL A 817 11.58 9.25 -64.07
C VAL A 817 10.78 10.55 -64.05
N PHE A 818 10.85 11.26 -62.92
CA PHE A 818 10.12 12.50 -62.72
C PHE A 818 11.10 13.67 -62.69
N THR A 819 10.70 14.79 -63.29
CA THR A 819 11.50 16.00 -63.31
C THR A 819 10.81 17.09 -62.49
N PHE A 820 11.56 17.67 -61.55
CA PHE A 820 11.02 18.72 -60.68
C PHE A 820 11.41 20.09 -61.24
N THR A 821 10.77 20.44 -62.35
CA THR A 821 11.03 21.71 -63.02
C THR A 821 10.33 22.86 -62.29
N SER B 168 -11.46 20.53 41.88
CA SER B 168 -12.51 20.76 40.89
C SER B 168 -12.16 21.93 39.97
N LEU B 169 -11.27 22.80 40.46
CA LEU B 169 -10.91 24.00 39.70
C LEU B 169 -10.18 23.68 38.41
N VAL B 170 -9.55 22.51 38.31
CA VAL B 170 -8.83 22.12 37.12
C VAL B 170 -9.62 21.14 36.26
N LEU B 171 -10.43 20.28 36.87
CA LEU B 171 -11.23 19.33 36.10
C LEU B 171 -12.39 19.99 35.37
N ASP B 172 -12.97 21.06 35.91
CA ASP B 172 -14.04 21.76 35.20
C ASP B 172 -13.54 22.42 33.92
N GLN B 173 -12.26 22.72 33.85
CA GLN B 173 -11.67 23.25 32.62
C GLN B 173 -11.49 22.19 31.55
N PHE B 174 -11.40 20.91 31.94
CA PHE B 174 -11.14 19.84 30.98
C PHE B 174 -12.18 18.73 30.97
N GLY B 175 -13.16 18.73 31.88
CA GLY B 175 -14.12 17.66 31.95
C GLY B 175 -15.50 18.18 32.29
N ARG B 176 -16.47 17.26 32.25
CA ARG B 176 -17.86 17.55 32.56
C ARG B 176 -18.35 16.60 33.64
N ASN B 177 -19.01 17.16 34.65
CA ASN B 177 -19.46 16.38 35.80
C ASN B 177 -20.82 15.77 35.50
N LEU B 178 -20.86 14.44 35.37
CA LEU B 178 -22.13 13.77 35.15
C LEU B 178 -22.99 13.71 36.41
N THR B 179 -22.37 13.63 37.58
CA THR B 179 -23.13 13.69 38.82
C THR B 179 -23.83 15.03 38.97
N ALA B 180 -23.12 16.13 38.65
CA ALA B 180 -23.78 17.43 38.59
C ALA B 180 -24.77 17.50 37.44
N ALA B 181 -24.50 16.78 36.35
CA ALA B 181 -25.48 16.69 35.27
C ALA B 181 -26.71 15.92 35.71
N ALA B 182 -26.51 14.85 36.48
CA ALA B 182 -27.65 14.09 37.00
C ALA B 182 -28.36 14.82 38.13
N MET B 183 -27.74 15.86 38.70
CA MET B 183 -28.42 16.69 39.68
C MET B 183 -29.64 17.36 39.08
N GLU B 184 -29.50 17.89 37.88
CA GLU B 184 -30.59 18.57 37.18
C GLU B 184 -31.39 17.64 36.29
N GLY B 185 -31.04 16.36 36.24
CA GLY B 185 -31.75 15.42 35.40
C GLY B 185 -31.67 15.70 33.92
N LYS B 186 -30.55 16.27 33.46
CA LYS B 186 -30.34 16.50 32.04
C LYS B 186 -30.04 15.22 31.28
N LEU B 187 -29.79 14.13 31.97
CA LEU B 187 -29.55 12.84 31.35
C LEU B 187 -30.86 12.07 31.25
N ASP B 188 -31.05 11.40 30.12
CA ASP B 188 -32.27 10.62 29.93
C ASP B 188 -32.29 9.42 30.88
N PRO B 189 -33.46 9.05 31.39
CA PRO B 189 -33.54 7.83 32.20
C PRO B 189 -33.12 6.61 31.39
N VAL B 190 -32.47 5.67 32.07
CA VAL B 190 -31.95 4.46 31.45
C VAL B 190 -32.78 3.29 31.96
N ILE B 191 -33.37 2.53 31.06
CA ILE B 191 -34.35 1.51 31.38
C ILE B 191 -33.83 0.16 30.91
N GLY B 192 -33.80 -0.81 31.82
CA GLY B 192 -33.49 -2.18 31.47
C GLY B 192 -32.02 -2.51 31.32
N ARG B 193 -31.12 -1.65 31.79
CA ARG B 193 -29.68 -1.91 31.73
C ARG B 193 -29.12 -2.15 33.13
N GLU B 194 -29.86 -2.87 33.97
CA GLU B 194 -29.41 -3.08 35.34
C GLU B 194 -28.26 -4.09 35.41
N LYS B 195 -28.26 -5.08 34.51
CA LYS B 195 -27.20 -6.07 34.51
C LYS B 195 -25.85 -5.44 34.18
N GLU B 196 -25.81 -4.56 33.17
CA GLU B 196 -24.56 -3.95 32.78
C GLU B 196 -24.06 -2.97 33.83
N ILE B 197 -24.97 -2.22 34.46
CA ILE B 197 -24.57 -1.31 35.53
C ILE B 197 -24.05 -2.10 36.73
N GLU B 198 -24.67 -3.25 37.02
CA GLU B 198 -24.15 -4.10 38.09
C GLU B 198 -22.77 -4.63 37.75
N ARG B 199 -22.54 -5.01 36.49
CA ARG B 199 -21.22 -5.48 36.07
C ARG B 199 -20.18 -4.37 36.20
N VAL B 200 -20.56 -3.14 35.84
CA VAL B 200 -19.64 -2.01 35.94
C VAL B 200 -19.28 -1.72 37.39
N MET B 201 -20.29 -1.73 38.29
CA MET B 201 -20.00 -1.51 39.70
C MET B 201 -19.20 -2.66 40.29
N GLN B 202 -19.39 -3.86 39.75
CA GLN B 202 -18.58 -5.01 40.15
C GLN B 202 -17.12 -4.82 39.79
N VAL B 203 -16.85 -4.36 38.57
CA VAL B 203 -15.46 -4.15 38.14
C VAL B 203 -14.84 -2.99 38.91
N LEU B 204 -15.60 -1.91 39.14
CA LEU B 204 -15.09 -0.74 39.85
C LEU B 204 -14.87 -0.98 41.33
N SER B 205 -15.30 -2.13 41.86
CA SER B 205 -15.12 -2.44 43.28
C SER B 205 -13.85 -3.23 43.55
N ARG B 206 -13.02 -3.46 42.55
CA ARG B 206 -11.86 -4.33 42.70
C ARG B 206 -10.67 -3.55 43.26
N ARG B 207 -9.65 -4.30 43.67
CA ARG B 207 -8.43 -3.70 44.22
C ARG B 207 -7.47 -3.27 43.12
N THR B 208 -7.05 -4.21 42.28
CA THR B 208 -6.14 -3.94 41.19
C THR B 208 -6.86 -4.14 39.87
N LYS B 209 -6.57 -3.26 38.90
CA LYS B 209 -7.18 -3.28 37.57
C LYS B 209 -8.70 -3.17 37.67
N ASN B 210 -9.16 -2.05 38.21
CA ASN B 210 -10.58 -1.78 38.37
C ASN B 210 -11.13 -0.87 37.28
N ASN B 211 -10.67 -1.03 36.04
CA ASN B 211 -11.09 -0.18 34.93
C ASN B 211 -11.94 -0.98 33.94
N PRO B 212 -13.25 -0.73 33.87
CA PRO B 212 -14.07 -1.39 32.86
C PRO B 212 -14.15 -0.60 31.56
N VAL B 213 -14.17 -1.33 30.46
CA VAL B 213 -14.41 -0.75 29.15
C VAL B 213 -15.70 -1.36 28.60
N LEU B 214 -16.61 -0.50 28.13
CA LEU B 214 -17.91 -0.95 27.67
C LEU B 214 -17.82 -1.30 26.19
N ILE B 215 -17.52 -2.56 25.92
CA ILE B 215 -17.26 -3.04 24.56
C ILE B 215 -18.60 -3.21 23.88
N GLY B 216 -19.02 -2.21 23.11
CA GLY B 216 -20.35 -2.21 22.53
C GLY B 216 -20.37 -1.66 21.14
N GLU B 217 -21.32 -2.15 20.36
CA GLU B 217 -21.50 -1.72 18.99
C GLU B 217 -22.09 -0.30 19.05
N PRO B 218 -21.79 0.57 18.08
CA PRO B 218 -22.40 1.92 18.10
C PRO B 218 -23.90 1.87 17.90
N GLY B 219 -24.61 2.73 18.62
CA GLY B 219 -26.05 2.77 18.59
C GLY B 219 -26.74 1.95 19.65
N VAL B 220 -25.99 1.38 20.59
CA VAL B 220 -26.56 0.48 21.60
C VAL B 220 -26.76 1.16 22.94
N GLY B 221 -26.02 2.23 23.22
CA GLY B 221 -26.17 2.90 24.51
C GLY B 221 -24.99 2.73 25.44
N LYS B 222 -23.77 2.80 24.88
CA LYS B 222 -22.58 2.73 25.70
C LYS B 222 -22.49 3.92 26.66
N THR B 223 -22.79 5.12 26.16
CA THR B 223 -22.87 6.28 27.05
C THR B 223 -24.10 6.21 27.93
N ALA B 224 -25.15 5.53 27.48
CA ALA B 224 -26.36 5.38 28.27
C ALA B 224 -26.09 4.59 29.54
N VAL B 225 -25.23 3.58 29.47
CA VAL B 225 -24.86 2.81 30.66
C VAL B 225 -24.18 3.72 31.69
N VAL B 226 -23.30 4.60 31.22
CA VAL B 226 -22.58 5.49 32.14
C VAL B 226 -23.52 6.52 32.74
N GLU B 227 -24.44 7.07 31.95
CA GLU B 227 -25.39 8.03 32.53
C GLU B 227 -26.34 7.33 33.51
N GLY B 228 -26.69 6.07 33.24
CA GLY B 228 -27.45 5.32 34.22
C GLY B 228 -26.68 5.07 35.48
N LEU B 229 -25.38 4.80 35.37
CA LEU B 229 -24.54 4.67 36.57
C LEU B 229 -24.49 5.98 37.35
N ALA B 230 -24.39 7.11 36.65
CA ALA B 230 -24.38 8.40 37.32
C ALA B 230 -25.69 8.66 38.04
N GLN B 231 -26.82 8.31 37.39
CA GLN B 231 -28.12 8.47 38.05
C GLN B 231 -28.24 7.54 39.25
N ALA B 232 -27.67 6.34 39.15
CA ALA B 232 -27.66 5.44 40.30
C ALA B 232 -26.83 6.02 41.45
N ILE B 233 -25.70 6.65 41.12
CA ILE B 233 -24.84 7.24 42.14
C ILE B 233 -25.55 8.38 42.84
N VAL B 234 -26.21 9.26 42.07
CA VAL B 234 -26.90 10.39 42.70
C VAL B 234 -28.14 9.92 43.45
N HIS B 235 -28.79 8.84 43.01
CA HIS B 235 -29.93 8.29 43.73
C HIS B 235 -29.51 7.38 44.88
N GLY B 236 -28.21 7.05 44.97
CA GLY B 236 -27.69 6.39 46.15
C GLY B 236 -27.98 4.91 46.29
N GLU B 237 -28.26 4.21 45.20
CA GLU B 237 -28.49 2.78 45.27
C GLU B 237 -27.22 1.98 45.06
N VAL B 238 -26.10 2.64 44.78
CA VAL B 238 -24.82 1.98 44.53
C VAL B 238 -24.26 1.44 45.85
N PRO B 239 -23.36 0.45 45.83
CA PRO B 239 -22.75 -0.01 47.09
C PRO B 239 -21.87 1.03 47.74
N GLU B 240 -21.32 0.72 48.92
CA GLU B 240 -20.58 1.71 49.71
C GLU B 240 -19.30 2.15 49.01
N THR B 241 -18.74 1.32 48.14
CA THR B 241 -17.50 1.69 47.48
C THR B 241 -17.69 2.66 46.32
N LEU B 242 -18.93 2.93 45.93
CA LEU B 242 -19.23 3.98 44.97
C LEU B 242 -20.15 5.06 45.54
N LYS B 243 -20.34 5.11 46.85
CA LYS B 243 -21.22 6.10 47.45
C LYS B 243 -20.55 7.47 47.46
N ASP B 244 -21.24 8.45 46.90
CA ASP B 244 -20.80 9.85 46.86
C ASP B 244 -19.45 9.98 46.14
N LYS B 245 -19.42 9.47 44.92
CA LYS B 245 -18.26 9.62 44.05
C LYS B 245 -18.71 10.28 42.76
N GLN B 246 -18.10 11.41 42.44
CA GLN B 246 -18.49 12.21 41.28
C GLN B 246 -17.87 11.62 40.04
N LEU B 247 -18.70 11.28 39.06
CA LEU B 247 -18.25 10.63 37.84
C LEU B 247 -18.01 11.70 36.78
N TYR B 248 -16.74 11.92 36.46
CA TYR B 248 -16.35 12.93 35.47
C TYR B 248 -16.01 12.25 34.15
N THR B 249 -16.53 12.80 33.06
CA THR B 249 -16.05 12.41 31.74
C THR B 249 -14.80 13.20 31.42
N LEU B 250 -13.83 12.54 30.80
CA LEU B 250 -12.56 13.16 30.46
C LEU B 250 -12.57 13.53 28.99
N ASP B 251 -12.52 14.83 28.70
CA ASP B 251 -12.51 15.32 27.33
C ASP B 251 -11.06 15.48 26.92
N LEU B 252 -10.53 14.48 26.19
CA LEU B 252 -9.13 14.51 25.78
C LEU B 252 -8.83 15.64 24.80
N GLY B 253 -9.84 16.13 24.08
CA GLY B 253 -9.61 17.26 23.20
C GLY B 253 -9.23 18.51 23.96
N SER B 254 -9.89 18.76 25.09
CA SER B 254 -9.59 19.94 25.89
C SER B 254 -8.28 19.79 26.65
N LEU B 255 -7.88 18.56 26.98
CA LEU B 255 -6.62 18.33 27.66
C LEU B 255 -5.43 18.73 26.79
N VAL B 256 -5.48 18.41 25.50
CA VAL B 256 -4.40 18.68 24.57
C VAL B 256 -4.76 19.85 23.64
N ALA B 257 -5.69 20.70 24.06
CA ALA B 257 -6.11 21.82 23.22
C ALA B 257 -5.05 22.90 23.16
N GLY B 258 -4.82 23.60 24.27
CA GLY B 258 -3.78 24.60 24.27
C GLY B 258 -2.47 24.08 24.82
N SER B 259 -1.61 23.57 23.95
CA SER B 259 -0.29 23.13 24.38
C SER B 259 0.83 23.92 23.73
N ARG B 260 0.94 23.91 22.39
CA ARG B 260 1.89 24.69 21.62
C ARG B 260 3.35 24.40 21.96
N TYR B 261 3.61 23.47 22.87
CA TYR B 261 4.93 23.23 23.42
C TYR B 261 5.08 21.72 23.56
N ARG B 262 6.09 21.30 24.31
CA ARG B 262 6.29 19.88 24.60
C ARG B 262 5.88 19.50 26.02
N GLY B 263 5.91 20.45 26.95
CA GLY B 263 5.64 20.14 28.34
C GLY B 263 4.30 20.60 28.87
N ASP B 264 3.46 21.24 28.05
CA ASP B 264 2.20 21.76 28.55
C ASP B 264 1.16 20.66 28.76
N PHE B 265 1.05 19.75 27.79
CA PHE B 265 0.04 18.70 27.87
C PHE B 265 0.32 17.74 29.02
N GLU B 266 1.58 17.35 29.20
CA GLU B 266 1.93 16.48 30.31
C GLU B 266 1.75 17.18 31.64
N GLU B 267 1.99 18.50 31.69
CA GLU B 267 1.73 19.23 32.92
C GLU B 267 0.25 19.25 33.26
N ARG B 268 -0.61 19.42 32.24
CA ARG B 268 -2.04 19.37 32.47
C ARG B 268 -2.48 17.99 32.95
N LEU B 269 -1.92 16.93 32.35
CA LEU B 269 -2.23 15.58 32.79
C LEU B 269 -1.79 15.35 34.23
N LYS B 270 -0.60 15.84 34.59
CA LYS B 270 -0.15 15.70 35.97
C LYS B 270 -1.03 16.46 36.94
N LYS B 271 -1.49 17.66 36.55
CA LYS B 271 -2.39 18.41 37.42
C LYS B 271 -3.71 17.68 37.62
N VAL B 272 -4.25 17.10 36.53
CA VAL B 272 -5.50 16.35 36.63
C VAL B 272 -5.34 15.14 37.54
N LEU B 273 -4.27 14.37 37.34
CA LEU B 273 -4.05 13.18 38.14
C LEU B 273 -3.74 13.52 39.59
N LYS B 274 -3.05 14.63 39.84
CA LYS B 274 -2.75 15.03 41.21
C LYS B 274 -4.02 15.50 41.93
N GLU B 275 -4.89 16.22 41.23
CA GLU B 275 -6.16 16.62 41.84
C GLU B 275 -7.03 15.40 42.13
N ILE B 276 -7.04 14.42 41.22
CA ILE B 276 -7.81 13.20 41.46
C ILE B 276 -7.26 12.45 42.66
N ASN B 277 -5.92 12.33 42.74
CA ASN B 277 -5.31 11.62 43.86
C ASN B 277 -5.55 12.33 45.19
N THR B 278 -5.46 13.66 45.20
CA THR B 278 -5.70 14.39 46.45
C THR B 278 -7.19 14.49 46.79
N ARG B 279 -8.08 14.18 45.85
CA ARG B 279 -9.50 14.06 46.16
C ARG B 279 -9.92 12.61 46.37
N GLY B 280 -9.67 11.75 45.39
CA GLY B 280 -9.88 10.33 45.55
C GLY B 280 -11.31 9.87 45.38
N ASP B 281 -12.25 10.77 45.15
CA ASP B 281 -13.66 10.45 45.01
C ASP B 281 -14.16 10.83 43.63
N ILE B 282 -13.27 10.81 42.64
CA ILE B 282 -13.62 11.18 41.27
C ILE B 282 -13.23 10.02 40.37
N ILE B 283 -14.21 9.49 39.64
CA ILE B 283 -14.02 8.39 38.71
C ILE B 283 -14.00 8.96 37.31
N LEU B 284 -12.97 8.60 36.54
CA LEU B 284 -12.85 9.11 35.19
C LEU B 284 -13.69 8.31 34.22
N PHE B 285 -14.22 9.00 33.22
CA PHE B 285 -14.90 8.37 32.09
C PHE B 285 -14.28 8.91 30.81
N ILE B 286 -13.93 8.02 29.89
CA ILE B 286 -13.26 8.40 28.65
C ILE B 286 -14.11 7.91 27.49
N ASP B 287 -14.89 8.81 26.89
CA ASP B 287 -15.50 8.52 25.61
C ASP B 287 -14.42 8.26 24.58
N GLU B 288 -14.66 7.27 23.72
CA GLU B 288 -13.72 6.86 22.68
C GLU B 288 -12.35 6.53 23.28
N LEU B 289 -12.36 5.48 24.10
CA LEU B 289 -11.21 5.12 24.92
C LEU B 289 -9.96 4.83 24.09
N HIS B 290 -10.13 4.47 22.82
CA HIS B 290 -8.99 4.24 21.94
C HIS B 290 -8.17 5.50 21.68
N THR B 291 -8.69 6.68 22.04
CA THR B 291 -7.94 7.92 21.88
C THR B 291 -6.82 8.08 22.88
N LEU B 292 -6.71 7.21 23.89
CA LEU B 292 -5.59 7.30 24.83
C LEU B 292 -4.27 7.01 24.13
N VAL B 293 -4.23 6.01 23.25
CA VAL B 293 -3.02 5.76 22.48
C VAL B 293 -2.91 6.84 21.40
N GLY B 294 -1.74 7.47 21.32
CA GLY B 294 -1.59 8.64 20.47
C GLY B 294 -2.40 9.83 20.92
N ALA B 295 -2.48 10.06 22.23
CA ALA B 295 -3.20 11.22 22.77
C ALA B 295 -2.28 12.44 22.85
N GLY B 296 -1.73 12.78 21.69
CA GLY B 296 -0.77 13.86 21.60
C GLY B 296 0.64 13.29 21.56
N ALA B 297 1.18 13.14 20.36
CA ALA B 297 2.49 12.51 20.17
C ALA B 297 3.26 13.34 19.16
N ALA B 298 4.01 14.32 19.66
CA ALA B 298 4.89 15.12 18.86
C ALA B 298 6.27 14.48 18.83
N GLU B 299 7.27 15.23 18.37
CA GLU B 299 8.62 14.68 18.34
C GLU B 299 9.16 14.44 19.74
N GLY B 300 8.77 15.27 20.70
CA GLY B 300 9.28 15.15 22.05
C GLY B 300 8.20 15.06 23.11
N ALA B 301 7.13 14.33 22.83
CA ALA B 301 6.00 14.22 23.73
C ALA B 301 5.70 12.77 24.04
N ILE B 302 5.18 12.54 25.25
CA ILE B 302 4.77 11.22 25.70
C ILE B 302 3.24 11.20 25.76
N ASP B 303 2.63 10.26 25.06
CA ASP B 303 1.18 10.21 24.98
C ASP B 303 0.57 9.84 26.34
N ALA B 304 -0.74 10.09 26.46
CA ALA B 304 -1.40 9.92 27.75
C ALA B 304 -1.50 8.46 28.16
N ALA B 305 -1.40 7.54 27.21
CA ALA B 305 -1.46 6.12 27.54
C ALA B 305 -0.29 5.70 28.43
N SER B 306 0.92 6.15 28.10
CA SER B 306 2.09 5.79 28.89
C SER B 306 2.06 6.44 30.26
N ILE B 307 1.42 7.60 30.37
CA ILE B 307 1.25 8.21 31.69
C ILE B 307 0.25 7.41 32.51
N LEU B 308 -0.86 7.01 31.90
CA LEU B 308 -1.94 6.38 32.65
C LEU B 308 -1.65 4.94 33.02
N LYS B 309 -0.84 4.23 32.24
CA LYS B 309 -0.67 2.79 32.45
C LYS B 309 -0.17 2.40 33.84
N PRO B 310 0.87 3.02 34.43
CA PRO B 310 1.24 2.62 35.80
C PRO B 310 0.17 2.88 36.83
N LYS B 311 -0.62 3.94 36.67
CA LYS B 311 -1.71 4.19 37.61
C LYS B 311 -2.86 3.21 37.43
N LEU B 312 -3.10 2.76 36.20
CA LEU B 312 -4.17 1.79 35.98
C LEU B 312 -3.79 0.40 36.46
N ALA B 313 -2.52 0.01 36.28
CA ALA B 313 -2.10 -1.33 36.69
C ALA B 313 -2.16 -1.50 38.20
N ARG B 314 -1.75 -0.49 38.95
CA ARG B 314 -1.77 -0.59 40.41
C ARG B 314 -3.20 -0.43 40.95
N GLY B 315 -4.07 0.20 40.17
CA GLY B 315 -5.45 0.36 40.59
C GLY B 315 -5.70 1.64 41.37
N GLU B 316 -4.77 2.59 41.27
CA GLU B 316 -4.90 3.86 41.97
C GLU B 316 -5.84 4.83 41.26
N LEU B 317 -6.29 4.50 40.05
CA LEU B 317 -7.15 5.37 39.26
C LEU B 317 -8.27 4.53 38.65
N GLN B 318 -9.51 4.96 38.84
CA GLN B 318 -10.68 4.25 38.33
C GLN B 318 -11.17 4.96 37.08
N THR B 319 -11.00 4.32 35.92
CA THR B 319 -11.44 4.88 34.65
C THR B 319 -12.44 3.95 34.00
N ILE B 320 -13.45 4.52 33.35
CA ILE B 320 -14.45 3.77 32.62
C ILE B 320 -14.32 4.12 31.14
N GLY B 321 -14.33 3.09 30.29
CA GLY B 321 -14.17 3.28 28.87
C GLY B 321 -15.37 2.83 28.06
N ALA B 322 -15.56 3.47 26.91
CA ALA B 322 -16.59 3.09 25.96
C ALA B 322 -15.97 3.04 24.57
N THR B 323 -16.12 1.90 23.90
CA THR B 323 -15.38 1.70 22.66
C THR B 323 -16.14 0.71 21.78
N THR B 324 -16.24 1.05 20.50
CA THR B 324 -16.77 0.18 19.46
C THR B 324 -15.94 -1.11 19.39
N LEU B 325 -16.63 -2.22 19.08
CA LEU B 325 -15.95 -3.50 18.89
C LEU B 325 -14.83 -3.38 17.86
N ASP B 326 -15.15 -2.79 16.70
CA ASP B 326 -14.17 -2.67 15.63
C ASP B 326 -13.05 -1.72 16.03
N GLU B 327 -13.39 -0.58 16.65
CA GLU B 327 -12.38 0.35 17.13
C GLU B 327 -11.48 -0.28 18.18
N TYR B 328 -12.06 -1.07 19.09
CA TYR B 328 -11.28 -1.85 20.04
C TYR B 328 -10.27 -2.73 19.33
N ARG B 329 -10.73 -3.50 18.34
CA ARG B 329 -9.83 -4.41 17.64
C ARG B 329 -8.77 -3.67 16.84
N LYS B 330 -9.09 -2.52 16.25
CA LYS B 330 -8.09 -1.79 15.48
C LYS B 330 -7.04 -1.13 16.36
N TYR B 331 -7.44 -0.60 17.52
CA TYR B 331 -6.53 0.24 18.28
C TYR B 331 -6.09 -0.37 19.60
N ILE B 332 -7.02 -0.76 20.47
CA ILE B 332 -6.61 -1.24 21.79
C ILE B 332 -5.99 -2.62 21.68
N GLU B 333 -6.49 -3.45 20.76
CA GLU B 333 -5.93 -4.77 20.54
C GLU B 333 -4.48 -4.71 20.06
N LYS B 334 -4.09 -3.63 19.38
CA LYS B 334 -2.71 -3.47 18.96
C LYS B 334 -1.77 -3.14 20.11
N ASP B 335 -2.30 -2.69 21.24
CA ASP B 335 -1.49 -2.31 22.39
C ASP B 335 -1.93 -3.19 23.57
N ALA B 336 -1.28 -4.36 23.71
CA ALA B 336 -1.66 -5.30 24.74
C ALA B 336 -1.41 -4.78 26.15
N ALA B 337 -0.44 -3.90 26.33
CA ALA B 337 -0.16 -3.36 27.65
C ALA B 337 -1.33 -2.54 28.18
N LEU B 338 -1.94 -1.72 27.33
CA LEU B 338 -3.14 -0.99 27.73
C LEU B 338 -4.38 -1.88 27.68
N GLU B 339 -4.38 -2.87 26.79
CA GLU B 339 -5.49 -3.82 26.71
C GLU B 339 -5.64 -4.61 28.00
N ARG B 340 -4.53 -4.89 28.67
CA ARG B 340 -4.57 -5.66 29.91
C ARG B 340 -5.31 -4.92 31.01
N ARG B 341 -5.12 -3.60 31.08
CA ARG B 341 -5.63 -2.83 32.21
C ARG B 341 -7.14 -2.68 32.20
N PHE B 342 -7.82 -3.01 31.10
CA PHE B 342 -9.25 -2.78 30.96
C PHE B 342 -9.98 -4.10 30.83
N GLN B 343 -11.01 -4.30 31.67
CA GLN B 343 -11.85 -5.48 31.55
C GLN B 343 -12.97 -5.22 30.56
N PRO B 344 -13.12 -6.04 29.53
CA PRO B 344 -14.23 -5.88 28.59
C PRO B 344 -15.57 -6.09 29.28
N VAL B 345 -16.55 -5.28 28.91
CA VAL B 345 -17.93 -5.43 29.36
C VAL B 345 -18.79 -5.50 28.11
N GLN B 346 -19.31 -6.68 27.81
CA GLN B 346 -20.10 -6.90 26.61
C GLN B 346 -21.42 -6.16 26.74
N VAL B 347 -21.65 -5.18 25.87
CA VAL B 347 -22.93 -4.48 25.79
C VAL B 347 -23.56 -4.88 24.46
N GLY B 348 -24.47 -5.85 24.52
CA GLY B 348 -25.11 -6.35 23.31
C GLY B 348 -26.34 -5.55 22.92
N GLU B 349 -26.79 -5.79 21.70
CA GLU B 349 -27.97 -5.10 21.17
C GLU B 349 -29.20 -5.47 21.98
N PRO B 350 -30.02 -4.50 22.38
CA PRO B 350 -31.28 -4.84 23.06
C PRO B 350 -32.22 -5.60 22.15
N THR B 351 -33.05 -6.44 22.75
CA THR B 351 -34.05 -7.18 22.00
C THR B 351 -35.24 -6.27 21.67
N VAL B 352 -36.27 -6.86 21.07
CA VAL B 352 -37.45 -6.09 20.68
C VAL B 352 -38.18 -5.57 21.92
N GLU B 353 -38.43 -6.45 22.88
CA GLU B 353 -39.16 -6.06 24.09
C GLU B 353 -38.37 -5.06 24.91
N HIS B 354 -37.04 -5.20 24.95
CA HIS B 354 -36.21 -4.22 25.61
C HIS B 354 -36.31 -2.86 24.94
N THR B 355 -36.37 -2.85 23.60
CA THR B 355 -36.53 -1.60 22.88
C THR B 355 -37.89 -0.96 23.17
N ILE B 356 -38.93 -1.78 23.28
CA ILE B 356 -40.25 -1.25 23.64
C ILE B 356 -40.22 -0.65 25.04
N GLU B 357 -39.54 -1.31 25.98
CA GLU B 357 -39.42 -0.77 27.34
C GLU B 357 -38.67 0.55 27.33
N ILE B 358 -37.61 0.64 26.53
CA ILE B 358 -36.85 1.89 26.41
C ILE B 358 -37.73 3.00 25.85
N LEU B 359 -38.54 2.68 24.84
CA LEU B 359 -39.44 3.67 24.26
C LEU B 359 -40.50 4.11 25.26
N LYS B 360 -41.03 3.17 26.06
CA LYS B 360 -41.96 3.55 27.12
C LYS B 360 -41.30 4.45 28.15
N GLY B 361 -40.01 4.23 28.42
CA GLY B 361 -39.30 5.14 29.31
C GLY B 361 -39.13 6.53 28.73
N LEU B 362 -38.86 6.59 27.43
CA LEU B 362 -38.58 7.86 26.76
C LEU B 362 -39.83 8.58 26.26
N ARG B 363 -41.01 7.97 26.45
CA ARG B 363 -42.27 8.61 26.07
C ARG B 363 -42.41 10.01 26.66
N ASP B 364 -42.17 10.16 27.95
CA ASP B 364 -42.40 11.45 28.60
C ASP B 364 -41.51 12.54 28.01
N ARG B 365 -40.22 12.22 27.79
CA ARG B 365 -39.30 13.22 27.24
C ARG B 365 -39.66 13.58 25.81
N TYR B 366 -39.99 12.58 24.98
CA TYR B 366 -40.25 12.90 23.59
C TYR B 366 -41.60 13.58 23.41
N GLU B 367 -42.57 13.25 24.26
CA GLU B 367 -43.86 13.94 24.24
C GLU B 367 -43.70 15.39 24.72
N ALA B 368 -42.84 15.62 25.71
CA ALA B 368 -42.59 16.99 26.14
C ALA B 368 -41.84 17.78 25.08
N HIS B 369 -40.93 17.13 24.35
CA HIS B 369 -40.16 17.83 23.33
C HIS B 369 -41.01 18.17 22.11
N HIS B 370 -41.79 17.22 21.62
CA HIS B 370 -42.55 17.45 20.39
C HIS B 370 -43.97 17.97 20.64
N ARG B 371 -44.39 18.07 21.90
CA ARG B 371 -45.76 18.48 22.28
C ARG B 371 -46.82 17.62 21.59
N VAL B 372 -46.55 16.32 21.49
CA VAL B 372 -47.48 15.38 20.87
C VAL B 372 -47.83 14.29 21.86
N SER B 373 -48.61 13.31 21.41
CA SER B 373 -49.03 12.18 22.24
C SER B 373 -48.60 10.89 21.57
N ILE B 374 -47.86 10.05 22.29
CA ILE B 374 -47.37 8.78 21.77
C ILE B 374 -48.22 7.66 22.35
N THR B 375 -48.66 6.74 21.49
CA THR B 375 -49.46 5.60 21.92
C THR B 375 -48.61 4.33 21.90
N ASP B 376 -49.06 3.34 22.68
CA ASP B 376 -48.30 2.10 22.86
C ASP B 376 -48.19 1.31 21.55
N ALA B 377 -49.28 1.28 20.77
CA ALA B 377 -49.25 0.61 19.48
C ALA B 377 -48.23 1.23 18.54
N ALA B 378 -48.13 2.56 18.53
CA ALA B 378 -47.12 3.22 17.72
C ALA B 378 -45.71 2.81 18.14
N MET B 379 -45.50 2.65 19.45
CA MET B 379 -44.19 2.28 19.96
C MET B 379 -43.82 0.85 19.60
N VAL B 380 -44.72 -0.10 19.81
CA VAL B 380 -44.42 -1.50 19.49
C VAL B 380 -44.27 -1.67 17.98
N ALA B 381 -45.05 -0.90 17.20
CA ALA B 381 -44.88 -0.92 15.76
C ALA B 381 -43.52 -0.37 15.36
N ALA B 382 -43.09 0.72 16.00
CA ALA B 382 -41.77 1.28 15.69
C ALA B 382 -40.66 0.29 15.99
N ALA B 383 -40.74 -0.38 17.15
CA ALA B 383 -39.70 -1.33 17.52
C ALA B 383 -39.67 -2.52 16.56
N THR B 384 -40.85 -3.13 16.30
CA THR B 384 -40.89 -4.31 15.44
C THR B 384 -40.49 -3.98 14.01
N LEU B 385 -41.03 -2.90 13.44
CA LEU B 385 -40.69 -2.49 12.09
C LEU B 385 -39.25 -2.06 11.97
N ALA B 386 -38.66 -1.46 13.02
CA ALA B 386 -37.26 -1.09 12.96
C ALA B 386 -36.36 -2.30 13.00
N ASP B 387 -36.71 -3.31 13.81
CA ASP B 387 -35.90 -4.52 13.82
C ASP B 387 -36.13 -5.36 12.58
N ARG B 388 -37.23 -5.14 11.87
CA ARG B 388 -37.55 -5.96 10.70
C ARG B 388 -36.81 -5.50 9.46
N TYR B 389 -36.65 -4.18 9.28
CA TYR B 389 -36.20 -3.67 7.99
C TYR B 389 -34.87 -2.92 8.05
N ILE B 390 -34.70 -2.00 9.00
CA ILE B 390 -33.47 -1.23 9.08
C ILE B 390 -32.35 -2.12 9.60
N ASN B 391 -31.25 -2.19 8.85
CA ASN B 391 -30.10 -3.00 9.23
C ASN B 391 -28.81 -2.20 9.06
N ASP B 392 -28.94 -0.88 9.00
CA ASP B 392 -27.78 0.00 8.89
C ASP B 392 -27.39 0.66 10.20
N ARG B 393 -28.25 0.61 11.22
CA ARG B 393 -27.95 1.07 12.56
C ARG B 393 -28.45 -0.01 13.52
N PHE B 394 -28.49 0.31 14.81
CA PHE B 394 -28.78 -0.70 15.82
C PHE B 394 -29.78 -0.19 16.84
N LEU B 395 -30.49 -1.12 17.47
CA LEU B 395 -31.44 -0.77 18.50
C LEU B 395 -30.70 -0.27 19.75
N PRO B 396 -31.32 0.64 20.52
CA PRO B 396 -32.62 1.27 20.32
C PRO B 396 -32.49 2.57 19.56
N ASP B 397 -31.36 2.79 18.88
CA ASP B 397 -31.14 4.03 18.16
C ASP B 397 -32.13 4.15 17.00
N LYS B 398 -32.40 3.05 16.30
CA LYS B 398 -33.28 3.11 15.13
C LYS B 398 -34.73 3.40 15.53
N ALA B 399 -35.23 2.75 16.58
CA ALA B 399 -36.61 3.01 16.99
C ALA B 399 -36.77 4.42 17.54
N ILE B 400 -35.74 4.91 18.26
CA ILE B 400 -35.74 6.29 18.73
C ILE B 400 -35.75 7.25 17.55
N ASP B 401 -34.97 6.95 16.51
CA ASP B 401 -34.99 7.79 15.31
C ASP B 401 -36.37 7.78 14.65
N LEU B 402 -37.02 6.61 14.58
CA LEU B 402 -38.34 6.55 13.97
C LEU B 402 -39.35 7.38 14.76
N ILE B 403 -39.39 7.21 16.08
CA ILE B 403 -40.34 7.96 16.91
C ILE B 403 -40.05 9.46 16.84
N ASP B 404 -38.77 9.83 16.92
CA ASP B 404 -38.38 11.23 16.88
C ASP B 404 -38.73 11.85 15.54
N GLU B 405 -38.51 11.12 14.45
CA GLU B 405 -38.83 11.60 13.11
C GLU B 405 -40.33 11.79 12.94
N ALA B 406 -41.13 10.85 13.46
CA ALA B 406 -42.59 10.98 13.37
C ALA B 406 -43.08 12.19 14.16
N GLY B 407 -42.54 12.36 15.37
CA GLY B 407 -42.92 13.53 16.16
C GLY B 407 -42.53 14.83 15.48
N ALA B 408 -41.34 14.86 14.88
CA ALA B 408 -40.93 16.04 14.13
C ALA B 408 -41.83 16.28 12.93
N ARG B 409 -42.29 15.20 12.29
CA ARG B 409 -43.20 15.36 11.15
C ARG B 409 -44.52 15.96 11.57
N MET B 410 -45.08 15.51 12.70
CA MET B 410 -46.29 16.16 13.21
C MET B 410 -46.04 17.61 13.62
N ARG B 411 -44.89 17.89 14.22
CA ARG B 411 -44.59 19.28 14.59
C ARG B 411 -44.48 20.18 13.38
N ILE B 412 -43.87 19.69 12.30
CA ILE B 412 -43.73 20.48 11.08
C ILE B 412 -45.07 20.65 10.39
N ARG B 413 -45.86 19.58 10.33
CA ARG B 413 -47.18 19.65 9.68
C ARG B 413 -48.11 20.58 10.44
N ARG B 414 -48.02 20.60 11.77
CA ARG B 414 -48.83 21.50 12.57
C ARG B 414 -48.46 22.96 12.34
N MET B 415 -47.18 23.26 12.23
CA MET B 415 -46.74 24.63 12.05
C MET B 415 -46.27 24.86 10.62
N VAL B 476 -55.53 17.94 19.46
CA VAL B 476 -54.11 17.72 19.69
C VAL B 476 -53.52 16.86 18.58
N ALA B 477 -52.26 16.45 18.75
CA ALA B 477 -51.56 15.63 17.79
C ALA B 477 -51.36 14.24 18.36
N GLU B 478 -51.70 13.22 17.57
CA GLU B 478 -51.58 11.83 17.98
C GLU B 478 -50.68 11.10 17.00
N VAL B 479 -49.76 10.29 17.52
CA VAL B 479 -48.83 9.52 16.71
C VAL B 479 -49.26 8.05 16.78
N ASP B 480 -49.55 7.46 15.62
CA ASP B 480 -50.07 6.11 15.57
C ASP B 480 -49.23 5.24 14.64
N ASP B 481 -49.75 4.03 14.34
CA ASP B 481 -49.03 3.09 13.49
C ASP B 481 -48.87 3.62 12.08
N GLU B 482 -49.84 4.36 11.57
CA GLU B 482 -49.76 4.90 10.22
C GLU B 482 -48.62 5.88 10.08
N GLN B 483 -48.40 6.74 11.08
CA GLN B 483 -47.31 7.70 11.01
C GLN B 483 -45.96 7.00 11.02
N ILE B 484 -45.81 5.97 11.86
CA ILE B 484 -44.54 5.25 11.93
C ILE B 484 -44.29 4.50 10.63
N ALA B 485 -45.34 3.90 10.06
CA ALA B 485 -45.20 3.23 8.76
C ALA B 485 -44.80 4.22 7.68
N GLU B 486 -45.41 5.41 7.69
CA GLU B 486 -45.04 6.46 6.74
C GLU B 486 -43.59 6.87 6.91
N VAL B 487 -43.13 6.99 8.15
CA VAL B 487 -41.75 7.40 8.41
C VAL B 487 -40.78 6.34 7.90
N LEU B 488 -41.08 5.06 8.16
CA LEU B 488 -40.19 3.99 7.71
C LEU B 488 -40.17 3.89 6.18
N GLY B 489 -41.34 4.02 5.55
CA GLY B 489 -41.39 3.99 4.10
C GLY B 489 -40.69 5.16 3.46
N ASN B 490 -40.76 6.34 4.08
CA ASN B 490 -40.01 7.49 3.61
C ASN B 490 -38.52 7.30 3.81
N TRP B 491 -38.13 6.63 4.90
CA TRP B 491 -36.72 6.45 5.23
C TRP B 491 -36.06 5.47 4.28
N THR B 492 -36.50 4.21 4.29
CA THR B 492 -35.78 3.16 3.58
C THR B 492 -36.39 2.81 2.24
N GLY B 493 -37.55 3.38 1.90
CA GLY B 493 -38.22 3.04 0.65
C GLY B 493 -38.97 1.73 0.66
N ILE B 494 -38.98 1.02 1.78
CA ILE B 494 -39.72 -0.24 1.90
C ILE B 494 -41.20 0.07 1.96
N PRO B 495 -42.02 -0.45 1.05
CA PRO B 495 -43.46 -0.20 1.13
C PRO B 495 -44.11 -1.07 2.18
N VAL B 496 -44.39 -0.50 3.36
CA VAL B 496 -45.13 -1.16 4.43
C VAL B 496 -46.04 -0.07 5.01
N PHE B 497 -47.31 -0.09 4.61
CA PHE B 497 -48.27 0.88 5.11
C PHE B 497 -49.60 0.16 5.33
N LYS B 498 -50.46 0.76 6.14
CA LYS B 498 -51.81 0.25 6.29
C LYS B 498 -52.57 0.41 4.99
N LEU B 499 -53.32 -0.62 4.60
CA LEU B 499 -53.95 -0.66 3.29
C LEU B 499 -55.18 0.23 3.29
N THR B 500 -55.10 1.35 2.58
CA THR B 500 -56.27 2.20 2.36
C THR B 500 -57.13 1.60 1.24
N GLU B 501 -58.29 2.22 1.01
CA GLU B 501 -59.21 1.72 -0.02
C GLU B 501 -58.58 1.82 -1.41
N ALA B 502 -57.91 2.94 -1.69
CA ALA B 502 -57.26 3.10 -2.99
C ALA B 502 -56.17 2.06 -3.19
N GLU B 503 -55.35 1.82 -2.17
CA GLU B 503 -54.27 0.86 -2.28
C GLU B 503 -54.79 -0.56 -2.46
N THR B 504 -55.82 -0.94 -1.71
CA THR B 504 -56.33 -2.30 -1.84
C THR B 504 -57.09 -2.49 -3.14
N THR B 505 -57.75 -1.45 -3.67
CA THR B 505 -58.36 -1.57 -4.98
C THR B 505 -57.30 -1.70 -6.07
N ARG B 506 -56.20 -0.96 -5.93
CA ARG B 506 -55.08 -1.11 -6.85
C ARG B 506 -54.50 -2.51 -6.79
N LEU B 507 -54.36 -3.06 -5.59
CA LEU B 507 -53.84 -4.42 -5.44
C LEU B 507 -54.78 -5.45 -6.05
N LEU B 508 -56.09 -5.26 -5.88
CA LEU B 508 -57.04 -6.23 -6.44
C LEU B 508 -57.14 -6.11 -7.95
N ARG B 509 -56.94 -4.92 -8.49
CA ARG B 509 -56.95 -4.71 -9.94
C ARG B 509 -55.57 -4.87 -10.56
N MET B 510 -54.56 -5.22 -9.76
CA MET B 510 -53.20 -5.38 -10.25
C MET B 510 -53.08 -6.37 -11.39
N GLU B 511 -53.97 -7.37 -11.47
CA GLU B 511 -53.96 -8.30 -12.60
C GLU B 511 -54.14 -7.55 -13.92
N GLU B 512 -55.27 -6.86 -14.08
CA GLU B 512 -55.50 -6.10 -15.31
C GLU B 512 -54.56 -4.91 -15.44
N GLU B 513 -54.07 -4.38 -14.31
CA GLU B 513 -53.09 -3.30 -14.38
C GLU B 513 -51.80 -3.78 -15.03
N LEU B 514 -51.36 -4.99 -14.68
CA LEU B 514 -50.27 -5.62 -15.42
C LEU B 514 -50.66 -5.94 -16.85
N HIS B 515 -51.93 -6.31 -17.07
CA HIS B 515 -52.38 -6.63 -18.43
C HIS B 515 -52.36 -5.43 -19.36
N LYS B 516 -52.26 -4.20 -18.84
CA LYS B 516 -52.08 -3.05 -19.70
C LYS B 516 -50.73 -3.06 -20.41
N ARG B 517 -49.74 -3.75 -19.85
CA ARG B 517 -48.45 -3.90 -20.49
C ARG B 517 -48.03 -5.36 -20.66
N ILE B 518 -48.89 -6.31 -20.29
CA ILE B 518 -48.61 -7.73 -20.46
C ILE B 518 -49.77 -8.34 -21.23
N ILE B 519 -49.46 -9.11 -22.27
CA ILE B 519 -50.49 -9.63 -23.16
C ILE B 519 -50.63 -11.13 -22.91
N GLY B 520 -51.89 -11.58 -22.80
CA GLY B 520 -52.16 -12.99 -22.52
C GLY B 520 -51.52 -13.44 -21.23
N GLN B 521 -51.11 -14.71 -21.20
CA GLN B 521 -50.28 -15.30 -20.16
C GLN B 521 -50.90 -15.09 -18.77
N GLU B 522 -52.11 -15.64 -18.62
CA GLU B 522 -52.89 -15.39 -17.42
C GLU B 522 -52.26 -16.06 -16.21
N ASP B 523 -51.60 -17.21 -16.39
CA ASP B 523 -51.00 -17.92 -15.26
C ASP B 523 -49.86 -17.12 -14.65
N ALA B 524 -49.02 -16.52 -15.49
CA ALA B 524 -47.85 -15.78 -14.98
C ALA B 524 -48.28 -14.55 -14.19
N VAL B 525 -49.19 -13.75 -14.77
CA VAL B 525 -49.64 -12.54 -14.08
C VAL B 525 -50.44 -12.90 -12.83
N LYS B 526 -51.20 -14.00 -12.88
CA LYS B 526 -51.92 -14.45 -11.69
C LYS B 526 -50.96 -14.83 -10.57
N ALA B 527 -49.94 -15.61 -10.88
CA ALA B 527 -48.97 -16.01 -9.87
C ALA B 527 -48.21 -14.80 -9.31
N VAL B 528 -47.83 -13.88 -10.19
CA VAL B 528 -47.09 -12.69 -9.76
C VAL B 528 -47.95 -11.81 -8.85
N SER B 529 -49.19 -11.55 -9.27
CA SER B 529 -50.08 -10.71 -8.46
C SER B 529 -50.40 -11.39 -7.14
N LYS B 530 -50.56 -12.71 -7.16
CA LYS B 530 -50.80 -13.45 -5.92
C LYS B 530 -49.62 -13.34 -4.96
N ALA B 531 -48.40 -13.45 -5.49
CA ALA B 531 -47.22 -13.36 -4.64
C ALA B 531 -47.06 -11.96 -4.07
N ILE B 532 -47.29 -10.93 -4.89
CA ILE B 532 -47.18 -9.56 -4.40
C ILE B 532 -48.28 -9.26 -3.38
N ARG B 533 -49.49 -9.79 -3.60
CA ARG B 533 -50.56 -9.64 -2.63
C ARG B 533 -50.23 -10.33 -1.32
N ARG B 534 -49.61 -11.51 -1.40
CA ARG B 534 -49.19 -12.23 -0.20
C ARG B 534 -48.13 -11.46 0.57
N THR B 535 -47.14 -10.92 -0.12
CA THR B 535 -46.07 -10.22 0.60
C THR B 535 -46.51 -8.84 1.07
N ARG B 536 -47.55 -8.29 0.48
CA ARG B 536 -48.07 -6.99 0.92
C ARG B 536 -49.11 -7.13 2.03
N ALA B 537 -49.79 -8.28 2.10
CA ALA B 537 -50.79 -8.50 3.14
C ALA B 537 -50.20 -8.64 4.53
N GLY B 538 -48.87 -8.73 4.66
CA GLY B 538 -48.23 -8.94 5.93
C GLY B 538 -48.08 -10.39 6.31
N LEU B 539 -48.66 -11.31 5.54
CA LEU B 539 -48.56 -12.74 5.80
C LEU B 539 -47.53 -13.36 4.87
N LYS B 540 -46.27 -13.22 5.26
CA LYS B 540 -45.17 -13.80 4.49
C LYS B 540 -44.13 -14.37 5.44
N ASP B 541 -43.32 -15.28 4.92
CA ASP B 541 -42.22 -15.81 5.68
C ASP B 541 -41.12 -14.76 5.76
N PRO B 542 -40.75 -14.28 6.95
CA PRO B 542 -39.71 -13.25 7.04
C PRO B 542 -38.36 -13.71 6.52
N LYS B 543 -38.08 -15.01 6.62
CA LYS B 543 -36.78 -15.53 6.19
C LYS B 543 -36.62 -15.43 4.67
N ARG B 544 -37.61 -15.87 3.92
CA ARG B 544 -37.47 -15.93 2.48
C ARG B 544 -37.84 -14.59 1.85
N PRO B 545 -37.38 -14.33 0.61
CA PRO B 545 -37.78 -13.09 -0.07
C PRO B 545 -39.27 -12.98 -0.35
N SER B 546 -39.69 -11.82 -0.87
CA SER B 546 -41.09 -11.60 -1.20
C SER B 546 -41.54 -12.55 -2.30
N GLY B 547 -40.70 -12.77 -3.30
CA GLY B 547 -41.04 -13.68 -4.38
C GLY B 547 -39.83 -14.22 -5.10
N SER B 548 -39.90 -15.46 -5.56
CA SER B 548 -38.83 -16.10 -6.33
C SER B 548 -39.48 -16.75 -7.55
N PHE B 549 -39.29 -16.15 -8.71
CA PHE B 549 -39.88 -16.65 -9.94
C PHE B 549 -38.80 -17.00 -10.95
N ILE B 550 -38.99 -18.12 -11.65
CA ILE B 550 -38.13 -18.53 -12.74
C ILE B 550 -39.02 -18.72 -13.98
N PHE B 551 -38.61 -18.13 -15.09
CA PHE B 551 -39.42 -18.08 -16.30
C PHE B 551 -38.77 -18.92 -17.40
N ALA B 552 -39.56 -19.75 -18.06
CA ALA B 552 -39.06 -20.59 -19.14
C ALA B 552 -40.05 -20.58 -20.30
N GLY B 553 -39.53 -20.83 -21.50
CA GLY B 553 -40.34 -20.89 -22.69
C GLY B 553 -39.61 -20.38 -23.92
N PRO B 554 -40.32 -20.33 -25.05
CA PRO B 554 -39.74 -19.76 -26.28
C PRO B 554 -39.32 -18.31 -26.11
N SER B 555 -38.39 -17.85 -26.95
CA SER B 555 -37.87 -16.50 -26.83
C SER B 555 -38.88 -15.48 -27.35
N GLY B 556 -38.69 -14.23 -26.92
CA GLY B 556 -39.51 -13.13 -27.39
C GLY B 556 -40.98 -13.20 -27.02
N VAL B 557 -41.27 -13.51 -25.76
CA VAL B 557 -42.65 -13.67 -25.29
C VAL B 557 -43.05 -12.56 -24.33
N GLY B 558 -42.14 -12.12 -23.47
CA GLY B 558 -42.51 -11.14 -22.47
C GLY B 558 -42.04 -11.42 -21.07
N LYS B 559 -41.05 -12.32 -20.94
CA LYS B 559 -40.48 -12.61 -19.62
C LYS B 559 -39.86 -11.37 -19.00
N THR B 560 -39.13 -10.58 -19.77
CA THR B 560 -38.59 -9.32 -19.27
C THR B 560 -39.61 -8.19 -19.27
N GLU B 561 -40.59 -8.24 -20.17
CA GLU B 561 -41.62 -7.22 -20.20
C GLU B 561 -42.50 -7.27 -18.95
N LEU B 562 -42.75 -8.49 -18.45
CA LEU B 562 -43.46 -8.64 -17.18
C LEU B 562 -42.70 -7.95 -16.06
N SER B 563 -41.38 -8.14 -16.01
CA SER B 563 -40.57 -7.49 -14.97
C SER B 563 -40.58 -5.99 -15.12
N LYS B 564 -40.51 -5.49 -16.35
CA LYS B 564 -40.51 -4.04 -16.57
C LYS B 564 -41.84 -3.43 -16.14
N ALA B 565 -42.95 -4.09 -16.48
CA ALA B 565 -44.26 -3.61 -16.05
C ALA B 565 -44.39 -3.67 -14.53
N LEU B 566 -43.86 -4.73 -13.91
CA LEU B 566 -43.89 -4.85 -12.46
C LEU B 566 -43.09 -3.73 -11.81
N ALA B 567 -41.92 -3.42 -12.38
CA ALA B 567 -41.08 -2.35 -11.83
C ALA B 567 -41.76 -1.00 -11.97
N ASN B 568 -42.41 -0.76 -13.12
CA ASN B 568 -43.13 0.50 -13.29
C ASN B 568 -44.33 0.59 -12.35
N PHE B 569 -44.99 -0.53 -12.07
CA PHE B 569 -46.14 -0.51 -11.18
C PHE B 569 -45.71 -0.30 -9.73
N LEU B 570 -44.65 -0.97 -9.30
CA LEU B 570 -44.20 -0.85 -7.91
C LEU B 570 -43.49 0.47 -7.66
N PHE B 571 -42.79 1.00 -8.65
CA PHE B 571 -41.88 2.12 -8.43
C PHE B 571 -42.25 3.36 -9.21
N GLY B 572 -42.73 3.22 -10.44
CA GLY B 572 -42.90 4.35 -11.33
C GLY B 572 -41.70 4.64 -12.19
N ASP B 573 -40.55 4.01 -11.91
CA ASP B 573 -39.36 4.15 -12.73
C ASP B 573 -38.97 2.77 -13.24
N ASP B 574 -38.90 2.63 -14.57
CA ASP B 574 -38.47 1.37 -15.15
C ASP B 574 -36.98 1.12 -14.89
N ASP B 575 -36.21 2.20 -14.69
CA ASP B 575 -34.78 2.09 -14.43
C ASP B 575 -34.47 1.65 -13.01
N ALA B 576 -35.45 1.60 -12.12
CA ALA B 576 -35.26 1.09 -10.77
C ALA B 576 -35.10 -0.43 -10.72
N LEU B 577 -35.38 -1.12 -11.82
CA LEU B 577 -35.19 -2.56 -11.87
C LEU B 577 -33.70 -2.87 -12.00
N ILE B 578 -33.17 -3.62 -11.04
CA ILE B 578 -31.79 -4.08 -11.11
C ILE B 578 -31.73 -5.30 -12.02
N GLN B 579 -31.12 -5.13 -13.20
CA GLN B 579 -31.00 -6.20 -14.17
C GLN B 579 -29.55 -6.66 -14.22
N ILE B 580 -29.34 -7.96 -14.10
CA ILE B 580 -28.00 -8.55 -14.12
C ILE B 580 -27.92 -9.47 -15.33
N ASP B 581 -27.02 -9.17 -16.25
CA ASP B 581 -26.83 -9.99 -17.45
C ASP B 581 -25.90 -11.13 -17.10
N MET B 582 -26.44 -12.35 -17.09
CA MET B 582 -25.67 -13.54 -16.73
C MET B 582 -24.96 -14.16 -17.91
N GLY B 583 -24.90 -13.47 -19.05
CA GLY B 583 -24.09 -13.92 -20.16
C GLY B 583 -22.63 -13.53 -20.09
N GLU B 584 -22.25 -12.72 -19.10
CA GLU B 584 -20.87 -12.31 -18.94
C GLU B 584 -20.08 -13.19 -17.97
N PHE B 585 -20.73 -14.18 -17.37
CA PHE B 585 -20.07 -15.09 -16.43
C PHE B 585 -19.95 -16.46 -17.12
N HIS B 586 -18.71 -16.87 -17.40
CA HIS B 586 -18.47 -18.19 -17.97
C HIS B 586 -17.29 -18.90 -17.31
N ASP B 587 -16.68 -18.29 -16.30
CA ASP B 587 -15.50 -18.86 -15.66
C ASP B 587 -15.66 -18.73 -14.15
N ARG B 588 -14.66 -19.25 -13.43
CA ARG B 588 -14.69 -19.19 -11.97
C ARG B 588 -14.49 -17.79 -11.42
N PHE B 589 -13.64 -16.99 -12.04
CA PHE B 589 -13.20 -15.75 -11.41
C PHE B 589 -14.22 -14.62 -11.54
N THR B 590 -15.14 -14.73 -12.49
CA THR B 590 -16.07 -13.64 -12.76
C THR B 590 -17.14 -13.47 -11.68
N ALA B 591 -17.32 -14.46 -10.80
CA ALA B 591 -18.26 -14.31 -9.70
C ALA B 591 -17.79 -13.27 -8.69
N SER B 592 -16.48 -13.09 -8.56
CA SER B 592 -15.94 -12.15 -7.59
C SER B 592 -16.35 -10.72 -7.89
N ARG B 593 -16.32 -10.32 -9.16
CA ARG B 593 -16.72 -8.97 -9.52
C ARG B 593 -18.20 -8.72 -9.26
N LEU B 594 -19.02 -9.76 -9.27
CA LEU B 594 -20.44 -9.62 -8.99
C LEU B 594 -20.77 -9.64 -7.51
N PHE B 595 -20.08 -10.47 -6.72
CA PHE B 595 -20.37 -10.58 -5.29
C PHE B 595 -19.41 -9.83 -4.39
N GLY B 596 -18.15 -9.71 -4.78
CA GLY B 596 -17.15 -9.13 -3.91
C GLY B 596 -15.84 -9.88 -3.96
N ALA B 597 -14.75 -9.17 -4.21
CA ALA B 597 -13.45 -9.80 -4.27
C ALA B 597 -12.99 -10.22 -2.88
N PRO B 598 -12.30 -11.35 -2.76
CA PRO B 598 -11.82 -11.81 -1.46
C PRO B 598 -10.75 -10.87 -0.91
N PRO B 599 -10.57 -10.83 0.40
CA PRO B 599 -9.44 -10.06 0.97
C PRO B 599 -8.12 -10.58 0.43
N GLY B 600 -7.21 -9.65 0.14
CA GLY B 600 -5.92 -9.95 -0.43
C GLY B 600 -5.88 -9.89 -1.94
N TYR B 601 -7.03 -9.71 -2.59
CA TYR B 601 -7.09 -9.67 -4.04
C TYR B 601 -7.65 -8.34 -4.52
N VAL B 602 -7.53 -8.11 -5.84
CA VAL B 602 -7.85 -6.82 -6.41
C VAL B 602 -9.36 -6.58 -6.41
N GLY B 603 -9.74 -5.36 -6.06
CA GLY B 603 -11.14 -5.00 -5.98
C GLY B 603 -11.83 -5.36 -4.68
N TYR B 604 -11.08 -5.73 -3.65
CA TYR B 604 -11.71 -6.07 -2.38
C TYR B 604 -12.31 -4.85 -1.71
N GLU B 605 -11.65 -3.70 -1.84
CA GLU B 605 -12.13 -2.48 -1.19
C GLU B 605 -13.38 -1.91 -1.83
N GLU B 606 -13.68 -2.27 -3.08
CA GLU B 606 -14.90 -1.81 -3.74
C GLU B 606 -16.02 -2.83 -3.66
N GLY B 607 -15.71 -4.10 -3.40
CA GLY B 607 -16.74 -5.11 -3.24
C GLY B 607 -17.40 -5.49 -4.55
N GLY B 608 -18.53 -6.18 -4.41
CA GLY B 608 -19.30 -6.59 -5.57
C GLY B 608 -20.26 -5.53 -6.05
N GLN B 609 -20.57 -5.59 -7.34
CA GLN B 609 -21.48 -4.62 -7.93
C GLN B 609 -22.91 -4.80 -7.43
N LEU B 610 -23.36 -6.06 -7.37
CA LEU B 610 -24.75 -6.34 -7.03
C LEU B 610 -25.03 -6.10 -5.55
N THR B 611 -24.11 -6.52 -4.67
CA THR B 611 -24.33 -6.43 -3.23
C THR B 611 -24.46 -4.97 -2.79
N GLU B 612 -23.59 -4.10 -3.31
CA GLU B 612 -23.60 -2.70 -2.92
C GLU B 612 -24.90 -2.01 -3.33
N LYS B 613 -25.35 -2.24 -4.56
CA LYS B 613 -26.57 -1.60 -5.04
C LYS B 613 -27.82 -2.20 -4.44
N VAL B 614 -27.80 -3.47 -4.05
CA VAL B 614 -28.91 -4.03 -3.28
C VAL B 614 -28.95 -3.44 -1.88
N ARG B 615 -27.78 -3.25 -1.25
CA ARG B 615 -27.73 -2.56 0.03
C ARG B 615 -28.22 -1.12 -0.08
N ARG B 616 -28.00 -0.48 -1.23
CA ARG B 616 -28.46 0.89 -1.41
C ARG B 616 -29.98 0.97 -1.44
N LYS B 617 -30.63 0.13 -2.23
CA LYS B 617 -32.09 0.08 -2.28
C LYS B 617 -32.58 -1.29 -1.81
N PRO B 618 -33.13 -1.38 -0.60
CA PRO B 618 -33.47 -2.71 -0.05
C PRO B 618 -34.68 -3.35 -0.71
N PHE B 619 -35.62 -2.57 -1.22
CA PHE B 619 -36.76 -3.09 -1.96
C PHE B 619 -36.54 -2.82 -3.44
N SER B 620 -36.43 -3.89 -4.22
CA SER B 620 -36.21 -3.78 -5.66
C SER B 620 -36.60 -5.11 -6.28
N VAL B 621 -36.47 -5.19 -7.60
CA VAL B 621 -36.70 -6.44 -8.32
C VAL B 621 -35.44 -6.74 -9.12
N VAL B 622 -34.88 -7.93 -8.89
CA VAL B 622 -33.61 -8.33 -9.47
C VAL B 622 -33.92 -9.36 -10.56
N LEU B 623 -33.38 -9.15 -11.75
CA LEU B 623 -33.58 -10.07 -12.86
C LEU B 623 -32.23 -10.60 -13.33
N PHE B 624 -32.20 -11.86 -13.72
CA PHE B 624 -31.00 -12.51 -14.24
C PHE B 624 -31.27 -12.98 -15.67
N ASP B 625 -30.75 -12.22 -16.65
CA ASP B 625 -30.92 -12.58 -18.05
C ASP B 625 -30.26 -13.91 -18.37
N GLU B 626 -31.01 -14.78 -19.06
CA GLU B 626 -30.50 -16.01 -19.65
C GLU B 626 -29.80 -16.89 -18.64
N ILE B 627 -30.55 -17.45 -17.69
CA ILE B 627 -29.98 -18.21 -16.58
C ILE B 627 -29.23 -19.45 -17.06
N GLU B 628 -29.57 -19.97 -18.24
CA GLU B 628 -28.99 -21.23 -18.70
C GLU B 628 -27.54 -21.09 -19.17
N LYS B 629 -27.11 -19.89 -19.56
CA LYS B 629 -25.78 -19.70 -20.14
C LYS B 629 -24.75 -19.26 -19.12
N ALA B 630 -25.09 -19.24 -17.83
CA ALA B 630 -24.16 -18.79 -16.80
C ALA B 630 -23.40 -20.00 -16.23
N HIS B 631 -22.46 -19.73 -15.32
CA HIS B 631 -21.61 -20.77 -14.77
C HIS B 631 -22.36 -21.54 -13.70
N GLN B 632 -22.07 -22.85 -13.60
CA GLN B 632 -22.79 -23.72 -12.68
C GLN B 632 -22.58 -23.37 -11.21
N GLU B 633 -21.44 -22.77 -10.87
CA GLU B 633 -21.20 -22.42 -9.47
C GLU B 633 -22.02 -21.22 -9.02
N ILE B 634 -22.52 -20.42 -9.96
CA ILE B 634 -23.33 -19.25 -9.60
C ILE B 634 -24.62 -19.68 -8.93
N TYR B 635 -25.25 -20.75 -9.44
CA TYR B 635 -26.48 -21.24 -8.85
C TYR B 635 -26.24 -21.73 -7.42
N ASN B 636 -25.15 -22.47 -7.22
CA ASN B 636 -24.79 -22.96 -5.89
C ASN B 636 -24.55 -21.80 -4.94
N SER B 637 -23.89 -20.74 -5.43
CA SER B 637 -23.70 -19.54 -4.65
C SER B 637 -25.01 -18.84 -4.32
N LEU B 638 -25.97 -18.85 -5.24
CA LEU B 638 -27.23 -18.15 -5.04
C LEU B 638 -28.27 -18.96 -4.27
N LEU B 639 -28.02 -20.24 -4.02
CA LEU B 639 -28.96 -21.02 -3.21
C LEU B 639 -29.16 -20.39 -1.84
N GLN B 640 -28.07 -20.04 -1.16
CA GLN B 640 -28.13 -19.61 0.23
C GLN B 640 -28.85 -18.27 0.36
N VAL B 641 -28.83 -17.45 -0.70
CA VAL B 641 -29.65 -16.25 -0.66
C VAL B 641 -31.08 -16.56 -1.12
N LEU B 642 -31.28 -17.66 -1.85
CA LEU B 642 -32.64 -18.06 -2.20
C LEU B 642 -33.45 -18.48 -0.98
N GLU B 643 -32.88 -19.25 -0.04
CA GLU B 643 -33.75 -19.59 1.10
C GLU B 643 -33.72 -18.49 2.16
N ASP B 644 -32.56 -18.26 2.78
CA ASP B 644 -32.48 -17.42 3.96
C ASP B 644 -32.63 -15.94 3.66
N GLY B 645 -32.58 -15.55 2.40
CA GLY B 645 -32.70 -14.15 2.06
C GLY B 645 -31.55 -13.29 2.52
N ARG B 646 -30.39 -13.89 2.82
CA ARG B 646 -29.21 -13.14 3.20
C ARG B 646 -28.02 -13.65 2.40
N LEU B 647 -27.17 -12.72 2.00
CA LEU B 647 -25.97 -13.03 1.25
C LEU B 647 -24.83 -12.20 1.81
N THR B 648 -23.65 -12.80 1.92
CA THR B 648 -22.47 -12.09 2.41
C THR B 648 -21.52 -11.84 1.25
N ASP B 649 -20.95 -10.65 1.21
CA ASP B 649 -20.02 -10.27 0.16
C ASP B 649 -18.59 -10.66 0.57
N GLY B 650 -17.60 -10.20 -0.20
CA GLY B 650 -16.22 -10.49 0.14
C GLY B 650 -15.78 -9.85 1.43
N GLN B 651 -16.28 -8.65 1.73
CA GLN B 651 -15.91 -7.96 2.96
C GLN B 651 -16.50 -8.59 4.21
N GLY B 652 -17.44 -9.52 4.06
CA GLY B 652 -18.10 -10.13 5.20
C GLY B 652 -19.38 -9.47 5.64
N ARG B 653 -19.76 -8.36 5.02
CA ARG B 653 -21.02 -7.71 5.34
C ARG B 653 -22.18 -8.57 4.86
N THR B 654 -23.23 -8.66 5.69
CA THR B 654 -24.41 -9.46 5.39
C THR B 654 -25.53 -8.53 4.99
N VAL B 655 -25.95 -8.59 3.73
CA VAL B 655 -27.08 -7.82 3.24
C VAL B 655 -28.32 -8.70 3.31
N ASP B 656 -29.47 -8.06 3.38
CA ASP B 656 -30.75 -8.76 3.43
C ASP B 656 -31.42 -8.69 2.07
N PHE B 657 -31.78 -9.85 1.53
CA PHE B 657 -32.56 -9.96 0.31
C PHE B 657 -34.01 -10.32 0.60
N LYS B 658 -34.45 -10.13 1.85
CA LYS B 658 -35.75 -10.62 2.28
C LYS B 658 -36.91 -9.79 1.74
N ASN B 659 -36.65 -8.58 1.24
CA ASN B 659 -37.71 -7.73 0.75
C ASN B 659 -37.77 -7.66 -0.77
N THR B 660 -36.69 -7.97 -1.46
CA THR B 660 -36.63 -7.87 -2.91
C THR B 660 -37.36 -9.04 -3.54
N VAL B 661 -37.62 -8.92 -4.84
CA VAL B 661 -38.29 -9.95 -5.63
C VAL B 661 -37.30 -10.45 -6.67
N LEU B 662 -36.96 -11.72 -6.61
CA LEU B 662 -36.01 -12.31 -7.55
C LEU B 662 -36.77 -12.86 -8.76
N ILE B 663 -36.32 -12.48 -9.95
CA ILE B 663 -36.92 -12.90 -11.19
C ILE B 663 -35.84 -13.56 -12.04
N PHE B 664 -36.10 -14.79 -12.48
CA PHE B 664 -35.15 -15.54 -13.30
C PHE B 664 -35.80 -15.80 -14.65
N THR B 665 -35.05 -15.62 -15.73
CA THR B 665 -35.55 -15.87 -17.07
C THR B 665 -34.64 -16.84 -17.80
N SER B 666 -35.23 -17.63 -18.70
CA SER B 666 -34.49 -18.63 -19.46
C SER B 666 -35.11 -18.80 -20.83
N ASN B 667 -34.26 -18.98 -21.84
CA ASN B 667 -34.71 -19.38 -23.16
C ASN B 667 -34.62 -20.89 -23.36
N LEU B 668 -34.15 -21.63 -22.36
CA LEU B 668 -33.93 -23.06 -22.48
C LEU B 668 -35.25 -23.82 -22.56
N TYR B 690 -51.49 -26.82 -24.63
CA TYR B 690 -50.27 -26.15 -24.22
C TYR B 690 -49.51 -26.96 -23.18
N GLU B 691 -49.97 -28.19 -22.93
CA GLU B 691 -49.36 -29.00 -21.88
C GLU B 691 -48.02 -29.59 -22.33
N ARG B 692 -47.92 -30.04 -23.58
CA ARG B 692 -46.77 -30.84 -24.00
C ARG B 692 -45.47 -30.04 -23.92
N MET B 693 -45.50 -28.77 -24.34
CA MET B 693 -44.34 -27.91 -24.15
C MET B 693 -44.05 -27.70 -22.68
N LYS B 694 -45.07 -27.70 -21.83
CA LYS B 694 -44.83 -27.57 -20.39
C LYS B 694 -44.08 -28.79 -19.84
N GLN B 695 -44.51 -30.01 -20.19
CA GLN B 695 -43.76 -31.16 -19.67
C GLN B 695 -42.35 -31.22 -20.25
N LYS B 696 -42.18 -30.87 -21.53
CA LYS B 696 -40.83 -30.98 -22.08
C LYS B 696 -39.91 -29.91 -21.51
N VAL B 697 -40.41 -28.70 -21.25
CA VAL B 697 -39.55 -27.68 -20.65
C VAL B 697 -39.28 -28.00 -19.18
N ASN B 698 -40.25 -28.59 -18.47
CA ASN B 698 -39.98 -29.01 -17.10
C ASN B 698 -38.93 -30.11 -17.07
N ASP B 699 -39.02 -31.08 -17.97
CA ASP B 699 -38.02 -32.15 -18.01
C ASP B 699 -36.63 -31.60 -18.37
N GLU B 700 -36.58 -30.68 -19.33
CA GLU B 700 -35.31 -30.07 -19.72
C GLU B 700 -34.70 -29.28 -18.56
N LEU B 701 -35.51 -28.53 -17.83
CA LEU B 701 -34.97 -27.73 -16.74
C LEU B 701 -34.63 -28.59 -15.53
N LYS B 702 -35.31 -29.73 -15.36
CA LYS B 702 -34.92 -30.68 -14.32
C LYS B 702 -33.60 -31.38 -14.65
N LYS B 703 -33.39 -31.75 -15.91
CA LYS B 703 -32.15 -32.45 -16.26
C LYS B 703 -30.98 -31.48 -16.30
N HIS B 704 -31.23 -30.22 -16.69
CA HIS B 704 -30.12 -29.29 -16.87
C HIS B 704 -29.63 -28.74 -15.53
N PHE B 705 -30.54 -28.50 -14.59
CA PHE B 705 -30.21 -28.00 -13.27
C PHE B 705 -30.21 -29.11 -12.23
N ARG B 706 -29.65 -28.80 -11.07
CA ARG B 706 -29.72 -29.69 -9.93
C ARG B 706 -31.08 -29.56 -9.26
N PRO B 707 -31.60 -30.65 -8.68
CA PRO B 707 -32.95 -30.60 -8.07
C PRO B 707 -33.08 -29.62 -6.93
N GLU B 708 -32.02 -29.38 -6.16
CA GLU B 708 -32.13 -28.51 -4.99
C GLU B 708 -32.32 -27.05 -5.39
N PHE B 709 -31.83 -26.68 -6.57
CA PHE B 709 -32.05 -25.33 -7.07
C PHE B 709 -33.52 -25.11 -7.43
N LEU B 710 -34.14 -26.10 -8.05
CA LEU B 710 -35.58 -26.07 -8.31
C LEU B 710 -36.40 -26.08 -7.04
N ASN B 711 -35.97 -26.86 -6.04
CA ASN B 711 -36.84 -27.19 -4.92
C ASN B 711 -37.13 -25.97 -4.06
N ARG B 712 -36.20 -25.04 -3.96
CA ARG B 712 -36.37 -23.85 -3.14
C ARG B 712 -36.84 -22.63 -3.93
N ILE B 713 -37.12 -22.79 -5.23
CA ILE B 713 -37.74 -21.71 -5.99
C ILE B 713 -39.24 -21.71 -5.71
N ASP B 714 -39.76 -20.54 -5.38
CA ASP B 714 -41.16 -20.43 -4.97
C ASP B 714 -42.12 -20.84 -6.09
N ASP B 715 -41.92 -20.32 -7.30
CA ASP B 715 -42.91 -20.45 -8.36
C ASP B 715 -42.24 -20.82 -9.67
N ILE B 716 -42.49 -22.04 -10.14
CA ILE B 716 -42.18 -22.41 -11.51
C ILE B 716 -43.24 -21.81 -12.43
N ILE B 717 -42.81 -20.95 -13.35
CA ILE B 717 -43.71 -20.26 -14.27
C ILE B 717 -43.23 -20.52 -15.69
N VAL B 718 -44.09 -21.10 -16.50
CA VAL B 718 -43.80 -21.36 -17.91
C VAL B 718 -44.62 -20.40 -18.74
N PHE B 719 -44.00 -19.84 -19.78
CA PHE B 719 -44.64 -18.85 -20.64
C PHE B 719 -45.10 -19.52 -21.93
N HIS B 720 -46.35 -19.25 -22.31
CA HIS B 720 -46.92 -19.86 -23.49
C HIS B 720 -46.44 -19.14 -24.75
N GLN B 721 -46.70 -19.75 -25.91
CA GLN B 721 -46.29 -19.22 -27.19
C GLN B 721 -47.42 -18.36 -27.77
N LEU B 722 -47.04 -17.42 -28.64
CA LEU B 722 -47.99 -16.44 -29.16
C LEU B 722 -48.88 -17.03 -30.25
N THR B 723 -50.19 -16.82 -30.11
CA THR B 723 -51.15 -17.27 -31.10
C THR B 723 -51.63 -16.09 -31.94
N ARG B 724 -52.63 -16.33 -32.79
CA ARG B 724 -53.06 -15.33 -33.75
C ARG B 724 -53.82 -14.19 -33.08
N GLU B 725 -54.71 -14.51 -32.14
CA GLU B 725 -55.45 -13.47 -31.44
C GLU B 725 -54.51 -12.59 -30.63
N GLU B 726 -53.51 -13.21 -29.98
CA GLU B 726 -52.55 -12.45 -29.19
C GLU B 726 -51.74 -11.50 -30.07
N ILE B 727 -51.30 -11.95 -31.24
CA ILE B 727 -50.51 -11.04 -32.07
C ILE B 727 -51.37 -9.96 -32.70
N ILE B 728 -52.63 -10.27 -33.05
CA ILE B 728 -53.45 -9.22 -33.66
C ILE B 728 -53.93 -8.20 -32.63
N ARG B 729 -53.96 -8.55 -31.34
CA ARG B 729 -54.17 -7.49 -30.35
C ARG B 729 -52.86 -6.83 -29.93
N MET B 730 -51.74 -7.53 -30.05
CA MET B 730 -50.43 -6.90 -29.91
C MET B 730 -50.22 -5.81 -30.94
N VAL B 731 -50.78 -5.97 -32.13
CA VAL B 731 -50.63 -4.97 -33.19
C VAL B 731 -51.20 -3.63 -32.73
N ASP B 732 -52.42 -3.64 -32.19
CA ASP B 732 -53.00 -2.39 -31.73
C ASP B 732 -52.35 -1.92 -30.43
N LEU B 733 -51.95 -2.85 -29.56
CA LEU B 733 -51.29 -2.46 -28.32
C LEU B 733 -49.96 -1.77 -28.58
N MET B 734 -49.30 -2.11 -29.69
CA MET B 734 -48.05 -1.46 -30.06
C MET B 734 -48.25 -0.24 -30.94
N ILE B 735 -49.33 -0.19 -31.72
CA ILE B 735 -49.58 1.02 -32.50
C ILE B 735 -50.08 2.14 -31.61
N SER B 736 -50.65 1.79 -30.44
CA SER B 736 -51.12 2.81 -29.51
C SER B 736 -49.97 3.66 -28.97
N ARG B 737 -48.83 3.04 -28.65
CA ARG B 737 -47.70 3.80 -28.15
C ARG B 737 -47.19 4.79 -29.19
N VAL B 738 -46.95 4.31 -30.42
CA VAL B 738 -46.42 5.17 -31.46
C VAL B 738 -47.42 6.27 -31.84
N ALA B 739 -48.72 5.98 -31.78
CA ALA B 739 -49.70 7.07 -31.86
C ALA B 739 -49.56 8.01 -30.68
N GLY B 740 -49.13 7.49 -29.52
CA GLY B 740 -48.91 8.34 -28.36
C GLY B 740 -47.83 9.38 -28.59
N GLN B 741 -46.66 8.97 -29.13
CA GLN B 741 -45.65 10.00 -29.39
C GLN B 741 -45.91 10.72 -30.70
N LEU B 742 -46.83 10.20 -31.53
CA LEU B 742 -47.26 10.95 -32.70
C LEU B 742 -48.20 12.09 -32.35
N LYS B 743 -48.99 11.94 -31.28
CA LYS B 743 -49.93 12.97 -30.87
C LYS B 743 -49.24 14.25 -30.39
N SER B 744 -47.95 14.17 -30.04
CA SER B 744 -47.20 15.35 -29.64
C SER B 744 -47.07 16.37 -30.78
N LYS B 745 -47.15 15.93 -32.03
CA LYS B 745 -47.16 16.81 -33.18
C LYS B 745 -48.59 17.08 -33.65
N ASP B 746 -49.58 16.68 -32.85
CA ASP B 746 -51.01 16.88 -33.13
C ASP B 746 -51.43 16.17 -34.42
N MET B 747 -51.02 14.91 -34.54
CA MET B 747 -51.42 14.05 -35.66
C MET B 747 -51.96 12.74 -35.10
N ALA B 748 -53.09 12.29 -35.63
CA ALA B 748 -53.72 11.05 -35.20
C ALA B 748 -53.58 9.99 -36.28
N LEU B 749 -53.58 8.73 -35.86
CA LEU B 749 -53.39 7.61 -36.77
C LEU B 749 -54.59 6.67 -36.71
N VAL B 750 -55.05 6.25 -37.88
CA VAL B 750 -56.08 5.22 -38.01
C VAL B 750 -55.50 4.09 -38.85
N LEU B 751 -55.52 2.87 -38.29
CA LEU B 751 -54.90 1.72 -38.93
C LEU B 751 -55.98 0.69 -39.26
N THR B 752 -56.08 0.36 -40.55
CA THR B 752 -57.15 -0.52 -41.02
C THR B 752 -56.88 -1.98 -40.66
N ASP B 753 -57.95 -2.78 -40.75
CA ASP B 753 -57.89 -4.17 -40.31
C ASP B 753 -56.96 -5.00 -41.18
N ALA B 754 -57.00 -4.79 -42.50
CA ALA B 754 -56.11 -5.52 -43.40
C ALA B 754 -54.66 -5.14 -43.15
N ALA B 755 -54.40 -3.86 -42.87
CA ALA B 755 -53.05 -3.42 -42.53
C ALA B 755 -52.59 -4.05 -41.22
N LYS B 756 -53.50 -4.17 -40.24
CA LYS B 756 -53.16 -4.84 -38.99
C LYS B 756 -52.83 -6.30 -39.22
N ALA B 757 -53.61 -6.98 -40.06
CA ALA B 757 -53.37 -8.40 -40.34
C ALA B 757 -52.03 -8.60 -41.05
N LEU B 758 -51.71 -7.72 -42.01
CA LEU B 758 -50.42 -7.81 -42.68
C LEU B 758 -49.28 -7.50 -41.73
N LEU B 759 -49.46 -6.54 -40.82
CA LEU B 759 -48.42 -6.23 -39.84
C LEU B 759 -48.19 -7.41 -38.90
N ALA B 760 -49.27 -8.09 -38.50
CA ALA B 760 -49.14 -9.26 -37.63
C ALA B 760 -48.48 -10.42 -38.37
N LYS B 761 -48.82 -10.62 -39.64
CA LYS B 761 -48.27 -11.75 -40.39
C LYS B 761 -46.80 -11.53 -40.73
N ARG B 762 -46.44 -10.32 -41.17
CA ARG B 762 -45.07 -10.05 -41.57
C ARG B 762 -44.13 -9.99 -40.37
N GLY B 763 -44.66 -9.62 -39.20
CA GLY B 763 -43.86 -9.52 -38.00
C GLY B 763 -43.91 -10.75 -37.13
N PHE B 764 -44.34 -11.88 -37.70
CA PHE B 764 -44.44 -13.14 -36.97
C PHE B 764 -43.35 -14.11 -37.44
N ASP B 765 -42.65 -14.69 -36.47
CA ASP B 765 -41.66 -15.72 -36.71
C ASP B 765 -41.51 -16.57 -35.46
N PRO B 766 -41.89 -17.85 -35.51
CA PRO B 766 -41.83 -18.68 -34.29
C PRO B 766 -40.45 -19.23 -34.00
N VAL B 767 -39.42 -18.39 -34.14
CA VAL B 767 -38.07 -18.72 -33.73
C VAL B 767 -37.59 -17.58 -32.84
N LEU B 768 -38.17 -16.40 -33.03
CA LEU B 768 -37.77 -15.20 -32.31
C LEU B 768 -38.83 -14.62 -31.40
N GLY B 769 -40.09 -14.97 -31.61
CA GLY B 769 -41.17 -14.46 -30.76
C GLY B 769 -41.73 -13.17 -31.31
N ALA B 770 -41.84 -12.16 -30.45
CA ALA B 770 -42.40 -10.87 -30.83
C ALA B 770 -41.36 -9.90 -31.38
N ARG B 771 -40.10 -10.32 -31.46
CA ARG B 771 -39.05 -9.45 -32.02
C ARG B 771 -39.28 -9.06 -33.47
N PRO B 772 -39.65 -9.96 -34.40
CA PRO B 772 -39.93 -9.49 -35.78
C PRO B 772 -41.06 -8.48 -35.87
N LEU B 773 -42.07 -8.57 -35.00
CA LEU B 773 -43.13 -7.56 -34.99
C LEU B 773 -42.57 -6.20 -34.62
N ARG B 774 -41.70 -6.15 -33.60
CA ARG B 774 -41.08 -4.89 -33.19
C ARG B 774 -40.21 -4.34 -34.31
N ARG B 775 -39.43 -5.20 -34.97
CA ARG B 775 -38.55 -4.76 -36.04
C ARG B 775 -39.34 -4.24 -37.23
N THR B 776 -40.41 -4.94 -37.63
CA THR B 776 -41.18 -4.49 -38.78
C THR B 776 -42.00 -3.24 -38.48
N ILE B 777 -42.48 -3.07 -37.24
CA ILE B 777 -43.21 -1.85 -36.91
C ILE B 777 -42.26 -0.67 -36.67
N GLN B 778 -40.97 -0.94 -36.41
CA GLN B 778 -40.04 0.19 -36.30
C GLN B 778 -39.44 0.53 -37.66
N ARG B 779 -39.42 -0.41 -38.60
CA ARG B 779 -38.91 -0.09 -39.94
C ARG B 779 -40.03 0.31 -40.91
N GLU B 780 -40.88 -0.65 -41.28
CA GLU B 780 -41.71 -0.54 -42.47
C GLU B 780 -42.76 0.56 -42.36
N ILE B 781 -43.25 0.82 -41.16
CA ILE B 781 -44.21 1.88 -40.91
C ILE B 781 -43.51 3.15 -40.43
N GLU B 782 -42.67 3.01 -39.40
CA GLU B 782 -42.13 4.18 -38.70
C GLU B 782 -41.13 4.95 -39.56
N ASP B 783 -40.17 4.25 -40.18
CA ASP B 783 -39.15 4.96 -40.95
C ASP B 783 -39.77 5.67 -42.14
N GLN B 784 -40.75 5.03 -42.80
CA GLN B 784 -41.34 5.63 -43.98
C GLN B 784 -42.28 6.78 -43.60
N LEU B 785 -42.97 6.68 -42.46
CA LEU B 785 -43.78 7.83 -42.04
C LEU B 785 -42.90 8.99 -41.62
N SER B 786 -41.75 8.70 -41.01
CA SER B 786 -40.80 9.77 -40.66
C SER B 786 -40.27 10.44 -41.92
N GLU B 787 -39.96 9.65 -42.95
CA GLU B 787 -39.51 10.23 -44.23
C GLU B 787 -40.61 11.05 -44.87
N LYS B 788 -41.87 10.57 -44.79
CA LYS B 788 -42.99 11.31 -45.38
C LYS B 788 -43.22 12.63 -44.67
N ILE B 789 -43.19 12.62 -43.33
CA ILE B 789 -43.43 13.85 -42.57
C ILE B 789 -42.27 14.83 -42.76
N LEU B 790 -41.04 14.31 -42.87
CA LEU B 790 -39.90 15.17 -43.17
C LEU B 790 -40.04 15.80 -44.56
N PHE B 791 -40.72 15.12 -45.49
CA PHE B 791 -41.01 15.70 -46.80
C PHE B 791 -42.25 16.57 -46.78
N GLU B 792 -42.99 16.60 -45.65
CA GLU B 792 -44.12 17.50 -45.43
C GLU B 792 -45.26 17.25 -46.41
N GLU B 793 -45.63 15.98 -46.60
CA GLU B 793 -46.85 15.68 -47.34
C GLU B 793 -48.08 16.05 -46.52
N VAL B 794 -48.11 15.66 -45.26
CA VAL B 794 -49.25 15.91 -44.37
C VAL B 794 -48.74 16.69 -43.16
N GLY B 795 -49.39 17.80 -42.85
CA GLY B 795 -49.05 18.59 -41.68
C GLY B 795 -49.94 18.25 -40.50
N PRO B 796 -49.78 18.99 -39.40
CA PRO B 796 -50.63 18.77 -38.23
C PRO B 796 -52.08 19.14 -38.50
N GLY B 797 -52.99 18.47 -37.81
CA GLY B 797 -54.40 18.68 -37.97
C GLY B 797 -55.09 17.71 -38.91
N GLN B 798 -54.38 16.72 -39.43
CA GLN B 798 -54.95 15.72 -40.31
C GLN B 798 -54.61 14.33 -39.78
N VAL B 799 -55.49 13.38 -40.05
CA VAL B 799 -55.38 12.02 -39.54
C VAL B 799 -54.84 11.13 -40.66
N VAL B 800 -53.77 10.40 -40.36
CA VAL B 800 -53.13 9.52 -41.33
C VAL B 800 -53.86 8.18 -41.31
N THR B 801 -54.29 7.73 -42.49
CA THR B 801 -54.98 6.46 -42.65
C THR B 801 -54.10 5.51 -43.46
N VAL B 802 -53.89 4.32 -42.93
CA VAL B 802 -52.97 3.34 -43.52
C VAL B 802 -53.78 2.29 -44.28
N ASP B 803 -53.49 2.12 -45.56
CA ASP B 803 -54.08 1.09 -46.38
C ASP B 803 -52.98 0.31 -47.08
N VAL B 804 -53.30 -0.93 -47.45
CA VAL B 804 -52.35 -1.84 -48.10
C VAL B 804 -52.94 -2.27 -49.44
N ASP B 805 -52.16 -2.08 -50.50
CA ASP B 805 -52.53 -2.49 -51.85
C ASP B 805 -51.86 -3.82 -52.19
N ASN B 806 -52.51 -4.56 -53.10
CA ASN B 806 -52.06 -5.89 -53.52
C ASN B 806 -51.91 -6.83 -52.32
N TRP B 807 -52.87 -6.80 -51.42
CA TRP B 807 -52.85 -7.64 -50.24
C TRP B 807 -53.18 -9.09 -50.61
N ASP B 808 -52.63 -10.01 -49.82
CA ASP B 808 -52.86 -11.44 -50.05
C ASP B 808 -54.14 -11.90 -49.36
N GLU B 814 -45.12 -10.73 -50.49
CA GLU B 814 -45.46 -10.36 -51.85
C GLU B 814 -45.18 -8.87 -52.11
N ASP B 815 -45.82 -8.33 -53.13
CA ASP B 815 -45.64 -6.93 -53.51
C ASP B 815 -46.60 -5.99 -52.74
N ALA B 816 -47.09 -6.41 -51.58
CA ALA B 816 -47.93 -5.56 -50.76
C ALA B 816 -47.10 -4.45 -50.13
N VAL B 817 -47.50 -3.20 -50.39
CA VAL B 817 -46.75 -2.02 -49.93
C VAL B 817 -47.59 -1.28 -48.91
N PHE B 818 -46.94 -0.88 -47.82
CA PHE B 818 -47.59 -0.09 -46.77
C PHE B 818 -47.76 1.33 -47.28
N THR B 819 -48.96 1.66 -47.76
CA THR B 819 -49.26 2.97 -48.32
C THR B 819 -49.96 3.83 -47.27
N PHE B 820 -49.59 5.10 -47.20
CA PHE B 820 -50.18 6.03 -46.26
C PHE B 820 -50.97 7.10 -47.00
N THR B 821 -52.12 7.48 -46.45
CA THR B 821 -52.93 8.54 -47.02
C THR B 821 -53.01 9.73 -46.05
N SER C 168 17.75 13.33 47.72
CA SER C 168 16.43 12.82 48.06
C SER C 168 15.34 13.75 47.58
N LEU C 169 15.53 15.06 47.82
CA LEU C 169 14.54 16.06 47.44
C LEU C 169 14.42 16.21 45.93
N VAL C 170 15.45 15.88 45.16
CA VAL C 170 15.42 15.99 43.70
C VAL C 170 14.73 14.80 43.07
N LEU C 171 15.08 13.58 43.49
CA LEU C 171 14.47 12.39 42.93
C LEU C 171 13.01 12.22 43.33
N ASP C 172 12.61 12.73 44.49
CA ASP C 172 11.25 12.48 44.99
C ASP C 172 10.21 13.20 44.15
N GLN C 173 10.52 14.40 43.64
CA GLN C 173 9.56 15.11 42.81
C GLN C 173 9.51 14.52 41.40
N PHE C 174 10.52 13.77 41.00
CA PHE C 174 10.55 13.15 39.68
C PHE C 174 10.49 11.63 39.74
N GLY C 175 10.30 11.04 40.92
CA GLY C 175 10.22 9.60 41.00
C GLY C 175 9.71 9.15 42.35
N ARG C 176 9.46 7.85 42.45
CA ARG C 176 8.92 7.24 43.66
C ARG C 176 9.92 6.20 44.15
N ASN C 177 10.19 6.19 45.45
CA ASN C 177 11.18 5.28 46.00
C ASN C 177 10.49 3.98 46.42
N LEU C 178 10.83 2.88 45.73
CA LEU C 178 10.25 1.59 46.05
C LEU C 178 10.76 1.05 47.37
N THR C 179 11.91 1.53 47.84
CA THR C 179 12.43 1.08 49.13
C THR C 179 11.53 1.53 50.27
N ALA C 180 11.17 2.81 50.30
CA ALA C 180 10.23 3.28 51.32
C ALA C 180 8.83 2.75 51.08
N ALA C 181 8.51 2.38 49.83
CA ALA C 181 7.23 1.73 49.56
C ALA C 181 7.17 0.35 50.20
N ALA C 182 8.26 -0.41 50.13
CA ALA C 182 8.33 -1.72 50.76
C ALA C 182 8.60 -1.64 52.24
N MET C 183 9.04 -0.50 52.76
CA MET C 183 9.17 -0.33 54.20
C MET C 183 7.80 -0.40 54.89
N GLU C 184 6.80 0.24 54.29
CA GLU C 184 5.44 0.23 54.82
C GLU C 184 4.62 -0.94 54.29
N GLY C 185 5.19 -1.80 53.45
CA GLY C 185 4.45 -2.90 52.90
C GLY C 185 3.41 -2.51 51.87
N LYS C 186 3.55 -1.32 51.28
CA LYS C 186 2.57 -0.86 50.30
C LYS C 186 2.62 -1.67 49.02
N LEU C 187 3.73 -2.36 48.75
CA LEU C 187 3.83 -3.25 47.62
C LEU C 187 3.31 -4.63 47.98
N ASP C 188 2.74 -5.31 47.00
CA ASP C 188 2.26 -6.66 47.21
C ASP C 188 3.45 -7.62 47.35
N PRO C 189 3.34 -8.61 48.24
CA PRO C 189 4.41 -9.61 48.36
C PRO C 189 4.56 -10.40 47.06
N VAL C 190 5.81 -10.71 46.72
CA VAL C 190 6.14 -11.41 45.49
C VAL C 190 6.83 -12.72 45.86
N ILE C 191 6.26 -13.83 45.40
CA ILE C 191 6.76 -15.16 45.73
C ILE C 191 6.85 -15.99 44.46
N GLY C 192 7.75 -16.96 44.46
CA GLY C 192 8.00 -17.78 43.30
C GLY C 192 8.95 -17.21 42.29
N ARG C 193 9.49 -16.02 42.54
CA ARG C 193 10.34 -15.33 41.58
C ARG C 193 11.79 -15.26 42.03
N GLU C 194 12.32 -16.36 42.58
CA GLU C 194 13.68 -16.35 43.06
C GLU C 194 14.70 -16.39 41.93
N LYS C 195 14.40 -17.14 40.85
CA LYS C 195 15.36 -17.27 39.76
C LYS C 195 15.59 -15.95 39.04
N GLU C 196 14.51 -15.27 38.63
CA GLU C 196 14.65 -14.03 37.90
C GLU C 196 15.20 -12.91 38.77
N ILE C 197 14.82 -12.89 40.05
CA ILE C 197 15.33 -11.85 40.94
C ILE C 197 16.82 -12.07 41.22
N GLU C 198 17.25 -13.33 41.36
CA GLU C 198 18.67 -13.60 41.47
C GLU C 198 19.42 -13.22 40.20
N ARG C 199 18.79 -13.45 39.04
CA ARG C 199 19.38 -13.03 37.78
C ARG C 199 19.58 -11.51 37.74
N VAL C 200 18.57 -10.77 38.15
CA VAL C 200 18.67 -9.30 38.15
C VAL C 200 19.75 -8.83 39.13
N MET C 201 19.76 -9.41 40.34
CA MET C 201 20.77 -9.01 41.33
C MET C 201 22.18 -9.34 40.86
N GLN C 202 22.34 -10.42 40.10
CA GLN C 202 23.66 -10.76 39.61
C GLN C 202 24.05 -9.92 38.40
N VAL C 203 23.08 -9.39 37.66
CA VAL C 203 23.42 -8.46 36.59
C VAL C 203 23.85 -7.11 37.16
N LEU C 204 23.15 -6.58 38.16
CA LEU C 204 23.58 -5.32 38.76
C LEU C 204 24.90 -5.38 39.51
N SER C 205 25.42 -6.57 39.79
CA SER C 205 26.69 -6.68 40.47
C SER C 205 27.87 -6.66 39.51
N ARG C 206 27.63 -6.48 38.22
CA ARG C 206 28.67 -6.45 37.21
C ARG C 206 29.46 -5.15 37.28
N ARG C 207 30.55 -5.10 36.50
CA ARG C 207 31.40 -3.92 36.45
C ARG C 207 30.97 -2.96 35.33
N THR C 208 30.94 -3.44 34.09
CA THR C 208 30.53 -2.63 32.95
C THR C 208 29.25 -3.18 32.37
N LYS C 209 28.34 -2.28 32.01
CA LYS C 209 27.04 -2.60 31.44
C LYS C 209 26.24 -3.49 32.38
N ASN C 210 25.94 -2.95 33.56
CA ASN C 210 25.21 -3.66 34.60
C ASN C 210 23.73 -3.30 34.62
N ASN C 211 23.13 -3.11 33.45
CA ASN C 211 21.75 -2.68 33.35
C ASN C 211 20.88 -3.77 32.73
N PRO C 212 20.04 -4.44 33.50
CA PRO C 212 19.12 -5.41 32.92
C PRO C 212 17.77 -4.80 32.59
N VAL C 213 17.18 -5.29 31.51
CA VAL C 213 15.83 -4.93 31.10
C VAL C 213 15.00 -6.20 31.17
N LEU C 214 13.83 -6.09 31.79
CA LEU C 214 12.97 -7.24 32.03
C LEU C 214 12.05 -7.42 30.84
N ILE C 215 12.37 -8.36 29.96
CA ILE C 215 11.55 -8.65 28.79
C ILE C 215 10.61 -9.77 29.16
N GLY C 216 9.31 -9.57 28.92
CA GLY C 216 8.35 -10.61 29.17
C GLY C 216 7.05 -10.30 28.47
N GLU C 217 6.19 -11.27 28.46
CA GLU C 217 4.90 -11.15 27.81
C GLU C 217 3.97 -10.37 28.74
N PRO C 218 3.18 -9.42 28.21
CA PRO C 218 2.51 -8.46 29.10
C PRO C 218 1.49 -9.05 30.07
N GLY C 219 1.81 -9.01 31.35
CA GLY C 219 0.93 -9.57 32.37
C GLY C 219 1.53 -10.79 33.05
N VAL C 220 2.86 -10.80 33.19
CA VAL C 220 3.56 -11.91 33.81
C VAL C 220 4.24 -11.50 35.12
N GLY C 221 4.40 -10.21 35.39
CA GLY C 221 5.01 -9.76 36.62
C GLY C 221 6.33 -9.04 36.46
N LYS C 222 6.52 -8.30 35.36
CA LYS C 222 7.78 -7.61 35.14
C LYS C 222 8.00 -6.52 36.18
N THR C 223 6.95 -5.79 36.53
CA THR C 223 7.06 -4.85 37.64
C THR C 223 7.02 -5.57 38.98
N ALA C 224 6.37 -6.74 39.03
CA ALA C 224 6.34 -7.51 40.27
C ALA C 224 7.72 -8.04 40.65
N VAL C 225 8.55 -8.37 39.65
CA VAL C 225 9.93 -8.78 39.93
C VAL C 225 10.68 -7.65 40.61
N VAL C 226 10.51 -6.43 40.13
CA VAL C 226 11.19 -5.28 40.72
C VAL C 226 10.67 -5.00 42.12
N GLU C 227 9.36 -5.14 42.33
CA GLU C 227 8.81 -4.96 43.68
C GLU C 227 9.34 -6.01 44.64
N GLY C 228 9.46 -7.25 44.17
CA GLY C 228 10.04 -8.29 45.01
C GLY C 228 11.50 -8.04 45.31
N LEU C 229 12.23 -7.47 44.35
CA LEU C 229 13.62 -7.10 44.61
C LEU C 229 13.72 -5.97 45.63
N ALA C 230 12.77 -5.03 45.58
CA ALA C 230 12.74 -3.97 46.58
C ALA C 230 12.45 -4.54 47.96
N GLN C 231 11.55 -5.51 48.05
CA GLN C 231 11.27 -6.17 49.33
C GLN C 231 12.50 -6.95 49.81
N ALA C 232 13.21 -7.60 48.90
CA ALA C 232 14.43 -8.32 49.29
C ALA C 232 15.50 -7.35 49.76
N ILE C 233 15.58 -6.17 49.16
CA ILE C 233 16.53 -5.16 49.60
C ILE C 233 16.19 -4.70 51.02
N VAL C 234 14.92 -4.37 51.25
CA VAL C 234 14.56 -3.79 52.56
C VAL C 234 14.64 -4.85 53.65
N HIS C 235 14.39 -6.12 53.32
CA HIS C 235 14.56 -7.17 54.32
C HIS C 235 16.04 -7.44 54.58
N GLY C 236 16.85 -7.54 53.54
CA GLY C 236 18.27 -7.72 53.66
C GLY C 236 18.85 -9.01 53.11
N GLU C 237 18.19 -9.65 52.13
CA GLU C 237 18.71 -10.89 51.56
C GLU C 237 19.67 -10.65 50.41
N VAL C 238 19.91 -9.39 50.05
CA VAL C 238 20.76 -9.04 48.91
C VAL C 238 22.23 -9.24 49.27
N PRO C 239 23.13 -9.39 48.29
CA PRO C 239 24.56 -9.35 48.60
C PRO C 239 25.03 -7.93 48.94
N GLU C 240 26.33 -7.76 49.16
CA GLU C 240 26.86 -6.46 49.54
C GLU C 240 26.78 -5.44 48.41
N THR C 241 26.65 -5.90 47.17
CA THR C 241 26.58 -4.99 46.04
C THR C 241 25.21 -4.38 45.84
N LEU C 242 24.18 -4.90 46.51
CA LEU C 242 22.84 -4.31 46.47
C LEU C 242 22.34 -3.98 47.86
N LYS C 243 23.24 -3.92 48.83
CA LYS C 243 22.88 -3.69 50.22
C LYS C 243 22.68 -2.20 50.47
N ASP C 244 21.59 -1.86 51.15
CA ASP C 244 21.26 -0.48 51.55
C ASP C 244 21.18 0.44 50.32
N LYS C 245 20.51 -0.03 49.28
CA LYS C 245 20.34 0.73 48.05
C LYS C 245 18.87 1.12 47.92
N GLN C 246 18.61 2.42 47.85
CA GLN C 246 17.25 2.90 47.65
C GLN C 246 16.89 2.78 46.17
N LEU C 247 15.88 1.96 45.88
CA LEU C 247 15.46 1.73 44.51
C LEU C 247 14.41 2.77 44.15
N TYR C 248 14.72 3.60 43.16
CA TYR C 248 13.86 4.69 42.73
C TYR C 248 13.35 4.40 41.32
N THR C 249 12.04 4.45 41.14
CA THR C 249 11.48 4.45 39.80
C THR C 249 11.54 5.87 39.26
N LEU C 250 11.60 6.01 37.94
CA LEU C 250 11.73 7.32 37.34
C LEU C 250 10.50 7.61 36.48
N ASP C 251 9.86 8.74 36.73
CA ASP C 251 8.67 9.15 35.99
C ASP C 251 9.10 10.11 34.90
N LEU C 252 9.09 9.64 33.65
CA LEU C 252 9.47 10.51 32.54
C LEU C 252 8.44 11.62 32.33
N GLY C 253 7.18 11.35 32.64
CA GLY C 253 6.15 12.37 32.51
C GLY C 253 6.38 13.55 33.42
N SER C 254 6.91 13.31 34.62
CA SER C 254 7.23 14.42 35.51
C SER C 254 8.43 15.21 35.01
N LEU C 255 9.35 14.56 34.29
CA LEU C 255 10.49 15.27 33.72
C LEU C 255 10.06 16.15 32.55
N VAL C 256 9.25 15.60 31.63
CA VAL C 256 8.87 16.35 30.45
C VAL C 256 7.94 17.50 30.80
N ALA C 257 7.02 17.26 31.74
CA ALA C 257 6.02 18.28 32.10
C ALA C 257 6.69 19.48 32.76
N GLY C 258 6.17 20.67 32.44
CA GLY C 258 6.70 21.90 32.98
C GLY C 258 7.95 22.41 32.29
N SER C 259 8.40 21.76 31.22
CA SER C 259 9.60 22.16 30.51
C SER C 259 9.19 22.82 29.19
N ARG C 260 8.93 24.12 29.25
CA ARG C 260 8.66 24.87 28.02
C ARG C 260 9.91 25.07 27.20
N TYR C 261 11.09 24.88 27.79
CA TYR C 261 12.35 25.29 27.20
C TYR C 261 13.31 24.12 27.19
N ARG C 262 14.36 24.22 26.37
CA ARG C 262 15.41 23.20 26.32
C ARG C 262 16.09 23.04 27.67
N GLY C 263 16.44 24.17 28.29
CA GLY C 263 17.20 24.14 29.52
C GLY C 263 16.48 23.42 30.64
N ASP C 264 15.16 23.56 30.69
CA ASP C 264 14.39 22.95 31.77
C ASP C 264 14.52 21.43 31.77
N PHE C 265 14.26 20.79 30.62
CA PHE C 265 14.27 19.34 30.58
C PHE C 265 15.68 18.78 30.70
N GLU C 266 16.63 19.34 29.95
CA GLU C 266 17.98 18.77 30.07
C GLU C 266 18.62 19.07 31.43
N GLU C 267 18.33 20.24 32.01
CA GLU C 267 18.80 20.54 33.36
C GLU C 267 18.19 19.60 34.38
N ARG C 268 16.90 19.28 34.25
CA ARG C 268 16.27 18.36 35.18
C ARG C 268 16.89 16.98 35.10
N LEU C 269 17.09 16.47 33.88
CA LEU C 269 17.65 15.13 33.71
C LEU C 269 19.08 15.07 34.23
N LYS C 270 19.90 16.11 33.95
CA LYS C 270 21.27 16.06 34.42
C LYS C 270 21.37 16.33 35.92
N LYS C 271 20.45 17.09 36.50
CA LYS C 271 20.43 17.22 37.97
C LYS C 271 20.08 15.89 38.62
N VAL C 272 19.14 15.14 38.02
CA VAL C 272 18.83 13.80 38.52
C VAL C 272 20.07 12.90 38.44
N LEU C 273 20.76 12.93 37.30
CA LEU C 273 21.95 12.10 37.14
C LEU C 273 23.06 12.51 38.12
N LYS C 274 23.20 13.81 38.35
CA LYS C 274 24.21 14.28 39.30
C LYS C 274 23.87 13.85 40.72
N GLU C 275 22.59 13.89 41.10
CA GLU C 275 22.21 13.43 42.43
C GLU C 275 22.45 11.94 42.59
N ILE C 276 22.16 11.15 41.54
CA ILE C 276 22.42 9.71 41.59
C ILE C 276 23.92 9.45 41.74
N ASN C 277 24.75 10.13 40.96
CA ASN C 277 26.18 9.87 41.04
C ASN C 277 26.81 10.50 42.28
N THR C 278 26.14 11.45 42.93
CA THR C 278 26.66 12.04 44.15
C THR C 278 26.34 11.17 45.36
N ARG C 279 25.07 10.82 45.55
CA ARG C 279 24.72 9.95 46.66
C ARG C 279 25.23 8.52 46.43
N GLY C 280 25.06 8.01 45.21
CA GLY C 280 25.67 6.76 44.81
C GLY C 280 24.94 5.50 45.26
N ASP C 281 23.86 5.62 46.03
CA ASP C 281 23.15 4.46 46.53
C ASP C 281 21.71 4.46 46.05
N ILE C 282 21.47 5.03 44.87
CA ILE C 282 20.17 5.00 44.22
C ILE C 282 20.29 4.20 42.94
N ILE C 283 19.57 3.10 42.88
CA ILE C 283 19.45 2.32 41.66
C ILE C 283 18.23 2.82 40.90
N LEU C 284 18.44 3.17 39.64
CA LEU C 284 17.40 3.76 38.82
C LEU C 284 16.50 2.65 38.29
N PHE C 285 15.20 2.93 38.20
CA PHE C 285 14.25 1.98 37.61
C PHE C 285 13.46 2.72 36.53
N ILE C 286 13.49 2.20 35.32
CA ILE C 286 12.78 2.78 34.20
C ILE C 286 11.70 1.78 33.79
N ASP C 287 10.51 1.93 34.35
CA ASP C 287 9.38 1.16 33.87
C ASP C 287 8.98 1.68 32.49
N GLU C 288 8.60 0.77 31.60
CA GLU C 288 8.29 1.07 30.21
C GLU C 288 9.49 1.74 29.52
N LEU C 289 10.56 0.95 29.42
CA LEU C 289 11.85 1.43 28.90
C LEU C 289 11.76 1.91 27.46
N HIS C 290 10.76 1.46 26.71
CA HIS C 290 10.59 1.88 25.33
C HIS C 290 10.28 3.35 25.19
N THR C 291 9.93 4.04 26.28
CA THR C 291 9.69 5.47 26.23
C THR C 291 10.97 6.30 26.13
N LEU C 292 12.14 5.70 26.34
CA LEU C 292 13.37 6.48 26.28
C LEU C 292 13.80 6.84 24.86
N VAL C 293 13.32 6.11 23.85
CA VAL C 293 13.68 6.49 22.49
C VAL C 293 12.77 7.64 22.06
N GLY C 294 13.19 8.85 22.40
CA GLY C 294 12.41 10.04 22.17
C GLY C 294 11.72 10.49 23.45
N ALA C 295 12.32 11.45 24.15
CA ALA C 295 11.73 12.04 25.34
C ALA C 295 11.58 13.54 25.24
N GLY C 296 12.63 14.25 24.85
CA GLY C 296 12.57 15.69 24.68
C GLY C 296 12.52 16.10 23.23
N ALA C 297 13.03 15.23 22.36
CA ALA C 297 13.02 15.48 20.92
C ALA C 297 12.96 14.14 20.21
N ALA C 298 13.25 14.14 18.91
CA ALA C 298 13.11 12.94 18.10
C ALA C 298 14.25 11.97 18.38
N GLU C 299 14.28 10.88 17.62
CA GLU C 299 15.28 9.83 17.82
C GLU C 299 16.69 10.29 17.48
N GLY C 300 16.84 11.26 16.59
CA GLY C 300 18.14 11.75 16.17
C GLY C 300 18.60 13.02 16.83
N ALA C 301 18.03 13.40 17.97
CA ALA C 301 18.41 14.65 18.62
C ALA C 301 18.75 14.42 20.09
N ILE C 302 18.89 15.50 20.84
CA ILE C 302 19.24 15.40 22.26
C ILE C 302 17.99 15.06 23.05
N ASP C 303 18.00 13.87 23.67
CA ASP C 303 16.87 13.41 24.47
C ASP C 303 17.42 12.60 25.64
N ALA C 304 16.54 11.84 26.28
CA ALA C 304 16.96 11.04 27.43
C ALA C 304 17.92 9.93 27.01
N ALA C 305 17.67 9.30 25.86
CA ALA C 305 18.51 8.20 25.42
C ALA C 305 19.94 8.64 25.13
N SER C 306 20.10 9.77 24.44
CA SER C 306 21.43 10.22 24.07
C SER C 306 22.18 10.79 25.26
N ILE C 307 21.48 11.15 26.33
CA ILE C 307 22.15 11.53 27.57
C ILE C 307 22.55 10.31 28.38
N LEU C 308 21.69 9.29 28.41
CA LEU C 308 21.98 8.11 29.21
C LEU C 308 23.02 7.20 28.56
N LYS C 309 23.13 7.20 27.24
CA LYS C 309 23.97 6.22 26.55
C LYS C 309 25.45 6.30 26.93
N PRO C 310 26.11 7.46 26.98
CA PRO C 310 27.50 7.46 27.48
C PRO C 310 27.62 7.01 28.92
N LYS C 311 26.62 7.29 29.76
CA LYS C 311 26.68 6.83 31.14
C LYS C 311 26.46 5.33 31.23
N LEU C 312 25.52 4.79 30.45
CA LEU C 312 25.23 3.37 30.52
C LEU C 312 26.31 2.53 29.86
N ALA C 313 27.06 3.10 28.91
CA ALA C 313 28.10 2.34 28.23
C ALA C 313 29.21 1.94 29.20
N ARG C 314 29.61 2.86 30.09
CA ARG C 314 30.63 2.57 31.08
C ARG C 314 30.07 1.91 32.33
N GLY C 315 28.75 1.84 32.46
CA GLY C 315 28.14 1.23 33.62
C GLY C 315 28.23 2.05 34.89
N GLU C 316 28.37 3.37 34.76
CA GLU C 316 28.39 4.26 35.92
C GLU C 316 27.00 4.58 36.44
N LEU C 317 25.95 4.20 35.72
CA LEU C 317 24.57 4.44 36.12
C LEU C 317 23.81 3.12 36.13
N GLN C 318 23.37 2.70 37.30
CA GLN C 318 22.68 1.42 37.47
C GLN C 318 21.19 1.64 37.24
N THR C 319 20.68 1.12 36.12
CA THR C 319 19.26 1.25 35.82
C THR C 319 18.67 -0.12 35.49
N ILE C 320 17.38 -0.25 35.74
CA ILE C 320 16.64 -1.50 35.50
C ILE C 320 15.48 -1.19 34.58
N GLY C 321 15.33 -1.96 33.51
CA GLY C 321 14.30 -1.74 32.53
C GLY C 321 13.22 -2.81 32.54
N ALA C 322 12.08 -2.48 31.94
CA ALA C 322 10.97 -3.41 31.78
C ALA C 322 10.25 -3.08 30.48
N THR C 323 10.22 -4.04 29.55
CA THR C 323 9.59 -3.83 28.27
C THR C 323 8.93 -5.13 27.83
N THR C 324 7.73 -5.04 27.27
CA THR C 324 7.07 -6.23 26.79
C THR C 324 7.75 -6.77 25.53
N LEU C 325 7.37 -7.98 25.13
CA LEU C 325 7.98 -8.65 23.99
C LEU C 325 7.81 -7.85 22.70
N ASP C 326 6.57 -7.47 22.38
CA ASP C 326 6.28 -6.80 21.12
C ASP C 326 6.91 -5.41 21.07
N GLU C 327 6.84 -4.67 22.18
CA GLU C 327 7.45 -3.35 22.21
C GLU C 327 8.96 -3.43 22.26
N TYR C 328 9.52 -4.50 22.80
CA TYR C 328 10.96 -4.72 22.66
C TYR C 328 11.34 -4.94 21.21
N ARG C 329 10.51 -5.67 20.46
CA ARG C 329 10.78 -5.83 19.03
C ARG C 329 10.65 -4.50 18.29
N LYS C 330 9.66 -3.69 18.66
CA LYS C 330 9.35 -2.49 17.88
C LYS C 330 10.27 -1.33 18.23
N TYR C 331 10.26 -0.88 19.48
CA TYR C 331 10.85 0.40 19.83
C TYR C 331 12.33 0.31 20.19
N ILE C 332 12.70 -0.64 21.06
CA ILE C 332 14.11 -0.73 21.48
C ILE C 332 14.99 -1.25 20.35
N GLU C 333 14.53 -2.29 19.64
CA GLU C 333 15.39 -2.97 18.68
C GLU C 333 15.70 -2.12 17.45
N LYS C 334 14.90 -1.09 17.16
CA LYS C 334 15.27 -0.17 16.08
C LYS C 334 16.36 0.79 16.52
N ASP C 335 16.61 0.89 17.82
CA ASP C 335 17.70 1.70 18.37
C ASP C 335 18.72 0.73 18.96
N ALA C 336 19.64 0.26 18.13
CA ALA C 336 20.59 -0.77 18.55
C ALA C 336 21.57 -0.28 19.61
N ALA C 337 21.75 1.03 19.75
CA ALA C 337 22.63 1.55 20.79
C ALA C 337 22.09 1.24 22.18
N LEU C 338 20.79 1.41 22.39
CA LEU C 338 20.19 1.04 23.67
C LEU C 338 20.03 -0.47 23.80
N GLU C 339 19.84 -1.16 22.68
CA GLU C 339 19.73 -2.63 22.72
C GLU C 339 21.05 -3.26 23.17
N ARG C 340 22.18 -2.66 22.78
CA ARG C 340 23.47 -3.15 23.24
C ARG C 340 23.65 -2.98 24.75
N ARG C 341 23.23 -1.85 25.30
CA ARG C 341 23.56 -1.49 26.67
C ARG C 341 22.66 -2.17 27.70
N PHE C 342 21.69 -2.96 27.28
CA PHE C 342 20.77 -3.61 28.20
C PHE C 342 20.82 -5.11 28.01
N GLN C 343 21.15 -5.83 29.07
CA GLN C 343 21.23 -7.29 29.00
C GLN C 343 19.87 -7.90 29.34
N PRO C 344 19.30 -8.72 28.47
CA PRO C 344 17.94 -9.20 28.67
C PRO C 344 17.80 -10.14 29.86
N VAL C 345 16.67 -10.03 30.55
CA VAL C 345 16.29 -10.97 31.61
C VAL C 345 14.86 -11.40 31.31
N GLN C 346 14.69 -12.61 30.79
CA GLN C 346 13.39 -13.09 30.35
C GLN C 346 12.56 -13.52 31.55
N VAL C 347 11.37 -12.97 31.68
CA VAL C 347 10.43 -13.34 32.74
C VAL C 347 9.35 -14.21 32.09
N GLY C 348 9.57 -15.52 32.11
CA GLY C 348 8.64 -16.43 31.49
C GLY C 348 7.33 -16.54 32.25
N GLU C 349 6.30 -16.97 31.52
CA GLU C 349 4.96 -17.03 32.08
C GLU C 349 4.87 -18.14 33.12
N PRO C 350 4.32 -17.89 34.30
CA PRO C 350 4.31 -18.90 35.36
C PRO C 350 3.41 -20.07 35.02
N THR C 351 3.69 -21.21 35.65
CA THR C 351 2.91 -22.41 35.44
C THR C 351 1.63 -22.35 36.26
N VAL C 352 0.83 -23.42 36.17
CA VAL C 352 -0.42 -23.48 36.91
C VAL C 352 -0.15 -23.58 38.41
N GLU C 353 0.75 -24.46 38.82
CA GLU C 353 1.10 -24.58 40.23
C GLU C 353 1.75 -23.31 40.75
N HIS C 354 2.57 -22.66 39.90
CA HIS C 354 3.14 -21.37 40.26
C HIS C 354 2.03 -20.34 40.50
N THR C 355 1.02 -20.32 39.64
CA THR C 355 -0.09 -19.40 39.82
C THR C 355 -0.87 -19.69 41.08
N ILE C 356 -1.05 -20.98 41.41
CA ILE C 356 -1.73 -21.36 42.64
C ILE C 356 -0.95 -20.87 43.85
N GLU C 357 0.37 -21.01 43.81
CA GLU C 357 1.20 -20.51 44.90
C GLU C 357 1.10 -18.99 45.01
N ILE C 358 1.08 -18.29 43.88
CA ILE C 358 0.98 -16.83 43.88
C ILE C 358 -0.34 -16.38 44.49
N LEU C 359 -1.45 -17.05 44.12
CA LEU C 359 -2.75 -16.73 44.69
C LEU C 359 -2.78 -17.01 46.18
N LYS C 360 -2.17 -18.13 46.61
CA LYS C 360 -2.11 -18.44 48.03
C LYS C 360 -1.30 -17.39 48.78
N GLY C 361 -0.28 -16.83 48.14
CA GLY C 361 0.46 -15.73 48.73
C GLY C 361 -0.34 -14.45 48.83
N LEU C 362 -1.14 -14.13 47.80
CA LEU C 362 -1.90 -12.89 47.76
C LEU C 362 -3.29 -13.01 48.38
N ARG C 363 -3.55 -14.16 49.03
CA ARG C 363 -4.80 -14.33 49.78
C ARG C 363 -5.06 -13.20 50.76
N ASP C 364 -4.05 -12.79 51.53
CA ASP C 364 -4.27 -11.95 52.71
C ASP C 364 -4.74 -10.56 52.32
N ARG C 365 -4.13 -9.94 51.30
CA ARG C 365 -4.49 -8.58 50.92
C ARG C 365 -5.92 -8.52 50.40
N TYR C 366 -6.31 -9.47 49.54
CA TYR C 366 -7.65 -9.47 48.99
C TYR C 366 -8.68 -9.84 50.06
N GLU C 367 -8.31 -10.73 50.98
CA GLU C 367 -9.19 -11.06 52.09
C GLU C 367 -9.47 -9.86 52.96
N ALA C 368 -8.44 -9.05 53.24
CA ALA C 368 -8.65 -7.85 54.03
C ALA C 368 -9.41 -6.78 53.25
N HIS C 369 -9.17 -6.68 51.94
CA HIS C 369 -9.77 -5.61 51.16
C HIS C 369 -11.26 -5.87 50.92
N HIS C 370 -11.61 -7.07 50.50
CA HIS C 370 -13.00 -7.37 50.15
C HIS C 370 -13.81 -7.86 51.33
N ARG C 371 -13.20 -8.01 52.50
CA ARG C 371 -13.85 -8.53 53.72
C ARG C 371 -14.49 -9.89 53.47
N VAL C 372 -13.80 -10.74 52.71
CA VAL C 372 -14.34 -12.04 52.36
C VAL C 372 -13.23 -13.07 52.58
N SER C 373 -13.59 -14.35 52.71
CA SER C 373 -12.63 -15.42 52.90
C SER C 373 -12.61 -16.30 51.67
N ILE C 374 -11.43 -16.67 51.22
CA ILE C 374 -11.24 -17.44 49.99
C ILE C 374 -10.68 -18.81 50.33
N THR C 375 -11.22 -19.84 49.68
CA THR C 375 -10.81 -21.22 49.92
C THR C 375 -9.73 -21.63 48.91
N ASP C 376 -8.97 -22.66 49.28
CA ASP C 376 -7.90 -23.16 48.43
C ASP C 376 -8.44 -23.78 47.15
N ALA C 377 -9.57 -24.50 47.25
CA ALA C 377 -10.19 -25.08 46.06
C ALA C 377 -10.64 -23.98 45.10
N ALA C 378 -11.06 -22.84 45.63
CA ALA C 378 -11.43 -21.71 44.79
C ALA C 378 -10.23 -21.22 43.97
N MET C 379 -9.06 -21.14 44.60
CA MET C 379 -7.87 -20.71 43.87
C MET C 379 -7.38 -21.73 42.87
N VAL C 380 -7.44 -23.03 43.22
CA VAL C 380 -7.06 -24.06 42.26
C VAL C 380 -7.98 -24.00 41.04
N ALA C 381 -9.28 -23.87 41.29
CA ALA C 381 -10.24 -23.75 40.20
C ALA C 381 -10.01 -22.49 39.39
N ALA C 382 -9.68 -21.38 40.06
CA ALA C 382 -9.44 -20.12 39.36
C ALA C 382 -8.25 -20.24 38.43
N ALA C 383 -7.16 -20.83 38.91
CA ALA C 383 -5.98 -21.01 38.07
C ALA C 383 -6.29 -21.92 36.89
N THR C 384 -6.97 -23.04 37.14
CA THR C 384 -7.26 -23.99 36.07
C THR C 384 -8.17 -23.37 35.01
N LEU C 385 -9.23 -22.69 35.46
CA LEU C 385 -10.17 -22.08 34.52
C LEU C 385 -9.53 -20.93 33.75
N ALA C 386 -8.72 -20.11 34.42
CA ALA C 386 -8.06 -19.00 33.75
C ALA C 386 -7.08 -19.48 32.70
N ASP C 387 -6.34 -20.56 33.00
CA ASP C 387 -5.43 -21.10 32.00
C ASP C 387 -6.19 -21.77 30.87
N ARG C 388 -7.32 -22.40 31.18
CA ARG C 388 -7.95 -23.26 30.19
C ARG C 388 -8.78 -22.48 29.17
N TYR C 389 -9.57 -21.50 29.62
CA TYR C 389 -10.56 -20.86 28.76
C TYR C 389 -10.13 -19.50 28.24
N ILE C 390 -9.69 -18.59 29.12
CA ILE C 390 -9.36 -17.23 28.69
C ILE C 390 -8.08 -17.25 27.89
N ASN C 391 -8.18 -16.89 26.60
CA ASN C 391 -7.03 -16.93 25.70
C ASN C 391 -6.83 -15.55 25.07
N ASP C 392 -6.78 -14.50 25.89
CA ASP C 392 -6.28 -13.20 25.45
C ASP C 392 -5.44 -12.52 26.52
N ARG C 393 -5.35 -13.12 27.70
CA ARG C 393 -4.56 -12.60 28.82
C ARG C 393 -3.66 -13.72 29.32
N PHE C 394 -2.77 -13.39 30.24
CA PHE C 394 -1.70 -14.30 30.63
C PHE C 394 -1.59 -14.43 32.14
N LEU C 395 -1.19 -15.62 32.57
CA LEU C 395 -1.01 -15.89 33.99
C LEU C 395 0.13 -15.05 34.55
N PRO C 396 0.05 -14.66 35.83
CA PRO C 396 -0.99 -14.92 36.81
C PRO C 396 -2.03 -13.82 36.87
N ASP C 397 -2.15 -12.99 35.83
CA ASP C 397 -3.06 -11.85 35.93
C ASP C 397 -4.52 -12.27 35.83
N LYS C 398 -4.85 -13.26 35.01
CA LYS C 398 -6.26 -13.62 34.85
C LYS C 398 -6.79 -14.32 36.08
N ALA C 399 -5.96 -15.12 36.76
CA ALA C 399 -6.39 -15.74 38.00
C ALA C 399 -6.64 -14.70 39.08
N ILE C 400 -5.76 -13.69 39.17
CA ILE C 400 -5.96 -12.60 40.11
C ILE C 400 -7.22 -11.82 39.74
N ASP C 401 -7.49 -11.68 38.44
CA ASP C 401 -8.71 -10.99 38.00
C ASP C 401 -9.96 -11.73 38.46
N LEU C 402 -9.98 -13.06 38.26
CA LEU C 402 -11.13 -13.85 38.69
C LEU C 402 -11.33 -13.75 40.20
N ILE C 403 -10.24 -13.88 40.96
CA ILE C 403 -10.35 -13.85 42.42
C ILE C 403 -10.84 -12.48 42.89
N ASP C 404 -10.26 -11.41 42.33
CA ASP C 404 -10.64 -10.05 42.72
C ASP C 404 -12.07 -9.77 42.36
N GLU C 405 -12.52 -10.23 41.19
CA GLU C 405 -13.89 -9.98 40.77
C GLU C 405 -14.89 -10.75 41.62
N ALA C 406 -14.55 -11.98 42.02
CA ALA C 406 -15.40 -12.74 42.93
C ALA C 406 -15.50 -12.05 44.28
N GLY C 407 -14.36 -11.53 44.78
CA GLY C 407 -14.40 -10.78 46.03
C GLY C 407 -15.25 -9.53 45.94
N ALA C 408 -15.17 -8.82 44.81
CA ALA C 408 -16.02 -7.65 44.60
C ALA C 408 -17.49 -8.04 44.54
N ARG C 409 -17.82 -9.16 43.90
CA ARG C 409 -19.20 -9.63 43.83
C ARG C 409 -19.74 -9.94 45.23
N MET C 410 -18.95 -10.61 46.06
CA MET C 410 -19.38 -10.87 47.44
C MET C 410 -19.53 -9.57 48.23
N ARG C 411 -18.60 -8.63 48.06
CA ARG C 411 -18.68 -7.37 48.80
C ARG C 411 -19.94 -6.59 48.42
N ILE C 412 -20.29 -6.59 47.12
CA ILE C 412 -21.51 -5.92 46.69
C ILE C 412 -22.75 -6.66 47.20
N ARG C 413 -22.76 -8.00 47.07
CA ARG C 413 -23.96 -8.76 47.40
C ARG C 413 -24.29 -8.72 48.88
N ARG C 414 -23.29 -8.79 49.76
CA ARG C 414 -23.57 -8.70 51.19
C ARG C 414 -24.05 -7.31 51.58
N MET C 415 -23.52 -6.27 50.95
CA MET C 415 -24.00 -4.91 51.21
C MET C 415 -25.28 -4.64 50.43
N VAL C 476 -19.71 -12.30 57.14
CA VAL C 476 -18.53 -12.49 56.31
C VAL C 476 -18.82 -13.54 55.25
N ALA C 477 -18.68 -13.15 53.98
CA ALA C 477 -19.02 -14.05 52.89
C ALA C 477 -17.91 -15.07 52.66
N GLU C 478 -18.18 -16.02 51.78
CA GLU C 478 -17.21 -17.04 51.39
C GLU C 478 -17.14 -17.11 49.88
N VAL C 479 -15.94 -17.31 49.35
CA VAL C 479 -15.74 -17.51 47.92
C VAL C 479 -15.40 -18.97 47.68
N ASP C 480 -16.19 -19.63 46.85
CA ASP C 480 -15.95 -21.01 46.45
C ASP C 480 -15.71 -21.04 44.94
N ASP C 481 -15.48 -22.24 44.40
CA ASP C 481 -15.28 -22.37 42.97
C ASP C 481 -16.53 -22.04 42.17
N GLU C 482 -17.70 -22.09 42.80
CA GLU C 482 -18.94 -21.73 42.11
C GLU C 482 -18.95 -20.26 41.75
N GLN C 483 -18.47 -19.40 42.65
CA GLN C 483 -18.43 -17.96 42.35
C GLN C 483 -17.38 -17.65 41.31
N ILE C 484 -16.26 -18.38 41.31
CA ILE C 484 -15.26 -18.24 40.26
C ILE C 484 -15.85 -18.62 38.91
N ALA C 485 -16.62 -19.71 38.89
CA ALA C 485 -17.29 -20.12 37.65
C ALA C 485 -18.29 -19.07 37.18
N GLU C 486 -19.02 -18.46 38.12
CA GLU C 486 -19.93 -17.37 37.75
C GLU C 486 -19.18 -16.19 37.16
N VAL C 487 -18.04 -15.83 37.76
CA VAL C 487 -17.25 -14.70 37.26
C VAL C 487 -16.73 -14.99 35.86
N LEU C 488 -16.25 -16.22 35.64
CA LEU C 488 -15.78 -16.61 34.32
C LEU C 488 -16.91 -16.62 33.30
N GLY C 489 -18.11 -17.08 33.69
CA GLY C 489 -19.23 -17.07 32.78
C GLY C 489 -19.65 -15.65 32.41
N ASN C 490 -19.61 -14.73 33.37
CA ASN C 490 -19.85 -13.32 33.04
C ASN C 490 -18.79 -12.78 32.09
N TRP C 491 -17.53 -13.15 32.34
CA TRP C 491 -16.42 -12.59 31.57
C TRP C 491 -16.46 -13.06 30.12
N THR C 492 -16.54 -14.37 29.90
CA THR C 492 -16.34 -14.93 28.57
C THR C 492 -17.55 -15.62 27.98
N GLY C 493 -18.57 -15.94 28.79
CA GLY C 493 -19.73 -16.63 28.28
C GLY C 493 -19.60 -18.12 28.17
N ILE C 494 -18.49 -18.70 28.61
CA ILE C 494 -18.32 -20.15 28.60
C ILE C 494 -19.24 -20.77 29.64
N PRO C 495 -20.09 -21.72 29.27
CA PRO C 495 -21.08 -22.27 30.22
C PRO C 495 -20.49 -23.29 31.18
N VAL C 496 -19.52 -22.84 31.98
CA VAL C 496 -19.02 -23.66 33.08
C VAL C 496 -19.62 -23.16 34.39
N PHE C 497 -20.61 -23.91 34.89
CA PHE C 497 -21.35 -23.52 36.09
C PHE C 497 -21.65 -24.77 36.91
N LYS C 498 -21.94 -24.55 38.20
CA LYS C 498 -22.48 -25.61 39.02
C LYS C 498 -23.96 -25.78 38.70
N LEU C 499 -24.32 -26.95 38.19
CA LEU C 499 -25.64 -27.15 37.61
C LEU C 499 -26.72 -27.22 38.70
N THR C 500 -27.78 -26.43 38.52
CA THR C 500 -28.94 -26.55 39.39
C THR C 500 -29.88 -27.64 38.84
N GLU C 501 -30.95 -27.89 39.59
CA GLU C 501 -31.84 -29.00 39.26
C GLU C 501 -32.60 -28.75 37.96
N ALA C 502 -33.10 -27.52 37.77
CA ALA C 502 -33.94 -27.23 36.61
C ALA C 502 -33.15 -27.37 35.31
N GLU C 503 -31.95 -26.78 35.25
CA GLU C 503 -31.13 -26.92 34.06
C GLU C 503 -30.62 -28.35 33.89
N THR C 504 -30.47 -29.08 34.99
CA THR C 504 -30.07 -30.48 34.88
C THR C 504 -31.15 -31.31 34.20
N THR C 505 -32.40 -31.18 34.64
CA THR C 505 -33.51 -31.88 33.99
C THR C 505 -33.74 -31.37 32.58
N ARG C 506 -33.42 -30.10 32.31
CA ARG C 506 -33.44 -29.59 30.95
C ARG C 506 -32.40 -30.31 30.09
N LEU C 507 -31.22 -30.54 30.65
CA LEU C 507 -30.15 -31.19 29.90
C LEU C 507 -30.45 -32.67 29.66
N LEU C 508 -30.99 -33.36 30.66
CA LEU C 508 -31.33 -34.76 30.50
C LEU C 508 -32.44 -34.97 29.47
N ARG C 509 -33.45 -34.10 29.47
CA ARG C 509 -34.61 -34.24 28.61
C ARG C 509 -34.54 -33.34 27.38
N MET C 510 -33.34 -32.95 26.95
CA MET C 510 -33.29 -31.97 25.87
C MET C 510 -33.57 -32.58 24.51
N GLU C 511 -33.57 -33.92 24.41
CA GLU C 511 -33.95 -34.54 23.15
C GLU C 511 -35.40 -34.24 22.82
N GLU C 512 -36.27 -34.22 23.83
CA GLU C 512 -37.64 -33.77 23.61
C GLU C 512 -37.67 -32.28 23.29
N GLU C 513 -36.78 -31.50 23.89
CA GLU C 513 -36.73 -30.06 23.62
C GLU C 513 -36.37 -29.78 22.17
N LEU C 514 -35.39 -30.52 21.64
CA LEU C 514 -35.07 -30.41 20.23
C LEU C 514 -36.20 -30.96 19.37
N HIS C 515 -36.81 -32.05 19.81
CA HIS C 515 -37.93 -32.65 19.08
C HIS C 515 -39.19 -31.81 19.13
N LYS C 516 -39.21 -30.76 19.95
CA LYS C 516 -40.26 -29.76 19.84
C LYS C 516 -40.26 -29.11 18.47
N ARG C 517 -39.07 -28.88 17.90
CA ARG C 517 -38.94 -28.25 16.59
C ARG C 517 -38.67 -29.28 15.49
N ILE C 518 -37.59 -30.04 15.58
CA ILE C 518 -37.25 -30.99 14.53
C ILE C 518 -38.12 -32.23 14.72
N ILE C 519 -38.57 -32.81 13.60
CA ILE C 519 -39.45 -33.97 13.62
C ILE C 519 -38.74 -35.13 12.94
N GLY C 520 -38.67 -36.26 13.63
CA GLY C 520 -37.91 -37.39 13.12
C GLY C 520 -36.42 -37.17 13.30
N GLN C 521 -35.64 -38.00 12.59
CA GLN C 521 -34.19 -37.98 12.63
C GLN C 521 -33.67 -38.12 14.07
N GLU C 522 -34.01 -39.26 14.67
CA GLU C 522 -33.64 -39.50 16.06
C GLU C 522 -32.14 -39.70 16.22
N ASP C 523 -31.48 -40.24 15.20
CA ASP C 523 -30.05 -40.54 15.30
C ASP C 523 -29.22 -39.27 15.47
N ALA C 524 -29.51 -38.25 14.66
CA ALA C 524 -28.73 -37.02 14.71
C ALA C 524 -28.94 -36.28 16.02
N VAL C 525 -30.20 -36.17 16.46
CA VAL C 525 -30.49 -35.49 17.72
C VAL C 525 -29.89 -36.27 18.88
N LYS C 526 -29.89 -37.60 18.79
CA LYS C 526 -29.25 -38.42 19.82
C LYS C 526 -27.76 -38.14 19.90
N ALA C 527 -27.08 -38.11 18.75
CA ALA C 527 -25.64 -37.89 18.73
C ALA C 527 -25.28 -36.50 19.25
N VAL C 528 -26.03 -35.49 18.82
CA VAL C 528 -25.75 -34.13 19.28
C VAL C 528 -26.05 -33.99 20.77
N SER C 529 -27.12 -34.63 21.25
CA SER C 529 -27.42 -34.61 22.68
C SER C 529 -26.30 -35.25 23.48
N LYS C 530 -25.76 -36.36 22.98
CA LYS C 530 -24.62 -37.00 23.63
C LYS C 530 -23.43 -36.06 23.69
N ALA C 531 -23.14 -35.37 22.58
CA ALA C 531 -21.97 -34.49 22.52
C ALA C 531 -22.11 -33.32 23.50
N ILE C 532 -23.26 -32.64 23.47
CA ILE C 532 -23.45 -31.50 24.37
C ILE C 532 -23.56 -31.92 25.84
N ARG C 533 -24.13 -33.10 26.12
CA ARG C 533 -24.17 -33.59 27.48
C ARG C 533 -22.79 -33.93 27.99
N ARG C 534 -21.94 -34.49 27.11
CA ARG C 534 -20.55 -34.72 27.45
C ARG C 534 -19.81 -33.41 27.71
N THR C 535 -20.09 -32.40 26.90
CA THR C 535 -19.43 -31.10 27.08
C THR C 535 -19.82 -30.45 28.40
N ARG C 536 -21.11 -30.48 28.74
CA ARG C 536 -21.60 -29.77 29.91
C ARG C 536 -21.24 -30.44 31.22
N ALA C 537 -20.85 -31.72 31.20
CA ALA C 537 -20.52 -32.46 32.41
C ALA C 537 -19.02 -32.47 32.71
N GLY C 538 -18.23 -31.71 31.95
CA GLY C 538 -16.79 -31.69 32.16
C GLY C 538 -16.09 -32.99 31.81
N LEU C 539 -16.48 -33.62 30.68
CA LEU C 539 -15.86 -34.85 30.23
C LEU C 539 -15.41 -34.76 28.78
N LYS C 540 -15.12 -33.54 28.31
CA LYS C 540 -14.71 -33.33 26.93
C LYS C 540 -13.20 -33.18 26.89
N ASP C 541 -12.58 -33.76 25.86
CA ASP C 541 -11.15 -33.63 25.65
C ASP C 541 -10.80 -32.15 25.45
N PRO C 542 -10.01 -31.54 26.34
CA PRO C 542 -9.85 -30.08 26.30
C PRO C 542 -9.05 -29.57 25.11
N LYS C 543 -8.36 -30.44 24.38
CA LYS C 543 -7.60 -30.03 23.22
C LYS C 543 -8.39 -30.10 21.92
N ARG C 544 -9.64 -30.54 21.98
CA ARG C 544 -10.49 -30.69 20.81
C ARG C 544 -11.83 -29.98 21.04
N PRO C 545 -12.54 -29.61 19.98
CA PRO C 545 -13.82 -28.90 20.15
C PRO C 545 -14.87 -29.77 20.82
N SER C 546 -16.02 -29.14 21.09
CA SER C 546 -17.11 -29.86 21.76
C SER C 546 -17.65 -30.99 20.89
N GLY C 547 -17.73 -30.77 19.59
CA GLY C 547 -18.19 -31.81 18.69
C GLY C 547 -18.12 -31.34 17.25
N SER C 548 -17.72 -32.27 16.37
CA SER C 548 -17.65 -32.00 14.94
C SER C 548 -18.48 -33.05 14.23
N PHE C 549 -19.41 -32.63 13.38
CA PHE C 549 -20.37 -33.53 12.78
C PHE C 549 -20.46 -33.28 11.28
N ILE C 550 -20.75 -34.34 10.53
CA ILE C 550 -21.05 -34.24 9.11
C ILE C 550 -22.51 -34.67 8.93
N PHE C 551 -23.36 -33.72 8.57
CA PHE C 551 -24.78 -34.00 8.32
C PHE C 551 -24.93 -34.19 6.83
N ALA C 552 -24.92 -35.43 6.38
CA ALA C 552 -25.01 -35.75 4.96
C ALA C 552 -26.27 -36.55 4.69
N GLY C 553 -27.12 -36.03 3.80
CA GLY C 553 -28.37 -36.67 3.49
C GLY C 553 -29.12 -35.93 2.41
N PRO C 554 -30.30 -36.43 2.04
CA PRO C 554 -31.08 -35.80 0.96
C PRO C 554 -31.56 -34.41 1.36
N SER C 555 -31.82 -33.61 0.35
CA SER C 555 -32.14 -32.19 0.57
C SER C 555 -33.50 -32.03 1.24
N GLY C 556 -33.59 -31.05 2.13
CA GLY C 556 -34.84 -30.68 2.75
C GLY C 556 -35.20 -31.40 4.03
N VAL C 557 -34.40 -32.40 4.43
CA VAL C 557 -34.75 -33.22 5.58
C VAL C 557 -34.72 -32.43 6.89
N GLY C 558 -33.85 -31.42 6.98
CA GLY C 558 -33.75 -30.66 8.21
C GLY C 558 -32.34 -30.59 8.75
N LYS C 559 -31.36 -30.71 7.86
CA LYS C 559 -29.97 -30.63 8.26
C LYS C 559 -29.63 -29.25 8.81
N THR C 560 -30.15 -28.20 8.18
CA THR C 560 -29.97 -26.85 8.72
C THR C 560 -30.86 -26.63 9.95
N GLU C 561 -32.06 -27.22 9.94
CA GLU C 561 -33.01 -26.99 11.03
C GLU C 561 -32.49 -27.57 12.35
N LEU C 562 -31.70 -28.64 12.28
CA LEU C 562 -31.07 -29.14 13.50
C LEU C 562 -30.12 -28.12 14.10
N SER C 563 -29.33 -27.44 13.26
CA SER C 563 -28.42 -26.42 13.74
C SER C 563 -29.18 -25.22 14.29
N LYS C 564 -30.27 -24.83 13.63
CA LYS C 564 -31.09 -23.72 14.14
C LYS C 564 -31.72 -24.08 15.48
N ALA C 565 -32.16 -25.34 15.63
CA ALA C 565 -32.67 -25.79 16.92
C ALA C 565 -31.60 -25.79 17.99
N LEU C 566 -30.37 -26.15 17.64
CA LEU C 566 -29.26 -26.08 18.60
C LEU C 566 -29.02 -24.66 19.04
N ALA C 567 -29.01 -23.71 18.10
CA ALA C 567 -28.80 -22.32 18.47
C ALA C 567 -29.92 -21.82 19.38
N ASN C 568 -31.16 -22.17 19.06
CA ASN C 568 -32.30 -21.76 19.87
C ASN C 568 -32.23 -22.36 21.27
N PHE C 569 -31.81 -23.62 21.38
CA PHE C 569 -31.70 -24.25 22.69
C PHE C 569 -30.56 -23.64 23.51
N LEU C 570 -29.39 -23.50 22.91
CA LEU C 570 -28.20 -23.13 23.67
C LEU C 570 -28.17 -21.66 24.03
N PHE C 571 -28.65 -20.77 23.14
CA PHE C 571 -28.54 -19.34 23.37
C PHE C 571 -29.88 -18.64 23.60
N GLY C 572 -31.01 -19.26 23.28
CA GLY C 572 -32.30 -18.64 23.39
C GLY C 572 -32.71 -17.85 22.17
N ASP C 573 -31.78 -17.56 21.26
CA ASP C 573 -32.07 -16.87 20.01
C ASP C 573 -31.39 -17.63 18.88
N ASP C 574 -31.95 -17.51 17.68
CA ASP C 574 -31.44 -18.22 16.52
C ASP C 574 -30.38 -17.43 15.76
N ASP C 575 -30.29 -16.12 15.96
CA ASP C 575 -29.31 -15.31 15.26
C ASP C 575 -27.88 -15.55 15.77
N ALA C 576 -27.71 -16.27 16.88
CA ALA C 576 -26.40 -16.53 17.43
C ALA C 576 -25.66 -17.64 16.70
N LEU C 577 -26.30 -18.33 15.77
CA LEU C 577 -25.64 -19.37 14.99
C LEU C 577 -24.76 -18.70 13.94
N ILE C 578 -23.45 -18.81 14.10
CA ILE C 578 -22.51 -18.26 13.12
C ILE C 578 -22.56 -19.19 11.91
N GLN C 579 -23.25 -18.74 10.86
CA GLN C 579 -23.46 -19.55 9.67
C GLN C 579 -22.51 -19.12 8.57
N ILE C 580 -21.69 -20.06 8.10
CA ILE C 580 -20.78 -19.83 7.00
C ILE C 580 -21.24 -20.70 5.84
N ASP C 581 -21.50 -20.08 4.69
CA ASP C 581 -21.99 -20.80 3.52
C ASP C 581 -20.83 -21.17 2.61
N MET C 582 -20.72 -22.45 2.28
CA MET C 582 -19.66 -22.94 1.41
C MET C 582 -20.04 -22.85 -0.06
N GLY C 583 -21.20 -22.29 -0.39
CA GLY C 583 -21.53 -22.08 -1.78
C GLY C 583 -20.64 -21.04 -2.44
N GLU C 584 -20.25 -20.01 -1.70
CA GLU C 584 -19.41 -18.96 -2.27
C GLU C 584 -17.96 -19.40 -2.43
N PHE C 585 -17.49 -20.31 -1.60
CA PHE C 585 -16.07 -20.69 -1.60
C PHE C 585 -15.76 -21.75 -2.65
N HIS C 586 -16.03 -21.43 -3.91
CA HIS C 586 -15.74 -22.33 -5.02
C HIS C 586 -14.57 -21.87 -5.88
N ASP C 587 -13.98 -20.73 -5.59
CA ASP C 587 -12.82 -20.23 -6.34
C ASP C 587 -11.54 -20.51 -5.56
N ARG C 588 -10.41 -20.37 -6.25
CA ARG C 588 -9.13 -20.61 -5.60
C ARG C 588 -8.61 -19.37 -4.89
N PHE C 589 -9.30 -18.25 -5.00
CA PHE C 589 -8.84 -17.02 -4.39
C PHE C 589 -9.65 -16.64 -3.16
N THR C 590 -10.75 -17.34 -2.90
CA THR C 590 -11.68 -16.94 -1.86
C THR C 590 -11.44 -17.64 -0.53
N ALA C 591 -10.39 -18.46 -0.42
CA ALA C 591 -10.11 -19.13 0.84
C ALA C 591 -9.68 -18.17 1.94
N SER C 592 -9.25 -16.97 1.59
CA SER C 592 -8.74 -16.02 2.57
C SER C 592 -9.83 -15.29 3.33
N ARG C 593 -11.10 -15.48 2.94
CA ARG C 593 -12.19 -14.80 3.64
C ARG C 593 -12.35 -15.30 5.08
N LEU C 594 -12.06 -16.58 5.32
CA LEU C 594 -12.25 -17.14 6.65
C LEU C 594 -11.26 -16.56 7.64
N PHE C 595 -9.98 -16.56 7.29
CA PHE C 595 -8.91 -16.20 8.22
C PHE C 595 -8.10 -14.99 7.77
N GLY C 596 -8.63 -14.17 6.88
CA GLY C 596 -8.00 -12.91 6.55
C GLY C 596 -6.91 -13.03 5.52
N ALA C 597 -6.32 -11.89 5.22
CA ALA C 597 -5.24 -11.70 4.25
C ALA C 597 -3.89 -11.67 4.95
N PRO C 598 -2.85 -12.16 4.30
CA PRO C 598 -1.50 -12.13 4.91
C PRO C 598 -1.00 -10.71 5.03
N PRO C 599 0.01 -10.48 5.88
CA PRO C 599 0.61 -9.14 5.96
C PRO C 599 1.20 -8.71 4.62
N GLY C 600 1.05 -7.41 4.34
CA GLY C 600 1.49 -6.85 3.08
C GLY C 600 0.43 -6.81 2.00
N TYR C 601 -0.78 -7.29 2.27
CA TYR C 601 -1.84 -7.34 1.28
C TYR C 601 -3.05 -6.57 1.78
N VAL C 602 -3.98 -6.30 0.86
CA VAL C 602 -5.19 -5.58 1.20
C VAL C 602 -6.09 -6.45 2.06
N GLY C 603 -6.73 -5.82 3.05
CA GLY C 603 -7.53 -6.56 4.00
C GLY C 603 -6.78 -7.10 5.20
N TYR C 604 -5.55 -6.61 5.45
CA TYR C 604 -4.77 -7.11 6.56
C TYR C 604 -5.31 -6.62 7.89
N GLU C 605 -5.74 -5.36 7.97
CA GLU C 605 -6.23 -4.82 9.23
C GLU C 605 -7.56 -5.44 9.63
N GLU C 606 -8.44 -5.69 8.67
CA GLU C 606 -9.74 -6.28 8.99
C GLU C 606 -9.60 -7.71 9.48
N GLY C 607 -8.68 -8.48 8.90
CA GLY C 607 -8.47 -9.85 9.33
C GLY C 607 -9.58 -10.77 8.86
N GLY C 608 -9.66 -11.91 9.54
CA GLY C 608 -10.62 -12.92 9.17
C GLY C 608 -12.03 -12.56 9.58
N GLN C 609 -13.00 -13.10 8.82
CA GLN C 609 -14.40 -12.95 9.17
C GLN C 609 -14.85 -14.02 10.16
N LEU C 610 -14.41 -15.26 9.97
CA LEU C 610 -14.79 -16.34 10.86
C LEU C 610 -14.06 -16.27 12.19
N THR C 611 -12.75 -15.97 12.16
CA THR C 611 -11.97 -15.91 13.38
C THR C 611 -12.44 -14.79 14.29
N GLU C 612 -12.74 -13.61 13.74
CA GLU C 612 -13.23 -12.52 14.55
C GLU C 612 -14.60 -12.84 15.13
N LYS C 613 -15.48 -13.45 14.33
CA LYS C 613 -16.80 -13.86 14.81
C LYS C 613 -16.68 -14.81 15.99
N VAL C 614 -15.74 -15.74 15.91
CA VAL C 614 -15.50 -16.65 17.03
C VAL C 614 -14.94 -15.90 18.24
N ARG C 615 -14.04 -14.93 18.01
CA ARG C 615 -13.49 -14.16 19.12
C ARG C 615 -14.56 -13.31 19.82
N ARG C 616 -15.64 -12.95 19.11
CA ARG C 616 -16.72 -12.22 19.78
C ARG C 616 -17.34 -13.07 20.88
N LYS C 617 -17.60 -14.34 20.61
CA LYS C 617 -18.17 -15.24 21.62
C LYS C 617 -17.51 -16.60 21.52
N PRO C 618 -16.69 -16.97 22.51
CA PRO C 618 -15.97 -18.25 22.43
C PRO C 618 -16.87 -19.47 22.38
N PHE C 619 -18.03 -19.44 23.04
CA PHE C 619 -19.00 -20.52 22.97
C PHE C 619 -19.93 -20.25 21.79
N SER C 620 -19.90 -21.14 20.81
CA SER C 620 -20.65 -20.90 19.58
C SER C 620 -20.96 -22.20 18.88
N VAL C 621 -21.90 -22.13 17.95
CA VAL C 621 -22.19 -23.22 17.02
C VAL C 621 -21.83 -22.72 15.63
N VAL C 622 -20.84 -23.35 15.01
CA VAL C 622 -20.33 -22.92 13.72
C VAL C 622 -20.94 -23.81 12.64
N LEU C 623 -21.64 -23.20 11.70
CA LEU C 623 -22.34 -23.92 10.65
C LEU C 623 -21.64 -23.71 9.33
N PHE C 624 -21.18 -24.80 8.71
CA PHE C 624 -20.61 -24.78 7.37
C PHE C 624 -21.65 -25.37 6.43
N ASP C 625 -22.44 -24.50 5.81
CA ASP C 625 -23.57 -24.94 5.01
C ASP C 625 -23.11 -25.39 3.62
N GLU C 626 -23.66 -26.53 3.19
CA GLU C 626 -23.47 -27.07 1.84
C GLU C 626 -21.98 -27.29 1.53
N ILE C 627 -21.42 -28.26 2.27
CA ILE C 627 -20.00 -28.58 2.21
C ILE C 627 -19.51 -28.92 0.81
N GLU C 628 -20.26 -29.72 0.05
CA GLU C 628 -19.78 -30.26 -1.21
C GLU C 628 -19.54 -29.17 -2.26
N LYS C 629 -20.07 -27.97 -2.05
CA LYS C 629 -19.79 -26.87 -2.97
C LYS C 629 -18.33 -26.41 -2.86
N ALA C 630 -17.84 -26.22 -1.64
CA ALA C 630 -16.46 -25.80 -1.46
C ALA C 630 -15.50 -26.94 -1.77
N HIS C 631 -14.32 -26.57 -2.29
CA HIS C 631 -13.35 -27.55 -2.72
C HIS C 631 -12.19 -27.57 -1.72
N GLN C 632 -11.24 -28.49 -1.93
CA GLN C 632 -10.47 -29.07 -0.83
C GLN C 632 -9.58 -28.09 -0.07
N GLU C 633 -9.32 -26.89 -0.59
CA GLU C 633 -8.41 -25.99 0.10
C GLU C 633 -8.98 -25.52 1.43
N ILE C 634 -10.29 -25.32 1.51
CA ILE C 634 -10.89 -24.88 2.77
C ILE C 634 -10.82 -26.00 3.81
N TYR C 635 -10.98 -27.25 3.38
CA TYR C 635 -10.91 -28.35 4.33
C TYR C 635 -9.47 -28.58 4.79
N ASN C 636 -8.51 -28.36 3.91
CA ASN C 636 -7.11 -28.37 4.32
C ASN C 636 -6.84 -27.26 5.33
N SER C 637 -7.52 -26.13 5.21
CA SER C 637 -7.41 -25.09 6.23
C SER C 637 -8.07 -25.52 7.54
N LEU C 638 -9.18 -26.25 7.46
CA LEU C 638 -9.98 -26.60 8.64
C LEU C 638 -9.51 -27.85 9.36
N LEU C 639 -8.52 -28.57 8.81
CA LEU C 639 -7.94 -29.67 9.58
C LEU C 639 -7.34 -29.18 10.90
N GLN C 640 -6.85 -27.94 10.92
CA GLN C 640 -6.40 -27.28 12.15
C GLN C 640 -7.44 -27.34 13.24
N VAL C 641 -8.62 -26.79 12.98
CA VAL C 641 -9.66 -26.72 14.00
C VAL C 641 -10.22 -28.11 14.29
N LEU C 642 -10.26 -28.99 13.30
CA LEU C 642 -10.79 -30.33 13.56
C LEU C 642 -9.86 -31.13 14.46
N GLU C 643 -8.55 -30.83 14.43
CA GLU C 643 -7.65 -31.55 15.32
C GLU C 643 -7.45 -30.85 16.66
N ASP C 644 -6.94 -29.62 16.64
CA ASP C 644 -6.48 -29.00 17.87
C ASP C 644 -7.41 -27.85 18.28
N GLY C 645 -8.34 -27.47 17.43
CA GLY C 645 -9.20 -26.33 17.73
C GLY C 645 -8.46 -25.01 17.75
N ARG C 646 -7.54 -24.82 16.80
CA ARG C 646 -6.79 -23.58 16.68
C ARG C 646 -6.90 -23.08 15.25
N LEU C 647 -6.83 -21.77 15.09
CA LEU C 647 -6.83 -21.17 13.77
C LEU C 647 -6.07 -19.86 13.84
N THR C 648 -5.06 -19.70 12.99
CA THR C 648 -4.25 -18.49 12.99
C THR C 648 -4.68 -17.60 11.83
N ASP C 649 -5.23 -16.44 12.16
CA ASP C 649 -5.69 -15.54 11.12
C ASP C 649 -4.51 -14.81 10.48
N GLY C 650 -4.81 -13.92 9.53
CA GLY C 650 -3.78 -13.20 8.83
C GLY C 650 -2.96 -12.28 9.70
N GLN C 651 -3.54 -11.76 10.77
CA GLN C 651 -2.81 -10.86 11.66
C GLN C 651 -1.78 -11.60 12.52
N GLY C 652 -1.82 -12.93 12.53
CA GLY C 652 -0.87 -13.73 13.27
C GLY C 652 -1.38 -14.26 14.59
N ARG C 653 -2.51 -13.76 15.08
CA ARG C 653 -3.06 -14.19 16.35
C ARG C 653 -3.69 -15.56 16.23
N THR C 654 -3.58 -16.35 17.30
CA THR C 654 -4.25 -17.64 17.39
C THR C 654 -5.55 -17.47 18.17
N VAL C 655 -6.60 -18.15 17.72
CA VAL C 655 -7.93 -18.04 18.32
C VAL C 655 -8.32 -19.41 18.84
N ASP C 656 -9.29 -19.43 19.76
CA ASP C 656 -9.68 -20.67 20.42
C ASP C 656 -10.95 -21.26 19.81
N PHE C 657 -10.93 -22.56 19.56
CA PHE C 657 -12.11 -23.30 19.12
C PHE C 657 -12.39 -24.51 20.02
N LYS C 658 -11.91 -24.50 21.26
CA LYS C 658 -11.98 -25.69 22.09
C LYS C 658 -13.36 -25.96 22.64
N ASN C 659 -14.31 -25.05 22.47
CA ASN C 659 -15.64 -25.21 23.04
C ASN C 659 -16.72 -25.16 21.97
N THR C 660 -16.42 -24.59 20.80
CA THR C 660 -17.40 -24.44 19.74
C THR C 660 -17.80 -25.79 19.17
N VAL C 661 -19.04 -25.87 18.69
CA VAL C 661 -19.60 -27.07 18.09
C VAL C 661 -19.59 -26.88 16.59
N LEU C 662 -18.88 -27.76 15.89
CA LEU C 662 -18.74 -27.67 14.44
C LEU C 662 -19.75 -28.57 13.76
N ILE C 663 -20.45 -28.04 12.78
CA ILE C 663 -21.44 -28.78 12.01
C ILE C 663 -21.15 -28.59 10.53
N PHE C 664 -21.00 -29.71 9.81
CA PHE C 664 -20.72 -29.69 8.38
C PHE C 664 -21.88 -30.34 7.66
N THR C 665 -22.71 -29.53 6.99
CA THR C 665 -23.88 -30.05 6.30
C THR C 665 -23.55 -30.33 4.84
N SER C 666 -23.91 -31.52 4.37
CA SER C 666 -23.58 -31.94 3.02
C SER C 666 -24.82 -32.47 2.33
N ASN C 667 -24.84 -32.36 1.00
CA ASN C 667 -25.93 -32.85 0.16
C ASN C 667 -25.30 -33.75 -0.89
N LEU C 668 -25.12 -35.03 -0.55
CA LEU C 668 -24.47 -35.98 -1.42
C LEU C 668 -25.20 -37.31 -1.36
N GLY C 669 -24.92 -38.17 -2.32
CA GLY C 669 -25.53 -39.49 -2.34
C GLY C 669 -26.98 -39.49 -2.74
N THR C 670 -27.46 -38.44 -3.40
CA THR C 670 -28.85 -38.39 -3.83
C THR C 670 -29.00 -37.52 -5.07
N GLU C 691 -30.82 -47.98 4.42
CA GLU C 691 -29.57 -48.67 4.71
C GLU C 691 -28.61 -48.57 3.53
N ARG C 692 -29.15 -48.74 2.31
CA ARG C 692 -28.33 -48.57 1.12
C ARG C 692 -27.93 -47.10 0.93
N MET C 693 -28.79 -46.18 1.39
CA MET C 693 -28.45 -44.77 1.33
C MET C 693 -27.28 -44.45 2.26
N LYS C 694 -27.20 -45.15 3.40
CA LYS C 694 -26.07 -45.00 4.31
C LYS C 694 -24.75 -45.31 3.59
N GLN C 695 -24.69 -46.45 2.91
CA GLN C 695 -23.46 -46.85 2.24
C GLN C 695 -23.18 -45.99 1.03
N LYS C 696 -24.23 -45.55 0.32
CA LYS C 696 -24.03 -44.66 -0.82
C LYS C 696 -23.45 -43.31 -0.38
N VAL C 697 -23.97 -42.76 0.71
CA VAL C 697 -23.44 -41.51 1.25
C VAL C 697 -22.01 -41.70 1.75
N ASN C 698 -21.73 -42.83 2.41
CA ASN C 698 -20.37 -43.08 2.87
C ASN C 698 -19.39 -43.18 1.71
N ASP C 699 -19.79 -43.88 0.64
CA ASP C 699 -18.94 -44.00 -0.54
C ASP C 699 -18.72 -42.65 -1.23
N GLU C 700 -19.79 -41.84 -1.33
CA GLU C 700 -19.66 -40.53 -1.94
C GLU C 700 -18.75 -39.62 -1.13
N LEU C 701 -18.86 -39.67 0.20
CA LEU C 701 -18.00 -38.85 1.04
C LEU C 701 -16.55 -39.34 1.02
N LYS C 702 -16.34 -40.66 0.91
CA LYS C 702 -14.98 -41.16 0.81
C LYS C 702 -14.36 -40.79 -0.54
N LYS C 703 -15.17 -40.74 -1.59
CA LYS C 703 -14.64 -40.38 -2.91
C LYS C 703 -14.37 -38.88 -3.00
N HIS C 704 -15.24 -38.06 -2.42
CA HIS C 704 -15.11 -36.61 -2.50
C HIS C 704 -14.28 -36.00 -1.38
N PHE C 705 -13.68 -36.82 -0.51
CA PHE C 705 -12.82 -36.30 0.53
C PHE C 705 -11.59 -37.16 0.70
N ARG C 706 -10.54 -36.55 1.24
CA ARG C 706 -9.36 -37.27 1.67
C ARG C 706 -9.65 -37.95 3.01
N PRO C 707 -8.96 -39.07 3.30
CA PRO C 707 -9.28 -39.83 4.52
C PRO C 707 -9.11 -39.05 5.82
N GLU C 708 -8.16 -38.12 5.89
CA GLU C 708 -7.92 -37.41 7.15
C GLU C 708 -9.09 -36.53 7.54
N PHE C 709 -9.68 -35.79 6.58
CA PHE C 709 -10.78 -34.90 6.92
C PHE C 709 -11.98 -35.65 7.44
N LEU C 710 -12.34 -36.78 6.81
CA LEU C 710 -13.39 -37.63 7.35
C LEU C 710 -12.96 -38.27 8.66
N ASN C 711 -11.66 -38.44 8.89
CA ASN C 711 -11.18 -39.11 10.08
C ASN C 711 -11.30 -38.21 11.30
N ARG C 712 -11.00 -36.91 11.17
CA ARG C 712 -11.07 -36.01 12.32
C ARG C 712 -12.49 -35.86 12.87
N ILE C 713 -13.50 -36.02 12.01
CA ILE C 713 -14.88 -35.75 12.40
C ILE C 713 -15.31 -36.73 13.47
N ASP C 714 -15.96 -36.23 14.51
CA ASP C 714 -16.40 -37.07 15.62
C ASP C 714 -17.38 -38.15 15.16
N ASP C 715 -18.55 -37.74 14.69
CA ASP C 715 -19.56 -38.67 14.21
C ASP C 715 -20.05 -38.23 12.84
N ILE C 716 -20.10 -39.18 11.91
CA ILE C 716 -20.72 -38.98 10.61
C ILE C 716 -22.17 -39.46 10.72
N ILE C 717 -23.11 -38.55 10.48
CA ILE C 717 -24.52 -38.82 10.67
C ILE C 717 -25.24 -38.68 9.34
N VAL C 718 -25.94 -39.72 8.94
CA VAL C 718 -26.65 -39.75 7.66
C VAL C 718 -28.14 -39.60 7.95
N PHE C 719 -28.73 -38.51 7.46
CA PHE C 719 -30.13 -38.24 7.74
C PHE C 719 -31.03 -39.16 6.95
N HIS C 720 -32.13 -39.59 7.57
CA HIS C 720 -33.09 -40.47 6.94
C HIS C 720 -34.16 -39.67 6.21
N GLN C 721 -34.73 -40.28 5.19
CA GLN C 721 -35.82 -39.66 4.45
C GLN C 721 -37.08 -39.64 5.31
N LEU C 722 -37.99 -38.72 4.99
CA LEU C 722 -39.17 -38.55 5.80
C LEU C 722 -40.26 -39.56 5.42
N THR C 723 -41.20 -39.75 6.35
CA THR C 723 -42.33 -40.65 6.18
C THR C 723 -43.64 -39.87 6.30
N ARG C 724 -44.75 -40.60 6.29
CA ARG C 724 -46.06 -39.94 6.27
C ARG C 724 -46.37 -39.29 7.61
N GLU C 725 -46.08 -39.96 8.72
CA GLU C 725 -46.35 -39.38 10.03
C GLU C 725 -45.50 -38.14 10.27
N GLU C 726 -44.24 -38.19 9.84
CA GLU C 726 -43.35 -37.05 9.99
C GLU C 726 -43.82 -35.85 9.18
N ILE C 727 -44.29 -36.08 7.96
CA ILE C 727 -44.77 -34.93 7.18
C ILE C 727 -46.13 -34.45 7.68
N ILE C 728 -46.94 -35.33 8.29
CA ILE C 728 -48.16 -34.86 8.94
C ILE C 728 -47.83 -33.93 10.10
N ARG C 729 -46.85 -34.32 10.92
CA ARG C 729 -46.42 -33.45 12.00
C ARG C 729 -45.79 -32.17 11.47
N MET C 730 -45.10 -32.24 10.32
CA MET C 730 -44.53 -31.05 9.71
C MET C 730 -45.64 -30.10 9.28
N VAL C 731 -46.72 -30.64 8.71
CA VAL C 731 -47.88 -29.84 8.34
C VAL C 731 -48.47 -29.18 9.58
N ASP C 732 -48.56 -29.93 10.68
CA ASP C 732 -49.05 -29.37 11.93
C ASP C 732 -48.19 -28.21 12.40
N LEU C 733 -46.86 -28.37 12.32
CA LEU C 733 -45.94 -27.32 12.74
C LEU C 733 -46.06 -26.09 11.84
N MET C 734 -46.21 -26.29 10.54
CA MET C 734 -46.33 -25.15 9.63
C MET C 734 -47.63 -24.39 9.86
N ILE C 735 -48.73 -25.11 10.09
CA ILE C 735 -49.99 -24.45 10.39
C ILE C 735 -49.91 -23.70 11.72
N SER C 736 -49.20 -24.28 12.69
CA SER C 736 -48.99 -23.58 13.96
C SER C 736 -48.18 -22.31 13.75
N ARG C 737 -47.17 -22.35 12.87
CA ARG C 737 -46.41 -21.16 12.54
C ARG C 737 -47.29 -20.10 11.89
N VAL C 738 -48.15 -20.52 10.96
CA VAL C 738 -49.03 -19.58 10.28
C VAL C 738 -49.98 -18.92 11.28
N ALA C 739 -50.54 -19.73 12.19
CA ALA C 739 -51.43 -19.19 13.22
C ALA C 739 -50.69 -18.23 14.15
N GLY C 740 -49.47 -18.58 14.54
CA GLY C 740 -48.69 -17.70 15.40
C GLY C 740 -48.33 -16.39 14.74
N GLN C 741 -48.02 -16.43 13.45
CA GLN C 741 -47.78 -15.19 12.71
C GLN C 741 -49.06 -14.38 12.58
N LEU C 742 -50.20 -15.06 12.43
CA LEU C 742 -51.47 -14.37 12.24
C LEU C 742 -52.03 -13.82 13.55
N LYS C 743 -51.52 -14.27 14.70
CA LYS C 743 -51.94 -13.73 15.99
C LYS C 743 -51.74 -12.21 16.10
N SER C 744 -50.70 -11.67 15.45
CA SER C 744 -50.39 -10.25 15.59
C SER C 744 -51.37 -9.35 14.84
N LYS C 745 -52.22 -9.89 13.99
CA LYS C 745 -53.13 -9.09 13.17
C LYS C 745 -54.57 -9.24 13.66
N ASP C 746 -54.74 -9.55 14.95
CA ASP C 746 -56.05 -9.73 15.59
C ASP C 746 -56.85 -10.81 14.85
N MET C 747 -56.33 -12.02 14.88
CA MET C 747 -56.91 -13.13 14.16
C MET C 747 -56.87 -14.37 15.03
N ALA C 748 -57.66 -15.36 14.64
CA ALA C 748 -57.58 -16.70 15.20
C ALA C 748 -57.75 -17.72 14.08
N LEU C 749 -56.82 -18.66 14.01
CA LEU C 749 -56.78 -19.63 12.92
C LEU C 749 -56.85 -21.05 13.47
N VAL C 750 -57.54 -21.92 12.75
CA VAL C 750 -57.70 -23.31 13.13
C VAL C 750 -58.00 -24.11 11.87
N LEU C 751 -57.54 -25.36 11.84
CA LEU C 751 -57.81 -26.28 10.74
C LEU C 751 -58.41 -27.56 11.27
N THR C 752 -59.37 -28.11 10.54
CA THR C 752 -59.84 -29.45 10.84
C THR C 752 -58.79 -30.47 10.38
N ASP C 753 -58.88 -31.67 10.96
CA ASP C 753 -57.90 -32.71 10.64
C ASP C 753 -58.03 -33.19 9.20
N ALA C 754 -59.20 -33.02 8.59
CA ALA C 754 -59.36 -33.39 7.18
C ALA C 754 -58.49 -32.53 6.28
N ALA C 755 -58.39 -31.23 6.58
CA ALA C 755 -57.53 -30.35 5.80
C ALA C 755 -56.06 -30.75 5.96
N LYS C 756 -55.66 -31.10 7.19
CA LYS C 756 -54.28 -31.54 7.42
C LYS C 756 -53.98 -32.83 6.66
N ALA C 757 -54.93 -33.77 6.65
CA ALA C 757 -54.76 -35.00 5.88
C ALA C 757 -54.67 -34.70 4.39
N LEU C 758 -55.50 -33.78 3.89
CA LEU C 758 -55.45 -33.42 2.47
C LEU C 758 -54.11 -32.80 2.11
N LEU C 759 -53.57 -31.95 2.99
CA LEU C 759 -52.22 -31.42 2.77
C LEU C 759 -51.19 -32.55 2.78
N ALA C 760 -51.36 -33.52 3.65
CA ALA C 760 -50.40 -34.63 3.74
C ALA C 760 -50.40 -35.47 2.47
N LYS C 761 -51.57 -35.76 1.92
CA LYS C 761 -51.63 -36.63 0.73
C LYS C 761 -51.08 -35.97 -0.52
N ARG C 762 -51.08 -34.64 -0.59
CA ARG C 762 -50.52 -33.94 -1.74
C ARG C 762 -49.09 -33.49 -1.52
N GLY C 763 -48.41 -33.97 -0.48
CA GLY C 763 -47.06 -33.57 -0.22
C GLY C 763 -46.09 -34.71 0.07
N PHE C 764 -46.22 -35.85 -0.61
CA PHE C 764 -45.36 -36.98 -0.35
C PHE C 764 -44.80 -37.56 -1.64
N ASP C 765 -43.48 -37.66 -1.69
CA ASP C 765 -42.69 -38.24 -2.77
C ASP C 765 -41.26 -38.44 -2.24
N PRO C 766 -40.45 -39.26 -2.91
CA PRO C 766 -39.06 -39.44 -2.44
C PRO C 766 -38.18 -38.19 -2.52
N VAL C 767 -38.57 -37.17 -3.28
CA VAL C 767 -37.77 -35.95 -3.39
C VAL C 767 -38.23 -34.88 -2.39
N LEU C 768 -38.95 -35.29 -1.35
CA LEU C 768 -39.49 -34.37 -0.35
C LEU C 768 -38.45 -33.94 0.66
N GLY C 769 -38.96 -33.38 1.75
CA GLY C 769 -38.25 -32.53 2.67
C GLY C 769 -39.28 -31.54 3.17
N ALA C 770 -38.89 -30.31 3.44
CA ALA C 770 -39.89 -29.27 3.65
C ALA C 770 -39.84 -28.19 2.58
N ARG C 771 -38.91 -28.29 1.63
CA ARG C 771 -38.97 -27.40 0.48
C ARG C 771 -40.23 -27.63 -0.35
N PRO C 772 -40.67 -28.86 -0.63
CA PRO C 772 -42.08 -29.04 -0.98
C PRO C 772 -42.88 -29.33 0.29
N LEU C 773 -44.20 -29.27 0.14
CA LEU C 773 -45.23 -29.36 1.18
C LEU C 773 -45.26 -28.06 2.01
N ARG C 774 -44.29 -27.17 1.84
CA ARG C 774 -44.45 -25.79 2.27
C ARG C 774 -44.88 -24.89 1.12
N ARG C 775 -44.42 -25.20 -0.10
CA ARG C 775 -44.98 -24.55 -1.27
C ARG C 775 -46.46 -24.87 -1.43
N THR C 776 -46.86 -26.09 -1.06
CA THR C 776 -48.28 -26.43 -1.04
C THR C 776 -49.04 -25.56 -0.04
N ILE C 777 -48.44 -25.29 1.12
CA ILE C 777 -49.05 -24.39 2.08
C ILE C 777 -49.18 -22.98 1.49
N GLN C 778 -48.09 -22.45 0.94
CA GLN C 778 -48.12 -21.09 0.40
C GLN C 778 -49.06 -20.99 -0.81
N ARG C 779 -49.34 -22.10 -1.47
CA ARG C 779 -50.17 -22.07 -2.66
C ARG C 779 -51.65 -22.27 -2.34
N GLU C 780 -51.97 -23.04 -1.31
CA GLU C 780 -53.35 -23.40 -1.07
C GLU C 780 -53.94 -22.87 0.23
N ILE C 781 -53.14 -22.32 1.14
CA ILE C 781 -53.64 -21.76 2.39
C ILE C 781 -53.28 -20.28 2.51
N GLU C 782 -51.99 -19.97 2.43
CA GLU C 782 -51.52 -18.61 2.70
C GLU C 782 -52.00 -17.65 1.62
N ASP C 783 -51.87 -18.03 0.35
CA ASP C 783 -52.28 -17.15 -0.74
C ASP C 783 -53.78 -16.89 -0.69
N GLN C 784 -54.56 -17.95 -0.43
CA GLN C 784 -56.01 -17.81 -0.34
C GLN C 784 -56.41 -16.92 0.83
N LEU C 785 -55.76 -17.09 1.99
CA LEU C 785 -56.05 -16.23 3.13
C LEU C 785 -55.72 -14.79 2.83
N SER C 786 -54.59 -14.54 2.17
CA SER C 786 -54.20 -13.16 1.84
C SER C 786 -55.20 -12.51 0.90
N GLU C 787 -55.56 -13.20 -0.19
CA GLU C 787 -56.49 -12.58 -1.14
C GLU C 787 -57.87 -12.42 -0.52
N LYS C 788 -58.25 -13.33 0.38
CA LYS C 788 -59.56 -13.22 1.02
C LYS C 788 -59.61 -12.07 2.02
N ILE C 789 -58.54 -11.87 2.80
CA ILE C 789 -58.53 -10.76 3.75
C ILE C 789 -58.20 -9.42 3.11
N LEU C 790 -57.74 -9.41 1.87
CA LEU C 790 -57.47 -8.13 1.21
C LEU C 790 -58.75 -7.42 0.80
N PHE C 791 -59.79 -8.17 0.43
CA PHE C 791 -61.09 -7.55 0.17
C PHE C 791 -62.04 -7.63 1.36
N GLU C 792 -61.49 -7.64 2.58
CA GLU C 792 -62.13 -7.36 3.87
C GLU C 792 -63.16 -8.39 4.34
N GLU C 793 -63.20 -9.61 3.81
CA GLU C 793 -64.04 -10.59 4.46
C GLU C 793 -63.21 -11.37 5.47
N VAL C 794 -63.91 -11.92 6.48
CA VAL C 794 -63.38 -12.52 7.72
C VAL C 794 -62.13 -11.78 8.20
N GLY C 795 -62.26 -10.47 8.36
CA GLY C 795 -61.15 -9.63 8.78
C GLY C 795 -60.79 -9.79 10.24
N PRO C 796 -60.28 -8.71 10.84
CA PRO C 796 -59.78 -8.79 12.22
C PRO C 796 -60.90 -9.09 13.21
N GLY C 797 -60.55 -9.84 14.25
CA GLY C 797 -61.48 -10.23 15.29
C GLY C 797 -62.29 -11.46 14.98
N GLN C 798 -62.15 -12.02 13.78
CA GLN C 798 -62.93 -13.17 13.34
C GLN C 798 -62.05 -14.40 13.30
N VAL C 799 -62.52 -15.47 13.93
CA VAL C 799 -61.83 -16.76 13.87
C VAL C 799 -62.05 -17.35 12.49
N VAL C 800 -60.96 -17.73 11.82
CA VAL C 800 -61.02 -18.35 10.51
C VAL C 800 -60.85 -19.86 10.68
N THR C 801 -61.77 -20.62 10.09
CA THR C 801 -61.72 -22.08 10.13
C THR C 801 -61.58 -22.58 8.70
N VAL C 802 -60.50 -23.32 8.45
CA VAL C 802 -60.21 -23.84 7.12
C VAL C 802 -60.76 -25.25 7.04
N ASP C 803 -61.76 -25.44 6.18
CA ASP C 803 -62.39 -26.74 6.01
C ASP C 803 -62.16 -27.24 4.58
N VAL C 804 -62.67 -28.43 4.30
CA VAL C 804 -62.60 -29.00 2.95
C VAL C 804 -63.92 -29.69 2.63
N ASP C 805 -64.35 -29.54 1.38
CA ASP C 805 -65.52 -30.22 0.86
C ASP C 805 -65.16 -30.93 -0.45
N ASN C 806 -66.04 -31.85 -0.83
CA ASN C 806 -65.84 -32.74 -1.98
C ASN C 806 -64.51 -33.49 -1.80
N TRP C 807 -64.53 -34.40 -0.84
CA TRP C 807 -63.42 -35.29 -0.55
C TRP C 807 -63.92 -36.41 0.35
N ASP C 808 -63.53 -37.64 0.04
CA ASP C 808 -63.92 -38.79 0.83
C ASP C 808 -63.04 -39.02 2.05
N GLY C 809 -61.99 -38.22 2.21
CA GLY C 809 -61.08 -38.36 3.33
C GLY C 809 -60.02 -39.42 3.14
N GLU C 810 -60.05 -40.15 2.03
CA GLU C 810 -59.10 -41.22 1.78
C GLU C 810 -58.55 -41.12 0.36
N GLY C 811 -59.30 -40.49 -0.53
CA GLY C 811 -58.94 -40.41 -1.92
C GLY C 811 -57.81 -39.44 -2.16
N PRO C 812 -57.39 -39.35 -3.44
CA PRO C 812 -56.29 -38.44 -3.79
C PRO C 812 -56.59 -36.98 -3.49
N GLY C 813 -57.86 -36.57 -3.59
CA GLY C 813 -58.22 -35.21 -3.27
C GLY C 813 -57.80 -34.17 -4.27
N GLU C 814 -57.60 -34.56 -5.54
CA GLU C 814 -57.25 -33.58 -6.56
C GLU C 814 -58.42 -32.66 -6.87
N ASP C 815 -59.64 -33.11 -6.66
CA ASP C 815 -60.83 -32.29 -6.86
C ASP C 815 -61.24 -31.53 -5.60
N ALA C 816 -60.61 -31.82 -4.47
CA ALA C 816 -60.95 -31.12 -3.23
C ALA C 816 -60.44 -29.69 -3.25
N VAL C 817 -61.20 -28.81 -2.61
CA VAL C 817 -60.87 -27.39 -2.53
C VAL C 817 -61.00 -26.95 -1.07
N PHE C 818 -60.13 -26.03 -0.65
CA PHE C 818 -60.16 -25.53 0.71
C PHE C 818 -61.21 -24.44 0.84
N THR C 819 -62.03 -24.53 1.88
CA THR C 819 -63.08 -23.56 2.15
C THR C 819 -62.69 -22.78 3.41
N PHE C 820 -62.73 -21.46 3.31
CA PHE C 820 -62.23 -20.58 4.37
C PHE C 820 -63.41 -19.85 5.00
N THR C 821 -63.94 -20.42 6.06
CA THR C 821 -65.09 -19.85 6.75
C THR C 821 -64.64 -18.83 7.79
N SER D 168 40.69 23.24 30.40
CA SER D 168 40.50 24.61 30.87
C SER D 168 39.19 24.74 31.64
N LEU D 169 39.00 25.91 32.27
CA LEU D 169 37.81 26.16 33.08
C LEU D 169 36.53 26.21 32.25
N VAL D 170 36.63 26.44 30.94
CA VAL D 170 35.45 26.48 30.09
C VAL D 170 35.09 25.09 29.57
N LEU D 171 36.09 24.34 29.10
CA LEU D 171 35.80 23.05 28.47
C LEU D 171 35.34 22.00 29.47
N ASP D 172 35.92 21.99 30.68
CA ASP D 172 35.57 20.94 31.64
C ASP D 172 34.13 21.05 32.13
N GLN D 173 33.53 22.23 32.04
CA GLN D 173 32.13 22.38 32.42
C GLN D 173 31.20 21.69 31.43
N PHE D 174 31.56 21.68 30.14
CA PHE D 174 30.74 21.07 29.11
C PHE D 174 31.45 19.90 28.44
N GLY D 175 32.47 19.34 29.08
CA GLY D 175 33.21 18.23 28.50
C GLY D 175 34.04 17.54 29.55
N ARG D 176 34.65 16.44 29.14
CA ARG D 176 35.46 15.61 30.02
C ARG D 176 36.77 15.26 29.31
N ASN D 177 37.89 15.49 30.00
CA ASN D 177 39.20 15.29 29.41
C ASN D 177 39.54 13.81 29.41
N LEU D 178 39.78 13.25 28.22
CA LEU D 178 40.18 11.85 28.16
C LEU D 178 41.63 11.63 28.53
N THR D 179 42.53 12.56 28.15
CA THR D 179 43.93 12.41 28.52
C THR D 179 44.12 12.57 30.02
N ALA D 180 43.40 13.50 30.64
CA ALA D 180 43.47 13.63 32.10
C ALA D 180 42.83 12.43 32.79
N ALA D 181 41.84 11.80 32.16
CA ALA D 181 41.29 10.57 32.71
C ALA D 181 42.30 9.43 32.60
N ALA D 182 43.09 9.41 31.52
CA ALA D 182 44.14 8.42 31.37
C ALA D 182 45.39 8.76 32.18
N MET D 183 45.47 9.96 32.75
CA MET D 183 46.53 10.27 33.70
C MET D 183 46.43 9.35 34.92
N GLU D 184 45.22 9.13 35.41
CA GLU D 184 44.98 8.25 36.54
C GLU D 184 44.69 6.82 36.13
N GLY D 185 44.71 6.52 34.84
CA GLY D 185 44.40 5.18 34.37
C GLY D 185 42.98 4.76 34.62
N LYS D 186 42.03 5.70 34.51
CA LYS D 186 40.64 5.46 34.89
C LYS D 186 39.89 4.57 33.91
N LEU D 187 40.41 4.34 32.72
CA LEU D 187 39.71 3.57 31.70
C LEU D 187 40.53 2.37 31.28
N ASP D 188 39.84 1.42 30.65
CA ASP D 188 40.43 0.14 30.32
C ASP D 188 41.48 0.28 29.21
N PRO D 189 42.46 -0.63 29.18
CA PRO D 189 43.39 -0.66 28.05
C PRO D 189 42.71 -1.09 26.77
N VAL D 190 43.29 -0.71 25.64
CA VAL D 190 42.78 -1.05 24.31
C VAL D 190 43.86 -1.87 23.62
N ILE D 191 43.49 -3.04 23.11
CA ILE D 191 44.45 -4.00 22.59
C ILE D 191 44.08 -4.33 21.15
N GLY D 192 45.06 -4.21 20.25
CA GLY D 192 44.92 -4.72 18.90
C GLY D 192 44.22 -3.81 17.92
N ARG D 193 44.06 -2.52 18.23
CA ARG D 193 43.44 -1.58 17.33
C ARG D 193 44.48 -0.67 16.68
N GLU D 194 45.64 -1.25 16.34
CA GLU D 194 46.74 -0.45 15.81
C GLU D 194 46.41 0.12 14.44
N LYS D 195 45.73 -0.66 13.60
CA LYS D 195 45.41 -0.19 12.25
C LYS D 195 44.42 0.98 12.28
N GLU D 196 43.34 0.84 13.06
CA GLU D 196 42.33 1.90 13.12
C GLU D 196 42.88 3.14 13.81
N ILE D 197 43.66 2.97 14.88
CA ILE D 197 44.27 4.10 15.55
C ILE D 197 45.23 4.81 14.60
N GLU D 198 46.04 4.05 13.86
CA GLU D 198 46.97 4.65 12.91
C GLU D 198 46.24 5.38 11.79
N ARG D 199 45.09 4.85 11.36
CA ARG D 199 44.26 5.57 10.40
C ARG D 199 43.78 6.90 10.98
N VAL D 200 43.39 6.90 12.25
CA VAL D 200 42.97 8.14 12.90
C VAL D 200 44.13 9.13 12.99
N MET D 201 45.35 8.61 13.25
CA MET D 201 46.54 9.47 13.24
C MET D 201 46.76 10.08 11.86
N GLN D 202 46.60 9.29 10.80
CA GLN D 202 46.78 9.81 9.45
C GLN D 202 45.77 10.90 9.14
N VAL D 203 44.52 10.70 9.54
CA VAL D 203 43.48 11.69 9.22
C VAL D 203 43.67 12.96 10.05
N LEU D 204 43.97 12.81 11.34
CA LEU D 204 44.00 13.98 12.23
C LEU D 204 45.17 14.92 11.96
N SER D 205 46.14 14.50 11.17
CA SER D 205 47.26 15.36 10.83
C SER D 205 47.08 16.07 9.49
N ARG D 206 45.90 15.96 8.88
CA ARG D 206 45.63 16.65 7.63
C ARG D 206 45.52 18.15 7.85
N ARG D 207 45.71 18.92 6.78
CA ARG D 207 45.56 20.37 6.88
C ARG D 207 44.09 20.77 6.75
N THR D 208 43.43 20.32 5.69
CA THR D 208 42.01 20.57 5.50
C THR D 208 41.25 19.26 5.58
N LYS D 209 40.05 19.32 6.17
CA LYS D 209 39.19 18.16 6.39
C LYS D 209 39.91 17.09 7.21
N ASN D 210 40.38 17.54 8.36
CA ASN D 210 41.17 16.70 9.27
C ASN D 210 40.30 16.07 10.35
N ASN D 211 39.06 15.73 10.01
CA ASN D 211 38.09 15.21 10.96
C ASN D 211 37.77 13.75 10.67
N PRO D 212 38.28 12.81 11.45
CA PRO D 212 37.85 11.42 11.29
C PRO D 212 36.60 11.11 12.09
N VAL D 213 35.73 10.30 11.50
CA VAL D 213 34.56 9.76 12.18
C VAL D 213 34.68 8.24 12.13
N LEU D 214 34.33 7.60 13.25
CA LEU D 214 34.48 6.16 13.35
C LEU D 214 33.12 5.50 13.16
N ILE D 215 33.01 4.64 12.16
CA ILE D 215 31.77 3.95 11.86
C ILE D 215 31.97 2.45 12.12
N GLY D 216 31.09 1.89 12.94
CA GLY D 216 31.16 0.50 13.30
C GLY D 216 29.83 0.04 13.85
N GLU D 217 29.62 -1.27 13.83
CA GLU D 217 28.43 -1.82 14.44
C GLU D 217 28.50 -1.61 15.95
N PRO D 218 27.34 -1.48 16.61
CA PRO D 218 27.37 -1.17 18.05
C PRO D 218 27.96 -2.31 18.85
N GLY D 219 29.15 -2.10 19.38
CA GLY D 219 29.89 -3.12 20.09
C GLY D 219 31.30 -3.36 19.61
N VAL D 220 31.72 -2.80 18.48
CA VAL D 220 33.06 -3.12 17.98
C VAL D 220 34.12 -2.22 18.61
N GLY D 221 33.72 -1.11 19.23
CA GLY D 221 34.69 -0.31 19.93
C GLY D 221 34.94 1.09 19.40
N LYS D 222 33.90 1.75 18.88
CA LYS D 222 34.09 3.07 18.28
C LYS D 222 34.56 4.10 19.30
N THR D 223 34.00 4.07 20.52
CA THR D 223 34.49 4.95 21.57
C THR D 223 35.60 4.30 22.38
N ALA D 224 36.02 3.10 22.01
CA ALA D 224 37.22 2.47 22.55
C ALA D 224 38.47 2.81 21.75
N VAL D 225 38.33 3.03 20.44
CA VAL D 225 39.47 3.46 19.64
C VAL D 225 39.95 4.83 20.09
N VAL D 226 39.02 5.72 20.46
CA VAL D 226 39.39 7.04 20.95
C VAL D 226 40.08 6.93 22.31
N GLU D 227 39.63 6.03 23.17
CA GLU D 227 40.35 5.79 24.41
C GLU D 227 41.76 5.25 24.16
N GLY D 228 41.90 4.35 23.18
CA GLY D 228 43.22 3.88 22.81
C GLY D 228 44.10 5.01 22.32
N LEU D 229 43.51 5.95 21.58
CA LEU D 229 44.23 7.13 21.13
C LEU D 229 44.68 8.00 22.30
N ALA D 230 43.79 8.18 23.30
CA ALA D 230 44.16 8.96 24.47
C ALA D 230 45.28 8.28 25.25
N GLN D 231 45.23 6.96 25.35
CA GLN D 231 46.31 6.23 26.02
C GLN D 231 47.62 6.33 25.24
N ALA D 232 47.56 6.33 23.91
CA ALA D 232 48.78 6.51 23.12
C ALA D 232 49.33 7.92 23.30
N ILE D 233 48.45 8.92 23.43
CA ILE D 233 48.90 10.29 23.67
C ILE D 233 49.58 10.39 25.03
N VAL D 234 49.00 9.76 26.04
CA VAL D 234 49.60 9.75 27.38
C VAL D 234 50.95 9.03 27.35
N HIS D 235 51.01 7.89 26.65
CA HIS D 235 52.23 7.10 26.58
C HIS D 235 53.34 7.79 25.79
N GLY D 236 53.02 8.77 24.96
CA GLY D 236 54.02 9.45 24.19
C GLY D 236 54.42 8.78 22.89
N GLU D 237 53.79 7.64 22.55
CA GLU D 237 54.09 6.95 21.31
C GLU D 237 53.57 7.69 20.08
N VAL D 238 52.76 8.72 20.28
CA VAL D 238 52.21 9.55 19.21
C VAL D 238 53.31 10.37 18.56
N PRO D 239 53.31 10.53 17.23
CA PRO D 239 54.26 11.44 16.58
C PRO D 239 54.07 12.90 16.95
N GLU D 240 54.92 13.76 16.41
CA GLU D 240 55.05 15.12 16.90
C GLU D 240 53.80 15.96 16.62
N THR D 241 52.94 15.53 15.70
CA THR D 241 51.78 16.32 15.35
C THR D 241 50.76 16.36 16.48
N LEU D 242 50.43 15.21 17.06
CA LEU D 242 49.40 15.12 18.09
C LEU D 242 49.99 14.92 19.48
N LYS D 243 51.22 15.37 19.70
CA LYS D 243 51.83 15.31 21.02
C LYS D 243 51.24 16.37 21.93
N ASP D 244 51.10 16.02 23.21
CA ASP D 244 50.63 16.93 24.26
C ASP D 244 49.24 17.48 23.98
N LYS D 245 48.41 16.71 23.28
CA LYS D 245 47.04 17.08 23.04
C LYS D 245 46.16 16.58 24.18
N GLN D 246 44.95 17.12 24.26
CA GLN D 246 43.98 16.71 25.27
C GLN D 246 42.65 16.43 24.60
N LEU D 247 42.28 15.16 24.54
CA LEU D 247 41.00 14.75 23.97
C LEU D 247 39.88 15.08 24.95
N TYR D 248 38.98 15.96 24.55
CA TYR D 248 37.78 16.28 25.31
C TYR D 248 36.59 15.67 24.60
N THR D 249 35.82 14.85 25.31
CA THR D 249 34.54 14.39 24.80
C THR D 249 33.52 15.50 25.04
N LEU D 250 32.83 15.92 23.98
CA LEU D 250 31.92 17.04 24.06
C LEU D 250 30.53 16.55 24.43
N ASP D 251 30.02 17.01 25.56
CA ASP D 251 28.68 16.67 26.01
C ASP D 251 27.72 17.71 25.47
N LEU D 252 26.95 17.33 24.44
CA LEU D 252 26.00 18.27 23.85
C LEU D 252 24.87 18.60 24.83
N GLY D 253 24.53 17.64 25.69
CA GLY D 253 23.49 17.89 26.69
C GLY D 253 23.87 18.98 27.67
N SER D 254 25.15 19.06 28.05
CA SER D 254 25.59 20.13 28.92
C SER D 254 25.51 21.48 28.22
N LEU D 255 25.70 21.49 26.90
CA LEU D 255 25.54 22.73 26.14
C LEU D 255 24.07 23.15 26.11
N VAL D 256 23.18 22.21 25.82
CA VAL D 256 21.75 22.53 25.72
C VAL D 256 21.17 22.88 27.08
N ALA D 257 21.56 22.18 28.14
CA ALA D 257 21.00 22.42 29.46
C ALA D 257 21.36 23.80 29.97
N GLY D 258 20.37 24.53 30.47
CA GLY D 258 20.56 25.89 30.94
C GLY D 258 20.48 26.94 29.86
N SER D 259 20.34 26.55 28.59
CA SER D 259 20.26 27.51 27.49
C SER D 259 18.81 27.92 27.25
N ARG D 260 18.25 28.59 28.25
CA ARG D 260 16.84 28.95 28.20
C ARG D 260 16.59 30.11 27.25
N TYR D 261 17.49 31.08 27.22
CA TYR D 261 17.27 32.29 26.45
C TYR D 261 17.65 32.05 24.99
N ARG D 262 17.60 33.10 24.17
CA ARG D 262 17.69 32.93 22.73
C ARG D 262 19.09 32.56 22.27
N GLY D 263 20.11 33.19 22.86
CA GLY D 263 21.46 32.98 22.39
C GLY D 263 22.40 32.30 23.36
N ASP D 264 21.87 31.74 24.45
CA ASP D 264 22.72 31.14 25.47
C ASP D 264 23.47 29.93 24.92
N PHE D 265 22.78 29.06 24.20
CA PHE D 265 23.45 27.90 23.61
C PHE D 265 24.51 28.34 22.60
N GLU D 266 24.19 29.32 21.77
CA GLU D 266 25.14 29.78 20.77
C GLU D 266 26.35 30.46 21.40
N GLU D 267 26.14 31.25 22.46
CA GLU D 267 27.30 31.90 23.08
C GLU D 267 28.14 30.89 23.84
N ARG D 268 27.50 29.86 24.42
CA ARG D 268 28.28 28.78 25.04
C ARG D 268 29.14 28.07 24.01
N LEU D 269 28.57 27.73 22.86
CA LEU D 269 29.33 27.04 21.83
C LEU D 269 30.42 27.93 21.25
N LYS D 270 30.14 29.24 21.12
CA LYS D 270 31.15 30.17 20.64
C LYS D 270 32.28 30.33 21.66
N LYS D 271 31.95 30.31 22.95
CA LYS D 271 32.98 30.33 23.97
C LYS D 271 33.85 29.09 23.91
N VAL D 272 33.24 27.92 23.69
CA VAL D 272 34.00 26.68 23.55
C VAL D 272 34.94 26.77 22.34
N LEU D 273 34.42 27.24 21.21
CA LEU D 273 35.22 27.37 20.00
C LEU D 273 36.36 28.37 20.18
N LYS D 274 36.08 29.50 20.85
CA LYS D 274 37.12 30.48 21.09
C LYS D 274 38.21 29.93 22.00
N GLU D 275 37.83 29.22 23.06
CA GLU D 275 38.83 28.66 23.97
C GLU D 275 39.69 27.61 23.28
N ILE D 276 39.07 26.73 22.48
CA ILE D 276 39.84 25.69 21.81
C ILE D 276 40.73 26.29 20.72
N ASN D 277 40.29 27.39 20.10
CA ASN D 277 41.12 28.01 19.07
C ASN D 277 42.28 28.77 19.68
N THR D 278 42.07 29.42 20.83
CA THR D 278 43.15 30.14 21.48
C THR D 278 44.19 29.18 22.06
N ARG D 279 43.74 28.13 22.75
CA ARG D 279 44.69 27.17 23.30
C ARG D 279 45.33 26.34 22.20
N GLY D 280 44.54 25.90 21.22
CA GLY D 280 45.09 25.33 20.00
C GLY D 280 45.66 23.94 20.11
N ASP D 281 45.47 23.26 21.24
CA ASP D 281 45.98 21.90 21.36
C ASP D 281 44.94 20.95 21.95
N ILE D 282 43.68 21.07 21.55
CA ILE D 282 42.60 20.21 22.04
C ILE D 282 41.93 19.58 20.83
N ILE D 283 41.71 18.27 20.89
CA ILE D 283 40.98 17.53 19.87
C ILE D 283 39.64 17.14 20.45
N LEU D 284 38.55 17.56 19.81
CA LEU D 284 37.21 17.27 20.30
C LEU D 284 36.81 15.86 19.94
N PHE D 285 36.13 15.20 20.87
CA PHE D 285 35.48 13.93 20.62
C PHE D 285 33.98 14.15 20.69
N ILE D 286 33.30 13.96 19.56
CA ILE D 286 31.85 14.12 19.48
C ILE D 286 31.25 12.73 19.57
N ASP D 287 30.94 12.30 20.79
CA ASP D 287 30.30 11.01 20.98
C ASP D 287 28.87 11.07 20.49
N GLU D 288 28.47 10.06 19.71
CA GLU D 288 27.16 9.98 19.06
C GLU D 288 26.93 11.22 18.19
N LEU D 289 27.74 11.31 17.14
CA LEU D 289 27.81 12.50 16.30
C LEU D 289 26.49 12.81 15.61
N HIS D 290 25.62 11.82 15.42
CA HIS D 290 24.32 12.08 14.82
C HIS D 290 23.46 13.03 15.64
N THR D 291 23.79 13.23 16.92
CA THR D 291 23.11 14.22 17.74
C THR D 291 23.56 15.64 17.46
N LEU D 292 24.60 15.83 16.64
CA LEU D 292 25.05 17.18 16.32
C LEU D 292 24.01 17.94 15.51
N VAL D 293 23.38 17.26 14.53
CA VAL D 293 22.36 17.92 13.74
C VAL D 293 21.13 18.16 14.62
N GLY D 294 20.67 19.41 14.64
CA GLY D 294 19.56 19.77 15.50
C GLY D 294 20.03 20.11 16.90
N ALA D 295 19.70 21.31 17.36
CA ALA D 295 20.00 21.74 18.72
C ALA D 295 18.82 22.49 19.32
N GLY D 296 17.61 22.10 18.91
CA GLY D 296 16.39 22.64 19.48
C GLY D 296 16.09 24.04 18.98
N ALA D 297 14.97 24.57 19.50
CA ALA D 297 14.49 25.93 19.23
C ALA D 297 14.33 26.17 17.72
N ALA D 298 13.36 25.45 17.16
CA ALA D 298 13.09 25.54 15.73
C ALA D 298 12.76 26.97 15.30
N GLU D 299 12.13 27.73 16.19
CA GLU D 299 11.84 29.13 15.96
C GLU D 299 12.79 30.05 16.71
N GLY D 300 13.49 29.54 17.71
CA GLY D 300 14.32 30.37 18.57
C GLY D 300 15.74 30.60 18.11
N ALA D 301 16.43 29.55 17.65
CA ALA D 301 17.85 29.64 17.36
C ALA D 301 18.20 28.67 16.25
N ILE D 302 19.50 28.50 16.01
CA ILE D 302 20.00 27.60 14.98
C ILE D 302 20.79 26.46 15.64
N ASP D 303 20.98 25.38 14.89
CA ASP D 303 21.58 24.18 15.44
C ASP D 303 23.11 24.32 15.53
N ALA D 304 23.74 23.34 16.17
CA ALA D 304 25.19 23.37 16.34
C ALA D 304 25.92 23.05 15.04
N ALA D 305 25.33 22.22 14.19
CA ALA D 305 25.99 21.82 12.94
C ALA D 305 26.23 23.02 12.04
N SER D 306 25.26 23.92 11.96
CA SER D 306 25.41 25.11 11.11
C SER D 306 26.49 26.04 11.66
N ILE D 307 26.66 26.10 12.98
CA ILE D 307 27.74 26.90 13.55
C ILE D 307 29.09 26.26 13.26
N LEU D 308 29.20 24.95 13.43
CA LEU D 308 30.48 24.28 13.31
C LEU D 308 30.94 24.09 11.86
N LYS D 309 30.01 23.98 10.91
CA LYS D 309 30.39 23.65 9.53
C LYS D 309 31.38 24.62 8.87
N PRO D 310 31.25 25.96 8.99
CA PRO D 310 32.27 26.82 8.37
C PRO D 310 33.68 26.59 8.89
N LYS D 311 33.85 26.31 10.17
CA LYS D 311 35.18 26.04 10.70
C LYS D 311 35.65 24.63 10.34
N LEU D 312 34.74 23.65 10.31
CA LEU D 312 35.15 22.28 10.03
C LEU D 312 35.48 22.07 8.57
N ALA D 313 34.86 22.85 7.67
CA ALA D 313 35.11 22.68 6.24
C ALA D 313 36.53 23.07 5.85
N ARG D 314 37.07 24.12 6.47
CA ARG D 314 38.39 24.63 6.12
C ARG D 314 39.51 23.89 6.83
N GLY D 315 39.20 22.89 7.64
CA GLY D 315 40.22 22.21 8.40
C GLY D 315 40.80 23.03 9.53
N GLU D 316 40.07 24.04 9.99
CA GLU D 316 40.56 24.92 11.04
C GLU D 316 40.47 24.30 12.43
N LEU D 317 39.85 23.13 12.57
CA LEU D 317 39.70 22.53 13.88
C LEU D 317 39.51 21.03 13.73
N GLN D 318 39.97 20.29 14.74
CA GLN D 318 40.01 18.83 14.69
C GLN D 318 38.91 18.26 15.59
N THR D 319 38.10 17.35 15.04
CA THR D 319 37.10 16.62 15.81
C THR D 319 37.13 15.15 15.45
N ILE D 320 36.71 14.32 16.41
CA ILE D 320 36.54 12.89 16.22
C ILE D 320 35.11 12.54 16.60
N GLY D 321 34.46 11.70 15.80
CA GLY D 321 33.07 11.32 16.03
C GLY D 321 32.87 9.83 16.00
N ALA D 322 31.86 9.38 16.73
CA ALA D 322 31.46 7.98 16.78
C ALA D 322 30.02 7.86 16.30
N THR D 323 29.77 6.96 15.35
CA THR D 323 28.44 6.83 14.76
C THR D 323 28.26 5.43 14.23
N THR D 324 27.12 4.83 14.53
CA THR D 324 26.73 3.52 14.03
C THR D 324 26.54 3.57 12.52
N LEU D 325 26.76 2.44 11.85
CA LEU D 325 26.41 2.30 10.43
C LEU D 325 24.95 2.67 10.19
N ASP D 326 24.06 2.25 11.09
CA ASP D 326 22.65 2.60 10.94
C ASP D 326 22.43 4.10 11.08
N GLU D 327 23.05 4.72 12.09
CA GLU D 327 22.93 6.16 12.25
C GLU D 327 23.63 6.89 11.11
N TYR D 328 24.76 6.36 10.63
CA TYR D 328 25.43 6.96 9.48
C TYR D 328 24.53 6.94 8.25
N ARG D 329 23.84 5.82 8.01
CA ARG D 329 22.89 5.75 6.91
C ARG D 329 21.75 6.72 7.09
N LYS D 330 21.20 6.83 8.29
CA LYS D 330 19.93 7.49 8.49
C LYS D 330 20.06 9.00 8.72
N TYR D 331 20.84 9.40 9.70
CA TYR D 331 20.73 10.74 10.27
C TYR D 331 21.80 11.70 9.80
N ILE D 332 22.77 11.27 8.99
CA ILE D 332 23.81 12.17 8.52
C ILE D 332 23.98 12.15 7.00
N GLU D 333 23.60 11.06 6.32
CA GLU D 333 23.72 11.05 4.86
C GLU D 333 22.64 11.86 4.17
N LYS D 334 21.55 12.19 4.86
CA LYS D 334 20.58 13.13 4.33
C LYS D 334 21.12 14.55 4.27
N ASP D 335 22.17 14.85 5.03
CA ASP D 335 22.83 16.15 5.05
C ASP D 335 24.20 15.93 4.42
N ALA D 336 24.28 16.12 3.11
CA ALA D 336 25.52 15.82 2.39
C ALA D 336 26.65 16.77 2.72
N ALA D 337 26.37 17.89 3.40
CA ALA D 337 27.45 18.79 3.80
C ALA D 337 28.33 18.14 4.87
N LEU D 338 27.72 17.57 5.91
CA LEU D 338 28.52 16.94 6.95
C LEU D 338 29.02 15.56 6.52
N GLU D 339 28.41 14.97 5.49
CA GLU D 339 28.88 13.67 5.02
C GLU D 339 30.26 13.76 4.42
N ARG D 340 30.53 14.82 3.65
CA ARG D 340 31.86 15.00 3.08
C ARG D 340 32.84 15.60 4.09
N ARG D 341 32.37 16.46 4.99
CA ARG D 341 33.26 17.14 5.94
C ARG D 341 33.88 16.21 6.96
N PHE D 342 33.37 15.00 7.13
CA PHE D 342 33.90 14.04 8.08
C PHE D 342 34.50 12.86 7.33
N GLN D 343 35.72 12.49 7.68
CA GLN D 343 36.44 11.44 7.00
C GLN D 343 36.08 10.09 7.61
N PRO D 344 35.39 9.20 6.89
CA PRO D 344 34.93 7.95 7.52
C PRO D 344 36.09 6.98 7.71
N VAL D 345 36.12 6.33 8.87
CA VAL D 345 37.09 5.30 9.18
C VAL D 345 36.33 4.06 9.62
N GLN D 346 36.55 2.96 8.92
CA GLN D 346 35.83 1.72 9.19
C GLN D 346 36.46 1.01 10.38
N VAL D 347 35.62 0.68 11.36
CA VAL D 347 36.03 -0.11 12.52
C VAL D 347 35.33 -1.46 12.38
N GLY D 348 36.04 -2.43 11.83
CA GLY D 348 35.43 -3.71 11.51
C GLY D 348 35.22 -4.59 12.71
N GLU D 349 34.56 -5.71 12.46
CA GLU D 349 34.28 -6.70 13.49
C GLU D 349 35.56 -7.44 13.87
N PRO D 350 35.95 -7.46 15.14
CA PRO D 350 37.11 -8.26 15.54
C PRO D 350 36.85 -9.74 15.38
N THR D 351 37.89 -10.48 15.01
CA THR D 351 37.77 -11.92 14.84
C THR D 351 37.86 -12.62 16.19
N VAL D 352 37.84 -13.96 16.16
CA VAL D 352 37.83 -14.73 17.40
C VAL D 352 39.16 -14.64 18.12
N GLU D 353 40.27 -14.76 17.38
CA GLU D 353 41.59 -14.68 18.01
C GLU D 353 41.86 -13.28 18.55
N HIS D 354 41.45 -12.25 17.80
CA HIS D 354 41.59 -10.89 18.28
C HIS D 354 40.74 -10.65 19.51
N THR D 355 39.54 -11.24 19.53
CA THR D 355 38.69 -11.16 20.72
C THR D 355 39.35 -11.82 21.92
N ILE D 356 40.00 -12.97 21.69
CA ILE D 356 40.71 -13.66 22.76
C ILE D 356 41.83 -12.79 23.30
N GLU D 357 42.54 -12.10 22.40
CA GLU D 357 43.60 -11.17 22.83
C GLU D 357 43.02 -10.03 23.65
N ILE D 358 41.87 -9.49 23.24
CA ILE D 358 41.24 -8.41 23.98
C ILE D 358 40.83 -8.88 25.38
N LEU D 359 40.25 -10.07 25.46
CA LEU D 359 39.87 -10.61 26.77
C LEU D 359 41.08 -10.88 27.64
N LYS D 360 42.19 -11.33 27.04
CA LYS D 360 43.41 -11.51 27.80
C LYS D 360 43.94 -10.18 28.32
N GLY D 361 43.74 -9.10 27.56
CA GLY D 361 44.09 -7.79 28.05
C GLY D 361 43.22 -7.32 29.21
N LEU D 362 41.92 -7.60 29.13
CA LEU D 362 40.95 -7.10 30.11
C LEU D 362 40.77 -8.02 31.31
N ARG D 363 41.38 -9.20 31.29
CA ARG D 363 41.21 -10.17 32.36
C ARG D 363 41.69 -9.63 33.70
N ASP D 364 42.83 -8.92 33.68
CA ASP D 364 43.38 -8.38 34.93
C ASP D 364 42.41 -7.41 35.59
N ARG D 365 41.85 -6.49 34.80
CA ARG D 365 40.92 -5.50 35.35
C ARG D 365 39.64 -6.18 35.85
N TYR D 366 39.11 -7.13 35.08
CA TYR D 366 37.83 -7.72 35.48
C TYR D 366 37.99 -8.62 36.70
N GLU D 367 39.07 -9.40 36.77
CA GLU D 367 39.30 -10.21 37.94
C GLU D 367 39.72 -9.38 39.15
N ALA D 368 40.25 -8.17 38.92
CA ALA D 368 40.51 -7.29 40.05
C ALA D 368 39.21 -6.72 40.60
N HIS D 369 38.27 -6.39 39.72
CA HIS D 369 36.99 -5.87 40.20
C HIS D 369 36.16 -6.94 40.89
N HIS D 370 36.05 -8.11 40.28
CA HIS D 370 35.21 -9.17 40.81
C HIS D 370 35.89 -10.00 41.88
N ARG D 371 37.20 -9.78 42.11
CA ARG D 371 37.98 -10.52 43.09
C ARG D 371 37.92 -12.03 42.86
N VAL D 372 37.94 -12.42 41.59
CA VAL D 372 37.92 -13.83 41.20
C VAL D 372 39.15 -14.11 40.36
N SER D 373 39.27 -15.34 39.86
CA SER D 373 40.34 -15.73 38.95
C SER D 373 39.72 -16.37 37.72
N ILE D 374 40.13 -15.89 36.54
CA ILE D 374 39.56 -16.34 35.28
C ILE D 374 40.60 -17.21 34.58
N THR D 375 40.26 -18.47 34.34
CA THR D 375 41.21 -19.40 33.76
C THR D 375 41.45 -19.08 32.28
N ASP D 376 42.58 -19.56 31.78
CA ASP D 376 42.97 -19.25 30.40
C ASP D 376 42.06 -19.94 29.40
N ALA D 377 41.53 -21.12 29.74
CA ALA D 377 40.56 -21.77 28.88
C ALA D 377 39.20 -21.09 28.92
N ALA D 378 38.91 -20.34 29.99
CA ALA D 378 37.62 -19.68 30.12
C ALA D 378 37.44 -18.62 29.05
N MET D 379 38.48 -17.84 28.75
CA MET D 379 38.34 -16.82 27.72
C MET D 379 38.16 -17.44 26.34
N VAL D 380 38.86 -18.55 26.07
CA VAL D 380 38.70 -19.25 24.79
C VAL D 380 37.27 -19.75 24.65
N ALA D 381 36.75 -20.37 25.71
CA ALA D 381 35.37 -20.86 25.66
C ALA D 381 34.39 -19.71 25.52
N ALA D 382 34.64 -18.59 26.20
CA ALA D 382 33.74 -17.45 26.13
C ALA D 382 33.68 -16.88 24.72
N ALA D 383 34.85 -16.70 24.10
CA ALA D 383 34.88 -16.18 22.73
C ALA D 383 34.19 -17.13 21.77
N THR D 384 34.48 -18.43 21.87
CA THR D 384 33.90 -19.39 20.92
C THR D 384 32.39 -19.48 21.07
N LEU D 385 31.90 -19.57 22.31
CA LEU D 385 30.46 -19.62 22.54
C LEU D 385 29.76 -18.32 22.17
N ALA D 386 30.38 -17.17 22.42
CA ALA D 386 29.76 -15.91 22.04
C ALA D 386 29.67 -15.76 20.53
N ASP D 387 30.68 -16.26 19.80
CA ASP D 387 30.61 -16.21 18.35
C ASP D 387 29.63 -17.24 17.80
N ARG D 388 29.48 -18.37 18.50
CA ARG D 388 28.69 -19.47 17.94
C ARG D 388 27.21 -19.32 18.25
N TYR D 389 26.85 -19.11 19.51
CA TYR D 389 25.46 -19.27 19.95
C TYR D 389 24.70 -17.97 20.14
N ILE D 390 25.33 -16.82 20.00
CA ILE D 390 24.64 -15.54 20.09
C ILE D 390 24.78 -14.84 18.75
N ASN D 391 23.70 -14.78 17.98
CA ASN D 391 23.66 -13.94 16.79
C ASN D 391 22.57 -12.90 17.04
N ASP D 392 22.90 -11.91 17.84
CA ASP D 392 22.10 -10.70 17.94
C ASP D 392 22.95 -9.47 18.22
N ARG D 393 24.27 -9.61 18.30
CA ARG D 393 25.17 -8.55 18.75
C ARG D 393 26.48 -8.70 17.99
N PHE D 394 27.51 -8.01 18.45
CA PHE D 394 28.79 -8.00 17.76
C PHE D 394 29.93 -8.10 18.76
N LEU D 395 31.04 -8.68 18.30
CA LEU D 395 32.23 -8.84 19.11
C LEU D 395 32.90 -7.49 19.36
N PRO D 396 33.65 -7.35 20.46
CA PRO D 396 33.86 -8.32 21.53
C PRO D 396 32.89 -8.16 22.68
N ASP D 397 31.91 -7.26 22.56
CA ASP D 397 31.08 -6.88 23.71
C ASP D 397 30.35 -8.08 24.31
N LYS D 398 29.97 -9.04 23.46
CA LYS D 398 29.35 -10.26 23.98
C LYS D 398 30.32 -11.08 24.82
N ALA D 399 31.60 -11.12 24.42
CA ALA D 399 32.58 -11.88 25.19
C ALA D 399 32.84 -11.25 26.55
N ILE D 400 33.00 -9.92 26.60
CA ILE D 400 33.10 -9.23 27.88
C ILE D 400 31.82 -9.42 28.70
N ASP D 401 30.67 -9.46 28.04
CA ASP D 401 29.42 -9.68 28.78
C ASP D 401 29.42 -11.05 29.46
N LEU D 402 29.84 -12.08 28.72
CA LEU D 402 29.90 -13.43 29.31
C LEU D 402 30.89 -13.47 30.47
N ILE D 403 32.09 -12.89 30.28
CA ILE D 403 33.12 -12.94 31.31
C ILE D 403 32.68 -12.18 32.55
N ASP D 404 32.13 -10.98 32.37
CA ASP D 404 31.70 -10.17 33.49
C ASP D 404 30.53 -10.82 34.23
N GLU D 405 29.61 -11.44 33.48
CA GLU D 405 28.48 -12.08 34.14
C GLU D 405 28.94 -13.28 34.96
N ALA D 406 29.89 -14.07 34.43
CA ALA D 406 30.43 -15.18 35.21
C ALA D 406 31.17 -14.68 36.45
N GLY D 407 31.91 -13.58 36.32
CA GLY D 407 32.57 -13.00 37.47
C GLY D 407 31.61 -12.54 38.55
N ALA D 408 30.51 -11.90 38.13
CA ALA D 408 29.49 -11.49 39.09
C ALA D 408 28.82 -12.70 39.73
N ARG D 409 28.62 -13.77 38.95
CA ARG D 409 28.08 -15.01 39.46
C ARG D 409 28.93 -15.56 40.60
N MET D 410 30.23 -15.70 40.37
CA MET D 410 31.10 -16.23 41.41
C MET D 410 31.26 -15.25 42.58
N ARG D 411 31.22 -13.95 42.31
CA ARG D 411 31.33 -12.98 43.40
C ARG D 411 30.13 -13.06 44.33
N ILE D 412 28.93 -13.22 43.77
CA ILE D 412 27.75 -13.38 44.64
C ILE D 412 27.76 -14.74 45.31
N ARG D 413 28.10 -15.80 44.59
CA ARG D 413 27.99 -17.15 45.15
C ARG D 413 29.07 -17.42 46.18
N ARG D 414 30.17 -16.66 46.18
CA ARG D 414 31.22 -16.90 47.17
C ARG D 414 30.76 -16.52 48.58
N MET D 415 29.97 -15.45 48.71
CA MET D 415 29.43 -15.08 50.01
C MET D 415 28.01 -15.62 50.19
N VAL D 476 39.84 -16.63 45.76
CA VAL D 476 40.09 -18.06 45.63
C VAL D 476 39.12 -18.68 44.65
N ALA D 477 38.04 -17.96 44.35
CA ALA D 477 37.04 -18.44 43.40
C ALA D 477 37.62 -18.45 42.00
N GLU D 478 37.35 -19.53 41.25
CA GLU D 478 37.89 -19.71 39.92
C GLU D 478 36.74 -19.77 38.92
N VAL D 479 36.87 -19.03 37.82
CA VAL D 479 35.89 -19.03 36.74
C VAL D 479 36.38 -19.95 35.65
N ASP D 480 35.53 -20.88 35.21
CA ASP D 480 35.95 -21.87 34.24
C ASP D 480 35.07 -21.85 33.01
N ASP D 481 35.26 -22.81 32.11
CA ASP D 481 34.45 -22.88 30.90
C ASP D 481 33.00 -23.24 31.19
N GLU D 482 32.75 -24.12 32.16
CA GLU D 482 31.39 -24.47 32.52
C GLU D 482 30.62 -23.28 33.09
N GLN D 483 31.31 -22.36 33.77
CA GLN D 483 30.65 -21.15 34.24
C GLN D 483 30.19 -20.28 33.08
N ILE D 484 31.03 -20.17 32.04
CA ILE D 484 30.66 -19.45 30.84
C ILE D 484 29.47 -20.13 30.15
N ALA D 485 29.50 -21.46 30.10
CA ALA D 485 28.39 -22.19 29.49
C ALA D 485 27.10 -21.99 30.26
N GLU D 486 27.18 -21.94 31.59
CA GLU D 486 25.99 -21.69 32.41
C GLU D 486 25.46 -20.28 32.19
N VAL D 487 26.36 -19.30 32.05
CA VAL D 487 25.93 -17.93 31.71
C VAL D 487 25.21 -17.91 30.37
N LEU D 488 25.76 -18.61 29.38
CA LEU D 488 25.15 -18.64 28.06
C LEU D 488 23.79 -19.33 28.10
N GLY D 489 23.67 -20.40 28.89
CA GLY D 489 22.39 -21.07 29.04
C GLY D 489 21.36 -20.22 29.75
N ASN D 490 21.79 -19.44 30.74
CA ASN D 490 20.88 -18.52 31.41
C ASN D 490 20.43 -17.41 30.48
N TRP D 491 21.33 -16.92 29.63
CA TRP D 491 21.01 -15.79 28.75
C TRP D 491 20.16 -16.22 27.58
N THR D 492 20.70 -17.08 26.71
CA THR D 492 20.05 -17.43 25.46
C THR D 492 19.13 -18.64 25.55
N GLY D 493 19.25 -19.44 26.61
CA GLY D 493 18.41 -20.61 26.75
C GLY D 493 18.85 -21.83 25.96
N ILE D 494 19.94 -21.73 25.21
CA ILE D 494 20.45 -22.87 24.44
C ILE D 494 21.22 -23.76 25.41
N PRO D 495 20.82 -25.03 25.55
CA PRO D 495 21.34 -25.88 26.63
C PRO D 495 22.75 -26.39 26.36
N VAL D 496 23.75 -25.53 26.60
CA VAL D 496 25.14 -25.98 26.64
C VAL D 496 25.59 -25.90 28.10
N PHE D 497 25.85 -27.06 28.68
CA PHE D 497 26.27 -27.16 30.08
C PHE D 497 27.23 -28.33 30.26
N LYS D 498 27.60 -28.60 31.51
CA LYS D 498 28.22 -29.86 31.84
C LYS D 498 27.14 -30.90 32.15
N LEU D 499 27.23 -32.05 31.48
CA LEU D 499 26.20 -33.07 31.61
C LEU D 499 26.27 -33.72 33.00
N THR D 500 25.28 -33.42 33.84
CA THR D 500 25.19 -34.07 35.14
C THR D 500 24.78 -35.52 34.96
N GLU D 501 24.96 -36.30 36.03
CA GLU D 501 24.69 -37.74 35.95
C GLU D 501 23.22 -38.03 35.70
N ALA D 502 22.32 -37.29 36.36
CA ALA D 502 20.89 -37.47 36.13
C ALA D 502 20.51 -37.11 34.70
N GLU D 503 21.02 -35.98 34.20
CA GLU D 503 20.74 -35.60 32.81
C GLU D 503 21.34 -36.60 31.83
N THR D 504 22.55 -37.10 32.13
CA THR D 504 23.18 -38.08 31.25
C THR D 504 22.38 -39.37 31.18
N THR D 505 21.97 -39.89 32.34
CA THR D 505 21.22 -41.15 32.32
C THR D 505 19.81 -40.94 31.80
N ARG D 506 19.33 -39.70 31.81
CA ARG D 506 18.08 -39.41 31.11
C ARG D 506 18.28 -39.45 29.60
N LEU D 507 19.40 -38.89 29.12
CA LEU D 507 19.66 -38.82 27.69
C LEU D 507 19.96 -40.19 27.12
N LEU D 508 20.58 -41.08 27.90
CA LEU D 508 20.67 -42.47 27.47
C LEU D 508 19.31 -43.15 27.42
N ARG D 509 18.42 -42.79 28.33
CA ARG D 509 17.16 -43.50 28.52
C ARG D 509 15.97 -42.74 27.95
N MET D 510 16.21 -41.75 27.10
CA MET D 510 15.09 -40.97 26.59
C MET D 510 14.34 -41.65 25.46
N GLU D 511 14.87 -42.76 24.93
CA GLU D 511 14.10 -43.52 23.96
C GLU D 511 12.84 -44.12 24.58
N GLU D 512 12.96 -44.72 25.77
CA GLU D 512 11.78 -45.23 26.44
C GLU D 512 10.95 -44.09 27.03
N GLU D 513 11.59 -42.96 27.33
CA GLU D 513 10.83 -41.77 27.72
C GLU D 513 9.93 -41.30 26.59
N LEU D 514 10.42 -41.35 25.35
CA LEU D 514 9.55 -41.09 24.21
C LEU D 514 8.52 -42.20 24.05
N HIS D 515 8.90 -43.43 24.41
CA HIS D 515 7.94 -44.53 24.36
C HIS D 515 6.87 -44.43 25.45
N LYS D 516 7.00 -43.53 26.41
CA LYS D 516 5.96 -43.34 27.41
C LYS D 516 4.69 -42.77 26.79
N ARG D 517 4.83 -41.91 25.78
CA ARG D 517 3.69 -41.28 25.13
C ARG D 517 3.41 -41.83 23.74
N ILE D 518 4.40 -42.43 23.08
CA ILE D 518 4.20 -43.05 21.78
C ILE D 518 4.32 -44.55 21.94
N ILE D 519 3.33 -45.28 21.46
CA ILE D 519 3.39 -46.74 21.42
C ILE D 519 3.80 -47.16 20.01
N GLY D 520 4.86 -47.95 19.93
CA GLY D 520 5.37 -48.35 18.64
C GLY D 520 6.18 -47.24 17.99
N GLN D 521 6.35 -47.38 16.67
CA GLN D 521 7.13 -46.43 15.85
C GLN D 521 8.57 -46.33 16.36
N GLU D 522 9.28 -47.45 16.29
CA GLU D 522 10.62 -47.52 16.84
C GLU D 522 11.62 -46.71 16.00
N ASP D 523 11.40 -46.65 14.68
CA ASP D 523 12.35 -45.96 13.82
C ASP D 523 12.36 -44.46 14.07
N ALA D 524 11.18 -43.85 14.21
CA ALA D 524 11.11 -42.41 14.43
C ALA D 524 11.70 -42.02 15.78
N VAL D 525 11.38 -42.78 16.82
CA VAL D 525 11.94 -42.54 18.14
C VAL D 525 13.46 -42.74 18.11
N LYS D 526 13.92 -43.74 17.35
CA LYS D 526 15.35 -43.98 17.19
C LYS D 526 16.05 -42.77 16.57
N ALA D 527 15.50 -42.26 15.47
CA ALA D 527 16.12 -41.12 14.78
C ALA D 527 16.11 -39.87 15.64
N VAL D 528 15.00 -39.60 16.34
CA VAL D 528 14.92 -38.43 17.20
C VAL D 528 15.93 -38.54 18.34
N SER D 529 16.07 -39.73 18.91
CA SER D 529 17.05 -39.94 19.98
C SER D 529 18.47 -39.72 19.49
N LYS D 530 18.79 -40.21 18.29
CA LYS D 530 20.12 -39.97 17.73
C LYS D 530 20.38 -38.48 17.55
N ALA D 531 19.39 -37.76 17.03
CA ALA D 531 19.57 -36.32 16.79
C ALA D 531 19.77 -35.56 18.10
N ILE D 532 18.98 -35.88 19.13
CA ILE D 532 19.11 -35.18 20.40
C ILE D 532 20.43 -35.52 21.07
N ARG D 533 20.87 -36.77 20.96
CA ARG D 533 22.17 -37.14 21.51
C ARG D 533 23.31 -36.42 20.80
N ARG D 534 23.22 -36.29 19.47
CA ARG D 534 24.24 -35.53 18.75
C ARG D 534 24.25 -34.07 19.16
N THR D 535 23.07 -33.46 19.33
CA THR D 535 23.00 -32.06 19.66
C THR D 535 23.52 -31.78 21.07
N ARG D 536 23.08 -32.55 22.06
CA ARG D 536 23.43 -32.22 23.43
C ARG D 536 24.83 -32.67 23.84
N ALA D 537 25.51 -33.47 23.02
CA ALA D 537 26.88 -33.85 23.33
C ALA D 537 27.90 -32.79 22.98
N GLY D 538 27.48 -31.70 22.33
CA GLY D 538 28.38 -30.72 21.80
C GLY D 538 29.02 -31.10 20.49
N LEU D 539 28.69 -32.28 19.95
CA LEU D 539 29.31 -32.82 18.74
C LEU D 539 28.28 -32.72 17.62
N LYS D 540 28.26 -31.55 16.96
CA LYS D 540 27.22 -31.26 15.98
C LYS D 540 27.80 -30.34 14.91
N ASP D 541 27.26 -30.43 13.70
CA ASP D 541 27.66 -29.53 12.63
C ASP D 541 27.24 -28.11 12.97
N PRO D 542 28.18 -27.15 13.01
CA PRO D 542 27.80 -25.76 13.33
C PRO D 542 26.85 -25.13 12.34
N LYS D 543 26.95 -25.45 11.05
CA LYS D 543 26.14 -24.77 10.06
C LYS D 543 24.74 -25.36 9.94
N ARG D 544 24.64 -26.67 9.82
CA ARG D 544 23.37 -27.34 9.65
C ARG D 544 22.53 -27.23 10.93
N PRO D 545 21.20 -27.31 10.81
CA PRO D 545 20.37 -27.31 12.02
C PRO D 545 20.55 -28.59 12.83
N SER D 546 19.94 -28.60 14.01
CA SER D 546 20.10 -29.74 14.92
C SER D 546 19.52 -31.02 14.32
N GLY D 547 18.35 -30.92 13.71
CA GLY D 547 17.72 -32.09 13.11
C GLY D 547 16.68 -31.68 12.11
N SER D 548 16.59 -32.44 11.02
CA SER D 548 15.63 -32.18 9.96
C SER D 548 15.02 -33.51 9.54
N PHE D 549 13.74 -33.69 9.82
CA PHE D 549 13.06 -34.94 9.53
C PHE D 549 11.76 -34.66 8.77
N ILE D 550 11.43 -35.54 7.85
CA ILE D 550 10.11 -35.57 7.23
C ILE D 550 9.43 -36.86 7.67
N PHE D 551 8.21 -36.73 8.16
CA PHE D 551 7.48 -37.85 8.72
C PHE D 551 6.35 -38.24 7.78
N ALA D 552 6.26 -39.52 7.44
CA ALA D 552 5.23 -40.02 6.55
C ALA D 552 4.56 -41.24 7.17
N GLY D 553 3.29 -41.40 6.86
CA GLY D 553 2.52 -42.52 7.35
C GLY D 553 1.03 -42.26 7.25
N PRO D 554 0.22 -43.21 7.70
CA PRO D 554 -1.23 -43.00 7.69
C PRO D 554 -1.66 -41.94 8.68
N SER D 555 -2.93 -41.56 8.64
CA SER D 555 -3.44 -40.55 9.56
C SER D 555 -3.51 -41.12 10.97
N GLY D 556 -3.16 -40.30 11.96
CA GLY D 556 -3.25 -40.71 13.35
C GLY D 556 -2.34 -41.85 13.76
N VAL D 557 -1.06 -41.78 13.38
CA VAL D 557 -0.10 -42.81 13.76
C VAL D 557 0.89 -42.12 14.70
N GLY D 558 0.50 -40.94 15.17
CA GLY D 558 1.28 -40.24 16.17
C GLY D 558 2.38 -39.35 15.64
N LYS D 559 2.30 -38.93 14.37
CA LYS D 559 3.31 -38.06 13.81
C LYS D 559 3.35 -36.71 14.53
N THR D 560 2.18 -36.12 14.78
CA THR D 560 2.13 -34.93 15.61
C THR D 560 2.30 -35.27 17.08
N GLU D 561 1.83 -36.45 17.50
CA GLU D 561 2.02 -36.87 18.89
C GLU D 561 3.49 -37.06 19.24
N LEU D 562 4.28 -37.55 18.28
CA LEU D 562 5.72 -37.67 18.53
C LEU D 562 6.36 -36.31 18.75
N SER D 563 6.01 -35.32 17.93
CA SER D 563 6.56 -33.98 18.11
C SER D 563 6.09 -33.37 19.42
N LYS D 564 4.83 -33.60 19.78
CA LYS D 564 4.32 -33.07 21.05
C LYS D 564 5.04 -33.71 22.23
N ALA D 565 5.30 -35.02 22.17
CA ALA D 565 6.00 -35.67 23.27
C ALA D 565 7.46 -35.28 23.31
N LEU D 566 8.07 -35.01 22.14
CA LEU D 566 9.43 -34.50 22.12
C LEU D 566 9.53 -33.13 22.75
N ALA D 567 8.55 -32.26 22.46
CA ALA D 567 8.51 -30.95 23.12
C ALA D 567 8.26 -31.10 24.61
N ASN D 568 7.43 -32.06 25.00
CA ASN D 568 7.20 -32.33 26.42
C ASN D 568 8.46 -32.82 27.10
N PHE D 569 9.27 -33.60 26.39
CA PHE D 569 10.55 -34.04 26.93
C PHE D 569 11.51 -32.88 27.11
N LEU D 570 11.69 -32.07 26.07
CA LEU D 570 12.74 -31.06 26.11
C LEU D 570 12.35 -29.87 27.00
N PHE D 571 11.11 -29.40 26.90
CA PHE D 571 10.71 -28.17 27.56
C PHE D 571 9.73 -28.37 28.70
N GLY D 572 9.02 -29.49 28.75
CA GLY D 572 8.10 -29.77 29.83
C GLY D 572 6.64 -29.57 29.51
N ASP D 573 6.30 -29.05 28.33
CA ASP D 573 4.91 -28.86 27.96
C ASP D 573 4.78 -28.78 26.46
N ASP D 574 3.58 -29.05 25.95
CA ASP D 574 3.31 -29.04 24.53
C ASP D 574 3.25 -27.64 23.93
N ASP D 575 2.89 -26.62 24.72
CA ASP D 575 2.69 -25.29 24.17
C ASP D 575 4.00 -24.59 23.80
N ALA D 576 5.14 -25.14 24.21
CA ALA D 576 6.42 -24.61 23.78
C ALA D 576 6.82 -25.08 22.39
N LEU D 577 6.06 -26.00 21.81
CA LEU D 577 6.30 -26.46 20.44
C LEU D 577 5.87 -25.37 19.45
N ILE D 578 6.81 -24.88 18.66
CA ILE D 578 6.49 -23.92 17.60
C ILE D 578 5.81 -24.65 16.46
N GLN D 579 4.48 -24.58 16.41
CA GLN D 579 3.70 -25.35 15.46
C GLN D 579 3.17 -24.43 14.37
N ILE D 580 3.69 -24.59 13.16
CA ILE D 580 3.15 -23.94 11.97
C ILE D 580 2.54 -25.01 11.09
N ASP D 581 1.23 -24.95 10.86
CA ASP D 581 0.54 -25.90 10.00
C ASP D 581 0.43 -25.31 8.60
N MET D 582 0.87 -26.07 7.61
CA MET D 582 0.88 -25.60 6.24
C MET D 582 -0.49 -25.66 5.57
N GLY D 583 -1.53 -26.05 6.30
CA GLY D 583 -2.86 -26.06 5.74
C GLY D 583 -3.44 -24.71 5.39
N GLU D 584 -2.95 -23.64 6.01
CA GLU D 584 -3.39 -22.29 5.69
C GLU D 584 -2.59 -21.66 4.56
N PHE D 585 -1.54 -22.32 4.09
CA PHE D 585 -0.62 -21.74 3.13
C PHE D 585 -0.78 -22.36 1.74
N HIS D 586 -2.01 -22.74 1.39
CA HIS D 586 -2.27 -23.26 0.05
C HIS D 586 -2.04 -22.18 -1.01
N ASP D 587 -2.43 -20.95 -0.72
CA ASP D 587 -2.24 -19.87 -1.68
C ASP D 587 -0.80 -19.37 -1.66
N ARG D 588 -0.29 -19.05 -2.84
CA ARG D 588 1.09 -18.59 -2.99
C ARG D 588 1.32 -17.24 -2.33
N PHE D 589 0.31 -16.36 -2.28
CA PHE D 589 0.47 -15.05 -1.68
C PHE D 589 0.51 -15.10 -0.16
N THR D 590 0.17 -16.24 0.43
CA THR D 590 0.06 -16.37 1.88
C THR D 590 1.43 -16.52 2.55
N ALA D 591 2.47 -16.87 1.79
CA ALA D 591 3.77 -17.19 2.38
C ALA D 591 4.44 -15.99 3.04
N SER D 592 3.94 -14.77 2.80
CA SER D 592 4.54 -13.60 3.42
C SER D 592 4.31 -13.58 4.93
N ARG D 593 3.38 -14.39 5.43
CA ARG D 593 3.16 -14.47 6.86
C ARG D 593 4.32 -15.14 7.58
N LEU D 594 5.05 -16.03 6.88
CA LEU D 594 6.10 -16.80 7.52
C LEU D 594 7.25 -15.92 7.98
N PHE D 595 7.78 -15.08 7.10
CA PHE D 595 8.97 -14.30 7.43
C PHE D 595 8.65 -12.81 7.59
N GLY D 596 7.63 -12.31 6.92
CA GLY D 596 7.21 -10.95 7.15
C GLY D 596 7.01 -10.10 5.91
N ALA D 597 6.38 -8.94 6.08
CA ALA D 597 6.09 -7.96 5.06
C ALA D 597 7.33 -7.15 4.70
N PRO D 598 7.57 -6.94 3.41
CA PRO D 598 8.71 -6.12 2.98
C PRO D 598 8.53 -4.68 3.39
N PRO D 599 9.60 -3.89 3.43
CA PRO D 599 9.46 -2.46 3.73
C PRO D 599 8.60 -1.74 2.71
N GLY D 600 7.84 -0.76 3.19
CA GLY D 600 6.92 -0.04 2.33
C GLY D 600 5.57 -0.68 2.16
N TYR D 601 5.22 -1.66 2.98
CA TYR D 601 3.94 -2.33 2.89
C TYR D 601 3.34 -2.47 4.28
N VAL D 602 2.03 -2.76 4.33
CA VAL D 602 1.33 -2.87 5.59
C VAL D 602 1.80 -4.11 6.34
N GLY D 603 1.93 -4.00 7.65
CA GLY D 603 2.41 -5.10 8.45
C GLY D 603 3.92 -5.27 8.47
N TYR D 604 4.66 -4.35 7.85
CA TYR D 604 6.12 -4.38 7.94
C TYR D 604 6.60 -4.20 9.37
N GLU D 605 5.99 -3.29 10.12
CA GLU D 605 6.41 -3.05 11.50
C GLU D 605 6.05 -4.23 12.40
N GLU D 606 5.07 -5.03 12.01
CA GLU D 606 4.70 -6.19 12.82
C GLU D 606 5.73 -7.30 12.70
N GLY D 607 6.31 -7.48 11.52
CA GLY D 607 7.27 -8.53 11.29
C GLY D 607 6.60 -9.86 10.99
N GLY D 608 7.45 -10.88 10.86
CA GLY D 608 6.96 -12.22 10.55
C GLY D 608 6.44 -12.94 11.77
N GLN D 609 6.05 -14.19 11.54
CA GLN D 609 5.58 -15.06 12.61
C GLN D 609 6.59 -16.14 12.99
N LEU D 610 7.10 -16.89 12.00
CA LEU D 610 8.07 -17.93 12.29
C LEU D 610 9.37 -17.36 12.81
N THR D 611 9.89 -16.31 12.15
CA THR D 611 11.19 -15.75 12.52
C THR D 611 11.16 -15.16 13.92
N GLU D 612 10.09 -14.45 14.26
CA GLU D 612 10.03 -13.81 15.57
C GLU D 612 9.89 -14.85 16.68
N LYS D 613 9.08 -15.88 16.47
CA LYS D 613 8.97 -16.93 17.48
C LYS D 613 10.25 -17.75 17.60
N VAL D 614 11.03 -17.88 16.52
CA VAL D 614 12.33 -18.53 16.63
C VAL D 614 13.30 -17.65 17.42
N ARG D 615 13.28 -16.34 17.19
CA ARG D 615 14.14 -15.44 17.95
C ARG D 615 13.75 -15.38 19.42
N ARG D 616 12.47 -15.59 19.72
CA ARG D 616 12.03 -15.62 21.12
C ARG D 616 12.66 -16.78 21.88
N LYS D 617 12.65 -17.97 21.28
CA LYS D 617 13.24 -19.17 21.87
C LYS D 617 14.13 -19.83 20.82
N PRO D 618 15.43 -19.56 20.85
CA PRO D 618 16.32 -20.13 19.84
C PRO D 618 16.39 -21.64 19.87
N PHE D 619 16.12 -22.26 21.00
CA PHE D 619 16.02 -23.72 21.11
C PHE D 619 14.54 -24.08 21.08
N SER D 620 14.09 -24.60 19.94
CA SER D 620 12.68 -24.95 19.80
C SER D 620 12.54 -26.09 18.80
N VAL D 621 11.42 -26.80 18.90
CA VAL D 621 11.07 -27.85 17.95
C VAL D 621 10.02 -27.29 17.02
N VAL D 622 10.39 -27.01 15.79
CA VAL D 622 9.51 -26.35 14.84
C VAL D 622 8.81 -27.43 14.03
N LEU D 623 7.48 -27.44 14.08
CA LEU D 623 6.67 -28.46 13.45
C LEU D 623 5.93 -27.87 12.26
N PHE D 624 6.11 -28.46 11.09
CA PHE D 624 5.42 -28.06 9.87
C PHE D 624 4.43 -29.15 9.49
N ASP D 625 3.15 -28.92 9.77
CA ASP D 625 2.12 -29.93 9.56
C ASP D 625 1.54 -29.83 8.16
N GLU D 626 1.37 -31.00 7.54
CA GLU D 626 0.70 -31.15 6.25
C GLU D 626 1.36 -30.29 5.18
N ILE D 627 2.64 -30.57 4.94
CA ILE D 627 3.45 -29.73 4.06
C ILE D 627 3.00 -29.78 2.61
N GLU D 628 2.36 -30.86 2.16
CA GLU D 628 1.87 -30.92 0.79
C GLU D 628 0.69 -30.00 0.56
N LYS D 629 -0.09 -29.71 1.59
CA LYS D 629 -1.27 -28.87 1.42
C LYS D 629 -0.92 -27.41 1.18
N ALA D 630 0.33 -27.02 1.44
CA ALA D 630 0.81 -25.73 0.98
C ALA D 630 1.37 -25.87 -0.45
N HIS D 631 1.40 -24.74 -1.15
CA HIS D 631 1.95 -24.73 -2.49
C HIS D 631 3.47 -24.88 -2.43
N GLN D 632 4.06 -25.26 -3.57
CA GLN D 632 5.49 -25.57 -3.60
C GLN D 632 6.38 -24.36 -3.38
N GLU D 633 5.88 -23.15 -3.61
CA GLU D 633 6.73 -21.96 -3.48
C GLU D 633 7.00 -21.62 -2.03
N ILE D 634 6.18 -22.14 -1.11
CA ILE D 634 6.41 -21.92 0.32
C ILE D 634 7.66 -22.64 0.80
N TYR D 635 7.97 -23.82 0.25
CA TYR D 635 9.19 -24.53 0.62
C TYR D 635 10.46 -23.75 0.28
N ASN D 636 10.38 -22.79 -0.64
CA ASN D 636 11.55 -22.04 -1.05
C ASN D 636 12.11 -21.16 0.06
N SER D 637 11.25 -20.70 0.96
CA SER D 637 11.74 -19.95 2.13
C SER D 637 12.47 -20.88 3.10
N LEU D 638 11.97 -22.09 3.29
CA LEU D 638 12.57 -23.06 4.19
C LEU D 638 13.78 -23.76 3.60
N LEU D 639 14.00 -23.58 2.29
CA LEU D 639 15.07 -24.28 1.59
C LEU D 639 16.44 -23.96 2.18
N GLN D 640 16.66 -22.71 2.58
CA GLN D 640 17.99 -22.34 3.06
C GLN D 640 18.12 -22.51 4.57
N VAL D 641 17.02 -22.48 5.31
CA VAL D 641 17.12 -22.83 6.73
C VAL D 641 17.30 -24.32 6.90
N LEU D 642 16.91 -25.12 5.90
CA LEU D 642 17.09 -26.56 6.00
C LEU D 642 18.56 -26.95 5.82
N GLU D 643 19.36 -26.09 5.18
CA GLU D 643 20.77 -26.36 4.94
C GLU D 643 21.72 -25.43 5.69
N ASP D 644 21.51 -24.11 5.61
CA ASP D 644 22.36 -23.16 6.30
C ASP D 644 21.80 -22.68 7.63
N GLY D 645 20.52 -22.91 7.90
CA GLY D 645 19.93 -22.49 9.16
C GLY D 645 19.86 -20.99 9.35
N ARG D 646 19.56 -20.24 8.30
CA ARG D 646 19.38 -18.81 8.43
C ARG D 646 18.21 -18.37 7.55
N LEU D 647 17.40 -17.46 8.08
CA LEU D 647 16.28 -16.89 7.36
C LEU D 647 16.39 -15.37 7.42
N THR D 648 16.11 -14.72 6.29
CA THR D 648 16.11 -13.27 6.19
C THR D 648 14.67 -12.79 6.13
N ASP D 649 14.24 -12.10 7.19
CA ASP D 649 12.86 -11.63 7.24
C ASP D 649 12.71 -10.40 6.35
N GLY D 650 11.51 -9.84 6.33
CA GLY D 650 11.27 -8.63 5.55
C GLY D 650 12.04 -7.44 6.08
N GLN D 651 12.23 -7.37 7.40
CA GLN D 651 12.94 -6.23 7.99
C GLN D 651 14.45 -6.33 7.78
N GLY D 652 14.95 -7.46 7.30
CA GLY D 652 16.34 -7.63 6.94
C GLY D 652 17.18 -8.41 7.92
N ARG D 653 16.67 -8.68 9.11
CA ARG D 653 17.45 -9.39 10.12
C ARG D 653 17.63 -10.86 9.74
N THR D 654 18.77 -11.42 10.11
CA THR D 654 19.04 -12.84 9.89
C THR D 654 18.85 -13.59 11.20
N VAL D 655 18.00 -14.60 11.18
CA VAL D 655 17.68 -15.37 12.38
C VAL D 655 18.48 -16.67 12.35
N ASP D 656 18.64 -17.28 13.51
CA ASP D 656 19.44 -18.50 13.64
C ASP D 656 18.54 -19.71 13.81
N PHE D 657 18.55 -20.60 12.82
CA PHE D 657 17.84 -21.87 12.89
C PHE D 657 18.78 -23.02 13.22
N LYS D 658 19.98 -22.72 13.72
CA LYS D 658 20.99 -23.75 13.87
C LYS D 658 20.71 -24.69 15.02
N ASN D 659 20.07 -24.21 16.08
CA ASN D 659 19.81 -25.01 17.26
C ASN D 659 18.41 -25.60 17.32
N THR D 660 17.59 -25.38 16.29
CA THR D 660 16.23 -25.88 16.28
C THR D 660 16.17 -27.26 15.64
N VAL D 661 15.13 -28.01 15.99
CA VAL D 661 14.85 -29.31 15.39
C VAL D 661 13.68 -29.12 14.44
N LEU D 662 13.92 -29.30 13.15
CA LEU D 662 12.91 -29.11 12.13
C LEU D 662 12.24 -30.45 11.85
N ILE D 663 10.91 -30.48 11.90
CA ILE D 663 10.14 -31.70 11.69
C ILE D 663 9.06 -31.42 10.66
N PHE D 664 9.05 -32.19 9.58
CA PHE D 664 7.98 -32.16 8.59
C PHE D 664 7.10 -33.37 8.75
N THR D 665 5.78 -33.15 8.73
CA THR D 665 4.83 -34.25 8.82
C THR D 665 3.98 -34.27 7.55
N SER D 666 3.91 -35.44 6.92
CA SER D 666 3.18 -35.62 5.67
C SER D 666 2.15 -36.73 5.85
N ASN D 667 1.34 -36.93 4.82
CA ASN D 667 0.33 -37.99 4.86
C ASN D 667 0.27 -38.77 3.55
N LEU D 668 1.26 -38.63 2.68
CA LEU D 668 1.22 -39.25 1.38
C LEU D 668 1.42 -40.75 1.48
N GLY D 669 1.08 -41.46 0.40
CA GLY D 669 1.28 -42.89 0.35
C GLY D 669 0.01 -43.69 0.63
N THR D 670 -0.98 -43.05 1.24
CA THR D 670 -2.22 -43.73 1.56
C THR D 670 -3.41 -43.02 0.90
N ASP D 689 4.89 -56.03 3.14
CA ASP D 689 3.92 -54.95 2.94
C ASP D 689 4.47 -53.60 3.37
N TYR D 690 5.24 -53.60 4.46
CA TYR D 690 5.82 -52.37 4.96
C TYR D 690 6.87 -51.82 4.00
N GLU D 691 7.68 -52.70 3.40
CA GLU D 691 8.66 -52.25 2.41
C GLU D 691 7.98 -51.71 1.16
N ARG D 692 6.88 -52.32 0.73
CA ARG D 692 6.15 -51.81 -0.42
C ARG D 692 5.57 -50.43 -0.14
N MET D 693 5.03 -50.24 1.07
CA MET D 693 4.53 -48.93 1.45
C MET D 693 5.66 -47.90 1.53
N LYS D 694 6.82 -48.30 2.03
CA LYS D 694 7.96 -47.38 2.11
C LYS D 694 8.40 -46.97 0.70
N GLN D 695 8.46 -47.92 -0.22
CA GLN D 695 8.84 -47.58 -1.59
C GLN D 695 7.80 -46.67 -2.25
N LYS D 696 6.52 -46.93 -2.01
CA LYS D 696 5.48 -46.07 -2.57
C LYS D 696 5.56 -44.67 -2.00
N VAL D 697 5.78 -44.55 -0.69
CA VAL D 697 5.90 -43.24 -0.05
C VAL D 697 7.12 -42.49 -0.58
N ASN D 698 8.24 -43.18 -0.72
CA ASN D 698 9.45 -42.54 -1.25
C ASN D 698 9.24 -42.07 -2.68
N ASP D 699 8.58 -42.89 -3.51
CA ASP D 699 8.31 -42.50 -4.88
C ASP D 699 7.37 -41.30 -4.94
N GLU D 700 6.33 -41.29 -4.10
CA GLU D 700 5.40 -40.17 -4.07
C GLU D 700 6.09 -38.89 -3.62
N LEU D 701 6.96 -38.98 -2.62
CA LEU D 701 7.72 -37.82 -2.19
C LEU D 701 8.67 -37.33 -3.27
N LYS D 702 9.30 -38.24 -4.00
CA LYS D 702 10.20 -37.83 -5.07
C LYS D 702 9.46 -37.16 -6.22
N LYS D 703 8.27 -37.66 -6.57
CA LYS D 703 7.55 -37.05 -7.68
C LYS D 703 6.76 -35.82 -7.22
N HIS D 704 6.61 -35.63 -5.91
CA HIS D 704 5.84 -34.50 -5.42
C HIS D 704 6.74 -33.29 -5.14
N PHE D 705 7.95 -33.52 -4.62
CA PHE D 705 8.86 -32.44 -4.26
C PHE D 705 10.04 -32.43 -5.21
N ARG D 706 10.63 -31.25 -5.39
CA ARG D 706 11.81 -31.14 -6.21
C ARG D 706 12.98 -31.84 -5.53
N PRO D 707 13.82 -32.57 -6.28
CA PRO D 707 14.88 -33.36 -5.65
C PRO D 707 15.92 -32.52 -4.91
N GLU D 708 16.03 -31.23 -5.24
CA GLU D 708 16.96 -30.37 -4.52
C GLU D 708 16.52 -30.07 -3.10
N PHE D 709 15.27 -30.36 -2.76
CA PHE D 709 14.77 -30.17 -1.40
C PHE D 709 14.87 -31.45 -0.58
N LEU D 710 14.70 -32.60 -1.21
CA LEU D 710 14.76 -33.87 -0.51
C LEU D 710 16.19 -34.24 -0.10
N ASN D 711 17.20 -33.69 -0.78
CA ASN D 711 18.57 -34.01 -0.47
C ASN D 711 19.09 -33.29 0.76
N ARG D 712 18.52 -32.15 1.10
CA ARG D 712 19.03 -31.35 2.20
C ARG D 712 18.48 -31.78 3.55
N ILE D 713 17.64 -32.80 3.59
CA ILE D 713 17.02 -33.27 4.84
C ILE D 713 17.84 -34.42 5.39
N ASP D 714 17.73 -34.65 6.70
CA ASP D 714 18.57 -35.67 7.33
C ASP D 714 18.01 -37.07 7.10
N ASP D 715 16.82 -37.35 7.63
CA ASP D 715 16.27 -38.69 7.58
C ASP D 715 14.80 -38.62 7.16
N ILE D 716 14.42 -39.52 6.25
CA ILE D 716 13.03 -39.67 5.83
C ILE D 716 12.46 -40.86 6.59
N ILE D 717 11.46 -40.61 7.43
CA ILE D 717 10.94 -41.62 8.35
C ILE D 717 9.52 -41.97 7.94
N VAL D 718 9.29 -43.25 7.71
CA VAL D 718 7.96 -43.76 7.38
C VAL D 718 7.40 -44.42 8.63
N PHE D 719 6.21 -43.99 9.05
CA PHE D 719 5.59 -44.52 10.26
C PHE D 719 4.91 -45.84 9.95
N HIS D 720 5.20 -46.84 10.78
CA HIS D 720 4.62 -48.17 10.60
C HIS D 720 3.16 -48.15 11.03
N GLN D 721 2.34 -48.96 10.37
CA GLN D 721 0.94 -49.12 10.75
C GLN D 721 0.81 -49.73 12.14
N LEU D 722 -0.24 -49.35 12.85
CA LEU D 722 -0.44 -49.80 14.22
C LEU D 722 -0.94 -51.24 14.24
N THR D 723 -0.39 -52.04 15.16
CA THR D 723 -0.76 -53.43 15.31
C THR D 723 -1.63 -53.61 16.56
N ARG D 724 -1.98 -54.86 16.86
CA ARG D 724 -2.91 -55.14 17.95
C ARG D 724 -2.31 -54.81 19.31
N GLU D 725 -1.03 -55.13 19.52
CA GLU D 725 -0.39 -54.79 20.79
C GLU D 725 -0.30 -53.29 20.98
N GLU D 726 0.01 -52.56 19.90
CA GLU D 726 0.11 -51.11 19.99
C GLU D 726 -1.23 -50.49 20.36
N ILE D 727 -2.30 -50.94 19.73
CA ILE D 727 -3.60 -50.35 20.02
C ILE D 727 -4.11 -50.80 21.39
N ILE D 728 -3.71 -51.99 21.85
CA ILE D 728 -4.21 -52.42 23.15
C ILE D 728 -3.45 -51.75 24.30
N ARG D 729 -2.21 -51.30 24.06
CA ARG D 729 -1.57 -50.41 25.04
C ARG D 729 -2.11 -48.99 24.92
N MET D 730 -2.45 -48.58 23.71
CA MET D 730 -2.95 -47.24 23.50
C MET D 730 -4.36 -47.05 24.05
N VAL D 731 -5.11 -48.14 24.22
CA VAL D 731 -6.35 -48.08 25.00
C VAL D 731 -6.06 -47.55 26.40
N ASP D 732 -5.05 -48.14 27.05
CA ASP D 732 -4.66 -47.69 28.38
C ASP D 732 -4.18 -46.25 28.36
N LEU D 733 -3.39 -45.90 27.34
CA LEU D 733 -2.85 -44.54 27.28
C LEU D 733 -3.94 -43.49 27.14
N MET D 734 -4.92 -43.74 26.27
CA MET D 734 -5.98 -42.76 26.08
C MET D 734 -7.10 -42.84 27.11
N ILE D 735 -7.16 -43.92 27.89
CA ILE D 735 -8.10 -43.91 29.00
C ILE D 735 -7.48 -43.31 30.26
N SER D 736 -6.15 -43.22 30.32
CA SER D 736 -5.52 -42.51 31.43
C SER D 736 -5.92 -41.04 31.45
N ARG D 737 -6.16 -40.44 30.27
CA ARG D 737 -6.65 -39.08 30.20
C ARG D 737 -8.02 -38.95 30.86
N VAL D 738 -8.92 -39.89 30.58
CA VAL D 738 -10.26 -39.85 31.17
C VAL D 738 -10.17 -40.08 32.67
N ALA D 739 -9.27 -40.97 33.11
CA ALA D 739 -9.11 -41.19 34.54
C ALA D 739 -8.60 -39.94 35.24
N GLY D 740 -7.63 -39.25 34.64
CA GLY D 740 -7.13 -38.01 35.22
C GLY D 740 -8.19 -36.91 35.22
N GLN D 741 -9.01 -36.86 34.18
CA GLN D 741 -10.10 -35.89 34.13
C GLN D 741 -11.12 -36.17 35.21
N LEU D 742 -11.42 -37.45 35.47
CA LEU D 742 -12.35 -37.81 36.52
C LEU D 742 -11.79 -37.51 37.90
N LYS D 743 -10.46 -37.61 38.05
CA LYS D 743 -9.82 -37.31 39.33
C LYS D 743 -10.07 -35.88 39.79
N SER D 744 -10.35 -34.95 38.87
CA SER D 744 -10.65 -33.57 39.25
C SER D 744 -12.00 -33.43 39.95
N LYS D 745 -12.86 -34.44 39.88
CA LYS D 745 -14.17 -34.39 40.50
C LYS D 745 -14.31 -35.41 41.63
N ASP D 746 -13.18 -35.79 42.23
CA ASP D 746 -13.16 -36.62 43.44
C ASP D 746 -13.83 -37.98 43.22
N MET D 747 -13.64 -38.56 42.05
CA MET D 747 -14.18 -39.88 41.74
C MET D 747 -13.24 -40.58 40.75
N ALA D 748 -13.10 -41.88 40.91
CA ALA D 748 -12.09 -42.65 40.17
C ALA D 748 -12.73 -43.71 39.29
N LEU D 749 -12.04 -44.05 38.21
CA LEU D 749 -12.47 -45.09 37.28
C LEU D 749 -11.39 -46.15 37.18
N VAL D 750 -11.79 -47.41 37.26
CA VAL D 750 -10.90 -48.54 37.03
C VAL D 750 -11.57 -49.48 36.04
N LEU D 751 -10.89 -49.77 34.94
CA LEU D 751 -11.41 -50.65 33.90
C LEU D 751 -11.04 -52.08 34.21
N THR D 752 -12.00 -52.98 34.08
CA THR D 752 -11.72 -54.40 34.05
C THR D 752 -10.99 -54.73 32.75
N ASP D 753 -10.10 -55.73 32.81
CA ASP D 753 -9.33 -56.13 31.62
C ASP D 753 -10.23 -56.55 30.47
N ALA D 754 -11.42 -57.07 30.79
CA ALA D 754 -12.40 -57.36 29.75
C ALA D 754 -12.84 -56.10 29.03
N ALA D 755 -13.00 -54.99 29.75
CA ALA D 755 -13.34 -53.72 29.11
C ALA D 755 -12.23 -53.27 28.17
N LYS D 756 -10.98 -53.43 28.59
CA LYS D 756 -9.85 -53.08 27.73
C LYS D 756 -9.84 -53.94 26.47
N ALA D 757 -10.09 -55.25 26.62
CA ALA D 757 -10.10 -56.14 25.47
C ALA D 757 -11.23 -55.79 24.50
N LEU D 758 -12.41 -55.48 25.03
CA LEU D 758 -13.54 -55.13 24.17
C LEU D 758 -13.30 -53.80 23.47
N LEU D 759 -12.73 -52.82 24.18
CA LEU D 759 -12.43 -51.54 23.55
C LEU D 759 -11.39 -51.70 22.45
N ALA D 760 -10.36 -52.51 22.69
CA ALA D 760 -9.37 -52.76 21.65
C ALA D 760 -9.91 -53.56 20.49
N LYS D 761 -10.94 -54.39 20.73
CA LYS D 761 -11.49 -55.18 19.64
C LYS D 761 -12.35 -54.33 18.71
N ARG D 762 -13.16 -53.43 19.26
CA ARG D 762 -14.08 -52.64 18.46
C ARG D 762 -13.45 -51.37 17.90
N GLY D 763 -12.19 -51.08 18.24
CA GLY D 763 -11.57 -49.86 17.77
C GLY D 763 -10.39 -50.08 16.84
N PHE D 764 -10.15 -51.33 16.47
CA PHE D 764 -9.01 -51.68 15.63
C PHE D 764 -9.45 -51.74 14.17
N ASP D 765 -8.69 -51.06 13.30
CA ASP D 765 -8.86 -51.15 11.86
C ASP D 765 -7.55 -50.79 11.17
N PRO D 766 -7.01 -51.69 10.34
CA PRO D 766 -5.74 -51.41 9.67
C PRO D 766 -5.81 -50.27 8.66
N VAL D 767 -7.01 -49.92 8.18
CA VAL D 767 -7.13 -48.83 7.22
C VAL D 767 -6.78 -47.49 7.84
N LEU D 768 -7.05 -47.29 9.12
CA LEU D 768 -6.84 -45.99 9.74
C LEU D 768 -5.96 -46.12 10.97
N GLY D 769 -5.83 -45.05 11.74
CA GLY D 769 -4.89 -45.05 12.84
C GLY D 769 -5.52 -45.20 14.21
N ALA D 770 -5.39 -44.17 15.04
CA ALA D 770 -5.78 -44.22 16.44
C ALA D 770 -7.15 -43.60 16.72
N ARG D 771 -7.62 -42.73 15.87
CA ARG D 771 -8.85 -42.00 16.12
C ARG D 771 -10.12 -42.87 16.07
N PRO D 772 -10.19 -43.94 15.27
CA PRO D 772 -11.29 -44.90 15.49
C PRO D 772 -11.33 -45.46 16.90
N LEU D 773 -10.18 -45.69 17.53
CA LEU D 773 -10.17 -46.12 18.92
C LEU D 773 -10.72 -45.05 19.84
N ARG D 774 -10.35 -43.78 19.58
CA ARG D 774 -10.90 -42.70 20.41
C ARG D 774 -12.39 -42.54 20.21
N ARG D 775 -12.86 -42.78 18.98
CA ARG D 775 -14.30 -42.78 18.73
C ARG D 775 -14.99 -43.88 19.52
N THR D 776 -14.40 -45.08 19.53
CA THR D 776 -14.98 -46.19 20.28
C THR D 776 -15.02 -45.88 21.77
N ILE D 777 -13.93 -45.36 22.32
CA ILE D 777 -13.91 -45.01 23.73
C ILE D 777 -14.92 -43.91 24.04
N GLN D 778 -14.98 -42.89 23.20
CA GLN D 778 -15.86 -41.75 23.44
C GLN D 778 -17.32 -42.16 23.37
N ARG D 779 -17.67 -43.05 22.45
CA ARG D 779 -19.06 -43.49 22.36
C ARG D 779 -19.44 -44.54 23.40
N GLU D 780 -18.49 -45.34 23.86
CA GLU D 780 -18.82 -46.43 24.78
C GLU D 780 -18.67 -46.06 26.25
N ILE D 781 -17.76 -45.16 26.61
CA ILE D 781 -17.46 -44.86 28.00
C ILE D 781 -17.81 -43.43 28.35
N GLU D 782 -17.28 -42.45 27.60
CA GLU D 782 -17.43 -41.06 27.98
C GLU D 782 -18.88 -40.60 27.97
N ASP D 783 -19.62 -40.92 26.91
CA ASP D 783 -21.00 -40.47 26.81
C ASP D 783 -21.88 -41.12 27.87
N GLN D 784 -21.75 -42.44 28.05
CA GLN D 784 -22.56 -43.14 29.05
C GLN D 784 -22.23 -42.66 30.46
N LEU D 785 -20.95 -42.41 30.73
CA LEU D 785 -20.57 -41.89 32.04
C LEU D 785 -21.08 -40.47 32.23
N SER D 786 -21.15 -39.69 31.16
CA SER D 786 -21.75 -38.35 31.25
C SER D 786 -23.22 -38.43 31.61
N GLU D 787 -23.95 -39.36 30.99
CA GLU D 787 -25.35 -39.56 31.37
C GLU D 787 -25.48 -39.99 32.82
N LYS D 788 -24.60 -40.90 33.27
CA LYS D 788 -24.68 -41.38 34.64
C LYS D 788 -24.30 -40.30 35.65
N ILE D 789 -23.42 -39.38 35.26
CA ILE D 789 -23.02 -38.29 36.16
C ILE D 789 -24.12 -37.26 36.26
N LEU D 790 -24.68 -36.83 35.12
CA LEU D 790 -25.72 -35.80 35.17
C LEU D 790 -27.03 -36.32 35.73
N PHE D 791 -27.26 -37.63 35.69
CA PHE D 791 -28.39 -38.23 36.37
C PHE D 791 -28.13 -38.39 37.87
N GLU D 792 -26.90 -38.10 38.31
CA GLU D 792 -26.43 -38.24 39.69
C GLU D 792 -26.56 -39.68 40.18
N GLU D 793 -26.44 -40.64 39.26
CA GLU D 793 -26.34 -42.04 39.67
C GLU D 793 -25.03 -42.28 40.42
N VAL D 794 -23.94 -41.69 39.95
CA VAL D 794 -22.63 -41.83 40.56
C VAL D 794 -22.04 -40.44 40.76
N GLY D 795 -21.45 -40.20 41.93
CA GLY D 795 -20.90 -38.91 42.24
C GLY D 795 -19.54 -38.98 42.90
N PRO D 796 -19.14 -37.90 43.57
CA PRO D 796 -17.85 -37.90 44.27
C PRO D 796 -17.82 -38.88 45.43
N GLY D 797 -16.62 -39.35 45.73
CA GLY D 797 -16.43 -40.30 46.82
C GLY D 797 -16.70 -41.75 46.46
N GLN D 798 -17.01 -42.05 45.21
CA GLN D 798 -17.28 -43.41 44.77
C GLN D 798 -16.23 -43.83 43.76
N VAL D 799 -16.14 -45.13 43.54
CA VAL D 799 -15.29 -45.68 42.49
C VAL D 799 -16.19 -46.21 41.39
N VAL D 800 -15.66 -46.24 40.18
CA VAL D 800 -16.39 -46.75 39.01
C VAL D 800 -15.61 -47.92 38.45
N THR D 801 -16.17 -49.11 38.54
CA THR D 801 -15.58 -50.32 37.97
C THR D 801 -16.37 -50.66 36.71
N VAL D 802 -15.78 -50.40 35.56
CA VAL D 802 -16.42 -50.66 34.28
C VAL D 802 -16.08 -52.07 33.84
N ASP D 803 -17.12 -52.87 33.57
CA ASP D 803 -16.95 -54.26 33.21
C ASP D 803 -17.83 -54.57 32.00
N VAL D 804 -17.47 -55.64 31.30
CA VAL D 804 -18.21 -56.13 30.14
C VAL D 804 -18.89 -57.42 30.53
N ASP D 805 -20.21 -57.46 30.32
CA ASP D 805 -21.00 -58.66 30.51
C ASP D 805 -21.47 -59.17 29.16
N ASN D 806 -22.05 -60.38 29.17
CA ASN D 806 -22.58 -61.04 27.97
C ASN D 806 -21.50 -61.19 26.90
N TRP D 807 -20.28 -61.50 27.35
CA TRP D 807 -19.15 -61.63 26.46
C TRP D 807 -18.23 -62.74 26.97
N ASP D 808 -17.48 -63.34 26.04
CA ASP D 808 -16.54 -64.39 26.37
C ASP D 808 -15.09 -63.94 26.38
N GLY D 809 -14.77 -62.80 25.76
CA GLY D 809 -13.42 -62.32 25.67
C GLY D 809 -12.70 -62.67 24.39
N GLU D 810 -13.26 -63.58 23.58
CA GLU D 810 -12.66 -63.99 22.32
C GLU D 810 -13.48 -63.59 21.11
N GLY D 811 -14.81 -63.61 21.22
CA GLY D 811 -15.67 -63.32 20.10
C GLY D 811 -15.67 -61.86 19.73
N PRO D 812 -16.27 -61.55 18.58
CA PRO D 812 -16.36 -60.15 18.15
C PRO D 812 -17.12 -59.25 19.11
N GLY D 813 -18.10 -59.80 19.82
CA GLY D 813 -18.84 -59.03 20.80
C GLY D 813 -19.80 -58.04 20.18
N GLU D 814 -20.75 -58.55 19.40
CA GLU D 814 -21.77 -57.71 18.78
C GLU D 814 -22.97 -57.50 19.70
N ASP D 815 -22.98 -58.13 20.88
CA ASP D 815 -24.07 -57.93 21.83
C ASP D 815 -23.58 -57.55 23.23
N ALA D 816 -22.26 -57.44 23.43
CA ALA D 816 -21.74 -57.09 24.74
C ALA D 816 -22.00 -55.61 25.04
N VAL D 817 -22.22 -55.32 26.33
CA VAL D 817 -22.42 -53.96 26.80
C VAL D 817 -21.53 -53.72 28.00
N PHE D 818 -21.53 -52.48 28.46
CA PHE D 818 -20.67 -52.04 29.55
C PHE D 818 -21.51 -51.79 30.80
N THR D 819 -21.05 -52.32 31.94
CA THR D 819 -21.73 -52.14 33.22
C THR D 819 -20.92 -51.20 34.10
N PHE D 820 -21.60 -50.25 34.72
CA PHE D 820 -20.98 -49.24 35.56
C PHE D 820 -21.46 -49.43 36.99
N THR D 821 -20.52 -49.48 37.93
CA THR D 821 -20.86 -49.71 39.33
C THR D 821 -20.55 -48.50 40.19
N SER E 168 34.58 48.21 8.90
CA SER E 168 34.63 48.68 10.28
C SER E 168 34.42 47.54 11.26
N LEU E 169 34.45 47.86 12.56
CA LEU E 169 34.39 46.85 13.60
C LEU E 169 32.98 46.29 13.79
N VAL E 170 31.95 47.08 13.48
CA VAL E 170 30.57 46.67 13.74
C VAL E 170 30.21 45.43 12.94
N LEU E 171 30.59 45.39 11.67
CA LEU E 171 30.42 44.19 10.86
C LEU E 171 31.62 43.26 10.94
N ASP E 172 32.71 43.67 11.61
CA ASP E 172 33.82 42.77 11.85
C ASP E 172 33.51 41.78 12.96
N GLN E 173 32.78 42.21 13.99
CA GLN E 173 32.42 41.29 15.06
C GLN E 173 31.36 40.27 14.63
N PHE E 174 30.50 40.66 13.69
CA PHE E 174 29.41 39.79 13.25
C PHE E 174 29.71 39.10 11.93
N GLY E 175 30.93 39.22 11.42
CA GLY E 175 31.27 38.60 10.15
C GLY E 175 32.76 38.35 10.07
N ARG E 176 33.17 37.81 8.92
CA ARG E 176 34.57 37.49 8.67
C ARG E 176 35.01 38.19 7.40
N ASN E 177 36.13 38.89 7.46
CA ASN E 177 36.68 39.58 6.31
C ASN E 177 37.45 38.61 5.43
N LEU E 178 37.26 38.73 4.12
CA LEU E 178 38.00 37.93 3.15
C LEU E 178 39.09 38.70 2.42
N THR E 179 38.84 39.96 2.06
CA THR E 179 39.86 40.76 1.40
C THR E 179 41.02 41.03 2.34
N ALA E 180 40.74 41.29 3.61
CA ALA E 180 41.81 41.43 4.60
C ALA E 180 42.63 40.15 4.71
N ALA E 181 41.97 39.00 4.65
CA ALA E 181 42.70 37.74 4.56
C ALA E 181 43.40 37.62 3.21
N ALA E 182 42.86 38.27 2.17
CA ALA E 182 43.49 38.18 0.86
C ALA E 182 44.81 38.91 0.80
N MET E 183 44.95 40.02 1.53
CA MET E 183 46.28 40.58 1.71
C MET E 183 47.17 39.64 2.54
N GLU E 184 46.59 38.93 3.50
CA GLU E 184 47.37 38.00 4.30
C GLU E 184 47.58 36.65 3.63
N GLY E 185 46.85 36.36 2.56
CA GLY E 185 47.08 35.13 1.82
C GLY E 185 46.60 33.86 2.47
N LYS E 186 45.64 33.95 3.40
CA LYS E 186 45.10 32.75 4.04
C LYS E 186 44.18 31.96 3.11
N LEU E 187 43.86 32.50 1.95
CA LEU E 187 42.98 31.87 0.96
C LEU E 187 43.78 30.90 0.09
N ASP E 188 43.19 29.73 -0.16
CA ASP E 188 43.78 28.80 -1.09
C ASP E 188 43.69 29.35 -2.52
N PRO E 189 44.71 29.12 -3.35
CA PRO E 189 44.61 29.51 -4.75
C PRO E 189 43.49 28.74 -5.44
N VAL E 190 42.82 29.41 -6.37
CA VAL E 190 41.67 28.85 -7.07
C VAL E 190 42.07 28.69 -8.53
N ILE E 191 41.95 27.46 -9.03
CA ILE E 191 42.47 27.10 -10.34
C ILE E 191 41.30 26.70 -11.24
N GLY E 192 41.27 27.26 -12.44
CA GLY E 192 40.30 26.88 -13.45
C GLY E 192 38.85 27.21 -13.12
N ARG E 193 38.62 28.33 -12.44
CA ARG E 193 37.26 28.77 -12.14
C ARG E 193 37.00 30.17 -12.67
N GLU E 194 37.72 30.57 -13.72
CA GLU E 194 37.60 31.94 -14.24
C GLU E 194 36.22 32.21 -14.80
N LYS E 195 35.62 31.23 -15.49
CA LYS E 195 34.34 31.45 -16.14
C LYS E 195 33.24 31.75 -15.12
N GLU E 196 33.21 31.00 -14.01
CA GLU E 196 32.15 31.19 -13.03
C GLU E 196 32.36 32.46 -12.20
N ILE E 197 33.62 32.81 -11.92
CA ILE E 197 33.89 34.08 -11.25
C ILE E 197 33.47 35.25 -12.13
N GLU E 198 33.79 35.17 -13.43
CA GLU E 198 33.33 36.21 -14.35
C GLU E 198 31.82 36.20 -14.49
N ARG E 199 31.19 35.03 -14.35
CA ARG E 199 29.73 34.97 -14.37
C ARG E 199 29.13 35.71 -13.18
N VAL E 200 29.72 35.55 -12.00
CA VAL E 200 29.26 36.30 -10.83
C VAL E 200 29.50 37.79 -11.02
N MET E 201 30.65 38.13 -11.65
CA MET E 201 30.92 39.52 -12.03
C MET E 201 29.81 40.08 -12.91
N GLN E 202 29.37 39.30 -13.89
CA GLN E 202 28.32 39.75 -14.80
C GLN E 202 26.99 39.90 -14.07
N VAL E 203 26.69 38.96 -13.17
CA VAL E 203 25.39 38.97 -12.49
C VAL E 203 25.30 40.14 -11.52
N LEU E 204 26.40 40.47 -10.84
CA LEU E 204 26.37 41.51 -9.80
C LEU E 204 26.12 42.91 -10.33
N SER E 205 25.89 43.09 -11.63
CA SER E 205 25.59 44.42 -12.18
C SER E 205 24.31 44.44 -13.00
N ARG E 206 23.46 43.40 -12.91
CA ARG E 206 22.26 43.35 -13.71
C ARG E 206 21.17 44.27 -13.13
N ARG E 207 20.15 44.52 -13.95
CA ARG E 207 19.01 45.31 -13.50
C ARG E 207 18.19 44.56 -12.47
N THR E 208 17.61 43.44 -12.88
CA THR E 208 16.86 42.56 -11.99
C THR E 208 17.57 41.22 -11.89
N LYS E 209 17.27 40.49 -10.82
CA LYS E 209 17.95 39.24 -10.47
C LYS E 209 19.46 39.46 -10.40
N ASN E 210 19.85 40.51 -9.67
CA ASN E 210 21.24 40.90 -9.56
C ASN E 210 21.99 40.17 -8.45
N ASN E 211 21.31 39.27 -7.73
CA ASN E 211 21.94 38.55 -6.63
C ASN E 211 22.25 37.12 -7.06
N PRO E 212 23.50 36.77 -7.27
CA PRO E 212 23.83 35.40 -7.69
C PRO E 212 23.85 34.45 -6.51
N VAL E 213 23.42 33.22 -6.76
CA VAL E 213 23.60 32.12 -5.83
C VAL E 213 24.34 31.01 -6.55
N LEU E 214 25.36 30.45 -5.91
CA LEU E 214 26.19 29.42 -6.53
C LEU E 214 25.54 28.07 -6.29
N ILE E 215 24.80 27.59 -7.27
CA ILE E 215 24.02 26.36 -7.16
C ILE E 215 24.84 25.22 -7.73
N GLY E 216 25.14 24.23 -6.89
CA GLY E 216 25.90 23.08 -7.33
C GLY E 216 25.96 22.05 -6.23
N GLU E 217 26.28 20.82 -6.64
CA GLU E 217 26.38 19.72 -5.69
C GLU E 217 27.55 19.96 -4.73
N PRO E 218 27.44 19.49 -3.47
CA PRO E 218 28.47 19.82 -2.47
C PRO E 218 29.83 19.24 -2.79
N GLY E 219 30.89 20.00 -2.52
CA GLY E 219 32.25 19.57 -2.76
C GLY E 219 32.85 20.04 -4.05
N VAL E 220 32.15 20.86 -4.84
CA VAL E 220 32.69 21.35 -6.10
C VAL E 220 33.40 22.69 -5.93
N GLY E 221 33.31 23.31 -4.77
CA GLY E 221 33.91 24.61 -4.58
C GLY E 221 32.91 25.74 -4.63
N LYS E 222 31.76 25.57 -3.96
CA LYS E 222 30.81 26.67 -3.87
C LYS E 222 31.39 27.84 -3.09
N THR E 223 32.15 27.53 -2.03
CA THR E 223 32.88 28.59 -1.34
C THR E 223 34.11 29.00 -2.14
N ALA E 224 34.71 28.07 -2.87
CA ALA E 224 35.98 28.34 -3.55
C ALA E 224 35.83 29.38 -4.65
N VAL E 225 34.67 29.44 -5.29
CA VAL E 225 34.45 30.46 -6.32
C VAL E 225 34.49 31.85 -5.70
N VAL E 226 33.84 32.03 -4.55
CA VAL E 226 33.90 33.31 -3.85
C VAL E 226 35.30 33.58 -3.32
N GLU E 227 36.02 32.52 -2.89
CA GLU E 227 37.38 32.69 -2.42
C GLU E 227 38.27 33.23 -3.54
N GLY E 228 38.14 32.64 -4.73
CA GLY E 228 38.87 33.13 -5.89
C GLY E 228 38.40 34.50 -6.34
N LEU E 229 37.12 34.82 -6.13
CA LEU E 229 36.66 36.17 -6.45
C LEU E 229 37.32 37.20 -5.54
N ALA E 230 37.48 36.86 -4.26
CA ALA E 230 38.22 37.76 -3.36
C ALA E 230 39.68 37.86 -3.76
N GLN E 231 40.27 36.76 -4.23
CA GLN E 231 41.64 36.82 -4.75
C GLN E 231 41.73 37.68 -6.01
N ALA E 232 40.71 37.67 -6.86
CA ALA E 232 40.69 38.55 -8.02
C ALA E 232 40.49 40.00 -7.60
N ILE E 233 39.74 40.22 -6.51
CA ILE E 233 39.57 41.56 -5.96
C ILE E 233 40.92 42.12 -5.52
N VAL E 234 41.67 41.34 -4.74
CA VAL E 234 42.95 41.83 -4.25
C VAL E 234 43.99 41.89 -5.37
N HIS E 235 43.88 41.04 -6.40
CA HIS E 235 44.81 41.04 -7.50
C HIS E 235 44.58 42.18 -8.49
N GLY E 236 43.43 42.84 -8.43
CA GLY E 236 43.14 43.93 -9.34
C GLY E 236 42.67 43.54 -10.72
N GLU E 237 42.47 42.25 -10.97
CA GLU E 237 41.95 41.79 -12.25
C GLU E 237 40.46 42.12 -12.42
N VAL E 238 39.78 42.44 -11.33
CA VAL E 238 38.36 42.78 -11.32
C VAL E 238 38.15 44.07 -12.11
N PRO E 239 37.04 44.21 -12.83
CA PRO E 239 36.70 45.50 -13.43
C PRO E 239 36.42 46.56 -12.36
N GLU E 240 36.48 47.81 -12.79
CA GLU E 240 36.44 48.94 -11.86
C GLU E 240 35.08 49.12 -11.19
N THR E 241 34.04 48.43 -11.68
CA THR E 241 32.72 48.55 -11.09
C THR E 241 32.63 47.94 -9.69
N LEU E 242 33.58 47.09 -9.29
CA LEU E 242 33.54 46.45 -7.99
C LEU E 242 34.90 46.43 -7.32
N LYS E 243 35.91 47.08 -7.91
CA LYS E 243 37.28 47.00 -7.41
C LYS E 243 37.40 47.65 -6.03
N ASP E 244 38.31 47.09 -5.23
CA ASP E 244 38.61 47.56 -3.87
C ASP E 244 37.36 47.59 -2.99
N LYS E 245 36.52 46.56 -3.13
CA LYS E 245 35.32 46.43 -2.32
C LYS E 245 35.48 45.21 -1.41
N GLN E 246 35.31 45.41 -0.11
CA GLN E 246 35.48 44.35 0.87
C GLN E 246 34.35 43.34 0.74
N LEU E 247 34.70 42.05 0.76
CA LEU E 247 33.72 40.98 0.70
C LEU E 247 33.69 40.31 2.08
N TYR E 248 32.51 40.18 2.66
CA TYR E 248 32.34 39.64 4.00
C TYR E 248 31.45 38.42 3.97
N THR E 249 31.82 37.40 4.74
CA THR E 249 30.93 36.30 5.05
C THR E 249 30.18 36.61 6.34
N LEU E 250 28.86 36.58 6.27
CA LEU E 250 28.01 36.91 7.41
C LEU E 250 27.73 35.63 8.19
N ASP E 251 28.28 35.52 9.39
CA ASP E 251 28.11 34.35 10.24
C ASP E 251 26.87 34.57 11.10
N LEU E 252 25.81 33.83 10.78
CA LEU E 252 24.58 33.93 11.56
C LEU E 252 24.76 33.43 12.98
N GLY E 253 25.70 32.50 13.20
CA GLY E 253 26.03 32.09 14.55
C GLY E 253 26.60 33.24 15.37
N SER E 254 27.37 34.11 14.73
CA SER E 254 27.87 35.30 15.42
C SER E 254 26.75 36.30 15.68
N LEU E 255 25.80 36.40 14.75
CA LEU E 255 24.70 37.34 14.92
C LEU E 255 23.79 36.93 16.08
N VAL E 256 23.38 35.67 16.12
CA VAL E 256 22.37 35.23 17.09
C VAL E 256 22.94 34.99 18.47
N ALA E 257 24.24 34.77 18.59
CA ALA E 257 24.84 34.55 19.91
C ALA E 257 24.86 35.84 20.70
N GLY E 258 24.54 35.75 21.99
CA GLY E 258 24.51 36.91 22.85
C GLY E 258 23.26 37.76 22.74
N SER E 259 22.31 37.37 21.89
CA SER E 259 21.07 38.13 21.70
C SER E 259 20.03 37.65 22.72
N ARG E 260 20.28 38.03 23.98
CA ARG E 260 19.46 37.50 25.08
C ARG E 260 18.09 38.14 25.12
N TYR E 261 18.01 39.46 24.95
CA TYR E 261 16.73 40.14 25.07
C TYR E 261 15.95 40.07 23.75
N ARG E 262 14.76 40.68 23.76
CA ARG E 262 13.79 40.47 22.69
C ARG E 262 14.24 41.12 21.39
N GLY E 263 14.68 42.37 21.45
CA GLY E 263 14.99 43.10 20.23
C GLY E 263 16.46 43.12 19.86
N ASP E 264 17.25 42.22 20.46
CA ASP E 264 18.68 42.22 20.19
C ASP E 264 18.99 41.81 18.76
N PHE E 265 18.34 40.75 18.27
CA PHE E 265 18.62 40.25 16.93
C PHE E 265 18.24 41.29 15.87
N GLU E 266 17.06 41.89 16.01
CA GLU E 266 16.64 42.91 15.05
C GLU E 266 17.55 44.12 15.10
N GLU E 267 17.95 44.54 16.30
CA GLU E 267 18.85 45.68 16.43
C GLU E 267 20.20 45.41 15.78
N ARG E 268 20.79 44.25 16.06
CA ARG E 268 22.08 43.90 15.48
C ARG E 268 21.99 43.82 13.96
N LEU E 269 20.94 43.17 13.45
CA LEU E 269 20.83 43.00 12.01
C LEU E 269 20.58 44.32 11.30
N LYS E 270 19.74 45.18 11.87
CA LYS E 270 19.48 46.48 11.23
C LYS E 270 20.71 47.37 11.33
N LYS E 271 21.48 47.26 12.41
CA LYS E 271 22.74 47.99 12.49
C LYS E 271 23.71 47.52 11.40
N VAL E 272 23.74 46.22 11.15
CA VAL E 272 24.60 45.69 10.10
C VAL E 272 24.16 46.23 8.74
N LEU E 273 22.86 46.21 8.45
CA LEU E 273 22.37 46.72 7.18
C LEU E 273 22.62 48.22 7.01
N LYS E 274 22.45 49.02 8.08
CA LYS E 274 22.76 50.45 7.99
C LYS E 274 24.25 50.66 7.75
N GLU E 275 25.10 49.83 8.37
CA GLU E 275 26.53 49.93 8.11
C GLU E 275 26.86 49.61 6.65
N ILE E 276 26.19 48.58 6.09
CA ILE E 276 26.42 48.24 4.69
C ILE E 276 25.98 49.37 3.78
N ASN E 277 24.82 49.95 4.05
CA ASN E 277 24.31 51.05 3.25
C ASN E 277 25.12 52.32 3.41
N THR E 278 25.80 52.51 4.54
CA THR E 278 26.60 53.70 4.77
C THR E 278 28.00 53.58 4.17
N ARG E 279 28.65 52.43 4.35
CA ARG E 279 29.99 52.26 3.77
C ARG E 279 29.94 52.22 2.25
N GLY E 280 28.96 51.51 1.69
CA GLY E 280 28.79 51.47 0.25
C GLY E 280 29.83 50.69 -0.51
N ASP E 281 30.69 49.94 0.19
CA ASP E 281 31.74 49.19 -0.48
C ASP E 281 31.83 47.76 0.03
N ILE E 282 30.75 47.18 0.52
CA ILE E 282 30.77 45.87 1.15
C ILE E 282 29.88 44.93 0.34
N ILE E 283 30.41 43.78 -0.01
CA ILE E 283 29.63 42.71 -0.62
C ILE E 283 29.49 41.60 0.39
N LEU E 284 28.25 41.14 0.58
CA LEU E 284 27.94 40.15 1.60
C LEU E 284 27.87 38.75 0.99
N PHE E 285 28.53 37.80 1.65
CA PHE E 285 28.46 36.39 1.28
C PHE E 285 27.59 35.68 2.33
N ILE E 286 26.53 35.03 1.86
CA ILE E 286 25.67 34.23 2.72
C ILE E 286 25.86 32.78 2.30
N ASP E 287 26.80 32.10 2.95
CA ASP E 287 26.97 30.67 2.74
C ASP E 287 25.87 29.90 3.44
N GLU E 288 25.42 28.81 2.82
CA GLU E 288 24.32 27.98 3.30
C GLU E 288 23.05 28.84 3.48
N LEU E 289 22.55 29.29 2.33
CA LEU E 289 21.45 30.25 2.30
C LEU E 289 20.18 29.71 2.94
N HIS E 290 20.03 28.38 3.04
CA HIS E 290 18.84 27.79 3.64
C HIS E 290 18.67 28.16 5.10
N THR E 291 19.75 28.30 5.86
CA THR E 291 19.64 28.60 7.28
C THR E 291 19.38 30.08 7.55
N LEU E 292 19.37 30.92 6.51
CA LEU E 292 19.03 32.33 6.72
C LEU E 292 17.58 32.50 7.13
N VAL E 293 16.68 31.67 6.61
CA VAL E 293 15.27 31.74 6.96
C VAL E 293 15.07 31.16 8.35
N GLY E 294 14.86 32.04 9.34
CA GLY E 294 14.72 31.60 10.71
C GLY E 294 15.76 32.19 11.63
N ALA E 295 15.32 32.92 12.64
CA ALA E 295 16.23 33.55 13.59
C ALA E 295 16.84 32.51 14.52
N ILE E 302 9.48 37.02 14.46
CA ILE E 302 10.47 37.67 13.61
C ILE E 302 11.55 36.65 13.20
N ASP E 303 12.04 36.78 11.97
CA ASP E 303 13.02 35.87 11.42
C ASP E 303 14.17 36.68 10.82
N ALA E 304 15.31 36.02 10.63
CA ALA E 304 16.46 36.70 10.03
C ALA E 304 16.19 37.07 8.58
N ALA E 305 15.58 36.18 7.81
CA ALA E 305 15.29 36.47 6.41
C ALA E 305 14.16 37.48 6.25
N SER E 306 13.27 37.57 7.24
CA SER E 306 12.19 38.55 7.16
C SER E 306 12.72 39.97 7.26
N ILE E 307 13.81 40.17 8.00
CA ILE E 307 14.43 41.50 8.08
C ILE E 307 15.09 41.85 6.75
N LEU E 308 15.74 40.89 6.10
CA LEU E 308 16.39 41.15 4.82
C LEU E 308 15.42 41.17 3.64
N LYS E 309 14.19 40.70 3.84
CA LYS E 309 13.20 40.70 2.76
C LYS E 309 12.94 42.08 2.16
N PRO E 310 12.69 43.15 2.93
CA PRO E 310 12.56 44.46 2.28
C PRO E 310 13.84 44.94 1.61
N LYS E 311 15.00 44.67 2.21
CA LYS E 311 16.26 45.10 1.63
C LYS E 311 16.55 44.36 0.33
N LEU E 312 16.25 43.06 0.30
CA LEU E 312 16.50 42.28 -0.92
C LEU E 312 15.45 42.58 -1.98
N ALA E 313 14.22 42.87 -1.58
CA ALA E 313 13.17 43.16 -2.56
C ALA E 313 13.38 44.53 -3.19
N ARG E 314 13.73 45.53 -2.38
CA ARG E 314 13.94 46.87 -2.91
C ARG E 314 15.36 47.09 -3.43
N GLY E 315 16.25 46.10 -3.24
CA GLY E 315 17.55 46.13 -3.86
C GLY E 315 18.61 46.96 -3.16
N GLU E 316 18.43 47.28 -1.88
CA GLU E 316 19.46 48.03 -1.17
C GLU E 316 20.70 47.20 -0.89
N LEU E 317 20.60 45.87 -0.95
CA LEU E 317 21.71 44.99 -0.64
C LEU E 317 21.92 44.00 -1.79
N GLN E 318 23.19 43.79 -2.15
CA GLN E 318 23.59 42.75 -3.08
C GLN E 318 24.32 41.66 -2.31
N THR E 319 23.92 40.42 -2.53
CA THR E 319 24.50 39.29 -1.80
C THR E 319 24.86 38.17 -2.75
N ILE E 320 25.71 37.27 -2.29
CA ILE E 320 26.13 36.09 -3.02
C ILE E 320 25.74 34.87 -2.21
N GLY E 321 25.13 33.89 -2.87
CA GLY E 321 24.70 32.66 -2.22
C GLY E 321 25.46 31.45 -2.76
N ALA E 322 25.42 30.38 -1.98
CA ALA E 322 26.02 29.11 -2.38
C ALA E 322 25.36 28.00 -1.58
N THR E 323 24.50 27.22 -2.24
CA THR E 323 23.82 26.13 -1.56
C THR E 323 23.56 25.03 -2.59
N THR E 324 23.41 23.80 -2.09
CA THR E 324 23.22 22.61 -2.92
C THR E 324 21.96 22.73 -3.78
N LEU E 325 22.03 22.16 -4.98
CA LEU E 325 20.92 22.23 -5.93
C LEU E 325 19.66 21.57 -5.37
N ASP E 326 19.81 20.55 -4.54
CA ASP E 326 18.66 19.88 -3.96
C ASP E 326 17.88 20.79 -3.03
N GLU E 327 18.58 21.62 -2.26
CA GLU E 327 17.91 22.55 -1.36
C GLU E 327 17.18 23.65 -2.14
N TYR E 328 17.72 24.01 -3.32
CA TYR E 328 17.17 25.14 -4.06
C TYR E 328 15.75 24.91 -4.53
N ARG E 329 15.42 23.68 -4.91
CA ARG E 329 14.09 23.38 -5.40
C ARG E 329 13.08 23.12 -4.28
N LYS E 330 13.52 23.13 -3.03
CA LYS E 330 12.61 22.83 -1.93
C LYS E 330 12.44 23.97 -0.95
N TYR E 331 13.50 24.74 -0.66
CA TYR E 331 13.45 25.71 0.42
C TYR E 331 13.41 27.16 -0.08
N ILE E 332 14.18 27.48 -1.12
CA ILE E 332 14.26 28.86 -1.58
C ILE E 332 13.13 29.20 -2.54
N GLU E 333 12.79 28.29 -3.45
CA GLU E 333 11.79 28.60 -4.48
C GLU E 333 10.39 28.70 -3.91
N LYS E 334 10.18 28.33 -2.64
CA LYS E 334 8.92 28.57 -1.96
C LYS E 334 8.93 29.93 -1.25
N ASP E 335 8.97 30.98 -2.07
CA ASP E 335 8.93 32.35 -1.57
C ASP E 335 8.39 33.24 -2.68
N ALA E 336 8.19 34.52 -2.36
CA ALA E 336 7.63 35.47 -3.30
C ALA E 336 8.67 36.36 -3.97
N ALA E 337 9.43 37.13 -3.19
CA ALA E 337 10.32 38.14 -3.75
C ALA E 337 11.77 37.69 -3.85
N LEU E 338 12.09 36.46 -3.48
CA LEU E 338 13.45 35.94 -3.60
C LEU E 338 13.77 35.46 -5.01
N GLU E 339 12.83 34.80 -5.68
CA GLU E 339 13.08 34.29 -7.02
C GLU E 339 13.22 35.42 -8.02
N ARG E 340 12.47 36.51 -7.83
CA ARG E 340 12.61 37.70 -8.65
C ARG E 340 13.96 38.39 -8.46
N ARG E 341 14.66 38.10 -7.36
CA ARG E 341 15.90 38.78 -7.05
C ARG E 341 17.13 37.88 -7.03
N PHE E 342 16.96 36.56 -6.94
CA PHE E 342 18.08 35.64 -6.97
C PHE E 342 18.32 35.11 -8.37
N GLN E 343 19.59 35.08 -8.76
CA GLN E 343 19.99 34.56 -10.07
C GLN E 343 20.72 33.24 -9.85
N PRO E 344 20.15 32.12 -10.29
CA PRO E 344 20.83 30.83 -10.09
C PRO E 344 22.06 30.70 -10.98
N VAL E 345 23.23 30.58 -10.35
CA VAL E 345 24.49 30.38 -11.07
C VAL E 345 24.89 28.92 -10.86
N GLN E 346 24.89 28.15 -11.94
CA GLN E 346 25.22 26.74 -11.85
C GLN E 346 26.72 26.53 -11.89
N VAL E 347 27.25 25.83 -10.90
CA VAL E 347 28.64 25.40 -10.90
C VAL E 347 28.67 23.88 -10.90
N GLY E 348 29.45 23.31 -11.82
CA GLY E 348 29.48 21.89 -12.03
C GLY E 348 30.71 21.23 -11.43
N GLU E 349 30.67 19.90 -11.40
CA GLU E 349 31.83 19.15 -10.89
C GLU E 349 32.98 19.27 -11.89
N PRO E 350 34.19 19.52 -11.41
CA PRO E 350 35.32 19.69 -12.35
C PRO E 350 35.61 18.42 -13.15
N THR E 351 36.02 18.63 -14.40
CA THR E 351 36.40 17.53 -15.27
C THR E 351 37.72 16.93 -14.79
N VAL E 352 38.01 15.70 -15.22
CA VAL E 352 39.19 14.97 -14.77
C VAL E 352 40.47 15.76 -15.03
N GLU E 353 40.64 16.25 -16.26
CA GLU E 353 41.80 17.07 -16.57
C GLU E 353 41.76 18.39 -15.79
N HIS E 354 40.59 19.01 -15.71
CA HIS E 354 40.43 20.23 -14.92
C HIS E 354 40.79 19.99 -13.46
N THR E 355 40.39 18.84 -12.91
CA THR E 355 40.80 18.47 -11.57
C THR E 355 42.31 18.28 -11.48
N ILE E 356 42.92 17.79 -12.56
CA ILE E 356 44.37 17.61 -12.57
C ILE E 356 45.08 18.96 -12.40
N GLU E 357 44.69 19.98 -13.18
CA GLU E 357 45.34 21.28 -12.92
C GLU E 357 44.90 21.91 -11.61
N ILE E 358 43.69 21.59 -11.11
CA ILE E 358 43.28 22.11 -9.81
C ILE E 358 44.22 21.64 -8.71
N LEU E 359 44.55 20.34 -8.72
CA LEU E 359 45.53 19.84 -7.76
C LEU E 359 46.96 20.27 -8.11
N LYS E 360 47.26 20.49 -9.39
CA LYS E 360 48.60 20.95 -9.75
C LYS E 360 48.86 22.35 -9.22
N GLY E 361 47.81 23.17 -9.13
CA GLY E 361 47.97 24.48 -8.51
C GLY E 361 48.01 24.44 -7.00
N LEU E 362 47.63 23.32 -6.39
CA LEU E 362 47.58 23.19 -4.94
C LEU E 362 48.77 22.43 -4.37
N ARG E 363 49.84 22.28 -5.15
CA ARG E 363 51.00 21.54 -4.66
C ARG E 363 51.68 22.25 -3.50
N ASP E 364 51.92 23.56 -3.65
CA ASP E 364 52.92 24.25 -2.83
C ASP E 364 52.55 24.25 -1.35
N ARG E 365 51.27 24.47 -1.04
CA ARG E 365 50.86 24.55 0.35
C ARG E 365 50.99 23.19 1.05
N TYR E 366 50.62 22.10 0.37
CA TYR E 366 50.76 20.79 0.99
C TYR E 366 52.21 20.35 1.04
N GLU E 367 53.02 20.75 0.06
CA GLU E 367 54.46 20.54 0.12
C GLU E 367 55.06 21.23 1.34
N ALA E 368 54.62 22.45 1.62
CA ALA E 368 55.15 23.17 2.77
C ALA E 368 54.65 22.59 4.09
N HIS E 369 53.36 22.25 4.16
CA HIS E 369 52.80 21.79 5.42
C HIS E 369 53.29 20.39 5.79
N HIS E 370 53.23 19.45 4.85
CA HIS E 370 53.55 18.07 5.18
C HIS E 370 55.02 17.75 5.05
N ARG E 371 55.82 18.66 4.48
CA ARG E 371 57.25 18.44 4.23
C ARG E 371 57.48 17.16 3.43
N VAL E 372 56.62 16.94 2.44
CA VAL E 372 56.68 15.77 1.58
C VAL E 372 56.66 16.24 0.14
N SER E 373 57.34 15.49 -0.73
CA SER E 373 57.45 15.82 -2.14
C SER E 373 56.46 14.97 -2.92
N ILE E 374 55.59 15.63 -3.69
CA ILE E 374 54.55 14.98 -4.47
C ILE E 374 54.87 15.15 -5.94
N THR E 375 54.89 14.04 -6.68
CA THR E 375 55.16 14.08 -8.10
C THR E 375 53.87 14.29 -8.89
N ASP E 376 54.02 14.69 -10.16
CA ASP E 376 52.87 14.90 -11.02
C ASP E 376 52.16 13.58 -11.34
N ALA E 377 52.93 12.49 -11.45
CA ALA E 377 52.33 11.18 -11.69
C ALA E 377 51.38 10.80 -10.57
N ALA E 378 51.74 11.12 -9.33
CA ALA E 378 50.88 10.84 -8.19
C ALA E 378 49.54 11.54 -8.33
N MET E 379 49.55 12.80 -8.74
CA MET E 379 48.31 13.55 -8.86
C MET E 379 47.47 13.10 -10.04
N VAL E 380 48.10 12.81 -11.19
CA VAL E 380 47.32 12.43 -12.36
C VAL E 380 46.78 11.02 -12.21
N ALA E 381 47.39 10.22 -11.33
CA ALA E 381 46.77 8.94 -10.98
C ALA E 381 45.73 9.11 -9.89
N ALA E 382 45.93 10.08 -8.98
CA ALA E 382 45.01 10.28 -7.88
C ALA E 382 43.65 10.75 -8.36
N ALA E 383 43.62 11.62 -9.36
CA ALA E 383 42.34 12.09 -9.89
C ALA E 383 41.54 10.94 -10.50
N THR E 384 42.20 10.11 -11.32
CA THR E 384 41.51 9.00 -11.96
C THR E 384 41.05 7.96 -10.95
N LEU E 385 41.91 7.63 -9.98
CA LEU E 385 41.51 6.68 -8.94
C LEU E 385 40.36 7.23 -8.11
N ALA E 386 40.38 8.53 -7.81
CA ALA E 386 39.35 9.13 -6.97
C ALA E 386 37.99 9.11 -7.68
N ASP E 387 37.95 9.51 -8.95
CA ASP E 387 36.64 9.53 -9.60
C ASP E 387 36.25 8.18 -10.20
N ARG E 388 37.13 7.17 -10.12
CA ARG E 388 36.71 5.84 -10.52
C ARG E 388 36.22 5.01 -9.35
N TYR E 389 36.92 5.03 -8.22
CA TYR E 389 36.60 4.15 -7.12
C TYR E 389 35.69 4.77 -6.06
N ILE E 390 35.73 6.09 -5.89
CA ILE E 390 34.89 6.75 -4.91
C ILE E 390 33.71 7.38 -5.63
N ASN E 391 32.49 7.09 -5.15
CA ASN E 391 31.28 7.59 -5.77
C ASN E 391 30.46 8.50 -4.87
N ASP E 392 30.64 8.41 -3.55
CA ASP E 392 29.84 9.16 -2.60
C ASP E 392 30.29 10.61 -2.46
N ARG E 393 31.43 10.97 -3.05
CA ARG E 393 31.96 12.33 -2.99
C ARG E 393 32.20 12.83 -4.40
N PHE E 394 32.29 14.16 -4.54
CA PHE E 394 32.46 14.79 -5.83
C PHE E 394 33.80 15.51 -5.91
N LEU E 395 34.32 15.61 -7.13
CA LEU E 395 35.58 16.29 -7.38
C LEU E 395 35.42 17.79 -7.10
N PRO E 396 36.51 18.49 -6.75
CA PRO E 396 37.89 18.03 -6.60
C PRO E 396 38.17 17.59 -5.17
N ASP E 397 37.12 17.38 -4.38
CA ASP E 397 37.32 17.04 -2.98
C ASP E 397 37.87 15.64 -2.80
N LYS E 398 37.38 14.67 -3.56
CA LYS E 398 37.84 13.30 -3.38
C LYS E 398 39.24 13.06 -3.92
N ALA E 399 39.83 14.01 -4.63
CA ALA E 399 41.23 13.94 -5.02
C ALA E 399 42.14 14.67 -4.05
N ILE E 400 41.72 15.85 -3.58
CA ILE E 400 42.52 16.58 -2.61
C ILE E 400 42.55 15.83 -1.28
N ASP E 401 41.48 15.08 -0.98
CA ASP E 401 41.51 14.22 0.21
C ASP E 401 42.56 13.14 0.10
N LEU E 402 42.63 12.48 -1.06
CA LEU E 402 43.66 11.46 -1.27
C LEU E 402 45.06 12.05 -1.14
N ILE E 403 45.28 13.21 -1.77
CA ILE E 403 46.61 13.82 -1.76
C ILE E 403 47.00 14.23 -0.35
N ASP E 404 46.10 14.92 0.36
CA ASP E 404 46.39 15.39 1.70
C ASP E 404 46.60 14.23 2.66
N GLU E 405 45.79 13.18 2.54
CA GLU E 405 45.92 12.05 3.45
C GLU E 405 47.21 11.26 3.17
N ALA E 406 47.60 11.15 1.90
CA ALA E 406 48.87 10.49 1.58
C ALA E 406 50.04 11.30 2.11
N GLY E 407 49.99 12.62 1.97
CA GLY E 407 51.05 13.46 2.52
C GLY E 407 51.14 13.35 4.03
N ALA E 408 49.98 13.33 4.70
CA ALA E 408 49.96 13.16 6.15
C ALA E 408 50.51 11.80 6.56
N ARG E 409 50.16 10.75 5.81
CA ARG E 409 50.66 9.42 6.12
C ARG E 409 52.19 9.36 5.96
N MET E 410 52.71 9.96 4.90
CA MET E 410 54.17 9.96 4.71
C MET E 410 54.87 10.77 5.78
N ARG E 411 54.29 11.90 6.19
CA ARG E 411 54.88 12.69 7.26
C ARG E 411 54.88 11.93 8.58
N ILE E 412 53.79 11.21 8.87
CA ILE E 412 53.71 10.45 10.11
C ILE E 412 54.70 9.29 10.09
N ARG E 413 54.79 8.57 8.97
CA ARG E 413 55.68 7.42 8.90
C ARG E 413 57.15 7.82 8.94
N ARG E 414 57.52 8.90 8.25
CA ARG E 414 58.91 9.31 8.21
C ARG E 414 59.37 9.86 9.56
N MET E 415 58.55 10.68 10.18
CA MET E 415 58.91 11.29 11.46
C MET E 415 58.71 10.33 12.62
N VAL E 476 63.83 11.88 1.53
CA VAL E 476 63.37 12.75 0.46
C VAL E 476 61.85 12.78 0.46
N ALA E 477 61.24 11.64 0.78
CA ALA E 477 59.79 11.46 0.90
C ALA E 477 59.08 11.82 -0.42
N GLU E 478 59.37 11.01 -1.43
CA GLU E 478 58.72 11.16 -2.73
C GLU E 478 57.42 10.35 -2.73
N VAL E 479 56.31 11.05 -2.98
CA VAL E 479 55.01 10.39 -3.07
C VAL E 479 54.79 10.00 -4.52
N ASP E 480 54.59 8.71 -4.76
CA ASP E 480 54.25 8.21 -6.07
C ASP E 480 52.80 7.73 -6.06
N ASP E 481 52.36 7.18 -7.20
CA ASP E 481 50.97 6.74 -7.31
C ASP E 481 50.65 5.55 -6.42
N GLU E 482 51.67 4.81 -5.97
CA GLU E 482 51.41 3.63 -5.16
C GLU E 482 50.92 4.01 -3.77
N GLN E 483 51.44 5.11 -3.23
CA GLN E 483 50.94 5.60 -1.95
C GLN E 483 49.49 6.07 -2.05
N ILE E 484 49.14 6.71 -3.18
CA ILE E 484 47.75 7.07 -3.42
C ILE E 484 46.89 5.81 -3.51
N ALA E 485 47.40 4.78 -4.17
CA ALA E 485 46.66 3.52 -4.27
C ALA E 485 46.44 2.89 -2.90
N GLU E 486 47.47 2.91 -2.04
CA GLU E 486 47.29 2.40 -0.68
C GLU E 486 46.29 3.23 0.13
N VAL E 487 46.32 4.56 -0.04
CA VAL E 487 45.37 5.40 0.68
C VAL E 487 43.95 5.10 0.24
N LEU E 488 43.74 4.93 -1.07
CA LEU E 488 42.40 4.59 -1.56
C LEU E 488 41.98 3.19 -1.12
N GLY E 489 42.93 2.25 -1.07
CA GLY E 489 42.60 0.92 -0.60
C GLY E 489 42.22 0.89 0.87
N ASN E 490 42.89 1.71 1.68
CA ASN E 490 42.51 1.82 3.09
C ASN E 490 41.19 2.55 3.24
N TRP E 491 40.89 3.49 2.36
CA TRP E 491 39.64 4.24 2.45
C TRP E 491 38.44 3.40 2.02
N THR E 492 38.39 3.00 0.76
CA THR E 492 37.20 2.37 0.22
C THR E 492 37.20 0.85 0.37
N GLY E 493 38.31 0.26 0.79
CA GLY E 493 38.38 -1.18 0.98
C GLY E 493 38.66 -1.98 -0.27
N ILE E 494 38.74 -1.36 -1.44
CA ILE E 494 39.06 -2.06 -2.68
C ILE E 494 40.56 -2.22 -2.76
N PRO E 495 41.07 -3.45 -2.91
CA PRO E 495 42.52 -3.63 -2.97
C PRO E 495 43.11 -3.12 -4.28
N VAL E 496 43.79 -1.99 -4.24
CA VAL E 496 44.53 -1.46 -5.39
C VAL E 496 45.97 -1.22 -4.93
N PHE E 497 46.86 -2.11 -5.34
CA PHE E 497 48.26 -2.07 -4.96
C PHE E 497 49.10 -2.48 -6.16
N LYS E 498 50.40 -2.64 -5.94
CA LYS E 498 51.31 -3.12 -6.96
C LYS E 498 51.69 -4.58 -6.78
N LEU E 499 50.90 -5.34 -6.00
CA LEU E 499 51.01 -6.79 -5.91
C LEU E 499 52.39 -7.23 -5.42
N THR E 500 52.65 -6.91 -4.15
CA THR E 500 53.88 -7.33 -3.46
C THR E 500 54.06 -8.84 -3.53
N GLU E 501 55.30 -9.30 -3.31
CA GLU E 501 55.69 -10.67 -3.68
C GLU E 501 54.88 -11.71 -2.92
N ALA E 502 54.64 -11.47 -1.62
CA ALA E 502 53.91 -12.44 -0.81
C ALA E 502 52.50 -12.65 -1.35
N GLU E 503 51.76 -11.57 -1.55
CA GLU E 503 50.41 -11.67 -2.12
C GLU E 503 50.46 -12.15 -3.56
N THR E 504 51.53 -11.81 -4.29
CA THR E 504 51.64 -12.25 -5.68
C THR E 504 51.70 -13.77 -5.78
N THR E 505 52.60 -14.40 -5.03
CA THR E 505 52.66 -15.85 -5.08
C THR E 505 51.50 -16.48 -4.32
N ARG E 506 50.89 -15.72 -3.41
CA ARG E 506 49.80 -16.24 -2.62
C ARG E 506 48.55 -16.37 -3.49
N LEU E 507 48.39 -15.45 -4.44
CA LEU E 507 47.26 -15.43 -5.36
C LEU E 507 47.54 -16.16 -6.67
N LEU E 508 48.81 -16.35 -7.04
CA LEU E 508 49.13 -16.96 -8.31
C LEU E 508 48.71 -18.44 -8.35
N ARG E 509 48.79 -19.13 -7.22
CA ARG E 509 48.39 -20.52 -7.11
C ARG E 509 47.03 -20.68 -6.44
N MET E 510 46.07 -19.79 -6.75
CA MET E 510 44.78 -19.84 -6.08
C MET E 510 43.97 -21.07 -6.45
N GLU E 511 44.34 -21.77 -7.54
CA GLU E 511 43.75 -23.08 -7.78
C GLU E 511 44.09 -24.05 -6.66
N GLU E 512 45.33 -24.01 -6.18
CA GLU E 512 45.73 -24.87 -5.07
C GLU E 512 44.98 -24.52 -3.79
N GLU E 513 44.75 -23.22 -3.55
CA GLU E 513 44.02 -22.81 -2.35
C GLU E 513 42.55 -23.20 -2.44
N LEU E 514 41.96 -23.10 -3.64
CA LEU E 514 40.56 -23.46 -3.80
C LEU E 514 40.37 -24.97 -3.72
N HIS E 515 41.34 -25.74 -4.24
CA HIS E 515 41.22 -27.20 -4.20
C HIS E 515 41.40 -27.78 -2.80
N LYS E 516 41.83 -26.97 -1.83
CA LYS E 516 41.83 -27.44 -0.44
C LYS E 516 40.41 -27.63 0.08
N ARG E 517 39.47 -26.80 -0.36
CA ARG E 517 38.08 -26.89 0.06
C ARG E 517 37.13 -27.37 -1.02
N ILE E 518 37.51 -27.30 -2.29
CA ILE E 518 36.66 -27.73 -3.39
C ILE E 518 37.26 -28.98 -3.98
N ILE E 519 36.47 -30.04 -4.07
CA ILE E 519 36.90 -31.30 -4.65
C ILE E 519 36.37 -31.40 -6.06
N GLY E 520 37.25 -31.63 -7.02
CA GLY E 520 36.85 -31.69 -8.40
C GLY E 520 36.44 -30.34 -8.95
N GLN E 521 35.65 -30.37 -10.03
CA GLN E 521 35.17 -29.18 -10.72
C GLN E 521 36.33 -28.29 -11.17
N GLU E 522 37.14 -28.83 -12.07
CA GLU E 522 38.33 -28.13 -12.54
C GLU E 522 37.97 -26.83 -13.26
N ASP E 523 36.95 -26.89 -14.11
CA ASP E 523 36.61 -25.73 -14.95
C ASP E 523 36.16 -24.53 -14.13
N ALA E 524 35.34 -24.77 -13.10
CA ALA E 524 34.84 -23.66 -12.28
C ALA E 524 35.97 -22.99 -11.52
N VAL E 525 36.87 -23.79 -10.94
CA VAL E 525 38.01 -23.23 -10.21
C VAL E 525 38.92 -22.47 -11.16
N LYS E 526 39.16 -23.02 -12.35
CA LYS E 526 39.99 -22.33 -13.34
C LYS E 526 39.37 -20.99 -13.74
N ALA E 527 38.06 -20.96 -13.97
CA ALA E 527 37.40 -19.73 -14.38
C ALA E 527 37.42 -18.68 -13.27
N VAL E 528 37.15 -19.10 -12.04
CA VAL E 528 37.20 -18.17 -10.90
C VAL E 528 38.61 -17.62 -10.73
N SER E 529 39.62 -18.48 -10.82
CA SER E 529 41.00 -18.04 -10.67
C SER E 529 41.39 -17.06 -11.76
N LYS E 530 41.02 -17.36 -13.00
CA LYS E 530 41.35 -16.46 -14.10
C LYS E 530 40.66 -15.11 -13.96
N ALA E 531 39.39 -15.10 -13.54
CA ALA E 531 38.68 -13.83 -13.36
C ALA E 531 39.29 -13.00 -12.24
N ILE E 532 39.66 -13.64 -11.13
CA ILE E 532 40.25 -12.91 -10.03
C ILE E 532 41.63 -12.37 -10.41
N ARG E 533 42.39 -13.14 -11.18
CA ARG E 533 43.69 -12.67 -11.65
C ARG E 533 43.54 -11.51 -12.64
N ARG E 534 42.49 -11.54 -13.47
CA ARG E 534 42.18 -10.39 -14.32
C ARG E 534 41.87 -9.15 -13.50
N THR E 535 41.00 -9.28 -12.50
CA THR E 535 40.62 -8.12 -11.70
C THR E 535 41.81 -7.57 -10.92
N ARG E 536 42.67 -8.45 -10.41
CA ARG E 536 43.78 -8.02 -9.58
C ARG E 536 44.88 -7.37 -10.40
N ALA E 537 45.14 -7.86 -11.61
CA ALA E 537 46.21 -7.34 -12.45
C ALA E 537 45.82 -6.06 -13.20
N GLY E 538 44.67 -5.47 -12.88
CA GLY E 538 44.27 -4.20 -13.45
C GLY E 538 43.97 -4.23 -14.94
N LEU E 539 43.30 -5.28 -15.42
CA LEU E 539 42.91 -5.37 -16.81
C LEU E 539 41.42 -5.64 -16.96
N LYS E 540 40.59 -4.91 -16.23
CA LYS E 540 39.15 -5.05 -16.31
C LYS E 540 38.52 -3.80 -16.91
N ASP E 541 37.36 -3.97 -17.52
CA ASP E 541 36.61 -2.85 -18.06
C ASP E 541 35.94 -2.09 -16.93
N PRO E 542 36.16 -0.78 -16.79
CA PRO E 542 35.48 -0.04 -15.71
C PRO E 542 34.06 0.36 -16.08
N LYS E 543 33.31 -0.57 -16.65
CA LYS E 543 31.88 -0.41 -16.90
C LYS E 543 31.06 -1.64 -16.58
N ARG E 544 31.69 -2.73 -16.19
CA ARG E 544 31.06 -4.00 -15.86
C ARG E 544 31.57 -4.49 -14.51
N PRO E 545 30.84 -5.38 -13.84
CA PRO E 545 31.35 -5.97 -12.60
C PRO E 545 32.61 -6.80 -12.86
N SER E 546 33.26 -7.19 -11.75
CA SER E 546 34.51 -7.93 -11.85
C SER E 546 34.29 -9.31 -12.49
N GLY E 547 33.18 -9.96 -12.17
CA GLY E 547 32.86 -11.23 -12.77
C GLY E 547 31.42 -11.66 -12.56
N SER E 548 30.75 -12.06 -13.64
CA SER E 548 29.39 -12.58 -13.57
C SER E 548 29.41 -14.05 -13.98
N PHE E 549 28.90 -14.92 -13.11
CA PHE E 549 28.96 -16.34 -13.32
C PHE E 549 27.59 -16.97 -13.10
N ILE E 550 27.25 -17.94 -13.95
CA ILE E 550 26.07 -18.76 -13.78
C ILE E 550 26.51 -20.20 -13.54
N PHE E 551 26.15 -20.73 -12.37
CA PHE E 551 26.55 -22.07 -11.95
C PHE E 551 25.36 -22.99 -12.15
N ALA E 552 25.41 -23.82 -13.18
CA ALA E 552 24.35 -24.78 -13.48
C ALA E 552 24.87 -26.19 -13.31
N GLY E 553 24.20 -26.98 -12.49
CA GLY E 553 24.60 -28.35 -12.24
C GLY E 553 23.72 -29.04 -11.21
N PRO E 554 24.07 -30.28 -10.88
CA PRO E 554 23.25 -31.03 -9.91
C PRO E 554 23.37 -30.48 -8.51
N SER E 555 22.40 -30.79 -7.66
CA SER E 555 22.38 -30.35 -6.28
C SER E 555 23.32 -31.24 -5.48
N GLY E 556 24.31 -30.63 -4.83
CA GLY E 556 25.28 -31.35 -4.05
C GLY E 556 26.60 -31.58 -4.75
N VAL E 557 27.04 -30.65 -5.59
CA VAL E 557 28.28 -30.79 -6.34
C VAL E 557 29.33 -29.80 -5.85
N GLY E 558 28.91 -28.67 -5.29
CA GLY E 558 29.80 -27.67 -4.78
C GLY E 558 29.63 -26.28 -5.36
N LYS E 559 28.42 -25.93 -5.79
CA LYS E 559 28.18 -24.62 -6.40
C LYS E 559 28.20 -23.52 -5.35
N THR E 560 27.53 -23.74 -4.21
CA THR E 560 27.60 -22.76 -3.13
C THR E 560 28.93 -22.87 -2.38
N GLU E 561 29.49 -24.08 -2.31
CA GLU E 561 30.75 -24.25 -1.60
C GLU E 561 31.89 -23.53 -2.31
N LEU E 562 31.84 -23.44 -3.64
CA LEU E 562 32.85 -22.68 -4.36
C LEU E 562 32.77 -21.19 -4.03
N SER E 563 31.55 -20.65 -3.96
CA SER E 563 31.39 -19.25 -3.57
C SER E 563 31.89 -19.02 -2.14
N LYS E 564 31.59 -19.93 -1.23
CA LYS E 564 32.05 -19.79 0.15
C LYS E 564 33.57 -19.87 0.23
N ALA E 565 34.18 -20.77 -0.55
CA ALA E 565 35.64 -20.88 -0.58
C ALA E 565 36.27 -19.61 -1.15
N LEU E 566 35.66 -19.05 -2.19
CA LEU E 566 36.18 -17.83 -2.80
C LEU E 566 36.10 -16.66 -1.82
N ALA E 567 34.97 -16.53 -1.12
CA ALA E 567 34.85 -15.46 -0.12
C ALA E 567 35.79 -15.68 1.05
N ASN E 568 36.05 -16.94 1.39
CA ASN E 568 37.04 -17.23 2.43
C ASN E 568 38.44 -16.85 1.98
N PHE E 569 38.75 -17.05 0.69
CA PHE E 569 40.04 -16.60 0.17
C PHE E 569 40.16 -15.08 0.25
N LEU E 570 39.25 -14.36 -0.40
CA LEU E 570 39.42 -12.92 -0.57
C LEU E 570 39.35 -12.18 0.76
N PHE E 571 38.44 -12.57 1.64
CA PHE E 571 38.11 -11.78 2.81
C PHE E 571 38.58 -12.41 4.11
N GLY E 572 38.94 -13.69 4.10
CA GLY E 572 39.44 -14.35 5.29
C GLY E 572 38.38 -15.02 6.15
N ASP E 573 37.09 -14.85 5.81
CA ASP E 573 36.02 -15.42 6.62
C ASP E 573 34.80 -15.59 5.73
N ASP E 574 34.00 -16.62 6.05
CA ASP E 574 32.77 -16.89 5.31
C ASP E 574 31.65 -15.93 5.68
N ASP E 575 31.77 -15.19 6.78
CA ASP E 575 30.74 -14.23 7.17
C ASP E 575 30.70 -13.04 6.24
N ALA E 576 31.80 -12.72 5.56
CA ALA E 576 31.85 -11.56 4.69
C ALA E 576 31.15 -11.79 3.35
N LEU E 577 30.81 -13.03 3.02
CA LEU E 577 30.04 -13.29 1.81
C LEU E 577 28.64 -12.72 1.95
N ILE E 578 28.13 -12.15 0.87
CA ILE E 578 26.76 -11.64 0.83
C ILE E 578 25.92 -12.64 0.06
N GLN E 579 25.17 -13.47 0.79
CA GLN E 579 24.29 -14.45 0.19
C GLN E 579 22.87 -13.89 0.20
N ILE E 580 22.27 -13.81 -0.99
CA ILE E 580 20.93 -13.27 -1.15
C ILE E 580 20.13 -14.30 -1.94
N ASP E 581 19.03 -14.77 -1.35
CA ASP E 581 18.36 -15.98 -1.80
C ASP E 581 17.17 -15.58 -2.68
N MET E 582 17.33 -15.79 -4.00
CA MET E 582 16.28 -15.58 -5.00
C MET E 582 15.08 -16.50 -4.85
N GLY E 583 15.19 -17.60 -4.12
CA GLY E 583 14.02 -18.44 -3.90
C GLY E 583 12.95 -17.77 -3.07
N GLU E 584 13.34 -16.85 -2.17
CA GLU E 584 12.36 -16.09 -1.42
C GLU E 584 11.62 -15.07 -2.27
N PHE E 585 12.22 -14.62 -3.36
CA PHE E 585 11.65 -13.56 -4.19
C PHE E 585 10.91 -14.20 -5.36
N HIS E 586 9.68 -14.62 -5.10
CA HIS E 586 8.81 -15.13 -6.15
C HIS E 586 7.71 -14.16 -6.54
N ASP E 587 7.50 -13.09 -5.77
CA ASP E 587 6.52 -12.07 -6.11
C ASP E 587 7.23 -10.77 -6.44
N ARG E 588 6.54 -9.89 -7.15
CA ARG E 588 7.12 -8.58 -7.45
C ARG E 588 7.03 -7.64 -6.26
N PHE E 589 6.16 -7.94 -5.29
CA PHE E 589 6.05 -7.09 -4.11
C PHE E 589 7.22 -7.27 -3.16
N THR E 590 7.78 -8.48 -3.08
CA THR E 590 8.84 -8.75 -2.13
C THR E 590 10.21 -8.32 -2.65
N ALA E 591 10.30 -7.82 -3.88
CA ALA E 591 11.56 -7.31 -4.39
C ALA E 591 11.90 -5.94 -3.83
N SER E 592 10.98 -5.32 -3.09
CA SER E 592 11.25 -4.00 -2.52
C SER E 592 12.29 -4.03 -1.42
N ARG E 593 12.47 -5.18 -0.75
CA ARG E 593 13.45 -5.26 0.33
C ARG E 593 14.88 -5.38 -0.17
N LEU E 594 15.10 -5.74 -1.44
CA LEU E 594 16.44 -5.72 -2.00
C LEU E 594 16.92 -4.30 -2.24
N PHE E 595 16.01 -3.41 -2.63
CA PHE E 595 16.37 -2.08 -3.09
C PHE E 595 15.96 -0.98 -2.14
N GLY E 596 15.01 -1.23 -1.27
CA GLY E 596 14.49 -0.22 -0.37
C GLY E 596 13.10 0.21 -0.80
N ALA E 597 12.32 0.67 0.17
CA ALA E 597 10.99 1.16 -0.14
C ALA E 597 11.07 2.53 -0.81
N PRO E 598 10.09 2.87 -1.63
CA PRO E 598 10.00 4.22 -2.18
C PRO E 598 9.90 5.24 -1.06
N PRO E 599 10.37 6.47 -1.29
CA PRO E 599 10.37 7.48 -0.22
C PRO E 599 8.97 7.83 0.26
N GLY E 600 8.87 8.16 1.54
CA GLY E 600 7.61 8.45 2.18
C GLY E 600 6.84 7.23 2.66
N TYR E 601 7.44 6.05 2.59
CA TYR E 601 6.82 4.80 3.01
C TYR E 601 7.53 4.26 4.24
N VAL E 602 6.93 3.22 4.84
CA VAL E 602 7.50 2.63 6.05
C VAL E 602 8.76 1.86 5.69
N GLY E 603 9.79 1.95 6.53
CA GLY E 603 11.06 1.32 6.24
C GLY E 603 11.89 2.02 5.20
N TYR E 604 11.53 3.26 4.82
CA TYR E 604 12.26 4.00 3.81
C TYR E 604 13.68 4.31 4.29
N GLU E 605 13.84 4.60 5.58
CA GLU E 605 15.16 4.91 6.12
C GLU E 605 16.07 3.69 6.14
N GLU E 606 15.50 2.50 6.32
CA GLU E 606 16.31 1.28 6.41
C GLU E 606 17.02 0.98 5.09
N GLY E 607 16.35 1.19 3.97
CA GLY E 607 16.93 0.90 2.68
C GLY E 607 16.95 -0.59 2.38
N GLY E 608 17.40 -0.90 1.16
CA GLY E 608 17.48 -2.29 0.76
C GLY E 608 18.59 -3.03 1.48
N GLN E 609 18.41 -4.35 1.58
CA GLN E 609 19.41 -5.18 2.22
C GLN E 609 20.57 -5.55 1.31
N LEU E 610 20.43 -5.35 0.00
CA LEU E 610 21.50 -5.60 -0.95
C LEU E 610 22.25 -4.34 -1.34
N THR E 611 21.54 -3.24 -1.60
CA THR E 611 22.20 -2.01 -2.02
C THR E 611 23.04 -1.42 -0.90
N GLU E 612 22.58 -1.53 0.35
CA GLU E 612 23.33 -0.95 1.46
C GLU E 612 24.62 -1.70 1.72
N LYS E 613 24.59 -3.02 1.70
CA LYS E 613 25.79 -3.80 1.98
C LYS E 613 26.87 -3.57 0.93
N VAL E 614 26.48 -3.53 -0.34
CA VAL E 614 27.45 -3.25 -1.40
C VAL E 614 27.89 -1.79 -1.35
N ARG E 615 26.99 -0.89 -0.92
CA ARG E 615 27.34 0.53 -0.83
C ARG E 615 28.39 0.77 0.24
N ARG E 616 28.28 0.10 1.39
CA ARG E 616 29.27 0.26 2.43
C ARG E 616 30.48 -0.66 2.27
N LYS E 617 30.37 -1.69 1.44
CA LYS E 617 31.48 -2.60 1.15
C LYS E 617 31.58 -2.73 -0.38
N PRO E 618 32.30 -1.82 -1.03
CA PRO E 618 32.36 -1.85 -2.50
C PRO E 618 32.95 -3.11 -3.07
N PHE E 619 33.92 -3.73 -2.39
CA PHE E 619 34.46 -5.02 -2.81
C PHE E 619 33.77 -6.10 -2.01
N SER E 620 32.87 -6.83 -2.66
CA SER E 620 32.17 -7.93 -2.02
C SER E 620 31.85 -8.98 -3.08
N VAL E 621 31.53 -10.18 -2.60
CA VAL E 621 31.07 -11.26 -3.46
C VAL E 621 29.60 -11.47 -3.15
N VAL E 622 28.75 -11.24 -4.15
CA VAL E 622 27.30 -11.31 -3.99
C VAL E 622 26.84 -12.61 -4.62
N LEU E 623 26.19 -13.45 -3.82
CA LEU E 623 25.72 -14.75 -4.25
C LEU E 623 24.21 -14.70 -4.41
N PHE E 624 23.75 -14.69 -5.66
CA PHE E 624 22.34 -14.79 -5.97
C PHE E 624 22.00 -16.25 -6.17
N ASP E 625 21.67 -16.94 -5.09
CA ASP E 625 21.42 -18.37 -5.11
C ASP E 625 19.97 -18.63 -5.49
N GLU E 626 19.72 -19.80 -6.07
CA GLU E 626 18.39 -20.23 -6.51
C GLU E 626 17.79 -19.23 -7.49
N ILE E 627 18.60 -18.82 -8.47
CA ILE E 627 18.17 -17.80 -9.41
C ILE E 627 17.08 -18.31 -10.33
N GLU E 628 16.98 -19.62 -10.53
CA GLU E 628 15.89 -20.18 -11.31
C GLU E 628 14.55 -20.05 -10.59
N LYS E 629 14.58 -19.96 -9.27
CA LYS E 629 13.38 -19.83 -8.43
C LYS E 629 13.04 -18.37 -8.17
N ALA E 630 13.33 -17.48 -9.10
CA ALA E 630 13.14 -16.05 -8.90
C ALA E 630 12.08 -15.53 -9.86
N HIS E 631 11.35 -14.52 -9.40
CA HIS E 631 10.36 -13.88 -10.24
C HIS E 631 11.05 -13.00 -11.28
N GLN E 632 10.46 -12.92 -12.47
CA GLN E 632 11.09 -12.24 -13.59
C GLN E 632 11.18 -10.72 -13.42
N GLU E 633 10.53 -10.16 -12.41
CA GLU E 633 10.64 -8.72 -12.18
C GLU E 633 12.05 -8.34 -11.74
N ILE E 634 12.69 -9.17 -10.92
CA ILE E 634 14.03 -8.87 -10.43
C ILE E 634 15.06 -9.02 -11.54
N TYR E 635 14.77 -9.85 -12.54
CA TYR E 635 15.70 -10.05 -13.65
C TYR E 635 15.89 -8.78 -14.45
N ASN E 636 14.81 -8.03 -14.68
CA ASN E 636 14.91 -6.76 -15.38
C ASN E 636 15.75 -5.76 -14.60
N SER E 637 15.66 -5.82 -13.27
CA SER E 637 16.49 -4.94 -12.44
C SER E 637 17.95 -5.33 -12.51
N LEU E 638 18.24 -6.63 -12.47
CA LEU E 638 19.63 -7.08 -12.54
C LEU E 638 20.22 -6.95 -13.93
N LEU E 639 19.39 -6.73 -14.95
CA LEU E 639 19.90 -6.41 -16.28
C LEU E 639 20.83 -5.21 -16.25
N GLN E 640 20.36 -4.10 -15.67
CA GLN E 640 21.18 -2.89 -15.59
C GLN E 640 22.38 -3.11 -14.67
N VAL E 641 22.19 -3.93 -13.62
CA VAL E 641 23.27 -4.25 -12.69
C VAL E 641 24.42 -4.90 -13.44
N LEU E 642 24.11 -5.87 -14.29
CA LEU E 642 25.18 -6.62 -14.96
C LEU E 642 25.61 -5.94 -16.25
N GLU E 643 24.86 -4.94 -16.72
CA GLU E 643 25.22 -4.29 -17.97
C GLU E 643 26.07 -3.04 -17.72
N ASP E 644 25.68 -2.21 -16.76
CA ASP E 644 26.43 -0.99 -16.44
C ASP E 644 26.98 -0.98 -15.02
N GLY E 645 26.30 -1.61 -14.07
CA GLY E 645 26.78 -1.61 -12.71
C GLY E 645 26.29 -0.47 -11.85
N ARG E 646 25.22 0.20 -12.24
CA ARG E 646 24.63 1.27 -11.44
C ARG E 646 23.15 1.00 -11.20
N LEU E 647 22.64 1.53 -10.10
CA LEU E 647 21.29 1.25 -9.65
C LEU E 647 20.51 2.53 -9.37
N THR E 648 19.19 2.42 -9.48
CA THR E 648 18.26 3.44 -9.00
C THR E 648 17.39 2.79 -7.93
N ASP E 649 17.86 2.81 -6.69
CA ASP E 649 17.20 2.10 -5.60
C ASP E 649 16.08 2.98 -5.03
N GLY E 650 15.54 2.57 -3.88
CA GLY E 650 14.51 3.36 -3.22
C GLY E 650 14.98 4.72 -2.73
N GLN E 651 16.28 4.86 -2.47
CA GLN E 651 16.85 6.16 -2.18
C GLN E 651 17.03 7.02 -3.42
N GLY E 652 17.01 6.40 -4.60
CA GLY E 652 17.43 7.06 -5.82
C GLY E 652 18.93 7.12 -6.00
N ARG E 653 19.70 6.71 -4.99
CA ARG E 653 21.14 6.85 -5.02
C ARG E 653 21.76 5.79 -5.92
N THR E 654 22.90 6.12 -6.51
CA THR E 654 23.65 5.18 -7.33
C THR E 654 24.62 4.39 -6.46
N VAL E 655 24.55 3.07 -6.55
CA VAL E 655 25.44 2.17 -5.83
C VAL E 655 26.29 1.43 -6.85
N ASP E 656 27.59 1.45 -6.65
CA ASP E 656 28.54 0.94 -7.64
C ASP E 656 28.72 -0.57 -7.50
N PHE E 657 28.52 -1.27 -8.60
CA PHE E 657 28.79 -2.70 -8.69
C PHE E 657 29.87 -3.03 -9.71
N LYS E 658 30.72 -2.06 -10.06
CA LYS E 658 31.84 -2.34 -10.95
C LYS E 658 32.99 -3.05 -10.24
N ASN E 659 32.96 -3.13 -8.91
CA ASN E 659 33.98 -3.81 -8.14
C ASN E 659 33.41 -4.97 -7.34
N THR E 660 32.49 -5.74 -7.92
CA THR E 660 31.79 -6.79 -7.23
C THR E 660 31.80 -8.05 -8.09
N VAL E 661 32.02 -9.20 -7.44
CA VAL E 661 31.96 -10.49 -8.11
C VAL E 661 30.54 -11.03 -7.98
N LEU E 662 29.85 -11.17 -9.10
CA LEU E 662 28.48 -11.64 -9.12
C LEU E 662 28.44 -13.13 -9.47
N ILE E 663 27.79 -13.92 -8.64
CA ILE E 663 27.71 -15.37 -8.80
C ILE E 663 26.24 -15.78 -8.79
N PHE E 664 25.81 -16.47 -9.85
CA PHE E 664 24.47 -17.04 -9.92
C PHE E 664 24.58 -18.56 -9.87
N THR E 665 23.77 -19.19 -9.04
CA THR E 665 23.68 -20.64 -9.02
C THR E 665 22.28 -21.08 -9.42
N SER E 666 22.21 -21.90 -10.46
CA SER E 666 20.94 -22.41 -10.97
C SER E 666 20.91 -23.92 -10.87
N ASN E 667 19.83 -24.45 -10.32
CA ASN E 667 19.66 -25.88 -10.15
C ASN E 667 18.92 -26.52 -11.31
N LEU E 668 18.66 -25.76 -12.36
CA LEU E 668 17.91 -26.26 -13.51
C LEU E 668 18.74 -27.33 -14.24
N GLY E 669 18.02 -28.26 -14.87
CA GLY E 669 18.65 -29.40 -15.51
C GLY E 669 18.60 -30.68 -14.71
N THR E 670 18.06 -30.66 -13.49
CA THR E 670 17.89 -31.87 -12.69
C THR E 670 16.46 -31.95 -12.16
N TYR E 690 28.34 -36.57 -20.24
CA TYR E 690 28.42 -35.26 -19.62
C TYR E 690 28.03 -34.14 -20.57
N GLU E 691 28.52 -34.22 -21.81
CA GLU E 691 28.21 -33.20 -22.80
C GLU E 691 26.74 -33.18 -23.16
N ARG E 692 26.06 -34.33 -23.06
CA ARG E 692 24.61 -34.35 -23.21
C ARG E 692 23.94 -33.51 -22.13
N MET E 693 24.40 -33.67 -20.88
CA MET E 693 23.91 -32.82 -19.81
C MET E 693 24.23 -31.36 -20.05
N LYS E 694 25.43 -31.06 -20.57
CA LYS E 694 25.81 -29.68 -20.85
C LYS E 694 24.88 -29.04 -21.87
N GLN E 695 24.65 -29.72 -22.99
CA GLN E 695 23.80 -29.13 -24.02
C GLN E 695 22.35 -29.04 -23.56
N LYS E 696 21.88 -30.03 -22.77
CA LYS E 696 20.50 -29.99 -22.29
C LYS E 696 20.31 -28.86 -21.29
N VAL E 697 21.26 -28.66 -20.37
CA VAL E 697 21.12 -27.59 -19.41
C VAL E 697 21.30 -26.23 -20.09
N ASN E 698 22.12 -26.14 -21.13
CA ASN E 698 22.21 -24.89 -21.89
C ASN E 698 20.90 -24.57 -22.58
N ASP E 699 20.25 -25.59 -23.16
CA ASP E 699 18.94 -25.38 -23.77
C ASP E 699 17.92 -24.96 -22.73
N GLU E 700 17.96 -25.57 -21.54
CA GLU E 700 17.02 -25.20 -20.49
C GLU E 700 17.26 -23.77 -19.98
N LEU E 701 18.52 -23.37 -19.89
CA LEU E 701 18.83 -21.98 -19.53
C LEU E 701 18.33 -21.01 -20.60
N LYS E 702 18.48 -21.39 -21.87
CA LYS E 702 17.95 -20.56 -22.95
C LYS E 702 16.44 -20.44 -22.88
N LYS E 703 15.76 -21.53 -22.50
CA LYS E 703 14.31 -21.49 -22.37
C LYS E 703 13.89 -20.61 -21.19
N HIS E 704 14.57 -20.75 -20.05
CA HIS E 704 14.10 -20.12 -18.82
C HIS E 704 14.70 -18.73 -18.58
N PHE E 705 15.60 -18.26 -19.43
CA PHE E 705 16.19 -16.93 -19.30
C PHE E 705 15.98 -16.13 -20.58
N ARG E 706 15.93 -14.82 -20.43
CA ARG E 706 15.94 -13.93 -21.57
C ARG E 706 17.30 -14.03 -22.26
N PRO E 707 17.34 -14.17 -23.60
CA PRO E 707 18.61 -14.47 -24.28
C PRO E 707 19.70 -13.41 -24.08
N GLU E 708 19.33 -12.13 -23.98
CA GLU E 708 20.33 -11.10 -23.71
C GLU E 708 20.98 -11.28 -22.35
N PHE E 709 20.23 -11.80 -21.38
CA PHE E 709 20.76 -11.99 -20.03
C PHE E 709 21.87 -13.02 -20.01
N LEU E 710 21.68 -14.14 -20.72
CA LEU E 710 22.72 -15.15 -20.78
C LEU E 710 23.85 -14.71 -21.73
N ASN E 711 23.52 -13.94 -22.75
CA ASN E 711 24.56 -13.46 -23.66
C ASN E 711 25.45 -12.39 -23.03
N ARG E 712 24.97 -11.72 -22.00
CA ARG E 712 25.76 -10.69 -21.31
C ARG E 712 26.65 -11.27 -20.22
N ILE E 713 26.54 -12.57 -19.94
CA ILE E 713 27.36 -13.22 -18.91
C ILE E 713 28.79 -13.32 -19.43
N ASP E 714 29.76 -13.13 -18.52
CA ASP E 714 31.15 -13.34 -18.88
C ASP E 714 31.40 -14.80 -19.26
N ASP E 715 30.93 -15.74 -18.44
CA ASP E 715 31.10 -17.16 -18.71
C ASP E 715 30.06 -17.94 -17.93
N ILE E 716 29.40 -18.89 -18.60
CA ILE E 716 28.41 -19.76 -17.98
C ILE E 716 29.10 -21.09 -17.69
N ILE E 717 29.06 -21.51 -16.42
CA ILE E 717 29.83 -22.65 -15.95
C ILE E 717 28.88 -23.79 -15.62
N VAL E 718 29.10 -24.94 -16.23
CA VAL E 718 28.37 -26.17 -15.90
C VAL E 718 29.25 -27.00 -14.98
N PHE E 719 28.64 -27.73 -14.07
CA PHE E 719 29.39 -28.49 -13.08
C PHE E 719 29.40 -29.97 -13.42
N HIS E 720 30.48 -30.64 -13.04
CA HIS E 720 30.64 -32.05 -13.36
C HIS E 720 29.86 -32.94 -12.40
N GLN E 721 29.90 -34.24 -12.67
CA GLN E 721 29.32 -35.25 -11.80
C GLN E 721 30.46 -35.97 -11.08
N LEU E 722 30.37 -36.03 -9.75
CA LEU E 722 31.47 -36.54 -8.95
C LEU E 722 31.68 -38.04 -9.15
N THR E 723 32.95 -38.44 -9.18
CA THR E 723 33.33 -39.83 -9.34
C THR E 723 33.97 -40.33 -8.04
N ARG E 724 34.47 -41.56 -8.06
CA ARG E 724 34.82 -42.28 -6.82
C ARG E 724 35.98 -41.61 -6.10
N GLU E 725 36.99 -41.12 -6.83
CA GLU E 725 38.10 -40.45 -6.17
C GLU E 725 37.66 -39.15 -5.53
N GLU E 726 36.72 -38.44 -6.18
CA GLU E 726 36.12 -37.27 -5.54
C GLU E 726 35.36 -37.66 -4.30
N ILE E 727 34.72 -38.83 -4.30
CA ILE E 727 34.02 -39.31 -3.11
C ILE E 727 35.01 -39.59 -1.99
N ILE E 728 36.16 -40.20 -2.30
CA ILE E 728 37.16 -40.49 -1.29
C ILE E 728 37.73 -39.19 -0.69
N ARG E 729 38.03 -38.21 -1.56
CA ARG E 729 38.50 -36.93 -1.06
C ARG E 729 37.44 -36.23 -0.22
N MET E 730 36.17 -36.39 -0.60
CA MET E 730 35.06 -35.86 0.19
C MET E 730 35.02 -36.52 1.57
N VAL E 731 35.24 -37.83 1.62
CA VAL E 731 35.32 -38.56 2.88
C VAL E 731 36.40 -37.96 3.76
N ASP E 732 37.57 -37.73 3.18
CA ASP E 732 38.69 -37.17 3.94
C ASP E 732 38.35 -35.78 4.48
N LEU E 733 37.76 -34.93 3.65
CA LEU E 733 37.44 -33.57 4.06
C LEU E 733 36.40 -33.53 5.17
N MET E 734 35.34 -34.35 5.07
CA MET E 734 34.33 -34.29 6.13
C MET E 734 34.74 -35.06 7.37
N ILE E 735 35.62 -36.05 7.26
CA ILE E 735 36.19 -36.67 8.45
C ILE E 735 37.08 -35.66 9.17
N SER E 736 37.75 -34.79 8.42
CA SER E 736 38.51 -33.70 9.05
C SER E 736 37.59 -32.81 9.89
N ARG E 737 36.35 -32.61 9.44
CA ARG E 737 35.40 -31.78 10.18
C ARG E 737 35.09 -32.38 11.55
N VAL E 738 34.72 -33.67 11.58
CA VAL E 738 34.35 -34.28 12.86
C VAL E 738 35.58 -34.48 13.73
N ALA E 739 36.77 -34.66 13.12
CA ALA E 739 37.99 -34.73 13.92
C ALA E 739 38.29 -33.39 14.58
N GLY E 740 38.10 -32.30 13.85
CA GLY E 740 38.30 -30.98 14.45
C GLY E 740 37.27 -30.67 15.52
N GLN E 741 36.04 -31.12 15.32
CA GLN E 741 35.01 -30.95 16.34
C GLN E 741 35.28 -31.77 17.59
N LEU E 742 35.84 -32.98 17.43
CA LEU E 742 36.19 -33.84 18.54
C LEU E 742 37.45 -33.40 19.27
N LYS E 743 38.38 -32.73 18.60
CA LYS E 743 39.64 -32.35 19.21
C LYS E 743 39.50 -31.31 20.31
N SER E 744 38.33 -30.67 20.44
CA SER E 744 38.11 -29.73 21.53
C SER E 744 37.92 -30.41 22.87
N LYS E 745 37.72 -31.73 22.90
CA LYS E 745 37.61 -32.48 24.13
C LYS E 745 38.82 -33.38 24.38
N ASP E 746 39.99 -32.94 23.92
CA ASP E 746 41.27 -33.62 24.15
C ASP E 746 41.26 -35.06 23.62
N MET E 747 40.64 -35.26 22.46
CA MET E 747 40.63 -36.57 21.83
C MET E 747 40.47 -36.39 20.33
N ALA E 748 41.16 -37.23 19.55
CA ALA E 748 41.18 -37.12 18.11
C ALA E 748 40.61 -38.37 17.46
N LEU E 749 40.02 -38.20 16.29
CA LEU E 749 39.46 -39.30 15.52
C LEU E 749 40.35 -39.63 14.35
N VAL E 750 40.75 -40.90 14.26
CA VAL E 750 41.52 -41.40 13.13
C VAL E 750 40.84 -42.66 12.60
N LEU E 751 40.89 -42.82 11.29
CA LEU E 751 40.23 -43.92 10.61
C LEU E 751 41.26 -44.79 9.92
N THR E 752 40.88 -46.02 9.58
CA THR E 752 41.70 -46.87 8.75
C THR E 752 41.37 -46.63 7.28
N ASP E 753 42.22 -47.18 6.41
CA ASP E 753 41.96 -47.10 4.97
C ASP E 753 40.70 -47.86 4.60
N ALA E 754 40.47 -49.02 5.23
CA ALA E 754 39.24 -49.77 5.02
C ALA E 754 38.03 -48.98 5.50
N ALA E 755 38.18 -48.22 6.59
CA ALA E 755 37.08 -47.41 7.09
C ALA E 755 36.69 -46.33 6.08
N LYS E 756 37.69 -45.64 5.52
CA LYS E 756 37.42 -44.61 4.53
C LYS E 756 36.83 -45.22 3.26
N ALA E 757 37.33 -46.38 2.85
CA ALA E 757 36.79 -47.04 1.67
C ALA E 757 35.34 -47.46 1.87
N LEU E 758 35.01 -47.98 3.06
CA LEU E 758 33.63 -48.33 3.35
C LEU E 758 32.73 -47.10 3.39
N LEU E 759 33.21 -46.02 4.00
CA LEU E 759 32.42 -44.80 4.11
C LEU E 759 32.16 -44.19 2.74
N ALA E 760 33.15 -44.28 1.85
CA ALA E 760 32.93 -43.84 0.47
C ALA E 760 32.01 -44.81 -0.28
N LYS E 761 32.05 -46.10 0.08
CA LYS E 761 31.28 -47.10 -0.65
C LYS E 761 29.79 -46.95 -0.38
N ARG E 762 29.40 -46.81 0.89
CA ARG E 762 28.00 -46.72 1.27
C ARG E 762 27.45 -45.30 1.24
N GLY E 763 28.29 -44.31 0.96
CA GLY E 763 27.84 -42.93 0.91
C GLY E 763 27.98 -42.34 -0.48
N PHE E 764 27.87 -43.19 -1.50
CA PHE E 764 28.06 -42.79 -2.88
C PHE E 764 26.75 -42.97 -3.63
N ASP E 765 26.34 -41.92 -4.34
CA ASP E 765 25.15 -41.99 -5.19
C ASP E 765 25.35 -40.97 -6.30
N PRO E 766 25.53 -41.42 -7.56
CA PRO E 766 25.97 -40.51 -8.62
C PRO E 766 24.92 -39.48 -9.04
N VAL E 767 23.67 -39.91 -9.18
CA VAL E 767 22.61 -38.97 -9.59
C VAL E 767 22.35 -37.95 -8.50
N LEU E 768 22.54 -38.33 -7.24
CA LEU E 768 22.46 -37.39 -6.12
C LEU E 768 23.83 -36.72 -5.96
N GLY E 769 23.94 -35.84 -4.98
CA GLY E 769 25.14 -35.07 -4.75
C GLY E 769 26.10 -35.72 -3.77
N ALA E 770 26.84 -34.88 -3.05
CA ALA E 770 27.75 -35.32 -2.01
C ALA E 770 27.11 -35.36 -0.64
N ARG E 771 25.86 -34.94 -0.53
CA ARG E 771 25.11 -34.96 0.73
C ARG E 771 24.67 -36.36 1.18
N PRO E 772 24.43 -37.33 0.29
CA PRO E 772 24.31 -38.73 0.76
C PRO E 772 25.51 -39.18 1.59
N LEU E 773 26.72 -38.79 1.18
CA LEU E 773 27.90 -39.06 2.00
C LEU E 773 27.79 -38.34 3.33
N ARG E 774 27.26 -37.12 3.32
CA ARG E 774 27.14 -36.35 4.56
C ARG E 774 26.21 -37.04 5.54
N ARG E 775 25.08 -37.56 5.06
CA ARG E 775 24.16 -38.24 5.97
C ARG E 775 24.69 -39.62 6.35
N THR E 776 25.51 -40.24 5.50
CA THR E 776 26.19 -41.46 5.90
C THR E 776 27.13 -41.19 7.08
N ILE E 777 27.87 -40.09 7.03
CA ILE E 777 28.68 -39.69 8.18
C ILE E 777 27.80 -39.38 9.37
N GLN E 778 26.71 -38.65 9.15
CA GLN E 778 25.76 -38.26 10.19
C GLN E 778 25.14 -39.45 10.91
N ARG E 779 24.94 -40.56 10.23
CA ARG E 779 24.18 -41.68 10.76
C ARG E 779 25.04 -42.87 11.16
N GLU E 780 26.20 -43.08 10.54
CA GLU E 780 27.02 -44.25 10.81
C GLU E 780 27.93 -44.09 12.01
N ILE E 781 28.80 -43.08 12.03
CA ILE E 781 29.84 -42.97 13.05
C ILE E 781 29.59 -41.80 14.01
N GLU E 782 29.01 -40.71 13.51
CA GLU E 782 28.88 -39.50 14.30
C GLU E 782 27.92 -39.65 15.47
N ASP E 783 26.73 -40.23 15.25
CA ASP E 783 25.78 -40.42 16.35
C ASP E 783 26.23 -41.52 17.30
N GLN E 784 26.89 -42.56 16.78
CA GLN E 784 27.40 -43.61 17.64
C GLN E 784 28.51 -43.09 18.55
N LEU E 785 29.39 -42.23 18.03
CA LEU E 785 30.36 -41.56 18.87
C LEU E 785 29.66 -40.63 19.87
N SER E 786 28.64 -39.91 19.43
CA SER E 786 27.94 -39.00 20.34
C SER E 786 27.34 -39.77 21.51
N GLU E 787 26.83 -40.98 21.25
CA GLU E 787 26.42 -41.87 22.33
C GLU E 787 27.62 -42.29 23.17
N LYS E 788 28.72 -42.65 22.53
CA LYS E 788 29.83 -43.33 23.20
C LYS E 788 30.58 -42.44 24.16
N ILE E 789 30.91 -41.21 23.77
CA ILE E 789 31.61 -40.30 24.70
C ILE E 789 30.75 -39.96 25.91
N LEU E 790 29.49 -39.58 25.72
CA LEU E 790 28.71 -39.20 26.90
C LEU E 790 28.23 -40.40 27.71
N PHE E 791 28.42 -41.62 27.20
CA PHE E 791 28.22 -42.83 27.99
C PHE E 791 29.51 -43.27 28.67
N GLU E 792 30.61 -42.53 28.45
CA GLU E 792 31.91 -42.75 29.08
C GLU E 792 32.48 -44.13 28.74
N GLU E 793 32.72 -44.33 27.44
CA GLU E 793 33.52 -45.44 26.95
C GLU E 793 34.79 -44.98 26.25
N VAL E 794 34.73 -43.87 25.52
CA VAL E 794 35.91 -43.20 24.99
C VAL E 794 35.89 -41.76 25.47
N GLY E 795 37.03 -41.29 25.96
CA GLY E 795 37.11 -39.97 26.53
C GLY E 795 38.46 -39.31 26.31
N PRO E 796 38.72 -38.24 27.06
CA PRO E 796 39.99 -37.52 26.90
C PRO E 796 41.19 -38.40 27.26
N GLY E 797 42.29 -38.17 26.56
CA GLY E 797 43.50 -38.94 26.75
C GLY E 797 43.60 -40.19 25.92
N GLN E 798 42.58 -40.51 25.13
CA GLN E 798 42.59 -41.70 24.29
C GLN E 798 42.19 -41.34 22.87
N VAL E 799 42.95 -41.83 21.90
CA VAL E 799 42.58 -41.65 20.50
C VAL E 799 41.57 -42.73 20.12
N VAL E 800 40.61 -42.35 19.29
CA VAL E 800 39.56 -43.26 18.82
C VAL E 800 39.91 -43.70 17.41
N THR E 801 40.20 -44.99 17.25
CA THR E 801 40.50 -45.57 15.96
C THR E 801 39.31 -46.42 15.52
N VAL E 802 38.69 -46.04 14.41
CA VAL E 802 37.52 -46.74 13.89
C VAL E 802 38.00 -47.84 12.97
N ASP E 803 37.68 -49.08 13.32
CA ASP E 803 38.12 -50.23 12.55
C ASP E 803 36.89 -50.93 11.98
N VAL E 804 36.96 -51.27 10.70
CA VAL E 804 35.86 -51.99 10.05
C VAL E 804 36.16 -53.48 10.08
N ASP E 805 35.23 -54.26 10.62
CA ASP E 805 35.34 -55.70 10.69
C ASP E 805 34.29 -56.34 9.78
N ASN E 806 34.55 -57.58 9.39
CA ASN E 806 33.67 -58.37 8.53
C ASN E 806 33.44 -57.66 7.19
N TRP E 807 34.55 -57.33 6.53
CA TRP E 807 34.47 -56.68 5.22
C TRP E 807 35.73 -57.05 4.44
N ASP E 808 35.55 -57.76 3.33
CA ASP E 808 36.68 -58.21 2.52
C ASP E 808 37.18 -57.14 1.56
N GLY E 809 36.46 -56.03 1.42
CA GLY E 809 36.87 -54.99 0.50
C GLY E 809 36.70 -55.34 -0.96
N GLU E 810 35.77 -56.25 -1.27
CA GLU E 810 35.57 -56.67 -2.66
C GLU E 810 34.12 -56.49 -3.08
N GLY E 811 33.19 -56.55 -2.12
CA GLY E 811 31.79 -56.44 -2.42
C GLY E 811 31.14 -55.25 -1.75
N PRO E 812 29.80 -55.22 -1.75
CA PRO E 812 29.09 -54.10 -1.08
C PRO E 812 29.36 -54.00 0.41
N GLY E 813 29.56 -55.13 1.08
CA GLY E 813 29.84 -55.14 2.50
C GLY E 813 28.71 -54.62 3.37
N GLU E 814 27.49 -55.06 3.08
CA GLU E 814 26.34 -54.64 3.89
C GLU E 814 26.37 -55.23 5.29
N ASP E 815 27.14 -56.30 5.50
CA ASP E 815 27.27 -56.93 6.81
C ASP E 815 28.37 -56.32 7.66
N ALA E 816 29.17 -55.41 7.11
CA ALA E 816 30.22 -54.79 7.88
C ALA E 816 29.66 -53.80 8.88
N VAL E 817 30.30 -53.71 10.04
CA VAL E 817 29.91 -52.79 11.10
C VAL E 817 31.13 -51.99 11.51
N PHE E 818 30.88 -50.80 12.06
CA PHE E 818 31.97 -49.94 12.52
C PHE E 818 32.29 -50.26 13.98
N THR E 819 33.57 -50.48 14.27
CA THR E 819 34.03 -50.77 15.61
C THR E 819 34.87 -49.62 16.13
N PHE E 820 34.62 -49.22 17.38
CA PHE E 820 35.27 -48.07 17.99
C PHE E 820 36.10 -48.56 19.17
N THR E 821 37.36 -48.12 19.23
CA THR E 821 38.26 -48.54 20.29
C THR E 821 39.31 -47.48 20.59
N VAL F 170 -3.16 53.36 4.23
CA VAL F 170 -2.35 52.61 5.18
C VAL F 170 -1.66 51.44 4.47
N LEU F 171 -2.15 51.12 3.27
CA LEU F 171 -1.57 50.02 2.51
C LEU F 171 -0.24 50.39 1.89
N ASP F 172 0.09 51.68 1.85
CA ASP F 172 1.34 52.13 1.26
C ASP F 172 2.56 51.61 2.03
N GLN F 173 2.47 51.56 3.36
CA GLN F 173 3.58 51.06 4.15
C GLN F 173 3.49 49.55 4.36
N PHE F 174 2.34 48.94 4.07
CA PHE F 174 2.16 47.50 4.17
C PHE F 174 2.00 46.83 2.81
N GLY F 175 2.28 47.53 1.72
CA GLY F 175 2.16 46.94 0.40
C GLY F 175 2.61 47.92 -0.67
N ARG F 176 2.62 47.43 -1.90
CA ARG F 176 3.09 48.20 -3.06
C ARG F 176 1.93 48.41 -4.01
N ASN F 177 1.65 49.67 -4.34
CA ASN F 177 0.61 50.01 -5.29
C ASN F 177 1.06 49.69 -6.70
N LEU F 178 0.09 49.48 -7.59
CA LEU F 178 0.37 49.26 -9.01
C LEU F 178 -0.25 50.31 -9.90
N THR F 179 -1.51 50.68 -9.67
CA THR F 179 -2.15 51.73 -10.47
C THR F 179 -1.47 53.07 -10.24
N ALA F 180 -1.13 53.38 -8.99
CA ALA F 180 -0.36 54.58 -8.71
C ALA F 180 1.11 54.43 -9.10
N ALA F 181 1.60 53.20 -9.26
CA ALA F 181 2.96 53.00 -9.76
C ALA F 181 3.08 53.35 -11.24
N ALA F 182 2.00 53.22 -12.01
CA ALA F 182 2.01 53.59 -13.42
C ALA F 182 1.95 55.10 -13.63
N MET F 183 1.71 55.88 -12.57
CA MET F 183 1.77 57.33 -12.68
C MET F 183 3.17 57.79 -13.04
N GLU F 184 4.19 57.20 -12.42
CA GLU F 184 5.58 57.54 -12.72
C GLU F 184 6.14 56.71 -13.88
N GLY F 185 5.38 55.76 -14.41
CA GLY F 185 5.89 54.92 -15.47
C GLY F 185 6.92 53.91 -15.02
N LYS F 186 6.94 53.58 -13.72
CA LYS F 186 7.90 52.63 -13.20
C LYS F 186 7.61 51.22 -13.68
N LEU F 187 6.35 50.90 -13.96
CA LEU F 187 5.99 49.58 -14.42
C LEU F 187 6.44 49.37 -15.86
N ASP F 188 6.95 48.18 -16.14
CA ASP F 188 7.37 47.86 -17.49
C ASP F 188 6.14 47.66 -18.40
N PRO F 189 6.26 48.00 -19.68
CA PRO F 189 5.14 47.74 -20.59
C PRO F 189 4.96 46.27 -20.88
N VAL F 190 3.75 45.90 -21.25
CA VAL F 190 3.42 44.55 -21.69
C VAL F 190 3.13 44.60 -23.18
N ILE F 191 3.37 43.49 -23.86
CA ILE F 191 3.16 43.39 -25.30
C ILE F 191 2.38 42.12 -25.60
N GLY F 192 1.28 42.24 -26.34
CA GLY F 192 0.62 41.10 -26.92
C GLY F 192 -0.14 40.22 -25.96
N ARG F 193 -0.43 40.68 -24.75
CA ARG F 193 -1.19 39.91 -23.77
C ARG F 193 -2.66 40.29 -23.77
N GLU F 194 -3.20 40.66 -24.93
CA GLU F 194 -4.56 41.19 -24.99
C GLU F 194 -5.61 40.13 -24.67
N LYS F 195 -5.40 38.88 -25.12
CA LYS F 195 -6.40 37.84 -24.87
C LYS F 195 -6.50 37.49 -23.40
N GLU F 196 -5.35 37.37 -22.72
CA GLU F 196 -5.37 37.05 -21.29
C GLU F 196 -5.93 38.21 -20.47
N ILE F 197 -5.58 39.44 -20.86
CA ILE F 197 -6.14 40.61 -20.18
C ILE F 197 -7.65 40.69 -20.40
N GLU F 198 -8.11 40.32 -21.59
CA GLU F 198 -9.55 40.34 -21.85
C GLU F 198 -10.28 39.24 -21.10
N ARG F 199 -9.64 38.08 -20.91
CA ARG F 199 -10.22 37.05 -20.07
C ARG F 199 -10.28 37.50 -18.61
N VAL F 200 -9.25 38.20 -18.15
CA VAL F 200 -9.28 38.79 -16.82
C VAL F 200 -10.40 39.82 -16.71
N MET F 201 -10.64 40.57 -17.78
CA MET F 201 -11.76 41.51 -17.82
C MET F 201 -13.09 40.78 -17.77
N GLN F 202 -13.19 39.64 -18.45
CA GLN F 202 -14.36 38.77 -18.33
C GLN F 202 -14.61 38.39 -16.89
N VAL F 203 -13.59 37.87 -16.21
CA VAL F 203 -13.79 37.31 -14.88
C VAL F 203 -14.06 38.40 -13.85
N LEU F 204 -13.32 39.52 -13.92
CA LEU F 204 -13.47 40.57 -12.92
C LEU F 204 -14.81 41.27 -12.97
N SER F 205 -15.54 41.17 -14.08
CA SER F 205 -16.83 41.81 -14.25
C SER F 205 -17.99 40.85 -14.00
N ARG F 206 -17.84 39.94 -13.05
CA ARG F 206 -18.84 38.93 -12.75
C ARG F 206 -19.34 39.08 -11.32
N ARG F 207 -20.45 38.41 -11.02
CA ARG F 207 -21.01 38.38 -9.68
C ARG F 207 -20.67 37.10 -8.93
N THR F 208 -20.51 35.99 -9.63
CA THR F 208 -20.04 34.74 -9.03
C THR F 208 -18.76 34.33 -9.73
N LYS F 209 -17.83 33.75 -8.94
CA LYS F 209 -16.50 33.35 -9.43
C LYS F 209 -15.78 34.51 -10.09
N ASN F 210 -15.87 35.67 -9.45
CA ASN F 210 -15.32 36.92 -9.99
C ASN F 210 -13.85 37.12 -9.66
N ASN F 211 -13.22 36.21 -8.94
CA ASN F 211 -11.81 36.33 -8.62
C ASN F 211 -11.00 35.41 -9.51
N PRO F 212 -10.28 35.93 -10.50
CA PRO F 212 -9.49 35.04 -11.37
C PRO F 212 -8.21 34.60 -10.70
N VAL F 213 -7.77 33.40 -11.05
CA VAL F 213 -6.46 32.89 -10.68
C VAL F 213 -5.67 32.66 -11.97
N LEU F 214 -4.44 33.17 -12.00
CA LEU F 214 -3.62 33.07 -13.19
C LEU F 214 -2.81 31.78 -13.14
N ILE F 215 -3.14 30.85 -14.03
CA ILE F 215 -2.44 29.58 -14.14
C ILE F 215 -1.39 29.72 -15.24
N GLY F 216 -0.15 29.44 -14.89
CA GLY F 216 0.90 29.45 -15.88
C GLY F 216 2.09 28.66 -15.39
N GLU F 217 2.79 28.09 -16.35
CA GLU F 217 4.08 27.49 -16.10
C GLU F 217 5.07 28.58 -15.74
N PRO F 218 6.01 28.31 -14.82
CA PRO F 218 6.85 29.36 -14.25
C PRO F 218 7.56 30.24 -15.28
N GLY F 219 7.88 31.46 -14.86
CA GLY F 219 8.66 32.37 -15.67
C GLY F 219 8.02 32.79 -16.98
N VAL F 220 6.73 33.11 -16.96
CA VAL F 220 6.03 33.51 -18.18
C VAL F 220 5.49 34.93 -18.10
N GLY F 221 5.17 35.45 -16.92
CA GLY F 221 4.55 36.76 -16.89
C GLY F 221 3.21 36.78 -16.17
N LYS F 222 3.06 35.92 -15.16
CA LYS F 222 1.88 35.99 -14.28
C LYS F 222 1.68 37.39 -13.76
N THR F 223 2.74 38.06 -13.33
CA THR F 223 2.61 39.45 -12.93
C THR F 223 2.47 40.39 -14.13
N ALA F 224 3.07 40.05 -15.28
CA ALA F 224 3.13 40.97 -16.41
C ALA F 224 1.74 41.34 -16.91
N VAL F 225 0.80 40.39 -16.89
CA VAL F 225 -0.56 40.72 -17.25
C VAL F 225 -1.20 41.62 -16.20
N VAL F 226 -0.73 41.55 -14.95
CA VAL F 226 -1.26 42.44 -13.92
C VAL F 226 -0.79 43.88 -14.14
N GLU F 227 0.50 44.07 -14.48
CA GLU F 227 0.90 45.44 -14.87
C GLU F 227 0.24 45.86 -16.17
N GLY F 228 -0.05 44.93 -17.07
CA GLY F 228 -0.81 45.28 -18.26
C GLY F 228 -2.22 45.77 -17.92
N LEU F 229 -2.87 45.10 -16.98
CA LEU F 229 -4.18 45.53 -16.50
C LEU F 229 -4.09 46.88 -15.81
N ALA F 230 -3.03 47.11 -15.04
CA ALA F 230 -2.84 48.41 -14.40
C ALA F 230 -2.65 49.52 -15.43
N GLN F 231 -1.88 49.25 -16.48
CA GLN F 231 -1.69 50.22 -17.54
C GLN F 231 -2.98 50.48 -18.29
N ALA F 232 -3.79 49.44 -18.50
CA ALA F 232 -5.08 49.62 -19.15
C ALA F 232 -6.03 50.43 -18.28
N ILE F 233 -5.97 50.23 -16.96
CA ILE F 233 -6.81 51.00 -16.05
C ILE F 233 -6.38 52.47 -16.05
N VAL F 234 -5.08 52.72 -16.02
CA VAL F 234 -4.58 54.10 -16.05
C VAL F 234 -4.93 54.77 -17.35
N HIS F 235 -4.72 54.08 -18.48
CA HIS F 235 -5.01 54.67 -19.78
C HIS F 235 -6.50 54.77 -20.04
N GLY F 236 -7.29 53.87 -19.43
CA GLY F 236 -8.74 53.97 -19.51
C GLY F 236 -9.39 53.16 -20.62
N GLU F 237 -9.09 51.87 -20.69
CA GLU F 237 -9.76 50.95 -21.61
C GLU F 237 -10.43 49.83 -20.85
N VAL F 238 -11.10 50.15 -19.75
CA VAL F 238 -11.76 49.16 -18.91
C VAL F 238 -13.20 49.60 -18.70
N PRO F 239 -14.11 48.66 -18.46
CA PRO F 239 -15.51 49.01 -18.19
C PRO F 239 -15.70 49.80 -16.90
N GLU F 240 -16.97 50.08 -16.62
CA GLU F 240 -17.33 51.00 -15.55
C GLU F 240 -16.97 50.44 -14.17
N THR F 241 -17.03 49.11 -13.99
CA THR F 241 -16.77 48.54 -12.68
C THR F 241 -15.31 48.67 -12.24
N LEU F 242 -14.38 48.83 -13.18
CA LEU F 242 -12.97 49.02 -12.83
C LEU F 242 -12.52 50.47 -12.95
N LYS F 243 -13.45 51.42 -13.04
CA LYS F 243 -13.08 52.83 -12.94
C LYS F 243 -12.54 53.13 -11.55
N ASP F 244 -11.40 53.82 -11.50
CA ASP F 244 -10.76 54.27 -10.25
C ASP F 244 -10.46 53.11 -9.32
N LYS F 245 -9.98 52.00 -9.89
CA LYS F 245 -9.56 50.83 -9.12
C LYS F 245 -8.05 50.84 -9.00
N GLN F 246 -7.55 50.70 -7.77
CA GLN F 246 -6.12 50.70 -7.52
C GLN F 246 -5.66 49.29 -7.13
N LEU F 247 -4.62 48.81 -7.81
CA LEU F 247 -4.07 47.49 -7.56
C LEU F 247 -2.93 47.57 -6.54
N TYR F 248 -2.97 46.67 -5.55
CA TYR F 248 -1.97 46.64 -4.50
C TYR F 248 -1.39 45.23 -4.41
N THR F 249 -0.06 45.14 -4.39
CA THR F 249 0.60 43.88 -4.07
C THR F 249 0.98 43.87 -2.60
N LEU F 250 0.53 42.85 -1.88
CA LEU F 250 0.77 42.71 -0.45
C LEU F 250 2.00 41.84 -0.23
N ASP F 251 2.84 42.23 0.72
CA ASP F 251 4.05 41.50 1.07
C ASP F 251 3.91 40.98 2.50
N LEU F 252 4.20 39.69 2.68
CA LEU F 252 4.11 39.09 4.01
C LEU F 252 5.25 39.50 4.92
N GLY F 253 6.37 39.96 4.36
CA GLY F 253 7.47 40.42 5.21
C GLY F 253 7.13 41.69 5.95
N SER F 254 6.46 42.63 5.30
CA SER F 254 6.07 43.86 5.96
C SER F 254 4.99 43.62 7.02
N LEU F 255 4.22 42.55 6.86
CA LEU F 255 3.16 42.22 7.82
C LEU F 255 3.72 41.43 9.00
N GLY F 263 0.13 37.95 17.33
CA GLY F 263 -0.71 38.93 17.99
C GLY F 263 -0.82 40.24 17.22
N ASP F 264 0.31 40.92 17.06
CA ASP F 264 0.32 42.19 16.34
C ASP F 264 0.10 41.99 14.85
N PHE F 265 0.65 40.90 14.30
CA PHE F 265 0.48 40.63 12.87
C PHE F 265 -0.99 40.39 12.52
N GLU F 266 -1.70 39.64 13.37
CA GLU F 266 -3.10 39.33 13.10
C GLU F 266 -3.96 40.58 13.12
N GLU F 267 -3.75 41.45 14.12
CA GLU F 267 -4.55 42.68 14.18
C GLU F 267 -4.15 43.66 13.09
N ARG F 268 -2.87 43.68 12.69
CA ARG F 268 -2.46 44.51 11.56
C ARG F 268 -3.16 44.06 10.28
N LEU F 269 -3.17 42.76 10.02
CA LEU F 269 -3.85 42.24 8.83
C LEU F 269 -5.35 42.50 8.90
N LYS F 270 -5.94 42.34 10.08
CA LYS F 270 -7.36 42.65 10.26
C LYS F 270 -7.66 44.10 9.91
N LYS F 271 -6.86 45.04 10.42
CA LYS F 271 -7.14 46.44 10.16
C LYS F 271 -6.89 46.79 8.70
N VAL F 272 -5.95 46.10 8.04
CA VAL F 272 -5.75 46.33 6.61
C VAL F 272 -6.96 45.89 5.81
N LEU F 273 -7.50 44.69 6.09
CA LEU F 273 -8.69 44.26 5.36
C LEU F 273 -9.92 45.10 5.71
N LYS F 274 -10.02 45.60 6.95
CA LYS F 274 -11.12 46.50 7.25
C LYS F 274 -10.98 47.83 6.52
N GLU F 275 -9.75 48.31 6.35
CA GLU F 275 -9.54 49.52 5.56
C GLU F 275 -9.88 49.29 4.09
N ILE F 276 -9.56 48.09 3.57
CA ILE F 276 -9.93 47.74 2.21
C ILE F 276 -11.44 47.73 2.04
N ASN F 277 -12.15 47.15 3.03
CA ASN F 277 -13.61 47.14 2.99
C ASN F 277 -14.17 48.55 3.07
N THR F 278 -13.58 49.40 3.92
CA THR F 278 -14.04 50.77 4.05
C THR F 278 -13.84 51.56 2.75
N ARG F 279 -12.68 51.39 2.11
CA ARG F 279 -12.41 52.11 0.87
C ARG F 279 -13.30 51.60 -0.26
N GLY F 280 -13.37 50.27 -0.43
CA GLY F 280 -14.36 49.65 -1.28
C GLY F 280 -13.96 49.44 -2.72
N ASP F 281 -12.94 50.14 -3.21
CA ASP F 281 -12.54 50.03 -4.62
C ASP F 281 -11.04 49.73 -4.72
N ILE F 282 -10.58 48.78 -3.92
CA ILE F 282 -9.19 48.34 -3.95
C ILE F 282 -9.16 46.88 -4.35
N ILE F 283 -8.44 46.59 -5.43
CA ILE F 283 -8.31 45.24 -5.98
C ILE F 283 -6.92 44.73 -5.64
N LEU F 284 -6.84 43.52 -5.10
CA LEU F 284 -5.59 42.97 -4.60
C LEU F 284 -5.03 41.94 -5.55
N PHE F 285 -3.70 41.93 -5.69
CA PHE F 285 -2.97 40.89 -6.40
C PHE F 285 -2.16 40.12 -5.38
N ILE F 286 -2.32 38.80 -5.35
CA ILE F 286 -1.53 37.93 -4.50
C ILE F 286 -0.94 36.84 -5.39
N ASP F 287 0.37 36.70 -5.35
CA ASP F 287 1.03 35.61 -6.05
C ASP F 287 1.18 34.42 -5.12
N GLU F 288 1.21 33.22 -5.73
CA GLU F 288 1.27 31.95 -5.01
C GLU F 288 0.13 31.84 -3.99
N LEU F 289 -1.09 31.79 -4.55
CA LEU F 289 -2.29 31.72 -3.74
C LEU F 289 -2.33 30.46 -2.85
N HIS F 290 -1.63 29.40 -3.25
CA HIS F 290 -1.56 28.21 -2.41
C HIS F 290 -0.83 28.46 -1.09
N THR F 291 0.00 29.50 -1.02
CA THR F 291 0.63 29.86 0.25
C THR F 291 -0.40 30.41 1.23
N LEU F 292 -1.45 31.06 0.74
CA LEU F 292 -2.54 31.49 1.61
C LEU F 292 -3.26 30.29 2.20
N VAL F 293 -3.47 29.24 1.40
CA VAL F 293 -4.11 28.03 1.87
C VAL F 293 -3.17 27.23 2.74
N ASP F 303 0.62 31.68 7.46
CA ASP F 303 -0.43 31.54 8.45
C ASP F 303 -1.49 32.63 8.31
N ALA F 304 -1.71 33.09 7.08
CA ALA F 304 -2.69 34.11 6.80
C ALA F 304 -4.08 33.54 6.49
N ALA F 305 -4.23 32.22 6.54
CA ALA F 305 -5.55 31.62 6.31
C ALA F 305 -6.54 31.93 7.42
N SER F 306 -6.06 32.30 8.61
CA SER F 306 -6.94 32.59 9.72
C SER F 306 -7.69 33.90 9.57
N ILE F 307 -7.35 34.72 8.58
CA ILE F 307 -7.96 36.04 8.44
C ILE F 307 -8.73 36.13 7.12
N LEU F 308 -8.07 35.79 6.02
CA LEU F 308 -8.63 36.07 4.70
C LEU F 308 -9.76 35.12 4.31
N LYS F 309 -9.70 33.86 4.76
CA LYS F 309 -10.64 32.86 4.27
C LYS F 309 -12.12 33.19 4.49
N PRO F 310 -12.57 33.66 5.67
CA PRO F 310 -13.99 34.00 5.78
C PRO F 310 -14.36 35.34 5.15
N LYS F 311 -13.48 36.34 5.20
CA LYS F 311 -13.90 37.67 4.80
C LYS F 311 -13.81 37.82 3.29
N LEU F 312 -12.97 37.01 2.64
CA LEU F 312 -13.12 36.72 1.22
C LEU F 312 -14.45 36.07 0.89
N ALA F 313 -14.90 35.11 1.71
CA ALA F 313 -16.22 34.52 1.49
C ALA F 313 -17.33 35.53 1.65
N ARG F 314 -17.10 36.57 2.46
CA ARG F 314 -18.03 37.68 2.55
C ARG F 314 -18.08 38.52 1.27
N GLY F 315 -17.08 38.41 0.41
CA GLY F 315 -17.17 38.96 -0.94
C GLY F 315 -16.72 40.39 -1.12
N GLU F 316 -16.07 41.00 -0.11
CA GLU F 316 -15.65 42.38 -0.24
C GLU F 316 -14.23 42.55 -0.77
N LEU F 317 -13.56 41.47 -1.16
CA LEU F 317 -12.29 41.55 -1.86
C LEU F 317 -12.48 41.10 -3.30
N GLN F 318 -12.05 41.95 -4.24
CA GLN F 318 -11.87 41.56 -5.62
C GLN F 318 -10.37 41.28 -5.79
N THR F 319 -10.04 40.05 -6.18
CA THR F 319 -8.66 39.59 -6.10
C THR F 319 -8.28 38.80 -7.34
N ILE F 320 -7.03 38.95 -7.77
CA ILE F 320 -6.45 38.14 -8.83
C ILE F 320 -5.38 37.26 -8.22
N GLY F 321 -5.44 35.95 -8.49
CA GLY F 321 -4.46 35.02 -8.01
C GLY F 321 -3.47 34.64 -9.11
N ALA F 322 -2.32 34.13 -8.68
CA ALA F 322 -1.29 33.70 -9.61
C ALA F 322 -0.63 32.45 -9.04
N THR F 323 -0.97 31.29 -9.59
CA THR F 323 -0.48 30.01 -9.09
C THR F 323 -0.18 29.10 -10.26
N THR F 324 0.89 28.31 -10.13
CA THR F 324 1.22 27.26 -11.07
C THR F 324 0.15 26.19 -11.03
N LEU F 325 -0.02 25.49 -12.16
CA LEU F 325 -1.10 24.53 -12.31
C LEU F 325 -1.02 23.38 -11.30
N ASP F 326 0.19 22.95 -10.95
CA ASP F 326 0.31 21.79 -10.08
C ASP F 326 -0.01 22.12 -8.63
N GLU F 327 0.39 23.29 -8.12
CA GLU F 327 -0.14 23.66 -6.80
C GLU F 327 -1.63 23.95 -6.85
N TYR F 328 -2.14 24.45 -7.97
CA TYR F 328 -3.58 24.61 -8.13
C TYR F 328 -4.30 23.28 -7.93
N ARG F 329 -3.88 22.24 -8.65
CA ARG F 329 -4.47 20.92 -8.52
C ARG F 329 -4.21 20.28 -7.17
N LYS F 330 -3.08 20.57 -6.53
CA LYS F 330 -2.74 20.01 -5.24
C LYS F 330 -3.51 20.64 -4.09
N TYR F 331 -3.79 21.94 -4.15
CA TYR F 331 -4.36 22.66 -3.01
C TYR F 331 -5.77 23.18 -3.29
N ILE F 332 -5.97 23.93 -4.37
CA ILE F 332 -7.22 24.67 -4.50
C ILE F 332 -8.32 23.80 -5.08
N GLU F 333 -7.99 22.99 -6.09
CA GLU F 333 -9.02 22.16 -6.74
C GLU F 333 -9.58 21.11 -5.77
N LYS F 334 -8.74 20.59 -4.89
CA LYS F 334 -9.20 19.61 -3.91
C LYS F 334 -9.91 20.24 -2.72
N ASP F 335 -9.85 21.57 -2.58
CA ASP F 335 -10.54 22.28 -1.51
C ASP F 335 -11.85 22.80 -2.10
N ALA F 336 -12.96 22.18 -1.69
CA ALA F 336 -14.25 22.45 -2.31
C ALA F 336 -14.88 23.77 -1.89
N ALA F 337 -14.33 24.45 -0.89
CA ALA F 337 -14.89 25.72 -0.44
C ALA F 337 -14.33 26.91 -1.20
N LEU F 338 -13.50 26.69 -2.22
CA LEU F 338 -12.84 27.78 -2.92
C LEU F 338 -13.30 27.98 -4.35
N GLU F 339 -13.85 26.97 -5.01
CA GLU F 339 -14.26 27.12 -6.41
C GLU F 339 -15.51 27.96 -6.57
N ARG F 340 -16.21 28.28 -5.48
CA ARG F 340 -17.37 29.16 -5.58
C ARG F 340 -16.98 30.61 -5.83
N ARG F 341 -15.69 30.95 -5.78
CA ARG F 341 -15.26 32.33 -5.95
C ARG F 341 -14.07 32.49 -6.89
N PHE F 342 -13.35 31.42 -7.24
CA PHE F 342 -12.20 31.51 -8.13
C PHE F 342 -12.44 30.68 -9.38
N GLN F 343 -12.14 31.29 -10.52
CA GLN F 343 -12.32 30.69 -11.84
C GLN F 343 -10.99 30.65 -12.56
N PRO F 344 -10.64 29.54 -13.21
CA PRO F 344 -9.30 29.42 -13.80
C PRO F 344 -9.18 30.12 -15.14
N VAL F 345 -8.02 30.77 -15.33
CA VAL F 345 -7.61 31.30 -16.63
C VAL F 345 -6.16 30.90 -16.87
N GLN F 346 -5.86 30.49 -18.09
CA GLN F 346 -4.57 29.88 -18.41
C GLN F 346 -3.65 30.89 -19.09
N VAL F 347 -2.39 30.93 -18.64
CA VAL F 347 -1.35 31.75 -19.27
C VAL F 347 -0.29 30.83 -19.86
N GLY F 348 -0.34 30.64 -21.19
CA GLY F 348 0.55 29.72 -21.85
C GLY F 348 1.87 30.34 -22.26
N GLU F 349 2.72 29.49 -22.84
CA GLU F 349 4.01 29.94 -23.36
C GLU F 349 3.83 30.72 -24.65
N PRO F 350 4.36 31.94 -24.74
CA PRO F 350 4.28 32.67 -26.01
C PRO F 350 5.17 32.03 -27.07
N THR F 351 4.82 32.29 -28.34
CA THR F 351 5.63 31.79 -29.43
C THR F 351 6.92 32.59 -29.54
N VAL F 352 7.82 32.12 -30.42
CA VAL F 352 9.14 32.74 -30.53
C VAL F 352 9.03 34.15 -31.09
N GLU F 353 8.12 34.38 -32.03
CA GLU F 353 7.91 35.73 -32.55
C GLU F 353 7.32 36.64 -31.48
N HIS F 354 6.46 36.10 -30.63
CA HIS F 354 5.94 36.87 -29.50
C HIS F 354 7.06 37.27 -28.55
N THR F 355 8.01 36.36 -28.30
CA THR F 355 9.16 36.71 -27.46
C THR F 355 10.03 37.75 -28.14
N ILE F 356 10.16 37.68 -29.46
CA ILE F 356 10.89 38.72 -30.20
C ILE F 356 10.22 40.08 -30.00
N GLU F 357 8.88 40.10 -30.07
CA GLU F 357 8.17 41.35 -29.85
C GLU F 357 8.34 41.84 -28.41
N ILE F 358 8.39 40.93 -27.45
CA ILE F 358 8.60 41.30 -26.05
C ILE F 358 9.99 41.91 -25.86
N LEU F 359 11.01 41.31 -26.48
CA LEU F 359 12.35 41.90 -26.46
C LEU F 359 12.37 43.26 -27.13
N LYS F 360 11.63 43.42 -28.23
CA LYS F 360 11.56 44.71 -28.89
C LYS F 360 10.92 45.75 -27.99
N GLY F 361 9.91 45.34 -27.21
CA GLY F 361 9.29 46.25 -26.25
C GLY F 361 10.22 46.65 -25.13
N LEU F 362 10.96 45.69 -24.58
CA LEU F 362 11.87 45.95 -23.45
C LEU F 362 13.20 46.52 -23.89
N ARG F 363 13.42 46.65 -25.20
CA ARG F 363 14.66 47.23 -25.73
C ARG F 363 14.91 48.63 -25.18
N ASP F 364 13.88 49.48 -25.17
CA ASP F 364 14.09 50.86 -24.73
C ASP F 364 14.48 50.93 -23.26
N ARG F 365 13.83 50.13 -22.41
CA ARG F 365 14.15 50.15 -20.99
C ARG F 365 15.57 49.63 -20.73
N TYR F 366 15.94 48.52 -21.36
CA TYR F 366 17.25 47.96 -21.06
C TYR F 366 18.36 48.77 -21.71
N GLU F 367 18.11 49.37 -22.87
CA GLU F 367 19.10 50.27 -23.46
C GLU F 367 19.24 51.55 -22.66
N ALA F 368 18.15 52.02 -22.05
CA ALA F 368 18.25 53.18 -21.18
C ALA F 368 19.04 52.88 -19.92
N HIS F 369 18.81 51.70 -19.32
CA HIS F 369 19.50 51.39 -18.08
C HIS F 369 20.98 51.04 -18.30
N HIS F 370 21.29 50.21 -19.28
CA HIS F 370 22.66 49.72 -19.46
C HIS F 370 23.48 50.55 -20.44
N ARG F 371 22.89 51.57 -21.06
CA ARG F 371 23.49 52.39 -22.14
C ARG F 371 24.35 51.56 -23.10
N VAL F 372 23.75 50.47 -23.59
CA VAL F 372 24.33 49.62 -24.61
C VAL F 372 23.28 49.43 -25.70
N SER F 373 23.73 49.12 -26.91
CA SER F 373 22.86 48.99 -28.07
C SER F 373 22.71 47.52 -28.44
N ILE F 374 21.50 47.13 -28.85
CA ILE F 374 21.15 45.74 -29.11
C ILE F 374 20.63 45.63 -30.54
N THR F 375 21.02 44.54 -31.22
CA THR F 375 20.62 44.26 -32.59
C THR F 375 19.37 43.40 -32.62
N ASP F 376 18.50 43.65 -33.60
CA ASP F 376 17.31 42.83 -33.77
C ASP F 376 17.68 41.38 -34.12
N ALA F 377 18.70 41.21 -34.97
CA ALA F 377 19.21 39.87 -35.25
C ALA F 377 19.76 39.22 -33.99
N ALA F 378 20.38 40.02 -33.12
CA ALA F 378 20.81 39.50 -31.82
C ALA F 378 19.63 39.05 -30.99
N MET F 379 18.51 39.77 -31.06
CA MET F 379 17.33 39.37 -30.29
C MET F 379 16.72 38.08 -30.81
N VAL F 380 16.59 37.94 -32.14
CA VAL F 380 16.01 36.70 -32.66
C VAL F 380 16.95 35.52 -32.41
N ALA F 381 18.26 35.73 -32.52
CA ALA F 381 19.21 34.68 -32.18
C ALA F 381 19.13 34.35 -30.70
N ALA F 382 18.92 35.34 -29.84
CA ALA F 382 18.78 35.10 -28.42
C ALA F 382 17.55 34.27 -28.13
N ALA F 383 16.43 34.57 -28.78
CA ALA F 383 15.22 33.78 -28.59
C ALA F 383 15.42 32.33 -29.04
N THR F 384 16.02 32.15 -30.22
CA THR F 384 16.22 30.80 -30.75
C THR F 384 17.17 29.99 -29.86
N LEU F 385 18.30 30.59 -29.46
CA LEU F 385 19.26 29.87 -28.64
C LEU F 385 18.75 29.68 -27.21
N ALA F 386 17.89 30.58 -26.74
CA ALA F 386 17.24 30.38 -25.45
C ALA F 386 16.33 29.16 -25.50
N ASP F 387 15.52 29.05 -26.56
CA ASP F 387 14.70 27.86 -26.72
C ASP F 387 15.55 26.62 -26.96
N ARG F 388 16.75 26.79 -27.51
CA ARG F 388 17.57 25.64 -27.87
C ARG F 388 18.35 25.09 -26.67
N TYR F 389 19.25 25.88 -26.10
CA TYR F 389 20.22 25.36 -25.15
C TYR F 389 19.81 25.53 -23.69
N ILE F 390 18.62 26.07 -23.42
CA ILE F 390 18.20 26.30 -22.04
C ILE F 390 16.91 25.53 -21.78
N ASN F 391 16.88 24.82 -20.66
CA ASN F 391 15.75 23.97 -20.29
C ASN F 391 15.12 24.35 -18.96
N ASP F 392 15.92 24.69 -17.94
CA ASP F 392 15.37 24.96 -16.61
C ASP F 392 14.51 26.22 -16.58
N ARG F 393 14.95 27.28 -17.25
CA ARG F 393 14.21 28.54 -17.28
C ARG F 393 13.33 28.58 -18.52
N PHE F 394 12.38 29.50 -18.52
CA PHE F 394 11.21 29.39 -19.37
C PHE F 394 10.97 30.71 -20.09
N LEU F 395 10.36 30.62 -21.27
CA LEU F 395 10.06 31.80 -22.07
C LEU F 395 9.01 32.67 -21.38
N PRO F 396 9.12 34.00 -21.49
CA PRO F 396 10.15 34.78 -22.18
C PRO F 396 11.24 35.28 -21.23
N ASP F 397 11.20 34.89 -19.95
CA ASP F 397 12.28 35.27 -19.05
C ASP F 397 13.60 34.63 -19.46
N LYS F 398 13.52 33.45 -20.09
CA LYS F 398 14.70 32.73 -20.55
C LYS F 398 15.44 33.49 -21.65
N ALA F 399 14.76 34.38 -22.38
CA ALA F 399 15.45 35.27 -23.31
C ALA F 399 15.88 36.59 -22.68
N ILE F 400 15.06 37.16 -21.80
CA ILE F 400 15.38 38.48 -21.24
C ILE F 400 16.58 38.39 -20.31
N ASP F 401 16.73 37.28 -19.57
CA ASP F 401 17.90 37.13 -18.72
C ASP F 401 19.16 36.95 -19.56
N LEU F 402 19.04 36.25 -20.70
CA LEU F 402 20.16 36.14 -21.63
C LEU F 402 20.58 37.50 -22.15
N ILE F 403 19.62 38.35 -22.52
CA ILE F 403 19.95 39.66 -23.06
C ILE F 403 20.59 40.54 -21.97
N ASP F 404 20.05 40.49 -20.76
CA ASP F 404 20.64 41.24 -19.66
C ASP F 404 22.04 40.75 -19.34
N GLU F 405 22.25 39.43 -19.37
CA GLU F 405 23.56 38.84 -19.10
C GLU F 405 24.57 39.26 -20.17
N ALA F 406 24.14 39.27 -21.44
CA ALA F 406 25.01 39.68 -22.53
C ALA F 406 25.38 41.17 -22.40
N GLY F 407 24.40 42.01 -22.06
CA GLY F 407 24.71 43.41 -21.84
C GLY F 407 25.66 43.61 -20.67
N ALA F 408 25.49 42.82 -19.61
CA ALA F 408 26.38 42.90 -18.46
C ALA F 408 27.81 42.50 -18.84
N ARG F 409 27.96 41.43 -19.62
CA ARG F 409 29.32 41.02 -19.97
C ARG F 409 29.93 41.96 -21.01
N MET F 410 29.09 42.61 -21.81
CA MET F 410 29.58 43.66 -22.70
C MET F 410 30.12 44.81 -21.86
N ARG F 411 29.42 45.16 -20.79
CA ARG F 411 29.92 46.17 -19.84
C ARG F 411 31.24 45.72 -19.20
N ILE F 412 31.34 44.43 -18.86
CA ILE F 412 32.56 43.92 -18.25
C ILE F 412 33.73 44.01 -19.22
N ARG F 413 33.52 43.62 -20.48
CA ARG F 413 34.61 43.59 -21.44
C ARG F 413 35.01 45.00 -21.87
N ARG F 414 34.06 45.93 -21.87
CA ARG F 414 34.39 47.34 -22.13
C ARG F 414 35.08 48.02 -20.96
N MET F 415 34.62 47.80 -19.73
CA MET F 415 35.16 48.50 -18.58
C MET F 415 35.93 47.54 -17.67
N VAL F 476 29.94 52.82 -28.80
CA VAL F 476 30.25 51.93 -29.91
C VAL F 476 30.11 50.47 -29.51
N ALA F 477 29.18 50.20 -28.60
CA ALA F 477 28.94 48.86 -28.10
C ALA F 477 27.67 48.30 -28.74
N GLU F 478 27.76 47.07 -29.23
CA GLU F 478 26.63 46.44 -29.93
C GLU F 478 26.58 44.97 -29.52
N VAL F 479 25.49 44.57 -28.88
CA VAL F 479 25.29 43.16 -28.55
C VAL F 479 24.90 42.42 -29.81
N ASP F 480 25.61 41.33 -30.11
CA ASP F 480 25.40 40.61 -31.36
C ASP F 480 25.21 39.12 -31.13
N ASP F 481 25.20 38.34 -32.22
CA ASP F 481 24.99 36.90 -32.11
C ASP F 481 26.13 36.21 -31.39
N GLU F 482 27.37 36.69 -31.59
CA GLU F 482 28.52 36.10 -30.91
C GLU F 482 28.43 36.31 -29.40
N GLN F 483 27.89 37.46 -28.98
CA GLN F 483 27.66 37.69 -27.56
C GLN F 483 26.67 36.68 -26.98
N ILE F 484 25.59 36.40 -27.71
CA ILE F 484 24.62 35.43 -27.22
C ILE F 484 25.22 34.03 -27.18
N ALA F 485 26.01 33.69 -28.20
CA ALA F 485 26.67 32.39 -28.23
C ALA F 485 27.63 32.22 -27.07
N GLU F 486 28.38 33.27 -26.72
CA GLU F 486 29.33 33.16 -25.62
C GLU F 486 28.61 33.17 -24.27
N VAL F 487 27.45 33.84 -24.19
CA VAL F 487 26.63 33.71 -22.99
C VAL F 487 26.17 32.28 -22.79
N LEU F 488 25.69 31.63 -23.87
CA LEU F 488 25.28 30.24 -23.75
C LEU F 488 26.46 29.32 -23.44
N GLY F 489 27.63 29.63 -24.00
CA GLY F 489 28.81 28.84 -23.69
C GLY F 489 29.22 28.94 -22.23
N ASN F 490 29.13 30.14 -21.65
CA ASN F 490 29.41 30.29 -20.23
C ASN F 490 28.32 29.66 -19.37
N TRP F 491 27.06 29.69 -19.84
CA TRP F 491 25.95 29.21 -19.03
C TRP F 491 25.89 27.70 -18.99
N THR F 492 25.73 27.07 -20.15
CA THR F 492 25.47 25.64 -20.23
C THR F 492 26.75 24.81 -20.21
N GLY F 493 27.91 25.45 -20.15
CA GLY F 493 29.17 24.72 -20.23
C GLY F 493 29.38 24.05 -21.57
N ILE F 494 28.93 24.69 -22.65
CA ILE F 494 29.03 24.14 -23.99
C ILE F 494 30.15 24.88 -24.71
N PRO F 495 30.86 24.25 -25.65
CA PRO F 495 31.81 25.01 -26.48
C PRO F 495 31.08 25.96 -27.43
N VAL F 496 31.81 26.89 -28.03
CA VAL F 496 31.20 27.91 -28.87
C VAL F 496 31.68 27.89 -30.31
N PHE F 497 32.69 27.10 -30.65
CA PHE F 497 33.26 27.13 -31.99
C PHE F 497 32.39 26.28 -32.93
N LYS F 498 31.62 26.98 -33.76
CA LYS F 498 30.87 26.47 -34.91
C LYS F 498 29.74 25.51 -34.56
N LEU F 499 29.53 25.18 -33.29
CA LEU F 499 28.36 24.37 -32.96
C LEU F 499 27.15 25.23 -32.65
N THR F 500 27.36 26.46 -32.18
CA THR F 500 26.31 27.44 -32.00
C THR F 500 26.32 28.33 -33.25
N GLU F 501 25.94 27.72 -34.38
CA GLU F 501 26.01 28.36 -35.68
C GLU F 501 24.88 27.81 -36.54
N ALA F 502 24.98 28.00 -37.86
CA ALA F 502 24.00 27.49 -38.81
C ALA F 502 23.88 25.97 -38.71
N GLU F 503 22.65 25.48 -38.61
CA GLU F 503 22.43 24.05 -38.39
C GLU F 503 22.65 23.23 -39.65
N THR F 504 22.62 23.86 -40.84
CA THR F 504 22.77 23.12 -42.07
C THR F 504 24.16 22.50 -42.19
N THR F 505 25.19 23.28 -41.82
CA THR F 505 26.56 22.76 -41.84
C THR F 505 26.73 21.64 -40.82
N ARG F 506 26.01 21.71 -39.70
CA ARG F 506 26.09 20.65 -38.70
C ARG F 506 25.38 19.39 -39.16
N LEU F 507 24.31 19.52 -39.94
CA LEU F 507 23.59 18.33 -40.38
C LEU F 507 24.16 17.74 -41.66
N LEU F 508 25.01 18.48 -42.38
CA LEU F 508 25.58 17.89 -43.59
C LEU F 508 26.89 17.14 -43.36
N ARG F 509 27.39 17.10 -42.12
CA ARG F 509 28.66 16.46 -41.83
C ARG F 509 28.52 15.20 -40.99
N MET F 510 27.37 14.52 -41.05
CA MET F 510 27.11 13.40 -40.15
C MET F 510 28.03 12.21 -40.41
N GLU F 511 28.36 11.93 -41.67
CA GLU F 511 28.95 10.64 -42.01
C GLU F 511 30.30 10.44 -41.34
N GLU F 512 31.18 11.45 -41.37
CA GLU F 512 32.52 11.25 -40.82
C GLU F 512 32.51 11.18 -39.30
N GLU F 513 31.69 12.02 -38.65
CA GLU F 513 31.67 12.02 -37.19
C GLU F 513 30.98 10.78 -36.62
N LEU F 514 29.93 10.26 -37.27
CA LEU F 514 29.39 8.98 -36.83
C LEU F 514 30.35 7.84 -37.14
N HIS F 515 30.98 7.82 -38.32
CA HIS F 515 31.96 6.78 -38.63
C HIS F 515 33.16 6.82 -37.70
N LYS F 516 33.42 7.96 -37.05
CA LYS F 516 34.45 8.00 -36.02
C LYS F 516 34.13 7.05 -34.86
N ARG F 517 32.86 6.90 -34.51
CA ARG F 517 32.45 5.98 -33.46
C ARG F 517 31.94 4.65 -34.01
N ILE F 518 30.92 4.67 -34.88
CA ILE F 518 30.36 3.41 -35.34
C ILE F 518 31.21 2.83 -36.46
N ILE F 519 30.91 1.58 -36.82
CA ILE F 519 31.72 0.80 -37.74
C ILE F 519 30.84 0.38 -38.92
N GLY F 520 31.25 0.76 -40.12
CA GLY F 520 30.67 0.26 -41.35
C GLY F 520 29.21 0.66 -41.52
N GLN F 521 28.47 -0.18 -42.24
CA GLN F 521 27.06 0.03 -42.54
C GLN F 521 26.83 1.39 -43.22
N GLU F 522 27.73 1.75 -44.13
CA GLU F 522 27.74 3.11 -44.68
C GLU F 522 26.51 3.37 -45.54
N ASP F 523 25.92 2.34 -46.14
CA ASP F 523 24.68 2.51 -46.89
C ASP F 523 23.53 2.88 -45.96
N ALA F 524 23.40 2.14 -44.85
CA ALA F 524 22.39 2.49 -43.85
C ALA F 524 22.71 3.83 -43.20
N VAL F 525 24.00 4.14 -43.07
CA VAL F 525 24.41 5.43 -42.49
C VAL F 525 23.95 6.58 -43.37
N LYS F 526 24.20 6.49 -44.68
CA LYS F 526 23.80 7.56 -45.58
C LYS F 526 22.28 7.61 -45.73
N ALA F 527 21.60 6.46 -45.65
CA ALA F 527 20.15 6.45 -45.72
C ALA F 527 19.54 7.16 -44.52
N VAL F 528 19.98 6.83 -43.31
CA VAL F 528 19.44 7.47 -42.13
C VAL F 528 19.89 8.93 -42.05
N SER F 529 21.05 9.26 -42.61
CA SER F 529 21.52 10.64 -42.61
C SER F 529 20.65 11.51 -43.53
N LYS F 530 20.39 11.03 -44.75
CA LYS F 530 19.51 11.78 -45.63
C LYS F 530 18.08 11.82 -45.10
N ALA F 531 17.65 10.77 -44.39
CA ALA F 531 16.31 10.78 -43.81
C ALA F 531 16.18 11.82 -42.71
N ILE F 532 17.15 11.88 -41.79
CA ILE F 532 17.08 12.87 -40.74
C ILE F 532 17.28 14.28 -41.31
N ARG F 533 18.06 14.40 -42.39
CA ARG F 533 18.20 15.70 -43.05
C ARG F 533 16.88 16.17 -43.65
N ARG F 534 16.14 15.26 -44.29
CA ARG F 534 14.88 15.68 -44.92
C ARG F 534 13.73 15.77 -43.93
N THR F 535 13.88 15.21 -42.72
CA THR F 535 12.82 15.31 -41.73
C THR F 535 13.01 16.44 -40.73
N ARG F 536 14.23 16.67 -40.25
CA ARG F 536 14.45 17.65 -39.19
C ARG F 536 14.56 19.08 -39.69
N ALA F 537 14.57 19.29 -41.01
CA ALA F 537 14.76 20.62 -41.57
C ALA F 537 13.49 21.47 -41.57
N GLY F 538 12.41 20.99 -40.96
CA GLY F 538 11.16 21.71 -40.93
C GLY F 538 10.33 21.60 -42.19
N LEU F 539 10.78 20.81 -43.17
CA LEU F 539 10.03 20.67 -44.41
C LEU F 539 8.80 19.79 -44.23
N LYS F 540 8.74 19.00 -43.16
CA LYS F 540 7.54 18.27 -42.80
C LYS F 540 6.49 19.23 -42.23
N ASP F 541 5.33 18.66 -41.92
CA ASP F 541 4.31 19.41 -41.19
C ASP F 541 4.86 19.61 -39.79
N PRO F 542 4.94 20.84 -39.28
CA PRO F 542 5.55 21.08 -37.97
C PRO F 542 4.68 20.68 -36.78
N LYS F 543 3.63 19.89 -36.98
CA LYS F 543 2.76 19.41 -35.91
C LYS F 543 2.93 17.92 -35.68
N ARG F 544 4.05 17.36 -36.10
CA ARG F 544 4.33 15.93 -36.06
C ARG F 544 5.67 15.70 -35.41
N PRO F 545 5.97 14.46 -35.00
CA PRO F 545 7.32 14.15 -34.53
C PRO F 545 8.39 14.44 -35.58
N SER F 546 9.54 14.91 -35.10
CA SER F 546 10.61 15.34 -36.00
C SER F 546 11.33 14.17 -36.65
N GLY F 547 11.08 12.94 -36.20
CA GLY F 547 11.70 11.79 -36.82
C GLY F 547 11.06 10.51 -36.32
N SER F 548 11.11 9.50 -37.17
CA SER F 548 10.63 8.15 -36.85
C SER F 548 11.52 7.17 -37.61
N PHE F 549 12.30 6.40 -36.87
CA PHE F 549 13.33 5.55 -37.46
C PHE F 549 13.05 4.08 -37.18
N ILE F 550 13.37 3.24 -38.16
CA ILE F 550 13.28 1.79 -38.03
C ILE F 550 14.66 1.22 -38.33
N PHE F 551 15.28 0.61 -37.32
CA PHE F 551 16.54 -0.11 -37.50
C PHE F 551 16.31 -1.58 -37.22
N ALA F 552 15.90 -2.31 -38.26
CA ALA F 552 15.70 -3.76 -38.14
C ALA F 552 17.03 -4.47 -38.26
N GLY F 553 17.28 -5.41 -37.36
CA GLY F 553 18.52 -6.15 -37.36
C GLY F 553 18.83 -6.76 -36.01
N PRO F 554 19.97 -7.45 -35.91
CA PRO F 554 20.34 -8.07 -34.63
C PRO F 554 20.66 -7.02 -33.58
N SER F 555 20.50 -7.41 -32.32
CA SER F 555 20.71 -6.48 -31.21
C SER F 555 22.19 -6.36 -30.90
N GLY F 556 22.65 -5.12 -30.69
CA GLY F 556 24.02 -4.88 -30.30
C GLY F 556 25.04 -5.00 -31.40
N VAL F 557 24.61 -5.10 -32.66
CA VAL F 557 25.53 -5.25 -33.78
C VAL F 557 25.74 -3.92 -34.52
N GLY F 558 25.25 -2.83 -33.97
CA GLY F 558 25.46 -1.53 -34.58
C GLY F 558 24.28 -0.59 -34.47
N LYS F 559 23.06 -1.13 -34.35
CA LYS F 559 21.90 -0.25 -34.24
C LYS F 559 21.87 0.48 -32.90
N THR F 560 22.23 -0.20 -31.81
CA THR F 560 22.42 0.48 -30.53
C THR F 560 23.62 1.41 -30.61
N GLU F 561 24.68 0.99 -31.30
CA GLU F 561 25.83 1.85 -31.52
C GLU F 561 25.45 3.05 -32.37
N LEU F 562 24.58 2.85 -33.36
CA LEU F 562 24.08 3.98 -34.15
C LEU F 562 23.28 4.94 -33.28
N SER F 563 22.46 4.40 -32.36
CA SER F 563 21.72 5.25 -31.45
C SER F 563 22.64 6.06 -30.55
N LYS F 564 23.69 5.41 -30.02
CA LYS F 564 24.64 6.12 -29.17
C LYS F 564 25.38 7.21 -29.93
N ALA F 565 25.76 6.92 -31.18
CA ALA F 565 26.43 7.93 -32.01
C ALA F 565 25.49 9.09 -32.33
N LEU F 566 24.22 8.79 -32.60
CA LEU F 566 23.26 9.86 -32.86
C LEU F 566 23.04 10.72 -31.62
N ALA F 567 23.02 10.10 -30.45
CA ALA F 567 22.91 10.87 -29.20
C ALA F 567 24.15 11.74 -28.99
N ASN F 568 25.33 11.19 -29.27
CA ASN F 568 26.56 11.95 -29.08
C ASN F 568 26.71 13.08 -30.09
N PHE F 569 26.13 12.94 -31.28
CA PHE F 569 26.25 13.98 -32.30
C PHE F 569 25.15 15.04 -32.17
N LEU F 570 23.89 14.62 -32.14
CA LEU F 570 22.78 15.57 -32.29
C LEU F 570 22.66 16.49 -31.08
N PHE F 571 22.93 15.98 -29.87
CA PHE F 571 22.80 16.79 -28.68
C PHE F 571 24.09 16.89 -27.86
N GLY F 572 25.16 16.19 -28.25
CA GLY F 572 26.43 16.33 -27.59
C GLY F 572 26.60 15.50 -26.33
N ASP F 573 25.58 14.77 -25.91
CA ASP F 573 25.64 13.98 -24.69
C ASP F 573 25.02 12.60 -24.90
N ASP F 574 25.54 11.62 -24.16
CA ASP F 574 24.98 10.27 -24.24
C ASP F 574 23.90 10.06 -23.19
N ASP F 575 23.86 10.90 -22.16
CA ASP F 575 22.89 10.71 -21.09
C ASP F 575 21.47 11.12 -21.48
N ALA F 576 21.31 11.98 -22.50
CA ALA F 576 19.97 12.33 -22.96
C ALA F 576 19.30 11.15 -23.64
N LEU F 577 20.08 10.22 -24.17
CA LEU F 577 19.57 8.98 -24.74
C LEU F 577 18.90 8.16 -23.63
N ILE F 578 17.61 7.95 -23.75
CA ILE F 578 16.84 7.20 -22.76
C ILE F 578 16.61 5.79 -23.29
N GLN F 579 16.85 4.79 -22.43
CA GLN F 579 16.75 3.40 -22.83
C GLN F 579 15.43 2.82 -22.33
N ILE F 580 14.51 2.56 -23.25
CA ILE F 580 13.26 1.85 -22.97
C ILE F 580 13.21 0.63 -23.87
N ASP F 581 12.99 -0.54 -23.27
CA ASP F 581 12.79 -1.79 -24.00
C ASP F 581 11.41 -2.31 -23.64
N MET F 582 10.66 -2.73 -24.66
CA MET F 582 9.30 -3.21 -24.43
C MET F 582 9.27 -4.64 -23.91
N GLY F 583 10.41 -5.31 -23.82
CA GLY F 583 10.44 -6.62 -23.19
C GLY F 583 10.04 -6.57 -21.73
N GLU F 584 10.49 -5.54 -21.00
CA GLU F 584 10.06 -5.35 -19.63
C GLU F 584 8.63 -4.83 -19.54
N PHE F 585 8.21 -4.05 -20.53
CA PHE F 585 6.83 -3.54 -20.61
C PHE F 585 6.01 -4.54 -21.42
N HIS F 586 5.79 -5.72 -20.84
CA HIS F 586 4.99 -6.76 -21.45
C HIS F 586 3.64 -6.94 -20.75
N ASP F 587 3.40 -6.17 -19.69
CA ASP F 587 2.15 -6.25 -18.94
C ASP F 587 1.51 -4.87 -18.89
N ARG F 588 0.20 -4.87 -18.61
CA ARG F 588 -0.55 -3.61 -18.66
C ARG F 588 -0.14 -2.65 -17.55
N PHE F 589 0.18 -3.19 -16.37
CA PHE F 589 0.61 -2.34 -15.25
C PHE F 589 1.89 -1.59 -15.58
N THR F 590 2.83 -2.28 -16.22
CA THR F 590 4.03 -1.61 -16.73
C THR F 590 3.74 -0.78 -17.98
N ALA F 591 2.67 -1.09 -18.70
CA ALA F 591 2.34 -0.35 -19.91
C ALA F 591 1.75 1.02 -19.60
N SER F 592 1.02 1.14 -18.49
CA SER F 592 0.44 2.43 -18.09
C SER F 592 1.49 3.41 -17.59
N ARG F 593 2.71 2.93 -17.33
CA ARG F 593 3.80 3.80 -16.93
C ARG F 593 4.27 4.73 -18.05
N LEU F 594 3.92 4.42 -19.30
CA LEU F 594 4.25 5.24 -20.45
C LEU F 594 3.60 6.62 -20.35
N GLN F 609 7.95 6.48 -15.49
CA GLN F 609 9.38 6.68 -15.70
C GLN F 609 9.65 7.31 -17.06
N LEU F 610 8.61 7.41 -17.89
CA LEU F 610 8.73 7.93 -19.24
C LEU F 610 8.55 9.44 -19.32
N THR F 611 7.53 9.97 -18.65
CA THR F 611 7.26 11.41 -18.70
C THR F 611 8.38 12.21 -18.04
N GLU F 612 8.88 11.73 -16.90
CA GLU F 612 9.83 12.49 -16.11
C GLU F 612 11.16 12.68 -16.84
N LYS F 613 11.69 11.63 -17.46
CA LYS F 613 13.02 11.74 -18.05
C LYS F 613 12.99 12.45 -19.40
N VAL F 614 11.86 12.41 -20.10
CA VAL F 614 11.75 13.19 -21.34
C VAL F 614 11.41 14.65 -21.03
N ARG F 615 10.76 14.92 -19.91
CA ARG F 615 10.57 16.29 -19.46
C ARG F 615 11.83 16.86 -18.83
N ARG F 616 12.75 15.98 -18.41
CA ARG F 616 14.06 16.40 -17.95
C ARG F 616 14.85 17.07 -19.07
N LYS F 617 14.78 16.53 -20.28
CA LYS F 617 15.42 17.11 -21.46
C LYS F 617 14.52 16.83 -22.64
N PRO F 618 13.65 17.77 -23.01
CA PRO F 618 12.85 17.60 -24.23
C PRO F 618 13.68 17.44 -25.49
N PHE F 619 14.84 18.08 -25.57
CA PHE F 619 15.72 17.91 -26.73
C PHE F 619 16.59 16.66 -26.52
N SER F 620 15.93 15.50 -26.67
CA SER F 620 16.61 14.24 -26.44
C SER F 620 16.06 13.18 -27.39
N VAL F 621 16.92 12.22 -27.73
CA VAL F 621 16.50 11.07 -28.51
C VAL F 621 15.83 10.05 -27.60
N VAL F 622 14.99 9.20 -28.20
CA VAL F 622 14.25 8.18 -27.47
C VAL F 622 14.55 6.83 -28.11
N LEU F 623 14.57 5.79 -27.27
CA LEU F 623 14.76 4.42 -27.74
C LEU F 623 13.62 3.55 -27.23
N PHE F 624 12.85 2.97 -28.16
CA PHE F 624 11.77 2.04 -27.84
C PHE F 624 12.19 0.69 -28.43
N ASP F 625 12.78 -0.16 -27.60
CA ASP F 625 13.43 -1.37 -28.05
C ASP F 625 12.46 -2.55 -28.01
N GLU F 626 12.62 -3.45 -28.98
CA GLU F 626 11.83 -4.68 -29.11
C GLU F 626 10.33 -4.37 -29.19
N ILE F 627 9.97 -3.68 -30.27
CA ILE F 627 8.57 -3.32 -30.51
C ILE F 627 7.71 -4.51 -30.90
N GLU F 628 8.32 -5.68 -31.16
CA GLU F 628 7.54 -6.86 -31.53
C GLU F 628 6.74 -7.40 -30.36
N LYS F 629 7.28 -7.33 -29.15
CA LYS F 629 6.64 -7.88 -27.96
C LYS F 629 5.94 -6.82 -27.12
N ALA F 630 5.71 -5.64 -27.68
CA ALA F 630 5.03 -4.57 -26.95
C ALA F 630 3.55 -4.89 -26.78
N HIS F 631 2.95 -4.31 -25.75
CA HIS F 631 1.55 -4.55 -25.44
C HIS F 631 0.65 -3.83 -26.42
N GLN F 632 -0.62 -4.23 -26.43
CA GLN F 632 -1.60 -3.60 -27.31
C GLN F 632 -1.91 -2.17 -26.88
N GLU F 633 -1.92 -1.90 -25.57
CA GLU F 633 -2.09 -0.54 -25.10
C GLU F 633 -0.89 0.32 -25.49
N ILE F 634 0.30 -0.29 -25.51
CA ILE F 634 1.48 0.40 -26.04
C ILE F 634 1.28 0.70 -27.52
N TYR F 635 0.69 -0.23 -28.28
CA TYR F 635 0.38 0.03 -29.68
C TYR F 635 -0.58 1.20 -29.84
N ASN F 636 -1.61 1.25 -28.99
CA ASN F 636 -2.57 2.35 -29.06
C ASN F 636 -1.92 3.69 -28.72
N SER F 637 -1.07 3.71 -27.69
CA SER F 637 -0.40 4.96 -27.32
C SER F 637 0.56 5.43 -28.39
N LEU F 638 1.31 4.49 -29.00
CA LEU F 638 2.21 4.85 -30.09
C LEU F 638 1.44 5.34 -31.30
N LEU F 639 0.29 4.73 -31.60
CA LEU F 639 -0.55 5.22 -32.69
C LEU F 639 -1.05 6.62 -32.41
N GLN F 640 -1.46 6.90 -31.17
CA GLN F 640 -1.89 8.24 -30.79
C GLN F 640 -0.76 9.25 -30.95
N VAL F 641 0.44 8.89 -30.50
CA VAL F 641 1.60 9.79 -30.59
C VAL F 641 1.94 10.05 -32.06
N LEU F 642 1.88 9.02 -32.89
CA LEU F 642 2.14 9.19 -34.32
C LEU F 642 1.10 10.07 -34.98
N GLU F 643 -0.17 9.92 -34.58
CA GLU F 643 -1.24 10.70 -35.21
C GLU F 643 -1.16 12.16 -34.82
N ASP F 644 -1.31 12.47 -33.53
CA ASP F 644 -1.43 13.87 -33.13
C ASP F 644 -0.09 14.54 -32.88
N GLY F 645 0.96 13.78 -32.62
CA GLY F 645 2.23 14.36 -32.25
C GLY F 645 2.35 14.74 -30.79
N ARG F 646 1.33 14.50 -29.99
CA ARG F 646 1.33 14.80 -28.57
C ARG F 646 1.20 13.50 -27.76
N LEU F 647 1.08 13.65 -26.45
CA LEU F 647 0.88 12.52 -25.56
C LEU F 647 0.09 12.99 -24.34
N THR F 648 -0.85 12.18 -23.88
CA THR F 648 -1.67 12.47 -22.71
C THR F 648 -1.12 11.62 -21.55
N ASP F 649 -0.27 12.23 -20.73
CA ASP F 649 0.33 11.51 -19.62
C ASP F 649 -0.65 11.44 -18.45
N GLY F 650 -0.22 10.74 -17.39
CA GLY F 650 -1.02 10.69 -16.18
C GLY F 650 -1.02 11.99 -15.40
N GLN F 651 0.03 12.80 -15.58
CA GLN F 651 0.09 14.09 -14.90
C GLN F 651 -0.93 15.07 -15.47
N GLY F 652 -1.09 15.09 -16.78
CA GLY F 652 -2.07 15.95 -17.41
C GLY F 652 -1.49 17.11 -18.20
N ARG F 653 -0.33 16.89 -18.83
CA ARG F 653 0.30 17.90 -19.68
C ARG F 653 0.70 17.26 -21.00
N THR F 654 0.69 18.05 -22.06
CA THR F 654 1.08 17.57 -23.38
C THR F 654 2.59 17.69 -23.51
N VAL F 655 3.30 16.56 -23.52
CA VAL F 655 4.74 16.57 -23.71
C VAL F 655 5.03 16.83 -25.19
N ASP F 656 5.84 17.85 -25.45
CA ASP F 656 6.06 18.28 -26.83
C ASP F 656 6.95 17.28 -27.58
N PHE F 657 6.49 16.87 -28.77
CA PHE F 657 7.27 16.02 -29.66
C PHE F 657 7.61 16.69 -30.98
N LYS F 658 7.60 18.03 -31.02
CA LYS F 658 8.18 18.73 -32.16
C LYS F 658 9.66 18.42 -32.31
N ASN F 659 10.29 18.00 -31.22
CA ASN F 659 11.74 17.99 -31.07
C ASN F 659 12.37 16.61 -30.92
N THR F 660 11.66 15.62 -30.40
CA THR F 660 12.22 14.29 -30.27
C THR F 660 12.08 13.51 -31.58
N VAL F 661 13.09 12.70 -31.88
CA VAL F 661 13.07 11.80 -33.02
C VAL F 661 12.86 10.40 -32.51
N LEU F 662 11.97 9.66 -33.17
CA LEU F 662 11.58 8.33 -32.71
C LEU F 662 12.51 7.29 -33.31
N ILE F 663 13.04 6.42 -32.46
CA ILE F 663 13.88 5.31 -32.89
C ILE F 663 13.28 4.03 -32.37
N PHE F 664 12.91 3.13 -33.29
CA PHE F 664 12.33 1.84 -32.94
C PHE F 664 13.32 0.76 -33.35
N THR F 665 14.07 0.25 -32.38
CA THR F 665 15.04 -0.81 -32.62
C THR F 665 14.34 -2.15 -32.47
N SER F 666 14.35 -2.93 -33.54
CA SER F 666 13.61 -4.18 -33.57
C SER F 666 14.47 -5.25 -34.24
N ASN F 667 14.22 -6.50 -33.88
CA ASN F 667 14.94 -7.64 -34.43
C ASN F 667 14.11 -8.40 -35.47
N LEU F 668 13.10 -7.73 -36.03
CA LEU F 668 12.25 -8.38 -37.03
C LEU F 668 13.01 -8.61 -38.32
N GLY F 669 12.79 -9.78 -38.93
CA GLY F 669 13.47 -10.14 -40.16
C GLY F 669 14.83 -10.76 -39.99
N THR F 670 15.32 -10.89 -38.75
CA THR F 670 16.63 -11.47 -38.51
C THR F 670 16.54 -12.64 -37.53
N GLU F 687 23.58 -7.30 -52.77
CA GLU F 687 22.47 -6.36 -52.61
C GLU F 687 21.13 -7.04 -52.89
N ASN F 688 21.12 -7.97 -53.85
CA ASN F 688 19.90 -8.68 -54.18
C ASN F 688 19.43 -9.55 -53.01
N ASP F 689 20.37 -10.19 -52.30
CA ASP F 689 20.01 -10.86 -51.06
C ASP F 689 19.48 -9.86 -50.04
N TYR F 690 20.13 -8.70 -49.94
CA TYR F 690 19.61 -7.66 -49.07
C TYR F 690 18.32 -7.07 -49.62
N GLU F 691 18.13 -7.11 -50.94
CA GLU F 691 16.86 -6.68 -51.52
C GLU F 691 15.71 -7.58 -51.08
N ARG F 692 15.92 -8.91 -51.11
CA ARG F 692 14.86 -9.79 -50.66
C ARG F 692 14.72 -9.79 -49.13
N MET F 693 15.80 -9.46 -48.40
CA MET F 693 15.64 -9.21 -46.98
C MET F 693 14.75 -8.00 -46.72
N LYS F 694 14.95 -6.92 -47.46
CA LYS F 694 14.06 -5.76 -47.33
C LYS F 694 12.63 -6.11 -47.75
N GLN F 695 12.50 -6.97 -48.76
CA GLN F 695 11.18 -7.42 -49.19
C GLN F 695 10.46 -8.18 -48.08
N LYS F 696 11.16 -9.11 -47.43
CA LYS F 696 10.53 -9.84 -46.33
C LYS F 696 10.31 -8.95 -45.11
N VAL F 697 11.14 -7.92 -44.90
CA VAL F 697 10.90 -6.97 -43.81
C VAL F 697 9.61 -6.20 -44.04
N ASN F 698 9.41 -5.67 -45.25
CA ASN F 698 8.18 -4.92 -45.50
C ASN F 698 6.97 -5.85 -45.51
N ASP F 699 7.12 -7.08 -46.02
CA ASP F 699 6.04 -8.05 -45.97
C ASP F 699 5.64 -8.39 -44.53
N GLU F 700 6.64 -8.59 -43.65
CA GLU F 700 6.33 -8.97 -42.28
C GLU F 700 5.81 -7.80 -41.46
N LEU F 701 6.21 -6.55 -41.77
CA LEU F 701 5.56 -5.44 -41.11
C LEU F 701 4.16 -5.22 -41.65
N LYS F 702 3.88 -5.69 -42.88
CA LYS F 702 2.51 -5.66 -43.38
C LYS F 702 1.63 -6.71 -42.69
N LYS F 703 2.19 -7.90 -42.41
CA LYS F 703 1.36 -8.98 -41.87
C LYS F 703 1.47 -9.12 -40.35
N HIS F 704 2.68 -9.16 -39.79
CA HIS F 704 2.82 -9.32 -38.34
C HIS F 704 2.38 -8.06 -37.61
N PHE F 705 2.64 -6.90 -38.18
CA PHE F 705 2.18 -5.62 -37.64
C PHE F 705 1.05 -5.08 -38.51
N ARG F 706 0.32 -4.11 -37.96
CA ARG F 706 -0.65 -3.52 -38.86
C ARG F 706 0.05 -2.57 -39.83
N PRO F 707 -0.45 -2.47 -41.06
CA PRO F 707 0.18 -1.57 -42.04
C PRO F 707 0.14 -0.10 -41.66
N GLU F 708 -0.87 0.32 -40.89
CA GLU F 708 -1.03 1.74 -40.61
C GLU F 708 -0.01 2.22 -39.58
N PHE F 709 0.40 1.34 -38.66
CA PHE F 709 1.42 1.72 -37.69
C PHE F 709 2.75 2.03 -38.36
N LEU F 710 3.16 1.20 -39.32
CA LEU F 710 4.38 1.47 -40.08
C LEU F 710 4.15 2.50 -41.17
N ASN F 711 2.90 2.80 -41.51
CA ASN F 711 2.60 3.85 -42.48
C ASN F 711 2.98 5.23 -41.94
N ARG F 712 2.93 5.40 -40.62
CA ARG F 712 3.28 6.66 -39.97
C ARG F 712 4.78 6.75 -39.64
N ILE F 713 5.62 6.03 -40.37
CA ILE F 713 7.05 6.00 -40.14
C ILE F 713 7.74 6.70 -41.30
N ASP F 714 8.72 7.58 -40.98
CA ASP F 714 9.41 8.33 -42.01
C ASP F 714 10.21 7.42 -42.94
N ASP F 715 10.94 6.46 -42.38
CA ASP F 715 11.79 5.59 -43.19
C ASP F 715 12.03 4.27 -42.48
N ILE F 716 12.30 3.23 -43.26
CA ILE F 716 12.65 1.90 -42.76
C ILE F 716 13.94 1.49 -43.45
N ILE F 717 14.99 1.29 -42.65
CA ILE F 717 16.30 0.88 -43.16
C ILE F 717 16.73 -0.39 -42.43
N VAL F 718 17.32 -1.33 -43.16
CA VAL F 718 17.72 -2.62 -42.63
C VAL F 718 19.25 -2.70 -42.67
N PHE F 719 19.84 -3.15 -41.56
CA PHE F 719 21.29 -3.28 -41.47
C PHE F 719 21.78 -4.46 -42.32
N HIS F 720 23.08 -4.48 -42.55
CA HIS F 720 23.72 -5.50 -43.37
C HIS F 720 24.70 -6.32 -42.55
N GLN F 721 24.89 -7.58 -42.97
CA GLN F 721 25.84 -8.46 -42.29
C GLN F 721 27.27 -7.98 -42.51
N LEU F 722 28.10 -8.19 -41.50
CA LEU F 722 29.47 -7.69 -41.50
C LEU F 722 30.36 -8.51 -42.42
N THR F 723 31.28 -7.82 -43.09
CA THR F 723 32.32 -8.48 -43.87
C THR F 723 33.59 -8.60 -43.02
N ARG F 724 34.62 -9.22 -43.59
CA ARG F 724 35.83 -9.54 -42.82
C ARG F 724 36.56 -8.28 -42.37
N GLU F 725 36.66 -7.28 -43.26
CA GLU F 725 37.27 -6.02 -42.87
C GLU F 725 36.45 -5.31 -41.80
N GLU F 726 35.11 -5.42 -41.87
CA GLU F 726 34.27 -4.87 -40.82
C GLU F 726 34.54 -5.55 -39.48
N ILE F 727 34.73 -6.88 -39.50
CA ILE F 727 35.01 -7.59 -38.26
C ILE F 727 36.37 -7.18 -37.70
N ILE F 728 37.39 -7.05 -38.55
CA ILE F 728 38.71 -6.71 -38.02
C ILE F 728 38.74 -5.25 -37.53
N ARG F 729 37.93 -4.37 -38.12
CA ARG F 729 37.88 -3.01 -37.58
C ARG F 729 36.90 -2.89 -36.42
N MET F 730 36.10 -3.92 -36.14
CA MET F 730 35.59 -4.09 -34.78
C MET F 730 36.72 -4.49 -33.83
N VAL F 731 37.56 -5.43 -34.26
CA VAL F 731 38.54 -6.06 -33.38
C VAL F 731 39.57 -5.06 -32.90
N ASP F 732 40.08 -4.22 -33.80
CA ASP F 732 41.16 -3.31 -33.43
C ASP F 732 40.70 -2.29 -32.39
N LEU F 733 39.51 -1.72 -32.56
CA LEU F 733 39.03 -0.75 -31.58
C LEU F 733 38.52 -1.44 -30.32
N MET F 734 38.14 -2.72 -30.40
CA MET F 734 37.83 -3.47 -29.20
C MET F 734 39.08 -3.69 -28.35
N ILE F 735 40.20 -3.99 -28.99
CA ILE F 735 41.46 -4.21 -28.27
C ILE F 735 42.12 -2.89 -27.92
N SER F 736 41.68 -1.77 -28.52
CA SER F 736 42.22 -0.48 -28.15
C SER F 736 41.98 -0.13 -26.68
N ARG F 737 40.88 -0.63 -26.10
CA ARG F 737 40.61 -0.39 -24.68
C ARG F 737 41.69 -1.00 -23.80
N VAL F 738 41.97 -2.30 -24.00
CA VAL F 738 43.00 -2.95 -23.21
C VAL F 738 44.39 -2.44 -23.59
N ALA F 739 44.58 -1.99 -24.83
CA ALA F 739 45.85 -1.37 -25.20
C ALA F 739 46.08 -0.08 -24.42
N GLY F 740 45.04 0.74 -24.28
CA GLY F 740 45.17 1.94 -23.47
C GLY F 740 45.39 1.63 -22.00
N GLN F 741 44.73 0.57 -21.50
CA GLN F 741 45.01 0.14 -20.14
C GLN F 741 46.45 -0.32 -19.95
N LEU F 742 47.01 -0.99 -20.96
CA LEU F 742 48.42 -1.37 -20.92
C LEU F 742 49.33 -0.15 -20.96
N LYS F 743 49.01 0.84 -21.80
CA LYS F 743 49.81 2.07 -21.84
C LYS F 743 49.73 2.82 -20.52
N SER F 744 48.60 2.70 -19.81
CA SER F 744 48.51 3.26 -18.47
C SER F 744 49.49 2.62 -17.49
N LYS F 745 49.89 1.37 -17.73
CA LYS F 745 50.88 0.69 -16.91
C LYS F 745 52.25 0.67 -17.58
N ASP F 746 52.42 1.48 -18.64
CA ASP F 746 53.66 1.58 -19.42
C ASP F 746 54.04 0.22 -20.04
N MET F 747 53.07 -0.37 -20.73
CA MET F 747 53.27 -1.59 -21.50
C MET F 747 53.28 -1.23 -22.98
N ALA F 748 53.30 -2.27 -23.82
CA ALA F 748 53.22 -2.07 -25.26
C ALA F 748 52.56 -3.28 -25.89
N LEU F 749 51.60 -3.03 -26.78
CA LEU F 749 50.81 -4.07 -27.41
C LEU F 749 50.88 -3.95 -28.92
N VAL F 750 51.20 -5.06 -29.59
CA VAL F 750 51.31 -5.12 -31.05
C VAL F 750 50.62 -6.39 -31.51
N LEU F 751 49.82 -6.28 -32.58
CA LEU F 751 49.10 -7.42 -33.14
C LEU F 751 49.51 -7.64 -34.58
N THR F 752 49.62 -8.90 -34.99
CA THR F 752 49.87 -9.26 -36.37
C THR F 752 48.56 -9.55 -37.10
N ASP F 753 48.65 -9.63 -38.43
CA ASP F 753 47.44 -9.79 -39.24
C ASP F 753 46.88 -11.20 -39.18
N ALA F 754 47.75 -12.22 -39.07
CA ALA F 754 47.27 -13.60 -39.02
C ALA F 754 46.50 -13.87 -37.73
N ALA F 755 47.02 -13.40 -36.60
CA ALA F 755 46.29 -13.51 -35.35
C ALA F 755 45.00 -12.71 -35.40
N LYS F 756 45.01 -11.57 -36.09
CA LYS F 756 43.80 -10.77 -36.25
C LYS F 756 42.74 -11.55 -37.02
N ALA F 757 43.15 -12.21 -38.11
CA ALA F 757 42.19 -12.98 -38.91
C ALA F 757 41.65 -14.18 -38.15
N LEU F 758 42.52 -14.90 -37.43
CA LEU F 758 42.06 -16.02 -36.63
C LEU F 758 41.12 -15.58 -35.51
N LEU F 759 41.45 -14.46 -34.87
CA LEU F 759 40.64 -13.92 -33.79
C LEU F 759 39.28 -13.45 -34.31
N ALA F 760 39.25 -12.90 -35.52
CA ALA F 760 37.98 -12.56 -36.16
C ALA F 760 37.18 -13.80 -36.48
N LYS F 761 37.85 -14.86 -36.95
CA LYS F 761 37.14 -16.09 -37.31
C LYS F 761 36.54 -16.77 -36.09
N ARG F 762 37.26 -16.74 -34.96
CA ARG F 762 36.74 -17.37 -33.75
C ARG F 762 35.49 -16.66 -33.23
N GLY F 763 35.46 -15.33 -33.32
CA GLY F 763 34.32 -14.55 -32.92
C GLY F 763 33.24 -14.41 -33.96
N PHE F 764 33.37 -15.09 -35.11
CA PHE F 764 32.42 -14.98 -36.21
C PHE F 764 31.14 -15.72 -35.83
N ASP F 765 30.07 -14.95 -35.59
CA ASP F 765 28.74 -15.51 -35.30
C ASP F 765 27.71 -14.59 -35.93
N PRO F 766 27.40 -14.79 -37.20
CA PRO F 766 26.48 -13.87 -37.89
C PRO F 766 25.05 -13.93 -37.36
N VAL F 767 24.65 -15.02 -36.71
CA VAL F 767 23.28 -15.14 -36.22
C VAL F 767 23.03 -14.15 -35.09
N LEU F 768 23.94 -14.10 -34.13
CA LEU F 768 23.76 -13.22 -32.99
C LEU F 768 24.60 -11.95 -33.10
N GLY F 769 25.72 -11.99 -33.82
CA GLY F 769 26.45 -10.77 -34.11
C GLY F 769 27.82 -10.71 -33.45
N ALA F 770 28.20 -9.50 -33.04
CA ALA F 770 29.53 -9.22 -32.53
C ALA F 770 29.65 -9.41 -31.02
N ARG F 771 28.56 -9.75 -30.34
CA ARG F 771 28.65 -10.00 -28.90
C ARG F 771 29.55 -11.18 -28.52
N PRO F 772 29.54 -12.33 -29.22
CA PRO F 772 30.52 -13.37 -28.89
C PRO F 772 31.96 -12.98 -29.17
N LEU F 773 32.20 -11.95 -30.00
CA LEU F 773 33.56 -11.49 -30.21
C LEU F 773 34.14 -10.91 -28.93
N ARG F 774 33.32 -10.22 -28.14
CA ARG F 774 33.73 -9.80 -26.80
C ARG F 774 34.19 -10.98 -25.95
N ARG F 775 33.43 -12.07 -25.96
CA ARG F 775 33.78 -13.23 -25.15
C ARG F 775 35.05 -13.89 -25.67
N THR F 776 35.22 -13.98 -26.99
CA THR F 776 36.44 -14.58 -27.54
C THR F 776 37.67 -13.75 -27.19
N ILE F 777 37.56 -12.42 -27.33
CA ILE F 777 38.66 -11.54 -26.94
C ILE F 777 39.00 -11.74 -25.47
N GLN F 778 37.96 -11.76 -24.63
CA GLN F 778 38.16 -11.86 -23.19
C GLN F 778 38.82 -13.18 -22.80
N ARG F 779 38.41 -14.30 -23.40
CA ARG F 779 38.96 -15.59 -23.02
C ARG F 779 40.35 -15.82 -23.61
N GLU F 780 40.65 -15.20 -24.76
CA GLU F 780 41.92 -15.52 -25.40
C GLU F 780 43.01 -14.50 -25.04
N ILE F 781 42.78 -13.21 -25.28
CA ILE F 781 43.86 -12.24 -25.21
C ILE F 781 44.00 -11.69 -23.80
N GLU F 782 42.92 -11.07 -23.29
CA GLU F 782 43.01 -10.32 -22.04
C GLU F 782 43.30 -11.22 -20.86
N ASP F 783 42.66 -12.38 -20.78
CA ASP F 783 42.83 -13.27 -19.65
C ASP F 783 44.24 -13.88 -19.63
N GLN F 784 44.69 -14.35 -20.78
CA GLN F 784 46.03 -14.92 -20.87
C GLN F 784 47.10 -13.87 -20.59
N LEU F 785 46.90 -12.63 -21.07
CA LEU F 785 47.89 -11.60 -20.83
C LEU F 785 47.86 -11.13 -19.38
N SER F 786 46.69 -11.15 -18.74
CA SER F 786 46.62 -10.81 -17.31
C SER F 786 47.31 -11.86 -16.46
N GLU F 787 47.23 -13.13 -16.87
CA GLU F 787 48.04 -14.14 -16.19
C GLU F 787 49.52 -13.98 -16.51
N LYS F 788 49.84 -13.60 -17.74
CA LYS F 788 51.22 -13.54 -18.19
C LYS F 788 51.98 -12.40 -17.54
N ILE F 789 51.32 -11.27 -17.32
CA ILE F 789 51.97 -10.14 -16.64
C ILE F 789 52.25 -10.48 -15.19
N LEU F 790 51.42 -11.34 -14.59
CA LEU F 790 51.70 -11.87 -13.27
C LEU F 790 52.82 -12.91 -13.30
N PHE F 791 52.97 -13.62 -14.42
CA PHE F 791 54.11 -14.51 -14.58
C PHE F 791 55.43 -13.74 -14.61
N GLU F 792 55.38 -12.48 -15.04
CA GLU F 792 56.51 -11.54 -14.94
C GLU F 792 57.74 -12.02 -15.70
N GLU F 793 57.59 -12.10 -17.02
CA GLU F 793 58.75 -12.21 -17.90
C GLU F 793 58.69 -11.24 -19.08
N VAL F 794 57.50 -10.84 -19.51
CA VAL F 794 57.32 -9.96 -20.65
C VAL F 794 56.67 -8.66 -20.15
N GLY F 795 56.97 -8.29 -18.92
CA GLY F 795 56.38 -7.14 -18.29
C GLY F 795 56.99 -5.83 -18.76
N PRO F 796 57.33 -4.96 -17.81
CA PRO F 796 57.83 -3.62 -18.17
C PRO F 796 59.11 -3.68 -18.98
N GLY F 797 59.24 -2.74 -19.92
CA GLY F 797 60.42 -2.63 -20.75
C GLY F 797 60.43 -3.49 -21.99
N GLN F 798 59.34 -4.20 -22.29
CA GLN F 798 59.30 -5.07 -23.47
C GLN F 798 57.93 -4.94 -24.14
N VAL F 799 57.96 -4.84 -25.46
CA VAL F 799 56.73 -4.81 -26.24
C VAL F 799 56.12 -6.21 -26.30
N VAL F 800 54.81 -6.29 -26.12
CA VAL F 800 54.09 -7.55 -26.23
C VAL F 800 53.50 -7.66 -27.64
N THR F 801 53.86 -8.72 -28.34
CA THR F 801 53.39 -8.95 -29.70
C THR F 801 52.77 -10.34 -29.77
N VAL F 802 51.47 -10.39 -30.06
CA VAL F 802 50.78 -11.66 -30.18
C VAL F 802 51.09 -12.28 -31.54
N ASP F 803 51.05 -13.61 -31.59
CA ASP F 803 51.29 -14.34 -32.83
C ASP F 803 50.55 -15.66 -32.77
N VAL F 804 50.31 -16.23 -33.95
CA VAL F 804 49.60 -17.50 -34.08
C VAL F 804 50.49 -18.46 -34.86
N ASP F 805 50.76 -19.62 -34.26
CA ASP F 805 51.53 -20.67 -34.90
C ASP F 805 50.68 -21.92 -35.05
N ASN F 806 51.22 -22.91 -35.76
CA ASN F 806 50.53 -24.17 -36.07
C ASN F 806 49.19 -23.90 -36.77
N TRP F 807 49.20 -22.94 -37.69
CA TRP F 807 47.99 -22.56 -38.40
C TRP F 807 48.38 -22.04 -39.78
N ASP F 808 47.60 -22.44 -40.79
CA ASP F 808 47.93 -22.15 -42.17
C ASP F 808 47.21 -20.94 -42.73
N GLY F 809 46.01 -20.63 -42.24
CA GLY F 809 45.22 -19.53 -42.75
C GLY F 809 43.85 -19.92 -43.28
N GLU F 810 43.47 -21.19 -43.23
CA GLU F 810 42.17 -21.62 -43.74
C GLU F 810 41.45 -22.48 -42.70
N GLY F 811 42.23 -23.13 -41.85
CA GLY F 811 41.67 -24.04 -40.86
C GLY F 811 40.85 -23.34 -39.81
N PRO F 812 40.00 -24.09 -39.10
CA PRO F 812 39.13 -23.49 -38.09
C PRO F 812 39.88 -22.92 -36.89
N GLY F 813 41.13 -23.33 -36.66
CA GLY F 813 41.90 -22.83 -35.54
C GLY F 813 41.91 -23.73 -34.31
N GLU F 814 41.43 -24.97 -34.43
CA GLU F 814 41.45 -25.87 -33.28
C GLU F 814 42.87 -26.23 -32.87
N ASP F 815 43.77 -26.38 -33.84
CA ASP F 815 45.18 -26.67 -33.56
C ASP F 815 46.04 -25.42 -33.42
N ALA F 816 45.44 -24.24 -33.47
CA ALA F 816 46.16 -22.98 -33.40
C ALA F 816 46.15 -22.45 -31.97
N VAL F 817 47.34 -22.09 -31.48
CA VAL F 817 47.52 -21.61 -30.11
C VAL F 817 48.10 -20.21 -30.17
N PHE F 818 47.53 -19.30 -29.40
CA PHE F 818 48.04 -17.94 -29.32
C PHE F 818 49.40 -17.93 -28.63
N THR F 819 50.31 -17.12 -29.15
CA THR F 819 51.65 -16.99 -28.59
C THR F 819 51.94 -15.52 -28.31
N PHE F 820 52.67 -15.27 -27.23
CA PHE F 820 53.00 -13.91 -26.80
C PHE F 820 54.51 -13.76 -26.76
N THR F 821 55.01 -12.70 -27.38
CA THR F 821 56.44 -12.43 -27.40
C THR F 821 56.76 -11.12 -26.68
N UNK G 1 12.89 42.25 30.46
CA UNK G 1 12.40 41.96 29.13
C UNK G 1 13.34 40.98 28.42
N UNK G 2 13.38 39.75 28.92
CA UNK G 2 14.22 38.70 28.36
C UNK G 2 13.37 37.68 27.61
N UNK G 3 13.77 37.36 26.38
CA UNK G 3 13.04 36.40 25.58
C UNK G 3 13.41 34.98 25.99
N UNK G 4 12.80 34.00 25.33
CA UNK G 4 13.08 32.60 25.60
C UNK G 4 13.08 31.85 24.28
N UNK G 5 13.87 30.77 24.23
CA UNK G 5 13.86 29.91 23.06
C UNK G 5 12.52 29.19 22.97
N UNK G 6 12.07 28.96 21.73
CA UNK G 6 10.76 28.34 21.52
C UNK G 6 10.71 26.92 22.08
N UNK G 7 11.53 26.03 21.51
CA UNK G 7 11.56 24.60 21.85
C UNK G 7 10.17 23.98 21.71
N UNK G 8 9.44 24.42 20.70
CA UNK G 8 8.08 23.94 20.47
C UNK G 8 8.12 22.50 19.95
N UNK G 9 7.02 21.79 20.19
CA UNK G 9 6.89 20.40 19.79
C UNK G 9 5.98 20.31 18.57
N UNK G 10 6.48 19.69 17.50
CA UNK G 10 5.76 19.56 16.25
C UNK G 10 5.32 18.11 16.06
N UNK G 11 4.08 17.92 15.63
CA UNK G 11 3.57 16.58 15.38
C UNK G 11 4.32 15.94 14.21
N UNK G 12 4.49 14.63 14.30
CA UNK G 12 5.21 13.86 13.29
C UNK G 12 4.21 13.12 12.41
N UNK G 13 4.38 13.25 11.09
CA UNK G 13 3.51 12.57 10.14
C UNK G 13 3.97 11.13 10.00
N UNK G 14 3.06 10.19 10.24
CA UNK G 14 3.40 8.78 10.11
C UNK G 14 3.61 8.40 8.65
N UNK G 15 4.52 7.44 8.43
CA UNK G 15 4.78 6.97 7.09
C UNK G 15 3.58 6.19 6.56
N UNK G 16 3.18 6.48 5.33
CA UNK G 16 2.00 5.87 4.73
C UNK G 16 2.40 4.57 4.05
N UNK G 17 2.12 3.45 4.71
CA UNK G 17 2.43 2.15 4.15
C UNK G 17 1.47 1.81 3.00
N UNK G 18 1.98 1.09 2.01
CA UNK G 18 1.17 0.69 0.87
C UNK G 18 0.33 -0.54 1.24
N UNK G 19 -0.43 -1.03 0.26
CA UNK G 19 -1.27 -2.20 0.47
C UNK G 19 -1.39 -2.91 -0.89
N UNK G 20 -0.57 -3.94 -1.08
CA UNK G 20 -0.55 -4.65 -2.35
C UNK G 20 -1.82 -5.49 -2.53
N UNK G 21 -2.05 -5.88 -3.78
CA UNK G 21 -3.19 -6.73 -4.12
C UNK G 21 -2.73 -7.78 -5.12
N UNK G 22 -3.32 -8.98 -5.01
CA UNK G 22 -2.98 -10.09 -5.87
C UNK G 22 -3.90 -10.11 -7.09
N UNK G 23 -3.81 -11.19 -7.85
CA UNK G 23 -4.64 -11.35 -9.04
C UNK G 23 -4.90 -12.82 -9.34
#